data_8UBG
#
_entry.id   8UBG
#
_cell.length_a   1.00
_cell.length_b   1.00
_cell.length_c   1.00
_cell.angle_alpha   90.00
_cell.angle_beta   90.00
_cell.angle_gamma   90.00
#
_symmetry.space_group_name_H-M   'P 1'
#
_entity_poly.entity_id   1
_entity_poly.type   'polypeptide(L)'
_entity_poly.pdbx_seq_one_letter_code
;MGSEEEIAKALEELVASLAELKRATLKLLDITDKLKKNPSESALVSHNKAIVEHNAIIVENNRIIAAVLELIVRAVGMTD
EIDLALLKLKASTARLKVATALLRMITEELKKNPSEDALVEHNRAIVNHNAIIVENNRIIAAVLELIVRALNLTDEEVRK
ALEELKASTAELKRATASLRAITEELKKNPSEDALVEHNRAIVEHNAIIVENNRIIALVLLLIVLAIGGSGGSGGSGGSG
GSGGSGGSGSSKGEELFTGVVPILVELDGDVNGHKFSVRGEGEGDATNGKLTLKFICTTGKLPVPWPTLVTTLTYGVQCF
ARYPDHMKQHDFFKSAMPEGYVQERTISFKDDGTYKTRAEVKFEGDTLVNRIELKGIDFKEDGNILGHKLEYNFNSHNVY
ITADKQKNGIKANFKIRHNVEDGSVQLADHYQQNTPIGDGPVLLPDNHYLSTQSVLSKDPNEKRDHMVLLEFVTAAGITH
GMDELYKGSLEHHHHHH
;
_entity_poly.pdbx_strand_id   A,B,C,D,E,F,G,H,I,J,K,L,M,N,O,P,Q,R,S,T
#
# COMPACT_ATOMS: atom_id res chain seq x y z
N GLY A 2 2.02 -24.95 5.80
CA GLY A 2 2.15 -23.74 6.65
C GLY A 2 1.88 -23.98 8.12
N SER A 3 2.15 -22.98 8.94
CA SER A 3 1.88 -23.08 10.36
C SER A 3 0.40 -22.84 10.64
N GLU A 4 0.02 -23.06 11.90
CA GLU A 4 -1.38 -22.95 12.30
C GLU A 4 -1.97 -21.60 11.94
N GLU A 5 -1.18 -20.53 12.04
CA GLU A 5 -1.74 -19.21 11.75
C GLU A 5 -2.03 -19.03 10.27
N GLU A 6 -1.30 -19.70 9.39
CA GLU A 6 -1.58 -19.55 7.96
C GLU A 6 -2.86 -20.28 7.59
N ILE A 7 -3.05 -21.48 8.11
CA ILE A 7 -4.30 -22.20 7.86
C ILE A 7 -5.47 -21.46 8.47
N ALA A 8 -5.32 -20.94 9.69
CA ALA A 8 -6.41 -20.20 10.31
C ALA A 8 -6.78 -18.94 9.55
N LYS A 9 -5.79 -18.20 9.03
CA LYS A 9 -6.10 -17.07 8.16
C LYS A 9 -6.78 -17.50 6.86
N ALA A 10 -6.34 -18.61 6.26
CA ALA A 10 -6.96 -19.06 5.02
C ALA A 10 -8.38 -19.58 5.24
N LEU A 11 -8.66 -20.18 6.39
CA LEU A 11 -10.02 -20.57 6.72
C LEU A 11 -10.91 -19.38 7.10
N GLU A 12 -10.35 -18.31 7.65
CA GLU A 12 -11.14 -17.11 7.81
C GLU A 12 -11.48 -16.47 6.47
N GLU A 13 -10.54 -16.45 5.53
CA GLU A 13 -10.84 -16.04 4.17
C GLU A 13 -11.90 -16.93 3.52
N LEU A 14 -11.86 -18.22 3.83
CA LEU A 14 -12.81 -19.16 3.24
C LEU A 14 -14.21 -18.93 3.77
N VAL A 15 -14.37 -18.83 5.08
CA VAL A 15 -15.69 -18.67 5.66
C VAL A 15 -16.28 -17.29 5.33
N ALA A 16 -15.44 -16.24 5.29
CA ALA A 16 -15.96 -14.96 4.80
C ALA A 16 -16.37 -15.00 3.32
N SER A 17 -15.64 -15.74 2.49
CA SER A 17 -16.08 -15.94 1.10
C SER A 17 -17.40 -16.70 1.01
N LEU A 18 -17.60 -17.69 1.88
CA LEU A 18 -18.90 -18.37 1.90
C LEU A 18 -20.02 -17.46 2.36
N ALA A 19 -19.77 -16.63 3.36
CA ALA A 19 -20.82 -15.74 3.82
C ALA A 19 -21.18 -14.69 2.79
N GLU A 20 -20.24 -14.30 1.93
CA GLU A 20 -20.58 -13.46 0.78
C GLU A 20 -21.33 -14.21 -0.32
N LEU A 21 -20.90 -15.42 -0.65
CA LEU A 21 -21.56 -16.24 -1.66
C LEU A 21 -22.97 -16.68 -1.31
N LYS A 22 -23.29 -16.92 -0.04
CA LYS A 22 -24.67 -17.26 0.30
C LYS A 22 -25.62 -16.08 0.14
N ARG A 23 -25.20 -14.88 0.54
CA ARG A 23 -26.03 -13.70 0.29
C ARG A 23 -26.22 -13.47 -1.21
N ALA A 24 -25.15 -13.57 -1.99
CA ALA A 24 -25.32 -13.41 -3.44
C ALA A 24 -26.21 -14.49 -4.05
N THR A 25 -26.20 -15.71 -3.51
CA THR A 25 -27.12 -16.73 -4.02
C THR A 25 -28.57 -16.38 -3.74
N LEU A 26 -28.86 -15.97 -2.51
CA LEU A 26 -30.24 -15.62 -2.17
C LEU A 26 -30.73 -14.45 -3.03
N LYS A 27 -29.89 -13.42 -3.18
CA LYS A 27 -30.32 -12.28 -3.99
C LYS A 27 -30.47 -12.64 -5.46
N LEU A 28 -29.68 -13.59 -5.96
CA LEU A 28 -29.83 -14.02 -7.35
C LEU A 28 -31.10 -14.83 -7.59
N LEU A 29 -31.52 -15.63 -6.61
CA LEU A 29 -32.85 -16.22 -6.69
C LEU A 29 -33.95 -15.16 -6.62
N ASP A 30 -33.81 -14.18 -5.73
CA ASP A 30 -34.84 -13.17 -5.63
C ASP A 30 -35.01 -12.39 -6.94
N ILE A 31 -33.90 -11.96 -7.55
CA ILE A 31 -34.00 -11.30 -8.85
C ILE A 31 -34.32 -12.28 -9.99
N THR A 32 -34.36 -13.57 -9.68
CA THR A 32 -34.89 -14.53 -10.64
C THR A 32 -36.40 -14.74 -10.48
N ASP A 33 -36.96 -14.36 -9.33
CA ASP A 33 -38.35 -14.66 -9.02
C ASP A 33 -39.38 -13.95 -9.90
N LYS A 34 -39.48 -12.62 -9.81
CA LYS A 34 -40.51 -11.90 -10.55
C LYS A 34 -39.96 -10.63 -11.19
N LEU A 35 -40.39 -10.39 -12.43
CA LEU A 35 -40.35 -9.06 -13.02
C LEU A 35 -41.36 -9.02 -14.16
N LYS A 36 -42.35 -8.14 -14.06
CA LYS A 36 -43.36 -8.00 -15.11
C LYS A 36 -42.78 -7.36 -16.38
N LYS A 37 -42.03 -6.28 -16.23
CA LYS A 37 -41.67 -5.47 -17.38
C LYS A 37 -40.65 -6.19 -18.26
N ASN A 38 -40.63 -5.79 -19.58
CA ASN A 38 -39.85 -6.42 -20.64
C ASN A 38 -38.50 -5.73 -20.84
N PRO A 39 -37.50 -6.50 -21.25
CA PRO A 39 -36.11 -6.02 -21.23
C PRO A 39 -35.77 -5.09 -22.40
N SER A 40 -34.68 -4.35 -22.20
CA SER A 40 -34.18 -3.35 -23.11
C SER A 40 -33.15 -3.96 -24.07
N GLU A 41 -32.55 -3.11 -24.91
CA GLU A 41 -31.36 -3.52 -25.64
C GLU A 41 -30.14 -3.65 -24.72
N SER A 42 -30.00 -2.74 -23.76
CA SER A 42 -28.97 -2.88 -22.74
C SER A 42 -29.18 -4.12 -21.88
N ALA A 43 -30.39 -4.63 -21.80
CA ALA A 43 -30.69 -5.91 -21.16
C ALA A 43 -30.41 -7.11 -22.07
N LEU A 44 -29.96 -6.90 -23.30
CA LEU A 44 -29.27 -7.93 -24.05
C LEU A 44 -27.76 -7.91 -23.83
N VAL A 45 -27.15 -6.74 -23.91
CA VAL A 45 -25.73 -6.56 -23.66
C VAL A 45 -25.32 -7.05 -22.28
N SER A 46 -26.22 -7.14 -21.32
CA SER A 46 -25.91 -7.68 -20.00
C SER A 46 -26.81 -8.84 -19.63
N HIS A 47 -27.12 -9.68 -20.62
CA HIS A 47 -28.19 -10.65 -20.51
C HIS A 47 -28.25 -11.41 -19.18
N ASN A 48 -27.15 -12.03 -18.76
CA ASN A 48 -27.13 -12.82 -17.55
C ASN A 48 -26.08 -12.38 -16.54
N LYS A 49 -25.70 -11.10 -16.55
CA LYS A 49 -24.48 -10.69 -15.86
C LYS A 49 -24.44 -11.12 -14.40
N ALA A 50 -25.59 -11.17 -13.72
CA ALA A 50 -25.60 -11.60 -12.33
C ALA A 50 -25.25 -13.08 -12.14
N ILE A 51 -25.47 -13.92 -13.15
CA ILE A 51 -25.05 -15.31 -13.06
C ILE A 51 -23.55 -15.45 -13.28
N VAL A 52 -23.02 -14.79 -14.30
CA VAL A 52 -21.59 -14.88 -14.56
C VAL A 52 -20.79 -14.28 -13.41
N GLU A 53 -21.29 -13.18 -12.84
CA GLU A 53 -20.72 -12.65 -11.60
C GLU A 53 -20.86 -13.60 -10.41
N HIS A 54 -21.88 -14.45 -10.40
CA HIS A 54 -21.97 -15.42 -9.30
C HIS A 54 -20.97 -16.58 -9.49
N ASN A 55 -20.94 -17.14 -10.69
CA ASN A 55 -19.96 -18.18 -11.03
C ASN A 55 -18.53 -17.75 -10.75
N ALA A 56 -18.19 -16.49 -11.04
CA ALA A 56 -16.85 -16.03 -10.68
C ALA A 56 -16.57 -16.12 -9.18
N ILE A 57 -17.60 -15.90 -8.34
CA ILE A 57 -17.39 -16.02 -6.90
C ILE A 57 -17.24 -17.48 -6.51
N ILE A 58 -17.96 -18.38 -7.17
CA ILE A 58 -17.79 -19.80 -6.83
C ILE A 58 -16.39 -20.26 -7.19
N VAL A 59 -15.90 -19.87 -8.37
CA VAL A 59 -14.54 -20.19 -8.79
C VAL A 59 -13.49 -19.64 -7.82
N GLU A 60 -13.71 -18.42 -7.30
CA GLU A 60 -12.80 -17.90 -6.28
C GLU A 60 -12.90 -18.62 -4.95
N ASN A 61 -14.07 -19.15 -4.60
CA ASN A 61 -14.15 -19.95 -3.38
C ASN A 61 -13.43 -21.29 -3.52
N ASN A 62 -13.62 -21.96 -4.64
CA ASN A 62 -12.89 -23.20 -4.92
C ASN A 62 -11.37 -23.01 -4.94
N ARG A 63 -10.88 -21.88 -5.44
CA ARG A 63 -9.44 -21.65 -5.38
C ARG A 63 -8.91 -21.61 -3.95
N ILE A 64 -9.67 -21.01 -3.03
CA ILE A 64 -9.23 -20.95 -1.65
C ILE A 64 -9.33 -22.30 -0.98
N ILE A 65 -10.40 -23.04 -1.25
CA ILE A 65 -10.50 -24.39 -0.71
C ILE A 65 -9.29 -25.24 -1.13
N ALA A 66 -8.92 -25.17 -2.40
CA ALA A 66 -7.75 -25.94 -2.85
C ALA A 66 -6.44 -25.45 -2.24
N ALA A 67 -6.33 -24.16 -1.93
CA ALA A 67 -5.12 -23.69 -1.26
C ALA A 67 -5.06 -24.15 0.20
N VAL A 68 -6.20 -24.21 0.87
CA VAL A 68 -6.20 -24.76 2.23
C VAL A 68 -5.91 -26.25 2.21
N LEU A 69 -6.47 -27.00 1.26
CA LEU A 69 -6.15 -28.42 1.22
C LEU A 69 -4.66 -28.65 1.02
N GLU A 70 -4.02 -27.84 0.17
CA GLU A 70 -2.58 -28.00 0.00
C GLU A 70 -1.80 -27.64 1.25
N LEU A 71 -2.18 -26.55 1.92
CA LEU A 71 -1.50 -26.18 3.18
C LEU A 71 -1.69 -27.22 4.27
N ILE A 72 -2.84 -27.86 4.34
CA ILE A 72 -3.06 -28.93 5.32
C ILE A 72 -2.22 -30.15 5.00
N VAL A 73 -2.32 -30.65 3.76
CA VAL A 73 -1.65 -31.91 3.44
C VAL A 73 -0.13 -31.75 3.51
N ARG A 74 0.40 -30.61 3.09
CA ARG A 74 1.83 -30.39 3.22
C ARG A 74 2.29 -30.25 4.67
N ALA A 75 1.36 -30.12 5.62
CA ALA A 75 1.67 -30.23 7.04
C ALA A 75 1.58 -31.66 7.58
N VAL A 76 0.49 -32.37 7.30
CA VAL A 76 0.30 -33.69 7.92
C VAL A 76 1.06 -34.80 7.19
N GLY A 77 1.48 -34.57 5.96
CA GLY A 77 2.30 -35.50 5.22
C GLY A 77 1.54 -36.31 4.18
N MET A 78 2.04 -36.22 2.95
CA MET A 78 1.51 -36.91 1.79
C MET A 78 1.75 -38.41 1.84
N THR A 79 0.90 -39.13 1.11
CA THR A 79 1.11 -40.51 0.73
C THR A 79 0.78 -40.63 -0.76
N ASP A 80 1.15 -41.76 -1.35
CA ASP A 80 1.02 -41.94 -2.79
C ASP A 80 -0.35 -41.49 -3.30
N GLU A 81 -1.43 -41.97 -2.68
CA GLU A 81 -2.77 -41.70 -3.19
C GLU A 81 -3.18 -40.25 -2.97
N ILE A 82 -2.78 -39.66 -1.85
CA ILE A 82 -3.05 -38.24 -1.65
C ILE A 82 -2.29 -37.39 -2.66
N ASP A 83 -1.04 -37.73 -2.95
CA ASP A 83 -0.27 -36.92 -3.89
C ASP A 83 -0.82 -37.04 -5.32
N LEU A 84 -1.25 -38.24 -5.72
CA LEU A 84 -1.95 -38.38 -7.00
C LEU A 84 -3.25 -37.58 -7.04
N ALA A 85 -4.01 -37.59 -5.95
CA ALA A 85 -5.27 -36.87 -5.94
C ALA A 85 -5.07 -35.36 -5.93
N LEU A 86 -4.04 -34.89 -5.23
CA LEU A 86 -3.70 -33.47 -5.29
C LEU A 86 -3.25 -33.04 -6.68
N LEU A 87 -2.50 -33.89 -7.39
CA LEU A 87 -2.13 -33.53 -8.77
C LEU A 87 -3.34 -33.50 -9.69
N LYS A 88 -4.27 -34.44 -9.54
CA LYS A 88 -5.55 -34.32 -10.22
C LYS A 88 -6.28 -33.03 -9.88
N LEU A 89 -6.29 -32.65 -8.61
CA LEU A 89 -6.94 -31.40 -8.19
C LEU A 89 -6.28 -30.17 -8.81
N LYS A 90 -4.96 -30.17 -8.96
CA LYS A 90 -4.30 -29.08 -9.64
C LYS A 90 -4.63 -29.04 -11.13
N ALA A 91 -4.69 -30.20 -11.78
CA ALA A 91 -5.09 -30.21 -13.19
C ALA A 91 -6.52 -29.73 -13.38
N SER A 92 -7.42 -30.07 -12.46
CA SER A 92 -8.80 -29.58 -12.59
C SER A 92 -8.91 -28.09 -12.28
N THR A 93 -8.14 -27.60 -11.31
CA THR A 93 -8.15 -26.16 -11.06
C THR A 93 -7.55 -25.38 -12.23
N ALA A 94 -6.60 -25.96 -12.95
CA ALA A 94 -6.13 -25.33 -14.18
C ALA A 94 -7.18 -25.36 -15.29
N ARG A 95 -7.88 -26.47 -15.45
CA ARG A 95 -8.95 -26.52 -16.44
C ARG A 95 -10.03 -25.47 -16.18
N LEU A 96 -10.36 -25.24 -14.91
CA LEU A 96 -11.36 -24.24 -14.57
C LEU A 96 -10.97 -22.83 -15.02
N LYS A 97 -9.68 -22.50 -15.05
CA LYS A 97 -9.28 -21.18 -15.54
C LYS A 97 -9.54 -20.99 -17.03
N VAL A 98 -9.27 -22.00 -17.84
CA VAL A 98 -9.59 -21.90 -19.26
C VAL A 98 -11.09 -21.86 -19.47
N ALA A 99 -11.86 -22.63 -18.69
CA ALA A 99 -13.31 -22.57 -18.84
C ALA A 99 -13.86 -21.19 -18.46
N THR A 100 -13.27 -20.56 -17.46
CA THR A 100 -13.67 -19.20 -17.10
C THR A 100 -13.30 -18.19 -18.16
N ALA A 101 -12.07 -18.22 -18.66
CA ALA A 101 -11.69 -17.30 -19.71
C ALA A 101 -12.51 -17.49 -20.98
N LEU A 102 -12.99 -18.70 -21.25
CA LEU A 102 -13.90 -18.85 -22.38
C LEU A 102 -15.26 -18.24 -22.12
N LEU A 103 -15.82 -18.44 -20.93
CA LEU A 103 -17.11 -17.81 -20.66
C LEU A 103 -17.00 -16.28 -20.69
N ARG A 104 -15.92 -15.73 -20.13
CA ARG A 104 -15.62 -14.31 -20.16
C ARG A 104 -15.26 -13.78 -21.54
N MET A 105 -14.98 -14.64 -22.51
CA MET A 105 -14.92 -14.18 -23.89
C MET A 105 -16.27 -14.16 -24.57
N ILE A 106 -17.03 -15.25 -24.48
CA ILE A 106 -18.33 -15.30 -25.16
C ILE A 106 -19.31 -14.25 -24.60
N THR A 107 -19.20 -13.94 -23.30
CA THR A 107 -19.97 -12.85 -22.72
C THR A 107 -19.64 -11.50 -23.34
N GLU A 108 -18.38 -11.23 -23.65
CA GLU A 108 -18.07 -9.94 -24.24
C GLU A 108 -18.36 -9.91 -25.73
N GLU A 109 -18.25 -11.05 -26.42
CA GLU A 109 -18.68 -11.14 -27.80
C GLU A 109 -20.19 -10.94 -27.94
N LEU A 110 -20.96 -11.15 -26.87
CA LEU A 110 -22.37 -10.80 -26.86
C LEU A 110 -22.66 -9.30 -26.88
N LYS A 111 -21.69 -8.45 -26.55
CA LYS A 111 -21.83 -7.00 -26.76
C LYS A 111 -21.86 -6.58 -28.23
N LYS A 112 -21.54 -7.47 -29.16
CA LYS A 112 -21.25 -7.07 -30.53
C LYS A 112 -22.08 -7.80 -31.58
N ASN A 113 -22.61 -8.98 -31.27
CA ASN A 113 -23.63 -9.62 -32.13
C ASN A 113 -24.83 -10.06 -31.28
N PRO A 114 -25.37 -9.17 -30.44
CA PRO A 114 -26.55 -9.53 -29.64
C PRO A 114 -27.74 -9.86 -30.53
N SER A 115 -28.27 -11.07 -30.34
CA SER A 115 -29.45 -11.53 -31.05
C SER A 115 -30.02 -12.72 -30.29
N GLU A 116 -31.29 -13.00 -30.55
CA GLU A 116 -32.00 -14.06 -29.83
C GLU A 116 -31.33 -15.42 -29.97
N ASP A 117 -30.52 -15.63 -30.99
CA ASP A 117 -29.78 -16.88 -31.13
C ASP A 117 -28.54 -16.92 -30.25
N ALA A 118 -27.79 -15.82 -30.20
CA ALA A 118 -26.61 -15.74 -29.34
C ALA A 118 -26.93 -15.89 -27.86
N LEU A 119 -28.11 -15.45 -27.41
CA LEU A 119 -28.49 -15.68 -26.03
C LEU A 119 -28.57 -17.17 -25.65
N VAL A 120 -28.99 -18.03 -26.58
CA VAL A 120 -29.03 -19.45 -26.27
C VAL A 120 -27.62 -20.04 -26.25
N GLU A 121 -26.74 -19.52 -27.09
CA GLU A 121 -25.34 -19.89 -27.03
C GLU A 121 -24.72 -19.51 -25.68
N HIS A 122 -25.01 -18.31 -25.21
CA HIS A 122 -24.45 -17.87 -23.94
C HIS A 122 -24.97 -18.73 -22.79
N ASN A 123 -26.26 -19.09 -22.81
CA ASN A 123 -26.76 -19.98 -21.76
C ASN A 123 -26.10 -21.35 -21.82
N ARG A 124 -25.81 -21.86 -23.01
CA ARG A 124 -25.09 -23.13 -23.10
C ARG A 124 -23.66 -23.03 -22.60
N ALA A 125 -23.02 -21.88 -22.81
CA ALA A 125 -21.69 -21.67 -22.23
C ALA A 125 -21.74 -21.64 -20.71
N ILE A 126 -22.79 -21.06 -20.14
CA ILE A 126 -22.93 -21.06 -18.69
C ILE A 126 -23.17 -22.47 -18.16
N VAL A 127 -23.91 -23.28 -18.90
CA VAL A 127 -24.10 -24.67 -18.47
C VAL A 127 -22.80 -25.46 -18.55
N ASN A 128 -21.97 -25.22 -19.56
CA ASN A 128 -20.70 -25.93 -19.61
C ASN A 128 -19.72 -25.48 -18.52
N HIS A 129 -19.76 -24.21 -18.14
CA HIS A 129 -18.98 -23.78 -16.98
C HIS A 129 -19.46 -24.47 -15.70
N ASN A 130 -20.76 -24.52 -15.49
CA ASN A 130 -21.29 -25.21 -14.32
C ASN A 130 -20.88 -26.68 -14.30
N ALA A 131 -20.95 -27.34 -15.46
CA ALA A 131 -20.52 -28.73 -15.56
C ALA A 131 -19.04 -28.92 -15.28
N ILE A 132 -18.22 -27.89 -15.39
CA ILE A 132 -16.81 -28.05 -15.01
C ILE A 132 -16.57 -27.72 -13.53
N ILE A 133 -17.39 -26.83 -12.96
CA ILE A 133 -17.28 -26.60 -11.52
C ILE A 133 -17.71 -27.83 -10.73
N VAL A 134 -18.72 -28.54 -11.21
CA VAL A 134 -19.12 -29.78 -10.54
C VAL A 134 -17.98 -30.79 -10.50
N GLU A 135 -17.20 -30.89 -11.58
CA GLU A 135 -16.06 -31.80 -11.56
C GLU A 135 -15.03 -31.36 -10.53
N ASN A 136 -14.75 -30.06 -10.47
CA ASN A 136 -13.78 -29.58 -9.49
C ASN A 136 -14.23 -29.91 -8.06
N ASN A 137 -15.53 -29.80 -7.79
CA ASN A 137 -16.04 -30.18 -6.47
C ASN A 137 -15.94 -31.68 -6.22
N ARG A 138 -16.12 -32.51 -7.24
CA ARG A 138 -16.03 -33.95 -7.01
C ARG A 138 -14.61 -34.40 -6.75
N ILE A 139 -13.64 -33.66 -7.28
CA ILE A 139 -12.25 -33.97 -6.97
C ILE A 139 -11.88 -33.48 -5.57
N ILE A 140 -12.33 -32.29 -5.18
CA ILE A 140 -12.04 -31.83 -3.83
C ILE A 140 -12.67 -32.75 -2.79
N ALA A 141 -13.91 -33.20 -3.02
CA ALA A 141 -14.52 -34.16 -2.09
C ALA A 141 -13.79 -35.49 -2.02
N ALA A 142 -13.22 -35.96 -3.14
CA ALA A 142 -12.41 -37.17 -3.07
C ALA A 142 -11.13 -36.97 -2.26
N VAL A 143 -10.43 -35.86 -2.47
CA VAL A 143 -9.25 -35.55 -1.67
C VAL A 143 -9.59 -35.46 -0.19
N LEU A 144 -10.71 -34.84 0.17
CA LEU A 144 -11.07 -34.77 1.58
C LEU A 144 -11.37 -36.14 2.19
N GLU A 145 -12.12 -36.99 1.50
CA GLU A 145 -12.35 -38.32 2.07
C GLU A 145 -11.04 -39.10 2.22
N LEU A 146 -10.08 -38.89 1.32
CA LEU A 146 -8.78 -39.52 1.48
C LEU A 146 -8.06 -39.00 2.72
N ILE A 147 -8.03 -37.69 2.90
CA ILE A 147 -7.33 -37.14 4.06
C ILE A 147 -7.96 -37.61 5.36
N VAL A 148 -9.29 -37.70 5.40
CA VAL A 148 -9.95 -38.16 6.61
C VAL A 148 -9.61 -39.60 6.93
N ARG A 149 -9.59 -40.48 5.93
CA ARG A 149 -9.17 -41.86 6.20
C ARG A 149 -7.69 -41.96 6.59
N ALA A 150 -6.82 -41.17 5.95
CA ALA A 150 -5.40 -41.18 6.30
C ALA A 150 -5.12 -40.77 7.75
N LEU A 151 -5.85 -39.78 8.27
CA LEU A 151 -5.74 -39.41 9.68
C LEU A 151 -6.46 -40.35 10.63
N ASN A 152 -7.16 -41.37 10.14
CA ASN A 152 -7.90 -42.28 11.02
C ASN A 152 -8.82 -41.51 11.95
N LEU A 153 -9.48 -40.50 11.40
CA LEU A 153 -10.18 -39.48 12.16
C LEU A 153 -11.62 -39.94 12.35
N THR A 154 -11.89 -40.57 13.50
CA THR A 154 -13.12 -41.34 13.70
C THR A 154 -14.22 -40.60 14.46
N ASP A 155 -14.01 -39.33 14.81
CA ASP A 155 -15.03 -38.59 15.53
C ASP A 155 -16.37 -38.68 14.81
N GLU A 156 -17.45 -38.74 15.59
CA GLU A 156 -18.79 -38.80 15.02
C GLU A 156 -19.19 -37.52 14.30
N GLU A 157 -18.71 -36.36 14.75
CA GLU A 157 -18.95 -35.12 14.01
C GLU A 157 -18.36 -35.17 12.61
N VAL A 158 -17.17 -35.72 12.46
CA VAL A 158 -16.58 -35.84 11.12
C VAL A 158 -17.31 -36.92 10.32
N ARG A 159 -17.57 -38.06 10.94
CA ARG A 159 -18.28 -39.11 10.22
C ARG A 159 -19.59 -38.59 9.65
N LYS A 160 -20.41 -37.94 10.48
CA LYS A 160 -21.67 -37.37 10.01
C LYS A 160 -21.47 -36.27 8.96
N ALA A 161 -20.41 -35.47 9.09
CA ALA A 161 -20.15 -34.44 8.08
C ALA A 161 -19.76 -35.04 6.73
N LEU A 162 -19.06 -36.16 6.73
CA LEU A 162 -18.83 -36.86 5.47
C LEU A 162 -20.10 -37.50 4.94
N GLU A 163 -20.90 -38.13 5.81
CA GLU A 163 -22.17 -38.69 5.36
C GLU A 163 -23.06 -37.64 4.72
N GLU A 164 -22.94 -36.37 5.15
CA GLU A 164 -23.62 -35.28 4.46
C GLU A 164 -22.94 -34.90 3.15
N LEU A 165 -21.61 -34.88 3.12
CA LEU A 165 -20.89 -34.47 1.92
C LEU A 165 -21.13 -35.44 0.76
N LYS A 166 -21.13 -36.74 1.03
CA LYS A 166 -21.39 -37.73 0.00
C LYS A 166 -22.78 -37.57 -0.62
N ALA A 167 -23.81 -37.43 0.23
CA ALA A 167 -25.16 -37.23 -0.29
C ALA A 167 -25.28 -35.93 -1.07
N SER A 168 -24.63 -34.86 -0.62
CA SER A 168 -24.66 -33.62 -1.39
C SER A 168 -23.93 -33.74 -2.72
N THR A 169 -22.86 -34.54 -2.79
CA THR A 169 -22.20 -34.77 -4.06
C THR A 169 -23.05 -35.58 -5.03
N ALA A 170 -23.76 -36.59 -4.54
CA ALA A 170 -24.66 -37.33 -5.43
C ALA A 170 -25.84 -36.47 -5.88
N GLU A 171 -26.38 -35.64 -4.98
CA GLU A 171 -27.41 -34.68 -5.38
C GLU A 171 -26.91 -33.72 -6.45
N LEU A 172 -25.65 -33.33 -6.38
CA LEU A 172 -25.12 -32.42 -7.39
C LEU A 172 -24.84 -33.12 -8.72
N LYS A 173 -24.43 -34.37 -8.70
CA LYS A 173 -24.36 -35.14 -9.94
C LYS A 173 -25.72 -35.24 -10.63
N ARG A 174 -26.74 -35.68 -9.88
CA ARG A 174 -28.08 -35.76 -10.46
C ARG A 174 -28.58 -34.42 -11.00
N ALA A 175 -28.31 -33.34 -10.27
CA ALA A 175 -28.74 -32.02 -10.76
C ALA A 175 -27.98 -31.59 -12.00
N THR A 176 -26.72 -31.99 -12.15
CA THR A 176 -25.98 -31.60 -13.34
C THR A 176 -26.48 -32.36 -14.56
N ALA A 177 -26.69 -33.66 -14.41
CA ALA A 177 -27.27 -34.43 -15.51
C ALA A 177 -28.64 -33.91 -15.92
N SER A 178 -29.47 -33.52 -14.95
CA SER A 178 -30.76 -32.92 -15.30
C SER A 178 -30.63 -31.57 -15.99
N LEU A 179 -29.69 -30.72 -15.57
CA LEU A 179 -29.50 -29.45 -16.26
C LEU A 179 -29.01 -29.62 -17.69
N ARG A 180 -28.09 -30.55 -17.94
CA ARG A 180 -27.68 -30.79 -19.32
C ARG A 180 -28.80 -31.40 -20.14
N ALA A 181 -29.61 -32.27 -19.54
CA ALA A 181 -30.74 -32.83 -20.27
C ALA A 181 -31.72 -31.74 -20.71
N ILE A 182 -32.12 -30.85 -19.80
CA ILE A 182 -33.02 -29.78 -20.24
C ILE A 182 -32.31 -28.81 -21.19
N THR A 183 -30.99 -28.64 -21.08
CA THR A 183 -30.32 -27.75 -22.01
C THR A 183 -30.33 -28.30 -23.43
N GLU A 184 -30.32 -29.62 -23.58
CA GLU A 184 -30.53 -30.21 -24.90
C GLU A 184 -31.91 -29.89 -25.46
N GLU A 185 -32.93 -29.93 -24.61
CA GLU A 185 -34.29 -29.58 -25.04
C GLU A 185 -34.39 -28.11 -25.43
N LEU A 186 -33.69 -27.23 -24.72
CA LEU A 186 -33.58 -25.84 -25.16
C LEU A 186 -32.85 -25.73 -26.49
N LYS A 187 -31.82 -26.53 -26.71
CA LYS A 187 -31.11 -26.51 -27.98
C LYS A 187 -32.02 -26.93 -29.14
N LYS A 188 -32.91 -27.88 -28.90
CA LYS A 188 -33.94 -28.20 -29.89
C LYS A 188 -34.95 -27.08 -30.08
N ASN A 189 -35.47 -26.50 -29.00
CA ASN A 189 -36.62 -25.60 -29.06
C ASN A 189 -36.28 -24.20 -28.56
N PRO A 190 -35.38 -23.50 -29.24
CA PRO A 190 -34.89 -22.20 -28.77
C PRO A 190 -36.00 -21.15 -28.81
N SER A 191 -36.37 -20.64 -27.64
CA SER A 191 -37.37 -19.59 -27.56
C SER A 191 -37.15 -18.77 -26.30
N GLU A 192 -37.63 -17.52 -26.35
CA GLU A 192 -37.75 -16.70 -25.15
C GLU A 192 -38.54 -17.40 -24.05
N ASP A 193 -39.59 -18.12 -24.44
CA ASP A 193 -40.40 -18.86 -23.47
C ASP A 193 -39.58 -19.92 -22.76
N ALA A 194 -38.79 -20.68 -23.51
CA ALA A 194 -37.93 -21.67 -22.88
C ALA A 194 -36.69 -21.04 -22.26
N LEU A 195 -36.22 -19.91 -22.79
CA LEU A 195 -35.08 -19.24 -22.14
C LEU A 195 -35.44 -18.81 -20.72
N VAL A 196 -36.65 -18.32 -20.51
CA VAL A 196 -37.06 -17.85 -19.20
C VAL A 196 -37.08 -19.00 -18.19
N GLU A 197 -37.59 -20.16 -18.59
CA GLU A 197 -37.65 -21.32 -17.71
C GLU A 197 -36.32 -22.09 -17.60
N HIS A 198 -35.40 -21.90 -18.54
CA HIS A 198 -34.04 -22.42 -18.41
C HIS A 198 -33.17 -21.60 -17.47
N ASN A 199 -33.33 -20.27 -17.49
CA ASN A 199 -32.59 -19.45 -16.52
C ASN A 199 -32.86 -19.87 -15.08
N ARG A 200 -34.10 -20.22 -14.75
CA ARG A 200 -34.37 -20.73 -13.41
C ARG A 200 -33.63 -22.03 -13.14
N ALA A 201 -33.54 -22.91 -14.14
CA ALA A 201 -32.84 -24.17 -13.93
C ALA A 201 -31.37 -23.94 -13.64
N ILE A 202 -30.79 -22.92 -14.27
CA ILE A 202 -29.42 -22.55 -13.94
C ILE A 202 -29.33 -22.07 -12.49
N VAL A 203 -30.19 -21.14 -12.11
CA VAL A 203 -30.10 -20.59 -10.76
C VAL A 203 -30.34 -21.66 -9.70
N GLU A 204 -31.21 -22.62 -9.99
CA GLU A 204 -31.46 -23.75 -9.10
C GLU A 204 -30.36 -24.81 -9.12
N HIS A 205 -29.45 -24.75 -10.07
CA HIS A 205 -28.26 -25.60 -10.00
C HIS A 205 -27.13 -24.91 -9.23
N ASN A 206 -26.92 -23.63 -9.50
CA ASN A 206 -26.03 -22.83 -8.65
C ASN A 206 -26.36 -22.93 -7.16
N ALA A 207 -27.64 -23.00 -6.81
CA ALA A 207 -27.98 -23.18 -5.40
C ALA A 207 -27.41 -24.47 -4.82
N ILE A 208 -27.38 -25.55 -5.61
CA ILE A 208 -26.83 -26.81 -5.12
C ILE A 208 -25.31 -26.78 -5.07
N ILE A 209 -24.67 -26.06 -5.99
CA ILE A 209 -23.22 -25.89 -5.87
C ILE A 209 -22.87 -25.18 -4.57
N VAL A 210 -23.55 -24.08 -4.27
CA VAL A 210 -23.23 -23.35 -3.04
C VAL A 210 -23.57 -24.17 -1.80
N GLU A 211 -24.67 -24.94 -1.85
CA GLU A 211 -24.98 -25.86 -0.75
C GLU A 211 -24.02 -27.04 -0.67
N ASN A 212 -23.11 -27.17 -1.62
CA ASN A 212 -22.04 -28.17 -1.49
C ASN A 212 -20.75 -27.56 -0.96
N ASN A 213 -20.37 -26.39 -1.47
CA ASN A 213 -19.22 -25.68 -0.90
C ASN A 213 -19.38 -25.42 0.60
N ARG A 214 -20.61 -25.21 1.07
CA ARG A 214 -20.84 -25.09 2.52
C ARG A 214 -20.39 -26.32 3.30
N ILE A 215 -20.63 -27.51 2.76
CA ILE A 215 -20.24 -28.72 3.47
C ILE A 215 -18.75 -29.00 3.31
N ILE A 216 -18.17 -28.67 2.17
CA ILE A 216 -16.72 -28.82 2.04
C ILE A 216 -15.99 -27.94 3.05
N ALA A 217 -16.43 -26.69 3.23
CA ALA A 217 -15.83 -25.84 4.26
C ALA A 217 -16.08 -26.36 5.67
N LEU A 218 -17.23 -26.99 5.91
CA LEU A 218 -17.44 -27.57 7.23
C LEU A 218 -16.43 -28.68 7.51
N VAL A 219 -16.34 -29.66 6.61
CA VAL A 219 -15.40 -30.76 6.79
C VAL A 219 -13.97 -30.24 6.94
N LEU A 220 -13.60 -29.19 6.18
CA LEU A 220 -12.27 -28.60 6.38
C LEU A 220 -12.07 -28.05 7.78
N LEU A 221 -13.10 -27.46 8.37
CA LEU A 221 -12.92 -26.94 9.73
C LEU A 221 -12.82 -28.08 10.73
N LEU A 222 -13.70 -29.07 10.62
CA LEU A 222 -13.67 -30.18 11.57
C LEU A 222 -12.35 -30.94 11.50
N ILE A 223 -11.74 -31.00 10.33
CA ILE A 223 -10.42 -31.61 10.23
C ILE A 223 -9.36 -30.74 10.90
N VAL A 224 -9.32 -29.45 10.58
CA VAL A 224 -8.25 -28.63 11.17
C VAL A 224 -8.38 -28.56 12.69
N LEU A 225 -9.61 -28.64 13.21
CA LEU A 225 -9.80 -28.72 14.66
C LEU A 225 -9.44 -30.08 15.22
N ALA A 226 -9.53 -31.15 14.44
CA ALA A 226 -9.22 -32.45 15.02
C ALA A 226 -7.72 -32.71 15.07
N ILE A 227 -6.94 -32.16 14.15
CA ILE A 227 -5.49 -32.33 14.22
C ILE A 227 -4.94 -31.38 15.27
N GLY B 2 -63.58 24.24 30.56
CA GLY B 2 -63.63 24.81 31.94
C GLY B 2 -64.72 24.20 32.80
N SER B 3 -64.70 24.53 34.09
CA SER B 3 -65.74 24.04 34.98
C SER B 3 -67.02 24.86 34.84
N GLU B 4 -68.07 24.38 35.49
CA GLU B 4 -69.39 24.98 35.39
C GLU B 4 -69.37 26.47 35.74
N GLU B 5 -68.56 26.86 36.72
CA GLU B 5 -68.54 28.27 37.12
C GLU B 5 -67.92 29.18 36.07
N GLU B 6 -66.98 28.68 35.27
CA GLU B 6 -66.38 29.53 34.26
C GLU B 6 -67.36 29.78 33.12
N ILE B 7 -68.06 28.74 32.69
CA ILE B 7 -69.09 28.90 31.66
C ILE B 7 -70.22 29.78 32.18
N ALA B 8 -70.62 29.59 33.45
CA ALA B 8 -71.68 30.42 34.01
C ALA B 8 -71.29 31.89 34.09
N LYS B 9 -70.04 32.19 34.47
CA LYS B 9 -69.56 33.56 34.40
C LYS B 9 -69.54 34.11 32.98
N ALA B 10 -69.12 33.29 32.01
CA ALA B 10 -69.09 33.76 30.63
C ALA B 10 -70.48 33.96 30.05
N LEU B 11 -71.46 33.16 30.47
CA LEU B 11 -72.83 33.41 30.06
C LEU B 11 -73.47 34.60 30.76
N GLU B 12 -73.04 34.91 31.98
CA GLU B 12 -73.48 36.17 32.57
C GLU B 12 -72.89 37.37 31.84
N GLU B 13 -71.62 37.29 31.46
CA GLU B 13 -71.04 38.31 30.60
C GLU B 13 -71.78 38.43 29.28
N LEU B 14 -72.23 37.30 28.73
CA LEU B 14 -72.91 37.30 27.45
C LEU B 14 -74.28 37.98 27.54
N VAL B 15 -75.08 37.58 28.53
CA VAL B 15 -76.43 38.14 28.65
C VAL B 15 -76.38 39.62 29.06
N ALA B 16 -75.44 40.02 29.91
CA ALA B 16 -75.26 41.45 30.16
C ALA B 16 -74.82 42.24 28.93
N SER B 17 -73.94 41.66 28.11
CA SER B 17 -73.59 42.31 26.85
C SER B 17 -74.77 42.42 25.90
N LEU B 18 -75.62 41.40 25.83
CA LEU B 18 -76.83 41.52 25.03
C LEU B 18 -77.79 42.56 25.58
N ALA B 19 -77.95 42.64 26.89
CA ALA B 19 -78.85 43.64 27.44
C ALA B 19 -78.36 45.06 27.21
N GLU B 20 -77.03 45.25 27.13
CA GLU B 20 -76.48 46.54 26.70
C GLU B 20 -76.66 46.80 25.20
N LEU B 21 -76.42 45.80 24.37
CA LEU B 21 -76.59 45.94 22.93
C LEU B 21 -78.03 46.15 22.48
N LYS B 22 -79.01 45.59 23.18
CA LYS B 22 -80.40 45.87 22.81
C LYS B 22 -80.81 47.30 23.12
N ARG B 23 -80.39 47.83 24.27
CA ARG B 23 -80.64 49.25 24.55
C ARG B 23 -79.94 50.15 23.55
N ALA B 24 -78.68 49.86 23.23
CA ALA B 24 -78.02 50.70 22.22
C ALA B 24 -78.66 50.59 20.85
N THR B 25 -79.21 49.43 20.49
CA THR B 25 -79.93 49.32 19.23
C THR B 25 -81.20 50.17 19.24
N LEU B 26 -81.99 50.07 20.33
CA LEU B 26 -83.21 50.86 20.42
C LEU B 26 -82.91 52.34 20.34
N LYS B 27 -81.89 52.80 21.08
CA LYS B 27 -81.55 54.21 21.04
C LYS B 27 -81.00 54.63 19.69
N LEU B 28 -80.33 53.74 18.97
CA LEU B 28 -79.86 54.08 17.63
C LEU B 28 -80.99 54.20 16.62
N LEU B 29 -82.03 53.38 16.76
CA LEU B 29 -83.25 53.62 16.00
C LEU B 29 -83.93 54.91 16.40
N ASP B 30 -84.00 55.22 17.69
CA ASP B 30 -84.64 56.45 18.13
C ASP B 30 -83.93 57.69 17.56
N ILE B 31 -82.60 57.73 17.63
CA ILE B 31 -81.86 58.82 17.00
C ILE B 31 -81.83 58.69 15.48
N THR B 32 -82.36 57.60 14.95
CA THR B 32 -82.59 57.49 13.52
C THR B 32 -83.96 58.01 13.09
N ASP B 33 -84.89 58.13 14.04
CA ASP B 33 -86.28 58.45 13.71
C ASP B 33 -86.51 59.85 13.15
N LYS B 34 -86.29 60.90 13.94
CA LYS B 34 -86.58 62.26 13.49
C LYS B 34 -85.48 63.24 13.87
N LEU B 35 -85.17 64.13 12.94
CA LEU B 35 -84.51 65.39 13.25
C LEU B 35 -84.77 66.37 12.11
N LYS B 36 -85.43 67.49 12.43
CA LYS B 36 -85.69 68.52 11.43
C LYS B 36 -84.43 69.25 11.01
N LYS B 37 -83.61 69.67 11.97
CA LYS B 37 -82.52 70.59 11.69
C LYS B 37 -81.41 69.90 10.90
N ASN B 38 -80.63 70.73 10.18
CA ASN B 38 -79.60 70.29 9.24
C ASN B 38 -78.24 70.22 9.91
N PRO B 39 -77.39 69.29 9.46
CA PRO B 39 -76.17 68.99 10.20
C PRO B 39 -75.06 70.01 9.99
N SER B 40 -74.10 69.97 10.91
CA SER B 40 -72.98 70.88 10.97
C SER B 40 -71.78 70.30 10.21
N GLU B 41 -70.65 71.02 10.26
CA GLU B 41 -69.38 70.44 9.85
C GLU B 41 -68.91 69.39 10.85
N SER B 42 -69.10 69.64 12.14
CA SER B 42 -68.81 68.62 13.14
C SER B 42 -69.72 67.40 13.00
N ALA B 43 -70.88 67.56 12.38
CA ALA B 43 -71.74 66.44 12.00
C ALA B 43 -71.29 65.75 10.72
N LEU B 44 -70.22 66.24 10.08
CA LEU B 44 -69.45 65.45 9.13
C LEU B 44 -68.32 64.68 9.80
N VAL B 45 -67.55 65.35 10.66
CA VAL B 45 -66.47 64.73 11.41
C VAL B 45 -66.94 63.54 12.25
N SER B 46 -68.23 63.48 12.60
CA SER B 46 -68.76 62.33 13.33
C SER B 46 -69.94 61.72 12.60
N HIS B 47 -69.84 61.68 11.26
CA HIS B 47 -70.98 61.41 10.39
C HIS B 47 -71.89 60.27 10.85
N ASN B 48 -71.32 59.09 11.11
CA ASN B 48 -72.11 57.92 11.49
C ASN B 48 -71.68 57.31 12.81
N LYS B 49 -71.12 58.12 13.71
CA LYS B 49 -70.39 57.58 14.85
C LYS B 49 -71.22 56.59 15.68
N ALA B 50 -72.52 56.79 15.78
CA ALA B 50 -73.36 55.86 16.54
C ALA B 50 -73.49 54.49 15.89
N ILE B 51 -73.31 54.39 14.58
CA ILE B 51 -73.31 53.08 13.95
C ILE B 51 -71.99 52.35 14.16
N VAL B 52 -70.87 53.04 13.97
CA VAL B 52 -69.59 52.39 14.17
C VAL B 52 -69.41 52.00 15.64
N GLU B 53 -69.87 52.84 16.56
CA GLU B 53 -69.93 52.44 17.97
C GLU B 53 -70.89 51.29 18.23
N HIS B 54 -71.93 51.12 17.43
CA HIS B 54 -72.80 49.96 17.62
C HIS B 54 -72.14 48.68 17.11
N ASN B 55 -71.61 48.75 15.90
CA ASN B 55 -70.86 47.63 15.32
C ASN B 55 -69.74 47.16 16.24
N ALA B 56 -69.02 48.08 16.87
CA ALA B 56 -67.99 47.65 17.82
C ALA B 56 -68.57 46.84 18.99
N ILE B 57 -69.78 47.15 19.43
CA ILE B 57 -70.38 46.35 20.50
C ILE B 57 -70.80 44.99 19.98
N ILE B 58 -71.27 44.93 18.75
CA ILE B 58 -71.64 43.62 18.18
C ILE B 58 -70.41 42.73 18.04
N VAL B 59 -69.31 43.29 17.54
CA VAL B 59 -68.05 42.54 17.43
C VAL B 59 -67.56 42.04 18.79
N GLU B 60 -67.70 42.86 19.82
CA GLU B 60 -67.35 42.40 21.17
C GLU B 60 -68.30 41.33 21.70
N ASN B 61 -69.56 41.36 21.30
CA ASN B 61 -70.48 40.30 21.70
C ASN B 61 -70.16 38.97 21.00
N ASN B 62 -69.88 39.03 19.70
CA ASN B 62 -69.45 37.83 18.96
C ASN B 62 -68.17 37.20 19.52
N ARG B 63 -67.23 38.02 19.99
CA ARG B 63 -66.04 37.42 20.59
C ARG B 63 -66.37 36.60 21.83
N ILE B 64 -67.33 37.07 22.63
CA ILE B 64 -67.70 36.33 23.83
C ILE B 64 -68.47 35.07 23.48
N ILE B 65 -69.38 35.16 22.51
CA ILE B 65 -70.08 33.96 22.05
C ILE B 65 -69.09 32.89 21.61
N ALA B 66 -68.09 33.26 20.82
CA ALA B 66 -67.09 32.28 20.39
C ALA B 66 -66.24 31.74 21.54
N ALA B 67 -66.00 32.54 22.58
CA ALA B 67 -65.28 32.03 23.74
C ALA B 67 -66.11 31.06 24.56
N VAL B 68 -67.42 31.30 24.66
CA VAL B 68 -68.28 30.34 25.34
C VAL B 68 -68.39 29.05 24.53
N LEU B 69 -68.49 29.14 23.20
CA LEU B 69 -68.55 27.91 22.42
C LEU B 69 -67.29 27.08 22.62
N GLU B 70 -66.14 27.74 22.71
CA GLU B 70 -64.90 26.98 22.94
C GLU B 70 -64.88 26.35 24.33
N LEU B 71 -65.31 27.09 25.36
CA LEU B 71 -65.36 26.51 26.70
C LEU B 71 -66.32 25.33 26.81
N ILE B 72 -67.45 25.38 26.09
CA ILE B 72 -68.37 24.25 26.08
C ILE B 72 -67.76 23.05 25.37
N VAL B 73 -67.28 23.25 24.14
CA VAL B 73 -66.84 22.10 23.34
C VAL B 73 -65.60 21.46 23.95
N ARG B 74 -64.69 22.24 24.52
CA ARG B 74 -63.55 21.64 25.21
C ARG B 74 -63.93 20.88 26.47
N ALA B 75 -65.16 21.01 26.94
CA ALA B 75 -65.69 20.15 27.99
C ALA B 75 -66.35 18.90 27.43
N VAL B 76 -67.24 19.04 26.45
CA VAL B 76 -68.01 17.89 25.99
C VAL B 76 -67.23 17.03 24.99
N GLY B 77 -66.16 17.56 24.40
CA GLY B 77 -65.31 16.78 23.53
C GLY B 77 -65.53 17.03 22.05
N MET B 78 -64.45 17.36 21.37
CA MET B 78 -64.46 17.61 19.94
C MET B 78 -64.69 16.33 19.14
N THR B 79 -65.20 16.53 17.94
CA THR B 79 -65.21 15.52 16.88
C THR B 79 -64.75 16.19 15.59
N ASP B 80 -64.46 15.37 14.58
CA ASP B 80 -63.89 15.89 13.34
C ASP B 80 -64.63 17.13 12.85
N GLU B 81 -65.95 17.04 12.73
CA GLU B 81 -66.70 18.14 12.14
C GLU B 81 -66.73 19.36 13.07
N ILE B 82 -66.83 19.12 14.37
CA ILE B 82 -66.75 20.21 15.33
C ILE B 82 -65.38 20.86 15.31
N ASP B 83 -64.30 20.07 15.22
CA ASP B 83 -62.98 20.68 15.23
C ASP B 83 -62.71 21.49 13.96
N LEU B 84 -63.15 21.00 12.81
CA LEU B 84 -63.10 21.81 11.59
C LEU B 84 -63.92 23.08 11.71
N ALA B 85 -65.11 22.99 12.31
CA ALA B 85 -65.95 24.18 12.40
C ALA B 85 -65.40 25.19 13.40
N LEU B 86 -64.81 24.73 14.49
CA LEU B 86 -64.13 25.65 15.41
C LEU B 86 -62.92 26.32 14.77
N LEU B 87 -62.15 25.60 13.95
CA LEU B 87 -61.05 26.28 13.26
C LEU B 87 -61.53 27.30 12.24
N LYS B 88 -62.59 26.98 11.50
CA LYS B 88 -63.28 27.99 10.69
C LYS B 88 -63.74 29.19 11.50
N LEU B 89 -64.34 28.94 12.67
CA LEU B 89 -64.79 30.05 13.53
C LEU B 89 -63.64 30.93 13.99
N LYS B 90 -62.49 30.34 14.29
CA LYS B 90 -61.32 31.15 14.63
C LYS B 90 -60.82 31.96 13.45
N ALA B 91 -60.77 31.37 12.26
CA ALA B 91 -60.36 32.15 11.09
C ALA B 91 -61.32 33.30 10.78
N SER B 92 -62.62 33.08 10.95
CA SER B 92 -63.57 34.17 10.73
C SER B 92 -63.51 35.24 11.81
N THR B 93 -63.32 34.85 13.06
CA THR B 93 -63.15 35.85 14.10
C THR B 93 -61.87 36.65 13.93
N ALA B 94 -60.83 36.05 13.37
CA ALA B 94 -59.64 36.83 13.02
C ALA B 94 -59.91 37.78 11.86
N ARG B 95 -60.64 37.33 10.84
CA ARG B 95 -61.00 38.23 9.75
C ARG B 95 -61.79 39.44 10.24
N LEU B 96 -62.69 39.22 11.20
CA LEU B 96 -63.48 40.32 11.74
C LEU B 96 -62.63 41.40 12.40
N LYS B 97 -61.49 41.02 12.99
CA LYS B 97 -60.61 42.03 13.57
C LYS B 97 -59.97 42.93 12.52
N VAL B 98 -59.53 42.36 11.40
CA VAL B 98 -59.00 43.19 10.32
C VAL B 98 -60.10 44.05 9.70
N ALA B 99 -61.31 43.51 9.56
CA ALA B 99 -62.39 44.34 9.01
C ALA B 99 -62.72 45.50 9.93
N THR B 100 -62.64 45.28 11.25
CA THR B 100 -62.86 46.37 12.20
C THR B 100 -61.74 47.40 12.14
N ALA B 101 -60.49 46.95 12.15
CA ALA B 101 -59.38 47.90 12.07
C ALA B 101 -59.40 48.69 10.77
N LEU B 102 -59.94 48.11 9.69
CA LEU B 102 -60.09 48.91 8.48
C LEU B 102 -61.20 49.93 8.62
N LEU B 103 -62.33 49.57 9.21
CA LEU B 103 -63.37 50.57 9.39
C LEU B 103 -62.88 51.69 10.31
N ARG B 104 -62.17 51.36 11.37
CA ARG B 104 -61.56 52.33 12.28
C ARG B 104 -60.42 53.13 11.66
N MET B 105 -59.89 52.71 10.52
CA MET B 105 -59.00 53.61 9.79
C MET B 105 -59.77 54.56 8.86
N ILE B 106 -60.68 54.03 8.05
CA ILE B 106 -61.42 54.88 7.12
C ILE B 106 -62.28 55.91 7.85
N THR B 107 -62.79 55.55 9.03
CA THR B 107 -63.48 56.52 9.88
C THR B 107 -62.60 57.68 10.32
N GLU B 108 -61.33 57.41 10.64
CA GLU B 108 -60.47 58.52 11.05
C GLU B 108 -59.93 59.29 9.86
N GLU B 109 -59.74 58.62 8.72
CA GLU B 109 -59.41 59.35 7.49
C GLU B 109 -60.55 60.28 7.06
N LEU B 110 -61.77 59.99 7.51
CA LEU B 110 -62.88 60.94 7.32
C LEU B 110 -62.77 62.19 8.18
N LYS B 111 -61.94 62.18 9.22
CA LYS B 111 -61.60 63.41 9.94
C LYS B 111 -60.75 64.37 9.13
N LYS B 112 -60.21 63.95 7.99
CA LYS B 112 -59.16 64.69 7.30
C LYS B 112 -59.47 64.98 5.85
N ASN B 113 -60.34 64.22 5.21
CA ASN B 113 -60.90 64.57 3.90
C ASN B 113 -62.42 64.46 3.92
N PRO B 114 -63.08 65.05 4.92
CA PRO B 114 -64.54 65.04 4.96
C PRO B 114 -65.14 65.74 3.75
N SER B 115 -65.95 65.00 2.99
CA SER B 115 -66.66 65.54 1.85
C SER B 115 -67.80 64.59 1.50
N GLU B 116 -68.78 65.12 0.78
CA GLU B 116 -69.98 64.34 0.45
C GLU B 116 -69.64 63.05 -0.29
N ASP B 117 -68.49 62.98 -0.95
CA ASP B 117 -68.08 61.76 -1.61
C ASP B 117 -67.48 60.76 -0.63
N ALA B 118 -66.64 61.24 0.30
CA ALA B 118 -66.08 60.39 1.34
C ALA B 118 -67.15 59.79 2.24
N LEU B 119 -68.25 60.50 2.45
CA LEU B 119 -69.36 59.93 3.21
C LEU B 119 -69.94 58.67 2.56
N VAL B 120 -69.95 58.60 1.23
CA VAL B 120 -70.44 57.39 0.58
C VAL B 120 -69.43 56.26 0.71
N GLU B 121 -68.13 56.58 0.69
CA GLU B 121 -67.12 55.58 0.97
C GLU B 121 -67.27 55.03 2.39
N HIS B 122 -67.48 55.92 3.35
CA HIS B 122 -67.63 55.46 4.74
C HIS B 122 -68.86 54.58 4.90
N ASN B 123 -69.97 54.94 4.26
CA ASN B 123 -71.14 54.07 4.32
C ASN B 123 -70.88 52.71 3.67
N ARG B 124 -70.11 52.68 2.58
CA ARG B 124 -69.78 51.40 1.98
C ARG B 124 -68.84 50.56 2.86
N ALA B 125 -67.95 51.21 3.60
CA ALA B 125 -67.14 50.49 4.57
C ALA B 125 -67.98 49.91 5.71
N ILE B 126 -68.99 50.65 6.15
CA ILE B 126 -69.88 50.12 7.18
C ILE B 126 -70.71 48.95 6.64
N VAL B 127 -71.13 49.01 5.39
CA VAL B 127 -71.86 47.89 4.81
C VAL B 127 -70.98 46.66 4.67
N ASN B 128 -69.71 46.83 4.31
CA ASN B 128 -68.82 45.66 4.24
C ASN B 128 -68.50 45.09 5.62
N HIS B 129 -68.41 45.94 6.65
CA HIS B 129 -68.27 45.41 8.00
C HIS B 129 -69.50 44.59 8.42
N ASN B 130 -70.69 45.12 8.15
CA ASN B 130 -71.91 44.37 8.45
C ASN B 130 -71.94 43.03 7.70
N ALA B 131 -71.57 43.06 6.42
CA ALA B 131 -71.50 41.84 5.63
C ALA B 131 -70.49 40.83 6.15
N ILE B 132 -69.49 41.25 6.93
CA ILE B 132 -68.59 40.27 7.51
C ILE B 132 -69.09 39.78 8.88
N ILE B 133 -69.84 40.61 9.59
CA ILE B 133 -70.46 40.14 10.83
C ILE B 133 -71.52 39.10 10.53
N VAL B 134 -72.27 39.26 9.45
CA VAL B 134 -73.25 38.25 9.07
C VAL B 134 -72.58 36.90 8.81
N GLU B 135 -71.40 36.90 8.20
CA GLU B 135 -70.69 35.64 7.99
C GLU B 135 -70.28 35.01 9.32
N ASN B 136 -69.76 35.83 10.23
CA ASN B 136 -69.39 35.29 11.53
C ASN B 136 -70.58 34.67 12.26
N ASN B 137 -71.75 35.29 12.16
CA ASN B 137 -72.95 34.70 12.75
C ASN B 137 -73.37 33.41 12.06
N ARG B 138 -73.19 33.33 10.75
CA ARG B 138 -73.58 32.10 10.05
C ARG B 138 -72.65 30.94 10.40
N ILE B 139 -71.41 31.24 10.75
CA ILE B 139 -70.50 30.20 11.20
C ILE B 139 -70.81 29.80 12.64
N ILE B 140 -71.09 30.75 13.52
CA ILE B 140 -71.47 30.39 14.88
C ILE B 140 -72.75 29.56 14.90
N ALA B 141 -73.75 29.93 14.10
CA ALA B 141 -74.96 29.12 14.01
C ALA B 141 -74.71 27.73 13.45
N ALA B 142 -73.76 27.57 12.53
CA ALA B 142 -73.42 26.22 12.09
C ALA B 142 -72.76 25.40 13.20
N VAL B 143 -71.83 26.01 13.93
CA VAL B 143 -71.24 25.32 15.08
C VAL B 143 -72.30 24.92 16.10
N LEU B 144 -73.27 25.79 16.37
CA LEU B 144 -74.32 25.43 17.33
C LEU B 144 -75.20 24.28 16.85
N GLU B 145 -75.63 24.29 15.59
CA GLU B 145 -76.41 23.15 15.12
C GLU B 145 -75.61 21.85 15.17
N LEU B 146 -74.30 21.92 14.92
CA LEU B 146 -73.46 20.75 15.07
C LEU B 146 -73.41 20.27 16.52
N ILE B 147 -73.18 21.18 17.46
CA ILE B 147 -73.09 20.77 18.86
C ILE B 147 -74.40 20.17 19.34
N VAL B 148 -75.54 20.73 18.90
CA VAL B 148 -76.82 20.18 19.34
C VAL B 148 -77.02 18.78 18.80
N ARG B 149 -76.69 18.53 17.53
CA ARG B 149 -76.78 17.16 17.03
C ARG B 149 -75.79 16.21 17.70
N ALA B 150 -74.58 16.68 17.99
CA ALA B 150 -73.59 15.84 18.67
C ALA B 150 -74.04 15.38 20.06
N LEU B 151 -74.70 16.26 20.83
CA LEU B 151 -75.29 15.86 22.10
C LEU B 151 -76.58 15.06 21.99
N ASN B 152 -77.11 14.85 20.79
CA ASN B 152 -78.37 14.14 20.62
C ASN B 152 -79.45 14.75 21.50
N LEU B 153 -79.46 16.08 21.53
CA LEU B 153 -80.21 16.87 22.50
C LEU B 153 -81.58 17.15 21.91
N THR B 154 -82.57 16.34 22.29
CA THR B 154 -83.85 16.28 21.59
C THR B 154 -84.95 17.06 22.29
N ASP B 155 -84.65 17.78 23.36
CA ASP B 155 -85.68 18.55 24.06
C ASP B 155 -86.40 19.46 23.08
N GLU B 156 -87.71 19.64 23.30
CA GLU B 156 -88.51 20.51 22.45
C GLU B 156 -88.12 21.98 22.57
N GLU B 157 -87.69 22.43 23.75
CA GLU B 157 -87.17 23.78 23.89
C GLU B 157 -85.94 24.02 23.02
N VAL B 158 -85.03 23.05 22.95
CA VAL B 158 -83.86 23.20 22.09
C VAL B 158 -84.27 23.06 20.63
N ARG B 159 -85.10 22.08 20.31
CA ARG B 159 -85.54 21.92 18.94
C ARG B 159 -86.17 23.21 18.41
N LYS B 160 -87.11 23.76 19.16
CA LYS B 160 -87.75 25.02 18.77
C LYS B 160 -86.78 26.19 18.72
N ALA B 161 -85.79 26.24 19.61
CA ALA B 161 -84.81 27.31 19.56
C ALA B 161 -83.92 27.21 18.33
N LEU B 162 -83.61 26.01 17.87
CA LEU B 162 -82.92 25.89 16.59
C LEU B 162 -83.84 26.24 15.42
N GLU B 163 -85.09 25.79 15.47
CA GLU B 163 -86.03 26.14 14.41
C GLU B 163 -86.19 27.66 14.28
N GLU B 164 -86.01 28.39 15.38
CA GLU B 164 -85.96 29.85 15.32
C GLU B 164 -84.62 30.36 14.80
N LEU B 165 -83.51 29.73 15.19
CA LEU B 165 -82.19 30.21 14.78
C LEU B 165 -82.00 30.09 13.28
N LYS B 166 -82.43 28.99 12.68
CA LYS B 166 -82.32 28.81 11.23
C LYS B 166 -83.11 29.88 10.47
N ALA B 167 -84.36 30.10 10.87
CA ALA B 167 -85.16 31.14 10.23
C ALA B 167 -84.57 32.53 10.41
N SER B 168 -84.04 32.83 11.59
CA SER B 168 -83.37 34.12 11.77
C SER B 168 -82.11 34.25 10.93
N THR B 169 -81.40 33.15 10.71
CA THR B 169 -80.23 33.19 9.84
C THR B 169 -80.62 33.44 8.38
N ALA B 170 -81.69 32.81 7.91
CA ALA B 170 -82.14 33.09 6.55
C ALA B 170 -82.68 34.51 6.41
N GLU B 171 -83.39 35.01 7.41
CA GLU B 171 -83.81 36.40 7.41
C GLU B 171 -82.62 37.36 7.37
N LEU B 172 -81.52 37.01 8.01
CA LEU B 172 -80.35 37.87 7.98
C LEU B 172 -79.61 37.78 6.66
N LYS B 173 -79.56 36.62 6.02
CA LYS B 173 -79.04 36.55 4.66
C LYS B 173 -79.84 37.44 3.70
N ARG B 174 -81.17 37.28 3.69
CA ARG B 174 -81.99 38.14 2.84
C ARG B 174 -81.80 39.62 3.14
N ALA B 175 -81.70 39.99 4.41
CA ALA B 175 -81.49 41.40 4.75
C ALA B 175 -80.12 41.90 4.33
N THR B 176 -79.11 41.03 4.32
CA THR B 176 -77.79 41.46 3.90
C THR B 176 -77.75 41.68 2.40
N ALA B 177 -78.32 40.74 1.64
CA ALA B 177 -78.43 40.92 0.20
C ALA B 177 -79.22 42.17 -0.17
N SER B 178 -80.30 42.47 0.55
CA SER B 178 -81.03 43.71 0.32
C SER B 178 -80.23 44.96 0.66
N LEU B 179 -79.47 44.94 1.76
CA LEU B 179 -78.62 46.09 2.08
C LEU B 179 -77.53 46.32 1.04
N ARG B 180 -76.90 45.26 0.55
CA ARG B 180 -75.92 45.42 -0.51
C ARG B 180 -76.56 45.89 -1.82
N ALA B 181 -77.77 45.41 -2.10
CA ALA B 181 -78.48 45.87 -3.28
C ALA B 181 -78.74 47.36 -3.23
N ILE B 182 -79.30 47.86 -2.12
CA ILE B 182 -79.51 49.31 -2.05
C ILE B 182 -78.18 50.06 -2.02
N THR B 183 -77.11 49.45 -1.47
CA THR B 183 -75.84 50.15 -1.47
C THR B 183 -75.29 50.32 -2.88
N GLU B 184 -75.58 49.38 -3.78
CA GLU B 184 -75.25 49.59 -5.19
C GLU B 184 -76.01 50.77 -5.80
N GLU B 185 -77.30 50.90 -5.47
CA GLU B 185 -78.07 52.03 -5.97
C GLU B 185 -77.57 53.36 -5.44
N LEU B 186 -77.14 53.40 -4.17
CA LEU B 186 -76.46 54.59 -3.67
C LEU B 186 -75.13 54.85 -4.37
N LYS B 187 -74.39 53.79 -4.68
CA LYS B 187 -73.13 53.95 -5.40
C LYS B 187 -73.34 54.55 -6.79
N LYS B 188 -74.42 54.17 -7.47
CA LYS B 188 -74.77 54.85 -8.71
C LYS B 188 -75.20 56.30 -8.47
N ASN B 189 -76.07 56.55 -7.49
CA ASN B 189 -76.74 57.84 -7.35
C ASN B 189 -76.39 58.51 -6.02
N PRO B 190 -75.12 58.86 -5.82
CA PRO B 190 -74.67 59.41 -4.52
C PRO B 190 -75.30 60.78 -4.26
N SER B 191 -76.11 60.86 -3.22
CA SER B 191 -76.72 62.13 -2.83
C SER B 191 -77.03 62.09 -1.33
N GLU B 192 -77.10 63.29 -0.75
CA GLU B 192 -77.66 63.44 0.60
C GLU B 192 -79.05 62.85 0.70
N ASP B 193 -79.87 63.00 -0.34
CA ASP B 193 -81.21 62.44 -0.30
C ASP B 193 -81.17 60.93 -0.19
N ALA B 194 -80.33 60.27 -0.99
CA ALA B 194 -80.19 58.83 -0.87
C ALA B 194 -79.34 58.42 0.32
N LEU B 195 -78.39 59.25 0.74
CA LEU B 195 -77.61 58.94 1.94
C LEU B 195 -78.49 58.83 3.19
N VAL B 196 -79.47 59.72 3.31
CA VAL B 196 -80.35 59.71 4.48
C VAL B 196 -81.16 58.42 4.55
N GLU B 197 -81.67 57.96 3.41
CA GLU B 197 -82.44 56.73 3.35
C GLU B 197 -81.59 55.47 3.34
N HIS B 198 -80.31 55.57 3.00
CA HIS B 198 -79.39 54.45 3.16
C HIS B 198 -78.96 54.23 4.62
N ASN B 199 -78.75 55.33 5.36
CA ASN B 199 -78.46 55.19 6.79
C ASN B 199 -79.55 54.42 7.52
N ARG B 200 -80.82 54.65 7.17
CA ARG B 200 -81.89 53.86 7.77
C ARG B 200 -81.75 52.39 7.41
N ALA B 201 -81.36 52.08 6.17
CA ALA B 201 -81.22 50.70 5.76
C ALA B 201 -80.13 50.00 6.57
N ILE B 202 -79.07 50.73 6.89
CA ILE B 202 -78.04 50.20 7.77
C ILE B 202 -78.61 49.91 9.15
N VAL B 203 -79.28 50.89 9.75
CA VAL B 203 -79.78 50.68 11.11
C VAL B 203 -80.80 49.54 11.17
N GLU B 204 -81.60 49.38 10.12
CA GLU B 204 -82.55 48.28 10.00
C GLU B 204 -81.90 46.95 9.66
N HIS B 205 -80.64 46.93 9.26
CA HIS B 205 -79.92 45.67 9.16
C HIS B 205 -79.24 45.30 10.46
N ASN B 206 -78.62 46.27 11.13
CA ASN B 206 -78.15 46.08 12.50
C ASN B 206 -79.22 45.54 13.44
N ALA B 207 -80.48 45.98 13.29
CA ALA B 207 -81.54 45.42 14.12
C ALA B 207 -81.71 43.91 13.92
N ILE B 208 -81.54 43.42 12.69
CA ILE B 208 -81.67 42.00 12.43
C ILE B 208 -80.45 41.23 12.92
N ILE B 209 -79.28 41.86 12.87
CA ILE B 209 -78.11 41.22 13.48
C ILE B 209 -78.33 41.02 14.97
N VAL B 210 -78.80 42.06 15.67
CA VAL B 210 -79.01 41.91 17.10
C VAL B 210 -80.14 40.91 17.41
N GLU B 211 -81.19 40.88 16.58
CA GLU B 211 -82.21 39.85 16.71
C GLU B 211 -81.73 38.46 16.33
N ASN B 212 -80.53 38.33 15.82
CA ASN B 212 -79.94 37.01 15.62
C ASN B 212 -79.01 36.61 16.76
N ASN B 213 -78.16 37.53 17.20
CA ASN B 213 -77.34 37.28 18.38
C ASN B 213 -78.18 36.91 19.61
N ARG B 214 -79.38 37.48 19.72
CA ARG B 214 -80.30 37.09 20.80
C ARG B 214 -80.64 35.61 20.78
N ILE B 215 -80.85 35.05 19.59
CA ILE B 215 -81.20 33.64 19.49
C ILE B 215 -79.97 32.75 19.63
N ILE B 216 -78.82 33.20 19.16
CA ILE B 216 -77.61 32.43 19.40
C ILE B 216 -77.34 32.31 20.90
N ALA B 217 -77.50 33.41 21.64
CA ALA B 217 -77.34 33.35 23.09
C ALA B 217 -78.41 32.50 23.77
N LEU B 218 -79.63 32.48 23.23
CA LEU B 218 -80.64 31.60 23.79
C LEU B 218 -80.24 30.13 23.64
N VAL B 219 -79.93 29.71 22.41
CA VAL B 219 -79.51 28.32 22.21
C VAL B 219 -78.30 27.96 23.07
N LEU B 220 -77.36 28.90 23.24
CA LEU B 220 -76.23 28.63 24.15
C LEU B 220 -76.68 28.39 25.58
N LEU B 221 -77.70 29.12 26.05
CA LEU B 221 -78.15 28.89 27.41
C LEU B 221 -78.88 27.56 27.52
N LEU B 222 -79.78 27.29 26.58
CA LEU B 222 -80.53 26.03 26.63
C LEU B 222 -79.62 24.82 26.53
N ILE B 223 -78.51 24.93 25.81
CA ILE B 223 -77.55 23.84 25.79
C ILE B 223 -76.86 23.71 27.14
N VAL B 224 -76.33 24.81 27.69
CA VAL B 224 -75.59 24.67 28.94
C VAL B 224 -76.50 24.19 30.06
N LEU B 225 -77.79 24.56 30.02
CA LEU B 225 -78.75 24.02 30.97
C LEU B 225 -79.12 22.57 30.69
N ALA B 226 -79.01 22.12 29.44
CA ALA B 226 -79.39 20.74 29.14
C ALA B 226 -78.29 19.74 29.48
N ILE B 227 -77.03 20.15 29.40
CA ILE B 227 -75.95 19.26 29.80
C ILE B 227 -75.86 19.21 31.32
N GLY C 2 -26.79 41.80 45.07
CA GLY C 2 -27.78 42.82 44.63
C GLY C 2 -27.47 44.21 45.13
N SER C 3 -28.20 45.20 44.63
CA SER C 3 -28.01 46.57 45.09
C SER C 3 -28.71 46.79 46.43
N GLU C 4 -28.47 47.96 47.00
CA GLU C 4 -28.99 48.29 48.33
C GLU C 4 -30.51 48.15 48.40
N GLU C 5 -31.21 48.49 47.32
CA GLU C 5 -32.66 48.43 47.35
C GLU C 5 -33.19 47.01 47.36
N GLU C 6 -32.45 46.06 46.79
CA GLU C 6 -32.94 44.68 46.81
C GLU C 6 -32.81 44.08 48.20
N ILE C 7 -31.67 44.34 48.86
CA ILE C 7 -31.52 43.88 50.24
C ILE C 7 -32.52 44.57 51.15
N ALA C 8 -32.73 45.87 50.97
CA ALA C 8 -33.70 46.58 51.80
C ALA C 8 -35.12 46.06 51.64
N LYS C 9 -35.53 45.76 50.40
CA LYS C 9 -36.82 45.09 50.19
C LYS C 9 -36.88 43.71 50.83
N ALA C 10 -35.80 42.94 50.73
CA ALA C 10 -35.81 41.61 51.33
C ALA C 10 -35.82 41.65 52.86
N LEU C 11 -35.19 42.66 53.45
CA LEU C 11 -35.28 42.84 54.90
C LEU C 11 -36.63 43.39 55.34
N GLU C 12 -37.31 44.16 54.51
CA GLU C 12 -38.69 44.51 54.85
C GLU C 12 -39.59 43.28 54.79
N GLU C 13 -39.40 42.41 53.80
CA GLU C 13 -40.11 41.14 53.79
C GLU C 13 -39.77 40.30 55.02
N LEU C 14 -38.53 40.36 55.48
CA LEU C 14 -38.13 39.57 56.63
C LEU C 14 -38.78 40.06 57.91
N VAL C 15 -38.73 41.36 58.16
CA VAL C 15 -39.30 41.89 59.40
C VAL C 15 -40.82 41.80 59.41
N ALA C 16 -41.48 41.99 58.26
CA ALA C 16 -42.91 41.72 58.20
C ALA C 16 -43.26 40.24 58.42
N SER C 17 -42.44 39.32 57.91
CA SER C 17 -42.64 37.92 58.23
C SER C 17 -42.45 37.61 59.70
N LEU C 18 -41.48 38.23 60.35
CA LEU C 18 -41.34 38.06 61.80
C LEU C 18 -42.51 38.65 62.56
N ALA C 19 -43.00 39.80 62.15
CA ALA C 19 -44.14 40.40 62.86
C ALA C 19 -45.41 39.56 62.69
N GLU C 20 -45.56 38.84 61.59
CA GLU C 20 -46.64 37.86 61.46
C GLU C 20 -46.40 36.60 62.30
N LEU C 21 -45.18 36.08 62.30
CA LEU C 21 -44.85 34.90 63.09
C LEU C 21 -44.91 35.10 64.60
N LYS C 22 -44.63 36.31 65.10
CA LYS C 22 -44.79 36.54 66.54
C LYS C 22 -46.25 36.55 66.96
N ARG C 23 -47.12 37.18 66.18
CA ARG C 23 -48.55 37.10 66.48
C ARG C 23 -49.08 35.67 66.41
N ALA C 24 -48.70 34.92 65.38
CA ALA C 24 -49.15 33.53 65.33
C ALA C 24 -48.61 32.69 66.48
N THR C 25 -47.39 32.98 66.96
CA THR C 25 -46.88 32.28 68.12
C THR C 25 -47.69 32.61 69.37
N LEU C 26 -47.96 33.89 69.60
CA LEU C 26 -48.74 34.28 70.77
C LEU C 26 -50.12 33.66 70.74
N LYS C 27 -50.77 33.69 69.58
CA LYS C 27 -52.10 33.10 69.49
C LYS C 27 -52.07 31.58 69.64
N LEU C 28 -50.99 30.93 69.22
CA LEU C 28 -50.87 29.49 69.41
C LEU C 28 -50.66 29.11 70.88
N LEU C 29 -49.93 29.94 71.61
CA LEU C 29 -49.91 29.77 73.07
C LEU C 29 -51.28 30.03 73.70
N ASP C 30 -51.98 31.07 73.25
CA ASP C 30 -53.29 31.36 73.82
C ASP C 30 -54.26 30.21 73.61
N ILE C 31 -54.33 29.65 72.39
CA ILE C 31 -55.17 28.48 72.16
C ILE C 31 -54.56 27.23 72.76
N THR C 32 -53.35 27.33 73.30
CA THR C 32 -52.78 26.25 74.09
C THR C 32 -53.13 26.36 75.58
N ASP C 33 -53.55 27.54 76.03
CA ASP C 33 -53.75 27.81 77.45
C ASP C 33 -54.89 27.04 78.10
N LYS C 34 -56.15 27.31 77.72
CA LYS C 34 -57.29 26.68 78.37
C LYS C 34 -58.33 26.23 77.36
N LEU C 35 -58.89 25.05 77.61
CA LEU C 35 -60.19 24.67 77.06
C LEU C 35 -60.76 23.55 77.92
N LYS C 36 -61.93 23.79 78.52
CA LYS C 36 -62.58 22.77 79.33
C LYS C 36 -63.14 21.65 78.48
N LYS C 37 -63.84 21.98 77.40
CA LYS C 37 -64.62 21.00 76.67
C LYS C 37 -63.71 20.03 75.92
N ASN C 38 -64.27 18.83 75.64
CA ASN C 38 -63.55 17.69 75.07
C ASN C 38 -63.69 17.68 73.55
N PRO C 39 -62.66 17.18 72.87
CA PRO C 39 -62.59 17.33 71.41
C PRO C 39 -63.48 16.37 70.65
N SER C 40 -63.74 16.72 69.39
CA SER C 40 -64.62 16.01 68.49
C SER C 40 -63.84 14.99 67.67
N GLU C 41 -64.54 14.32 66.74
CA GLU C 41 -63.86 13.56 65.70
C GLU C 41 -63.18 14.48 64.70
N SER C 42 -63.81 15.59 64.35
CA SER C 42 -63.16 16.60 63.52
C SER C 42 -61.96 17.21 64.21
N ALA C 43 -61.91 17.15 65.54
CA ALA C 43 -60.73 17.53 66.32
C ALA C 43 -59.67 16.42 66.36
N LEU C 44 -59.94 15.27 65.73
CA LEU C 44 -58.88 14.35 65.35
C LEU C 44 -58.36 14.63 63.94
N VAL C 45 -59.26 14.81 62.98
CA VAL C 45 -58.88 15.15 61.62
C VAL C 45 -58.04 16.42 61.52
N SER C 46 -58.12 17.32 62.50
CA SER C 46 -57.29 18.51 62.53
C SER C 46 -56.50 18.62 63.82
N HIS C 47 -56.02 17.47 64.31
CA HIS C 47 -55.51 17.34 65.67
C HIS C 47 -54.61 18.49 66.12
N ASN C 48 -53.57 18.81 65.36
CA ASN C 48 -52.61 19.83 65.74
C ASN C 48 -52.46 20.92 64.68
N LYS C 49 -53.51 21.18 63.90
CA LYS C 49 -53.34 21.95 62.67
C LYS C 49 -52.67 23.30 62.90
N ALA C 50 -52.91 23.93 64.04
CA ALA C 50 -52.28 25.22 64.31
C ALA C 50 -50.78 25.13 64.52
N ILE C 51 -50.25 23.98 64.93
CA ILE C 51 -48.81 23.81 65.02
C ILE C 51 -48.19 23.59 63.65
N VAL C 52 -48.75 22.72 62.83
CA VAL C 52 -48.20 22.49 61.52
C VAL C 52 -48.27 23.75 60.67
N GLU C 53 -49.37 24.51 60.78
CA GLU C 53 -49.43 25.84 60.16
C GLU C 53 -48.42 26.82 60.75
N HIS C 54 -48.02 26.66 62.01
CA HIS C 54 -47.00 27.56 62.53
C HIS C 54 -45.61 27.20 62.01
N ASN C 55 -45.27 25.91 62.08
CA ASN C 55 -44.01 25.41 61.51
C ASN C 55 -43.84 25.79 60.05
N ALA C 56 -44.90 25.73 59.25
CA ALA C 56 -44.79 26.18 57.86
C ALA C 56 -44.40 27.65 57.76
N ILE C 57 -44.86 28.49 58.69
CA ILE C 57 -44.47 29.90 58.66
C ILE C 57 -43.02 30.06 59.06
N ILE C 58 -42.56 29.25 60.01
CA ILE C 58 -41.15 29.34 60.40
C ILE C 58 -40.24 28.92 59.25
N VAL C 59 -40.58 27.84 58.56
CA VAL C 59 -39.83 27.39 57.39
C VAL C 59 -39.80 28.46 56.29
N GLU C 60 -40.91 29.16 56.09
CA GLU C 60 -40.92 30.26 55.13
C GLU C 60 -40.10 31.45 55.59
N ASN C 61 -40.00 31.70 56.89
CA ASN C 61 -39.13 32.76 57.37
C ASN C 61 -37.65 32.42 57.20
N ASN C 62 -37.28 31.19 57.52
CA ASN C 62 -35.91 30.73 57.29
C ASN C 62 -35.50 30.81 55.82
N ARG C 63 -36.43 30.54 54.90
CA ARG C 63 -36.05 30.69 53.49
C ARG C 63 -35.68 32.13 53.14
N ILE C 64 -36.37 33.11 53.72
CA ILE C 64 -36.05 34.50 53.44
C ILE C 64 -34.74 34.90 54.09
N ILE C 65 -34.51 34.45 55.33
CA ILE C 65 -33.22 34.72 55.97
C ILE C 65 -32.07 34.20 55.12
N ALA C 66 -32.18 32.97 54.61
CA ALA C 66 -31.12 32.44 53.76
C ALA C 66 -30.97 33.17 52.43
N ALA C 67 -32.06 33.71 51.88
CA ALA C 67 -31.93 34.51 50.67
C ALA C 67 -31.28 35.87 50.92
N VAL C 68 -31.55 36.48 52.08
CA VAL C 68 -30.85 37.71 52.41
C VAL C 68 -29.38 37.44 52.67
N LEU C 69 -29.05 36.35 53.35
CA LEU C 69 -27.63 36.07 53.57
C LEU C 69 -26.91 35.90 52.25
N GLU C 70 -27.55 35.27 51.27
CA GLU C 70 -26.91 35.12 49.98
C GLU C 70 -26.75 36.46 49.27
N LEU C 71 -27.77 37.32 49.33
CA LEU C 71 -27.65 38.64 48.71
C LEU C 71 -26.57 39.50 49.36
N ILE C 72 -26.39 39.39 50.67
CA ILE C 72 -25.31 40.11 51.35
C ILE C 72 -23.94 39.58 50.94
N VAL C 73 -23.73 38.27 51.06
CA VAL C 73 -22.40 37.72 50.83
C VAL C 73 -21.99 37.88 49.37
N ARG C 74 -22.92 37.73 48.43
CA ARG C 74 -22.58 37.97 47.03
C ARG C 74 -22.27 39.43 46.73
N ALA C 75 -22.55 40.35 47.64
CA ALA C 75 -22.07 41.72 47.53
C ALA C 75 -20.69 41.92 48.18
N VAL C 76 -20.52 41.46 49.42
CA VAL C 76 -19.27 41.76 50.12
C VAL C 76 -18.14 40.81 49.73
N GLY C 77 -18.44 39.68 49.14
CA GLY C 77 -17.43 38.77 48.62
C GLY C 77 -17.17 37.56 49.50
N MET C 78 -17.30 36.40 48.88
CA MET C 78 -17.06 35.11 49.53
C MET C 78 -15.60 34.90 49.87
N THR C 79 -15.37 34.04 50.86
CA THR C 79 -14.09 33.44 51.15
C THR C 79 -14.31 31.95 51.38
N ASP C 80 -13.21 31.19 51.40
CA ASP C 80 -13.30 29.73 51.50
C ASP C 80 -14.30 29.28 52.56
N GLU C 81 -14.16 29.79 53.77
CA GLU C 81 -14.99 29.30 54.87
C GLU C 81 -16.43 29.76 54.71
N ILE C 82 -16.65 30.97 54.22
CA ILE C 82 -18.00 31.43 53.92
C ILE C 82 -18.62 30.61 52.81
N ASP C 83 -17.87 30.29 51.77
CA ASP C 83 -18.46 29.53 50.67
C ASP C 83 -18.82 28.10 51.10
N LEU C 84 -17.97 27.47 51.91
CA LEU C 84 -18.34 26.17 52.50
C LEU C 84 -19.58 26.28 53.38
N ALA C 85 -19.68 27.34 54.17
CA ALA C 85 -20.82 27.46 55.06
C ALA C 85 -22.11 27.75 54.30
N LEU C 86 -22.03 28.54 53.22
CA LEU C 86 -23.20 28.75 52.37
C LEU C 86 -23.63 27.48 51.66
N LEU C 87 -22.69 26.63 51.22
CA LEU C 87 -23.10 25.36 50.63
C LEU C 87 -23.74 24.42 51.65
N LYS C 88 -23.20 24.37 52.87
CA LYS C 88 -23.90 23.69 53.96
C LYS C 88 -25.30 24.26 54.19
N LEU C 89 -25.45 25.58 54.19
CA LEU C 89 -26.75 26.20 54.38
C LEU C 89 -27.74 25.83 53.27
N LYS C 90 -27.27 25.72 52.04
CA LYS C 90 -28.12 25.26 50.96
C LYS C 90 -28.52 23.80 51.12
N ALA C 91 -27.60 22.94 51.52
CA ALA C 91 -27.95 21.54 51.76
C ALA C 91 -28.96 21.38 52.90
N SER C 92 -28.82 22.19 53.96
CA SER C 92 -29.79 22.11 55.04
C SER C 92 -31.15 22.69 54.67
N THR C 93 -31.17 23.78 53.89
CA THR C 93 -32.45 24.30 53.43
C THR C 93 -33.13 23.34 52.47
N ALA C 94 -32.38 22.57 51.70
CA ALA C 94 -33.00 21.52 50.90
C ALA C 94 -33.54 20.38 51.76
N ARG C 95 -32.79 19.96 52.78
CA ARG C 95 -33.29 18.93 53.69
C ARG C 95 -34.59 19.35 54.36
N LEU C 96 -34.71 20.62 54.73
CA LEU C 96 -35.93 21.12 55.36
C LEU C 96 -37.15 20.99 54.45
N LYS C 97 -36.97 21.08 53.13
CA LYS C 97 -38.11 20.89 52.23
C LYS C 97 -38.64 19.46 52.25
N VAL C 98 -37.75 18.47 52.28
CA VAL C 98 -38.20 17.09 52.38
C VAL C 98 -38.82 16.83 53.74
N ALA C 99 -38.28 17.42 54.80
CA ALA C 99 -38.89 17.22 56.12
C ALA C 99 -40.28 17.83 56.19
N THR C 100 -40.48 18.97 55.53
CA THR C 100 -41.81 19.57 55.48
C THR C 100 -42.78 18.74 54.64
N ALA C 101 -42.37 18.32 53.45
CA ALA C 101 -43.27 17.49 52.65
C ALA C 101 -43.59 16.17 53.32
N LEU C 102 -42.70 15.65 54.16
CA LEU C 102 -43.07 14.46 54.93
C LEU C 102 -44.08 14.78 56.02
N LEU C 103 -43.90 15.90 56.72
CA LEU C 103 -44.91 16.22 57.73
C LEU C 103 -46.27 16.47 57.09
N ARG C 104 -46.30 17.17 55.96
CA ARG C 104 -47.51 17.39 55.19
C ARG C 104 -48.07 16.13 54.55
N MET C 105 -47.32 15.04 54.48
CA MET C 105 -47.93 13.77 54.12
C MET C 105 -48.54 13.05 55.32
N ILE C 106 -47.78 12.91 56.41
CA ILE C 106 -48.30 12.20 57.58
C ILE C 106 -49.52 12.91 58.18
N THR C 107 -49.55 14.24 58.09
CA THR C 107 -50.74 14.99 58.50
C THR C 107 -51.97 14.62 57.68
N GLU C 108 -51.82 14.41 56.38
CA GLU C 108 -52.99 14.05 55.58
C GLU C 108 -53.33 12.58 55.71
N GLU C 109 -52.34 11.71 55.93
CA GLU C 109 -52.64 10.32 56.26
C GLU C 109 -53.39 10.19 57.57
N LEU C 110 -53.29 11.19 58.44
CA LEU C 110 -54.13 11.25 59.64
C LEU C 110 -55.59 11.55 59.34
N LYS C 111 -55.92 12.07 58.16
CA LYS C 111 -57.31 12.16 57.72
C LYS C 111 -57.95 10.82 57.45
N LYS C 112 -57.19 9.74 57.39
CA LYS C 112 -57.66 8.47 56.85
C LYS C 112 -57.47 7.29 57.79
N ASN C 113 -56.53 7.36 58.73
CA ASN C 113 -56.45 6.39 59.83
C ASN C 113 -56.34 7.12 61.17
N PRO C 114 -57.22 8.09 61.42
CA PRO C 114 -57.20 8.77 62.73
C PRO C 114 -57.48 7.81 63.86
N SER C 115 -56.53 7.73 64.80
CA SER C 115 -56.67 6.91 65.99
C SER C 115 -55.66 7.38 67.02
N GLU C 116 -55.92 7.04 68.28
CA GLU C 116 -55.08 7.50 69.38
C GLU C 116 -53.62 7.10 69.20
N ASP C 117 -53.34 6.07 68.41
CA ASP C 117 -51.97 5.69 68.15
C ASP C 117 -51.34 6.57 67.07
N ALA C 118 -52.08 6.85 66.00
CA ALA C 118 -51.61 7.74 64.95
C ALA C 118 -51.35 9.15 65.46
N LEU C 119 -52.11 9.61 66.46
CA LEU C 119 -51.81 10.91 67.06
C LEU C 119 -50.42 10.96 67.70
N VAL C 120 -49.93 9.86 68.25
CA VAL C 120 -48.59 9.88 68.81
C VAL C 120 -47.55 9.87 67.72
N GLU C 121 -47.82 9.19 66.62
CA GLU C 121 -46.94 9.27 65.46
C GLU C 121 -46.89 10.68 64.90
N HIS C 122 -48.05 11.34 64.80
CA HIS C 122 -48.06 12.70 64.27
C HIS C 122 -47.30 13.66 65.18
N ASN C 123 -47.45 13.51 66.51
CA ASN C 123 -46.66 14.35 67.39
C ASN C 123 -45.17 14.09 67.26
N ARG C 124 -44.78 12.83 67.04
CA ARG C 124 -43.36 12.57 66.84
C ARG C 124 -42.84 13.13 65.51
N ALA C 125 -43.68 13.15 64.48
CA ALA C 125 -43.30 13.81 63.24
C ALA C 125 -43.14 15.31 63.41
N ILE C 126 -43.99 15.93 64.22
CA ILE C 126 -43.83 17.35 64.50
C ILE C 126 -42.57 17.63 65.30
N VAL C 127 -42.21 16.74 66.22
CA VAL C 127 -40.96 16.93 66.95
C VAL C 127 -39.75 16.76 66.05
N ASN C 128 -39.79 15.83 65.11
CA ASN C 128 -38.67 15.69 64.17
C ASN C 128 -38.56 16.87 63.20
N HIS C 129 -39.69 17.46 62.81
CA HIS C 129 -39.62 18.70 62.03
C HIS C 129 -38.98 19.82 62.82
N ASN C 130 -39.39 19.99 64.07
CA ASN C 130 -38.76 21.00 64.92
C ASN C 130 -37.25 20.75 65.07
N ALA C 131 -36.87 19.50 65.28
CA ALA C 131 -35.45 19.16 65.38
C ALA C 131 -34.68 19.42 64.09
N ILE C 132 -35.34 19.52 62.94
CA ILE C 132 -34.59 19.90 61.75
C ILE C 132 -34.58 21.41 61.52
N ILE C 133 -35.59 22.11 62.02
CA ILE C 133 -35.55 23.57 61.98
C ILE C 133 -34.46 24.10 62.89
N VAL C 134 -34.27 23.47 64.04
CA VAL C 134 -33.19 23.88 64.94
C VAL C 134 -31.83 23.74 64.25
N GLU C 135 -31.63 22.69 63.46
CA GLU C 135 -30.37 22.56 62.74
C GLU C 135 -30.20 23.68 61.73
N ASN C 136 -31.26 24.01 60.99
CA ASN C 136 -31.16 25.11 60.04
C ASN C 136 -30.81 26.43 60.73
N ASN C 137 -31.36 26.68 61.91
CA ASN C 137 -30.99 27.89 62.64
C ASN C 137 -29.55 27.86 63.14
N ARG C 138 -29.04 26.69 63.53
CA ARG C 138 -27.66 26.64 64.00
C ARG C 138 -26.67 26.84 62.86
N ILE C 139 -27.07 26.48 61.65
CA ILE C 139 -26.22 26.76 60.49
C ILE C 139 -26.28 28.22 60.09
N ILE C 140 -27.47 28.82 60.10
CA ILE C 140 -27.55 30.24 59.79
C ILE C 140 -26.78 31.08 60.82
N ALA C 141 -26.87 30.74 62.10
CA ALA C 141 -26.08 31.45 63.10
C ALA C 141 -24.58 31.27 62.91
N ALA C 142 -24.14 30.11 62.45
CA ALA C 142 -22.72 29.96 62.13
C ALA C 142 -22.30 30.83 60.94
N VAL C 143 -23.10 30.86 59.89
CA VAL C 143 -22.82 31.74 58.76
C VAL C 143 -22.76 33.20 59.20
N LEU C 144 -23.68 33.64 60.07
CA LEU C 144 -23.64 35.02 60.53
C LEU C 144 -22.41 35.34 61.34
N GLU C 145 -22.01 34.48 62.28
CA GLU C 145 -20.77 34.78 62.99
C GLU C 145 -19.57 34.82 62.07
N LEU C 146 -19.57 34.00 61.02
CA LEU C 146 -18.49 34.08 60.03
C LEU C 146 -18.50 35.41 59.30
N ILE C 147 -19.66 35.84 58.81
CA ILE C 147 -19.71 37.09 58.06
C ILE C 147 -19.31 38.27 58.95
N VAL C 148 -19.70 38.26 60.21
CA VAL C 148 -19.34 39.36 61.09
C VAL C 148 -17.84 39.41 61.31
N ARG C 149 -17.19 38.27 61.52
CA ARG C 149 -15.73 38.28 61.64
C ARG C 149 -15.04 38.70 60.35
N ALA C 150 -15.56 38.24 59.20
CA ALA C 150 -14.98 38.63 57.91
C ALA C 150 -15.02 40.13 57.65
N LEU C 151 -16.09 40.81 58.04
CA LEU C 151 -16.15 42.27 57.94
C LEU C 151 -15.39 42.99 59.04
N ASN C 152 -14.81 42.29 60.01
CA ASN C 152 -14.09 42.94 61.11
C ASN C 152 -14.97 43.99 61.78
N LEU C 153 -16.24 43.64 61.97
CA LEU C 153 -17.29 44.58 62.34
C LEU C 153 -17.37 44.62 63.86
N THR C 154 -16.71 45.61 64.47
CA THR C 154 -16.44 45.61 65.89
C THR C 154 -17.40 46.47 66.70
N ASP C 155 -18.42 47.05 66.08
CA ASP C 155 -19.37 47.88 66.82
C ASP C 155 -19.92 47.11 68.02
N GLU C 156 -20.16 47.83 69.12
CA GLU C 156 -20.70 47.22 70.32
C GLU C 156 -22.13 46.72 70.14
N GLU C 157 -22.93 47.40 69.33
CA GLU C 157 -24.27 46.88 69.01
C GLU C 157 -24.22 45.52 68.33
N VAL C 158 -23.28 45.32 67.41
CA VAL C 158 -23.14 44.02 66.77
C VAL C 158 -22.56 43.00 67.74
N ARG C 159 -21.53 43.40 68.48
CA ARG C 159 -20.95 42.49 69.45
C ARG C 159 -22.01 41.98 70.43
N LYS C 160 -22.78 42.89 71.02
CA LYS C 160 -23.85 42.50 71.93
C LYS C 160 -24.95 41.68 71.26
N ALA C 161 -25.26 41.95 70.00
CA ALA C 161 -26.25 41.15 69.29
C ALA C 161 -25.76 39.73 69.04
N LEU C 162 -24.47 39.55 68.79
CA LEU C 162 -23.93 38.20 68.72
C LEU C 162 -23.91 37.54 70.10
N GLU C 163 -23.50 38.27 71.13
CA GLU C 163 -23.53 37.69 72.48
C GLU C 163 -24.94 37.21 72.85
N GLU C 164 -25.96 37.85 72.31
CA GLU C 164 -27.33 37.35 72.47
C GLU C 164 -27.62 36.16 71.56
N LEU C 165 -27.12 36.17 70.32
CA LEU C 165 -27.41 35.09 69.39
C LEU C 165 -26.81 33.77 69.85
N LYS C 166 -25.57 33.79 70.34
CA LYS C 166 -24.95 32.58 70.85
C LYS C 166 -25.72 31.97 72.02
N ALA C 167 -26.10 32.82 73.00
CA ALA C 167 -26.89 32.32 74.12
C ALA C 167 -28.25 31.79 73.69
N SER C 168 -28.90 32.46 72.74
CA SER C 168 -30.17 31.94 72.24
C SER C 168 -30.00 30.63 71.50
N THR C 169 -28.88 30.44 70.80
CA THR C 169 -28.61 29.17 70.16
C THR C 169 -28.36 28.04 71.16
N ALA C 170 -27.63 28.32 72.23
CA ALA C 170 -27.45 27.29 73.25
C ALA C 170 -28.75 26.98 73.99
N GLU C 171 -29.56 28.01 74.26
CA GLU C 171 -30.88 27.78 74.83
C GLU C 171 -31.75 26.92 73.92
N LEU C 172 -31.62 27.08 72.61
CA LEU C 172 -32.40 26.28 71.69
C LEU C 172 -31.89 24.85 71.56
N LYS C 173 -30.58 24.64 71.65
CA LYS C 173 -30.06 23.28 71.76
C LYS C 173 -30.59 22.56 73.00
N ARG C 174 -30.46 23.19 74.17
CA ARG C 174 -30.99 22.58 75.39
C ARG C 174 -32.49 22.32 75.30
N ALA C 175 -33.25 23.24 74.71
CA ALA C 175 -34.69 23.02 74.58
C ALA C 175 -35.02 21.90 73.61
N THR C 176 -34.20 21.71 72.58
CA THR C 176 -34.48 20.64 71.63
C THR C 176 -34.19 19.28 72.26
N ALA C 177 -33.06 19.17 72.96
CA ALA C 177 -32.77 17.94 73.68
C ALA C 177 -33.84 17.62 74.73
N SER C 178 -34.34 18.63 75.43
CA SER C 178 -35.44 18.39 76.38
C SER C 178 -36.74 17.97 75.70
N LEU C 179 -37.08 18.56 74.56
CA LEU C 179 -38.29 18.13 73.85
C LEU C 179 -38.18 16.70 73.34
N ARG C 180 -37.01 16.32 72.82
CA ARG C 180 -36.85 14.93 72.41
C ARG C 180 -36.85 13.98 73.60
N ALA C 181 -36.29 14.41 74.73
CA ALA C 181 -36.34 13.59 75.93
C ALA C 181 -37.77 13.33 76.37
N ILE C 182 -38.60 14.37 76.48
CA ILE C 182 -39.98 14.11 76.85
C ILE C 182 -40.73 13.34 75.77
N THR C 183 -40.34 13.49 74.51
CA THR C 183 -41.02 12.73 73.46
C THR C 183 -40.74 11.23 73.59
N GLU C 184 -39.55 10.86 74.09
CA GLU C 184 -39.31 9.46 74.41
C GLU C 184 -40.23 8.96 75.52
N GLU C 185 -40.45 9.76 76.55
CA GLU C 185 -41.35 9.38 77.63
C GLU C 185 -42.79 9.23 77.15
N LEU C 186 -43.22 10.10 76.25
CA LEU C 186 -44.52 9.90 75.59
C LEU C 186 -44.56 8.63 74.76
N LYS C 187 -43.46 8.32 74.06
CA LYS C 187 -43.39 7.09 73.27
C LYS C 187 -43.52 5.85 74.14
N LYS C 188 -42.95 5.87 75.35
CA LYS C 188 -43.19 4.79 76.31
C LYS C 188 -44.63 4.78 76.81
N ASN C 189 -45.19 5.92 77.19
CA ASN C 189 -46.46 5.98 77.91
C ASN C 189 -47.51 6.75 77.12
N PRO C 190 -47.91 6.24 75.96
CA PRO C 190 -48.83 6.98 75.07
C PRO C 190 -50.22 7.09 75.68
N SER C 191 -50.64 8.32 75.95
CA SER C 191 -51.97 8.57 76.49
C SER C 191 -52.41 9.98 76.11
N GLU C 192 -53.74 10.16 76.07
CA GLU C 192 -54.32 11.51 75.99
C GLU C 192 -53.80 12.41 77.09
N ASP C 193 -53.63 11.88 78.30
CA ASP C 193 -53.12 12.68 79.41
C ASP C 193 -51.71 13.18 79.12
N ALA C 194 -50.84 12.29 78.63
CA ALA C 194 -49.49 12.72 78.27
C ALA C 194 -49.46 13.46 76.95
N LEU C 195 -50.39 13.16 76.04
CA LEU C 195 -50.46 13.90 74.78
C LEU C 195 -50.73 15.38 75.02
N VAL C 196 -51.61 15.70 75.97
CA VAL C 196 -51.94 17.09 76.26
C VAL C 196 -50.72 17.85 76.76
N GLU C 197 -49.93 17.24 77.64
CA GLU C 197 -48.74 17.88 78.16
C GLU C 197 -47.54 17.84 77.22
N HIS C 198 -47.56 16.94 76.23
CA HIS C 198 -46.55 16.98 75.18
C HIS C 198 -46.83 18.09 74.15
N ASN C 199 -48.09 18.32 73.82
CA ASN C 199 -48.43 19.44 72.95
C ASN C 199 -47.93 20.77 73.50
N ARG C 200 -48.03 20.97 74.81
CA ARG C 200 -47.48 22.18 75.40
C ARG C 200 -45.97 22.25 75.23
N ALA C 201 -45.28 21.12 75.35
CA ALA C 201 -43.84 21.13 75.19
C ALA C 201 -43.45 21.53 73.78
N ILE C 202 -44.25 21.12 72.81
CA ILE C 202 -44.04 21.57 71.45
C ILE C 202 -44.23 23.07 71.34
N VAL C 203 -45.35 23.59 71.84
CA VAL C 203 -45.60 25.03 71.68
C VAL C 203 -44.54 25.87 72.40
N GLU C 204 -44.05 25.38 73.53
CA GLU C 204 -42.97 26.04 74.26
C GLU C 204 -41.59 25.85 73.64
N HIS C 205 -41.45 24.95 72.68
CA HIS C 205 -40.22 24.89 71.90
C HIS C 205 -40.29 25.80 70.67
N ASN C 206 -41.41 25.78 69.98
CA ASN C 206 -41.67 26.77 68.93
C ASN C 206 -41.48 28.21 69.40
N ALA C 207 -41.86 28.51 70.65
CA ALA C 207 -41.60 29.87 71.16
C ALA C 207 -40.12 30.21 71.19
N ILE C 208 -39.25 29.24 71.50
CA ILE C 208 -37.82 29.50 71.52
C ILE C 208 -37.25 29.59 70.12
N ILE C 209 -37.81 28.84 69.18
CA ILE C 209 -37.39 29.01 67.79
C ILE C 209 -37.68 30.43 67.32
N VAL C 210 -38.90 30.92 67.58
CA VAL C 210 -39.23 32.28 67.12
C VAL C 210 -38.39 33.32 67.85
N GLU C 211 -38.11 33.11 69.14
CA GLU C 211 -37.19 34.00 69.85
C GLU C 211 -35.75 33.87 69.40
N ASN C 212 -35.44 32.93 68.52
CA ASN C 212 -34.14 32.87 67.90
C ASN C 212 -34.12 33.54 66.53
N ASN C 213 -35.14 33.25 65.71
CA ASN C 213 -35.28 33.95 64.44
C ASN C 213 -35.31 35.47 64.61
N ARG C 214 -35.89 35.96 65.71
CA ARG C 214 -35.86 37.39 66.00
C ARG C 214 -34.45 37.95 66.11
N ILE C 215 -33.54 37.18 66.73
CA ILE C 215 -32.18 37.67 66.88
C ILE C 215 -31.38 37.50 65.60
N ILE C 216 -31.66 36.46 64.83
CA ILE C 216 -31.00 36.35 63.53
C ILE C 216 -31.37 37.53 62.64
N ALA C 217 -32.65 37.92 62.63
CA ALA C 217 -33.06 39.11 61.88
C ALA C 217 -32.44 40.39 62.43
N LEU C 218 -32.25 40.47 63.73
CA LEU C 218 -31.57 41.65 64.28
C LEU C 218 -30.14 41.75 63.77
N VAL C 219 -29.36 40.69 63.95
CA VAL C 219 -27.98 40.71 63.46
C VAL C 219 -27.92 41.00 61.96
N LEU C 220 -28.85 40.47 61.17
CA LEU C 220 -28.89 40.83 59.75
C LEU C 220 -29.10 42.32 59.52
N LEU C 221 -29.94 42.95 60.33
CA LEU C 221 -30.14 44.39 60.14
C LEU C 221 -28.90 45.17 60.55
N LEU C 222 -28.34 44.85 61.72
CA LEU C 222 -27.17 45.56 62.20
C LEU C 222 -25.99 45.41 61.25
N ILE C 223 -25.89 44.28 60.56
CA ILE C 223 -24.84 44.13 59.55
C ILE C 223 -25.13 45.01 58.35
N VAL C 224 -26.35 44.95 57.80
CA VAL C 224 -26.61 45.74 56.61
C VAL C 224 -26.49 47.22 56.89
N LEU C 225 -26.81 47.65 58.11
CA LEU C 225 -26.58 49.05 58.52
C LEU C 225 -25.11 49.36 58.74
N ALA C 226 -24.30 48.37 59.08
CA ALA C 226 -22.89 48.65 59.35
C ALA C 226 -22.06 48.75 58.08
N ILE C 227 -22.43 48.05 57.01
CA ILE C 227 -21.69 48.20 55.76
C ILE C 227 -22.12 49.49 55.09
N GLY D 2 -47.89 32.38 8.44
CA GLY D 2 -48.70 32.13 9.66
C GLY D 2 -50.19 32.06 9.38
N SER D 3 -50.96 31.65 10.39
CA SER D 3 -52.41 31.60 10.23
C SER D 3 -53.02 33.00 10.37
N GLU D 4 -54.32 33.06 10.07
CA GLU D 4 -55.04 34.32 10.04
C GLU D 4 -54.94 35.06 11.37
N GLU D 5 -54.92 34.34 12.50
CA GLU D 5 -54.89 35.01 13.79
C GLU D 5 -53.55 35.69 14.07
N GLU D 6 -52.46 35.16 13.52
CA GLU D 6 -51.17 35.81 13.77
C GLU D 6 -51.06 37.11 12.99
N ILE D 7 -51.51 37.10 11.74
CA ILE D 7 -51.53 38.32 10.94
C ILE D 7 -52.49 39.32 11.55
N ALA D 8 -53.66 38.88 12.01
CA ALA D 8 -54.61 39.81 12.62
C ALA D 8 -54.08 40.45 13.89
N LYS D 9 -53.38 39.68 14.74
CA LYS D 9 -52.70 40.29 15.89
C LYS D 9 -51.61 41.27 15.47
N ALA D 10 -50.84 40.93 14.45
CA ALA D 10 -49.79 41.83 14.00
C ALA D 10 -50.33 43.11 13.36
N LEU D 11 -51.47 43.02 12.68
CA LEU D 11 -52.12 44.22 12.17
C LEU D 11 -52.80 45.06 13.26
N GLU D 12 -53.27 44.44 14.34
CA GLU D 12 -53.71 45.24 15.46
C GLU D 12 -52.55 45.98 16.12
N GLU D 13 -51.40 45.30 16.27
CA GLU D 13 -50.19 45.99 16.72
C GLU D 13 -49.79 47.12 15.78
N LEU D 14 -49.97 46.92 14.48
CA LEU D 14 -49.58 47.92 13.50
C LEU D 14 -50.44 49.16 13.60
N VAL D 15 -51.76 48.99 13.62
CA VAL D 15 -52.65 50.14 13.65
C VAL D 15 -52.57 50.86 15.00
N ALA D 16 -52.40 50.13 16.10
CA ALA D 16 -52.13 50.81 17.37
C ALA D 16 -50.80 51.58 17.38
N SER D 17 -49.76 51.05 16.74
CA SER D 17 -48.52 51.82 16.61
C SER D 17 -48.71 53.07 15.76
N LEU D 18 -49.50 52.98 14.70
CA LEU D 18 -49.81 54.19 13.92
C LEU D 18 -50.61 55.19 14.73
N ALA D 19 -51.58 54.73 15.52
CA ALA D 19 -52.36 55.67 16.31
C ALA D 19 -51.52 56.36 17.38
N GLU D 20 -50.47 55.69 17.87
CA GLU D 20 -49.49 56.36 18.73
C GLU D 20 -48.59 57.34 17.97
N LEU D 21 -48.10 56.94 16.79
CA LEU D 21 -47.26 57.80 15.97
C LEU D 21 -47.96 59.05 15.43
N LYS D 22 -49.26 58.99 15.13
CA LYS D 22 -49.94 60.20 14.70
C LYS D 22 -50.09 61.22 15.82
N ARG D 23 -50.42 60.77 17.03
CA ARG D 23 -50.45 61.69 18.16
C ARG D 23 -49.07 62.27 18.45
N ALA D 24 -48.02 61.45 18.43
CA ALA D 24 -46.69 61.99 18.64
C ALA D 24 -46.28 62.98 17.54
N THR D 25 -46.72 62.76 16.30
CA THR D 25 -46.44 63.74 15.25
C THR D 25 -47.14 65.07 15.52
N LEU D 26 -48.43 65.00 15.86
CA LEU D 26 -49.17 66.24 16.13
C LEU D 26 -48.54 66.99 17.28
N LYS D 27 -48.19 66.29 18.36
CA LYS D 27 -47.59 66.96 19.50
C LYS D 27 -46.20 67.51 19.17
N LEU D 28 -45.46 66.84 18.28
CA LEU D 28 -44.16 67.36 17.88
C LEU D 28 -44.28 68.63 17.03
N LEU D 29 -45.30 68.71 16.18
CA LEU D 29 -45.61 69.98 15.55
C LEU D 29 -46.03 71.05 16.56
N ASP D 30 -46.87 70.68 17.53
CA ASP D 30 -47.32 71.66 18.51
C ASP D 30 -46.15 72.23 19.30
N ILE D 31 -45.23 71.38 19.78
CA ILE D 31 -44.05 71.89 20.46
C ILE D 31 -43.05 72.51 19.47
N THR D 32 -43.34 72.39 18.18
CA THR D 32 -42.58 73.13 17.17
C THR D 32 -43.17 74.51 16.89
N ASP D 33 -44.42 74.74 17.25
CA ASP D 33 -45.14 75.96 16.87
C ASP D 33 -44.63 77.25 17.51
N LYS D 34 -44.76 77.39 18.82
CA LYS D 34 -44.38 78.63 19.49
C LYS D 34 -43.62 78.37 20.78
N LEU D 35 -42.58 79.18 21.00
CA LEU D 35 -42.03 79.40 22.34
C LEU D 35 -41.24 80.69 22.32
N LYS D 36 -41.67 81.66 23.14
CA LYS D 36 -40.96 82.94 23.23
C LYS D 36 -39.61 82.78 23.94
N LYS D 37 -39.59 82.08 25.06
CA LYS D 37 -38.43 82.09 25.93
C LYS D 37 -37.27 81.31 25.30
N ASN D 38 -36.04 81.66 25.74
CA ASN D 38 -34.80 81.16 25.17
C ASN D 38 -34.29 79.94 25.93
N PRO D 39 -33.61 79.03 25.24
CA PRO D 39 -33.31 77.72 25.82
C PRO D 39 -32.15 77.74 26.80
N SER D 40 -32.10 76.68 27.61
CA SER D 40 -31.13 76.53 28.68
C SER D 40 -29.90 75.77 28.18
N GLU D 41 -28.98 75.48 29.12
CA GLU D 41 -27.93 74.51 28.86
C GLU D 41 -28.47 73.09 28.82
N SER D 42 -29.41 72.77 29.70
CA SER D 42 -30.10 71.48 29.63
C SER D 42 -30.91 71.34 28.34
N ALA D 43 -31.28 72.44 27.71
CA ALA D 43 -31.88 72.44 26.38
C ALA D 43 -30.84 72.32 25.26
N LEU D 44 -29.55 72.25 25.59
CA LEU D 44 -28.56 71.72 24.67
C LEU D 44 -28.35 70.21 24.84
N VAL D 45 -28.19 69.74 26.07
CA VAL D 45 -28.04 68.32 26.34
C VAL D 45 -29.22 67.50 25.81
N SER D 46 -30.38 68.10 25.61
CA SER D 46 -31.53 67.41 25.02
C SER D 46 -32.04 68.15 23.81
N HIS D 47 -31.11 68.70 23.02
CA HIS D 47 -31.43 69.69 21.99
C HIS D 47 -32.66 69.35 21.16
N ASN D 48 -32.70 68.15 20.57
CA ASN D 48 -33.78 67.76 19.69
C ASN D 48 -34.49 66.48 20.15
N LYS D 49 -34.47 66.20 21.44
CA LYS D 49 -34.81 64.87 21.93
C LYS D 49 -36.16 64.37 21.43
N ALA D 50 -37.13 65.27 21.25
CA ALA D 50 -38.44 64.85 20.76
C ALA D 50 -38.43 64.38 19.31
N ILE D 51 -37.47 64.82 18.51
CA ILE D 51 -37.34 64.31 17.15
C ILE D 51 -36.71 62.93 17.14
N VAL D 52 -35.62 62.74 17.87
CA VAL D 52 -34.99 61.43 17.89
C VAL D 52 -35.91 60.38 18.50
N GLU D 53 -36.66 60.76 19.54
CA GLU D 53 -37.73 59.89 20.05
C GLU D 53 -38.85 59.67 19.04
N HIS D 54 -39.09 60.60 18.13
CA HIS D 54 -40.13 60.35 17.12
C HIS D 54 -39.62 59.37 16.05
N ASN D 55 -38.42 59.64 15.54
CA ASN D 55 -37.78 58.74 14.59
C ASN D 55 -37.68 57.31 15.12
N ALA D 56 -37.38 57.13 16.40
CA ALA D 56 -37.37 55.78 16.97
C ALA D 56 -38.73 55.10 16.87
N ILE D 57 -39.82 55.86 16.99
CA ILE D 57 -41.15 55.26 16.84
C ILE D 57 -41.41 54.89 15.39
N ILE D 58 -40.93 55.72 14.47
CA ILE D 58 -41.13 55.39 13.05
C ILE D 58 -40.37 54.12 12.68
N VAL D 59 -39.12 54.00 13.14
CA VAL D 59 -38.31 52.80 12.93
C VAL D 59 -38.97 51.55 13.52
N GLU D 60 -39.57 51.68 14.70
CA GLU D 60 -40.31 50.55 15.26
C GLU D 60 -41.58 50.23 14.50
N ASN D 61 -42.22 51.21 13.89
CA ASN D 61 -43.39 50.92 13.05
C ASN D 61 -43.00 50.21 11.76
N ASN D 62 -41.94 50.67 11.10
CA ASN D 62 -41.43 50.00 9.91
C ASN D 62 -41.01 48.56 10.18
N ARG D 63 -40.46 48.27 11.36
CA ARG D 63 -40.14 46.88 11.66
C ARG D 63 -41.38 45.99 11.68
N ILE D 64 -42.50 46.51 12.19
CA ILE D 64 -43.72 45.71 12.23
C ILE D 64 -44.30 45.54 10.84
N ILE D 65 -44.29 46.60 10.04
CA ILE D 65 -44.75 46.46 8.66
C ILE D 65 -43.98 45.37 7.93
N ALA D 66 -42.65 45.37 8.07
CA ALA D 66 -41.86 44.33 7.41
C ALA D 66 -42.11 42.92 7.96
N ALA D 67 -42.44 42.81 9.25
CA ALA D 67 -42.79 41.49 9.78
C ALA D 67 -44.16 41.01 9.29
N VAL D 68 -45.11 41.92 9.12
CA VAL D 68 -46.38 41.52 8.53
C VAL D 68 -46.21 41.15 7.07
N LEU D 69 -45.40 41.89 6.32
CA LEU D 69 -45.19 41.51 4.93
C LEU D 69 -44.61 40.12 4.83
N GLU D 70 -43.69 39.77 5.72
CA GLU D 70 -43.13 38.42 5.67
C GLU D 70 -44.18 37.37 6.03
N LEU D 71 -45.00 37.62 7.05
CA LEU D 71 -46.05 36.67 7.41
C LEU D 71 -47.09 36.50 6.30
N ILE D 72 -47.41 37.55 5.57
CA ILE D 72 -48.32 37.46 4.45
C ILE D 72 -47.71 36.65 3.31
N VAL D 73 -46.50 37.04 2.87
CA VAL D 73 -45.94 36.41 1.69
C VAL D 73 -45.63 34.94 1.94
N ARG D 74 -45.18 34.58 3.14
CA ARG D 74 -44.97 33.17 3.43
C ARG D 74 -46.26 32.37 3.49
N ALA D 75 -47.42 33.02 3.51
CA ALA D 75 -48.70 32.33 3.31
C ALA D 75 -49.10 32.23 1.86
N VAL D 76 -49.04 33.34 1.11
CA VAL D 76 -49.57 33.33 -0.25
C VAL D 76 -48.57 32.77 -1.26
N GLY D 77 -47.29 32.69 -0.91
CA GLY D 77 -46.29 32.07 -1.74
C GLY D 77 -45.41 33.03 -2.50
N MET D 78 -44.10 32.85 -2.32
CA MET D 78 -43.08 33.65 -2.98
C MET D 78 -43.00 33.35 -4.48
N THR D 79 -42.49 34.34 -5.21
CA THR D 79 -42.01 34.19 -6.56
C THR D 79 -40.66 34.89 -6.67
N ASP D 80 -39.96 34.65 -7.77
CA ASP D 80 -38.60 35.17 -7.93
C ASP D 80 -38.49 36.64 -7.53
N GLU D 81 -39.36 37.48 -8.09
CA GLU D 81 -39.26 38.91 -7.88
C GLU D 81 -39.62 39.28 -6.44
N ILE D 82 -40.60 38.59 -5.87
CA ILE D 82 -40.93 38.80 -4.47
C ILE D 82 -39.77 38.40 -3.56
N ASP D 83 -39.11 37.28 -3.84
CA ASP D 83 -38.02 36.86 -2.97
C ASP D 83 -36.82 37.80 -3.05
N LEU D 84 -36.49 38.28 -4.26
CA LEU D 84 -35.48 39.33 -4.37
C LEU D 84 -35.87 40.60 -3.64
N ALA D 85 -37.13 41.00 -3.73
CA ALA D 85 -37.55 42.23 -3.09
C ALA D 85 -37.57 42.09 -1.58
N LEU D 86 -37.95 40.93 -1.07
CA LEU D 86 -37.87 40.69 0.37
C LEU D 86 -36.42 40.67 0.88
N LEU D 87 -35.49 40.14 0.10
CA LEU D 87 -34.09 40.22 0.53
C LEU D 87 -33.56 41.65 0.52
N LYS D 88 -33.92 42.45 -0.48
CA LYS D 88 -33.67 43.88 -0.42
C LYS D 88 -34.28 44.54 0.81
N LEU D 89 -35.53 44.20 1.14
CA LEU D 89 -36.18 44.76 2.31
C LEU D 89 -35.47 44.38 3.61
N LYS D 90 -34.96 43.17 3.69
CA LYS D 90 -34.18 42.77 4.86
C LYS D 90 -32.85 43.52 4.94
N ALA D 91 -32.17 43.69 3.82
CA ALA D 91 -30.92 44.46 3.84
C ALA D 91 -31.15 45.92 4.22
N SER D 92 -32.24 46.51 3.76
CA SER D 92 -32.53 47.90 4.15
C SER D 92 -32.95 48.01 5.61
N THR D 93 -33.73 47.06 6.11
CA THR D 93 -34.07 47.09 7.52
C THR D 93 -32.86 46.88 8.41
N ALA D 94 -31.87 46.11 7.95
CA ALA D 94 -30.62 46.02 8.68
C ALA D 94 -29.82 47.30 8.63
N ARG D 95 -29.76 47.96 7.47
CA ARG D 95 -29.08 49.24 7.38
C ARG D 95 -29.69 50.27 8.35
N LEU D 96 -31.01 50.26 8.47
CA LEU D 96 -31.68 51.18 9.38
C LEU D 96 -31.27 50.99 10.84
N LYS D 97 -30.92 49.76 11.24
CA LYS D 97 -30.46 49.55 12.62
C LYS D 97 -29.11 50.21 12.89
N VAL D 98 -28.18 50.12 11.95
CA VAL D 98 -26.90 50.79 12.10
C VAL D 98 -27.07 52.30 12.05
N ALA D 99 -27.95 52.79 11.18
CA ALA D 99 -28.17 54.24 11.14
C ALA D 99 -28.78 54.76 12.43
N THR D 100 -29.66 53.97 13.05
CA THR D 100 -30.22 54.36 14.34
C THR D 100 -29.18 54.31 15.45
N ALA D 101 -28.40 53.24 15.55
CA ALA D 101 -27.37 53.20 16.57
C ALA D 101 -26.32 54.29 16.39
N LEU D 102 -26.09 54.75 15.16
CA LEU D 102 -25.20 55.89 14.99
C LEU D 102 -25.84 57.18 15.46
N LEU D 103 -27.12 57.40 15.15
CA LEU D 103 -27.75 58.61 15.65
C LEU D 103 -27.80 58.62 17.18
N ARG D 104 -28.09 57.48 17.79
CA ARG D 104 -28.08 57.30 19.23
C ARG D 104 -26.69 57.37 19.84
N MET D 105 -25.63 57.29 19.04
CA MET D 105 -24.31 57.63 19.57
C MET D 105 -24.02 59.13 19.49
N ILE D 106 -24.22 59.75 18.32
CA ILE D 106 -23.92 61.17 18.21
C ILE D 106 -24.79 62.03 19.12
N THR D 107 -26.04 61.60 19.36
CA THR D 107 -26.89 62.26 20.35
C THR D 107 -26.32 62.19 21.75
N GLU D 108 -25.71 61.08 22.14
CA GLU D 108 -25.15 61.02 23.49
C GLU D 108 -23.80 61.70 23.58
N GLU D 109 -23.03 61.71 22.49
CA GLU D 109 -21.81 62.52 22.47
C GLU D 109 -22.11 64.01 22.56
N LEU D 110 -23.33 64.41 22.20
CA LEU D 110 -23.79 65.78 22.44
C LEU D 110 -24.04 66.11 23.90
N LYS D 111 -24.17 65.10 24.77
CA LYS D 111 -24.18 65.33 26.22
C LYS D 111 -22.84 65.79 26.78
N LYS D 112 -21.76 65.72 26.02
CA LYS D 112 -20.41 65.85 26.56
C LYS D 112 -19.59 66.90 25.85
N ASN D 113 -19.89 67.25 24.61
CA ASN D 113 -19.32 68.42 23.94
C ASN D 113 -20.42 69.28 23.34
N PRO D 114 -21.46 69.61 24.12
CA PRO D 114 -22.52 70.48 23.61
C PRO D 114 -21.97 71.85 23.24
N SER D 115 -22.17 72.24 21.98
CA SER D 115 -21.78 73.54 21.50
C SER D 115 -22.52 73.81 20.20
N GLU D 116 -22.61 75.09 19.84
CA GLU D 116 -23.36 75.49 18.66
C GLU D 116 -22.89 74.82 17.38
N ASP D 117 -21.66 74.33 17.34
CA ASP D 117 -21.19 73.61 16.16
C ASP D 117 -21.67 72.16 16.17
N ALA D 118 -21.60 71.50 17.31
CA ALA D 118 -22.10 70.13 17.45
C ALA D 118 -23.60 70.04 17.18
N LEU D 119 -24.35 71.09 17.48
CA LEU D 119 -25.78 71.09 17.13
C LEU D 119 -26.02 70.98 15.63
N VAL D 120 -25.16 71.54 14.80
CA VAL D 120 -25.34 71.41 13.36
C VAL D 120 -24.98 70.00 12.90
N GLU D 121 -23.98 69.39 13.54
CA GLU D 121 -23.68 68.00 13.27
C GLU D 121 -24.85 67.10 13.65
N HIS D 122 -25.45 67.35 14.81
CA HIS D 122 -26.57 66.52 15.23
C HIS D 122 -27.76 66.68 14.28
N ASN D 123 -28.05 67.91 13.83
CA ASN D 123 -29.12 68.08 12.85
C ASN D 123 -28.82 67.36 11.54
N ARG D 124 -27.56 67.35 11.11
CA ARG D 124 -27.24 66.61 9.91
C ARG D 124 -27.34 65.10 10.08
N ALA D 125 -27.04 64.60 11.29
CA ALA D 125 -27.26 63.19 11.58
C ALA D 125 -28.75 62.83 11.55
N ILE D 126 -29.60 63.72 12.05
CA ILE D 126 -31.04 63.48 11.98
C ILE D 126 -31.53 63.50 10.54
N VAL D 127 -30.97 64.38 9.71
CA VAL D 127 -31.37 64.38 8.30
C VAL D 127 -30.93 63.10 7.59
N ASN D 128 -29.74 62.58 7.91
CA ASN D 128 -29.32 61.31 7.31
C ASN D 128 -30.14 60.12 7.79
N HIS D 129 -30.60 60.13 9.05
CA HIS D 129 -31.52 59.10 9.50
C HIS D 129 -32.84 59.18 8.73
N ASN D 130 -33.38 60.38 8.57
CA ASN D 130 -34.60 60.54 7.79
C ASN D 130 -34.42 60.04 6.36
N ALA D 131 -33.29 60.38 5.74
CA ALA D 131 -32.99 59.91 4.40
C ALA D 131 -32.86 58.40 4.28
N ILE D 132 -32.59 57.70 5.39
CA ILE D 132 -32.58 56.24 5.29
C ILE D 132 -33.95 55.63 5.57
N ILE D 133 -34.78 56.30 6.37
CA ILE D 133 -36.15 55.82 6.55
C ILE D 133 -36.95 55.97 5.26
N VAL D 134 -36.73 57.04 4.52
CA VAL D 134 -37.40 57.18 3.23
C VAL D 134 -37.06 56.04 2.28
N GLU D 135 -35.81 55.59 2.28
CA GLU D 135 -35.45 54.45 1.44
C GLU D 135 -36.18 53.19 1.89
N ASN D 136 -36.23 52.95 3.20
CA ASN D 136 -36.94 51.77 3.69
C ASN D 136 -38.41 51.79 3.27
N ASN D 137 -39.04 52.96 3.30
CA ASN D 137 -40.42 53.06 2.84
C ASN D 137 -40.55 52.83 1.33
N ARG D 138 -39.58 53.27 0.54
CA ARG D 138 -39.68 53.06 -0.90
C ARG D 138 -39.51 51.60 -1.27
N ILE D 139 -38.77 50.85 -0.45
CA ILE D 139 -38.65 49.42 -0.69
C ILE D 139 -39.91 48.68 -0.24
N ILE D 140 -40.47 49.05 0.91
CA ILE D 140 -41.73 48.42 1.33
C ILE D 140 -42.85 48.68 0.32
N ALA D 141 -42.95 49.92 -0.20
CA ALA D 141 -43.95 50.20 -1.23
C ALA D 141 -43.70 49.41 -2.52
N ALA D 142 -42.45 49.16 -2.89
CA ALA D 142 -42.21 48.30 -4.04
C ALA D 142 -42.65 46.86 -3.79
N VAL D 143 -42.32 46.30 -2.62
CA VAL D 143 -42.79 44.96 -2.28
C VAL D 143 -44.31 44.89 -2.30
N LEU D 144 -44.99 45.90 -1.78
CA LEU D 144 -46.45 45.87 -1.80
C LEU D 144 -47.04 45.92 -3.20
N GLU D 145 -46.53 46.80 -4.07
CA GLU D 145 -47.05 46.78 -5.44
C GLU D 145 -46.79 45.45 -6.14
N LEU D 146 -45.67 44.81 -5.84
CA LEU D 146 -45.43 43.48 -6.39
C LEU D 146 -46.44 42.46 -5.88
N ILE D 147 -46.68 42.43 -4.56
CA ILE D 147 -47.62 41.45 -4.02
C ILE D 147 -49.02 41.69 -4.56
N VAL D 148 -49.43 42.95 -4.73
CA VAL D 148 -50.76 43.21 -5.25
C VAL D 148 -50.90 42.73 -6.69
N ARG D 149 -49.89 42.96 -7.53
CA ARG D 149 -49.96 42.41 -8.89
C ARG D 149 -49.93 40.89 -8.91
N ALA D 150 -49.14 40.27 -8.04
CA ALA D 150 -49.08 38.81 -7.98
C ALA D 150 -50.42 38.17 -7.63
N LEU D 151 -51.20 38.77 -6.74
CA LEU D 151 -52.55 38.27 -6.45
C LEU D 151 -53.59 38.65 -7.50
N ASN D 152 -53.23 39.41 -8.54
CA ASN D 152 -54.20 39.83 -9.55
C ASN D 152 -55.42 40.47 -8.91
N LEU D 153 -55.17 41.30 -7.91
CA LEU D 153 -56.18 41.81 -6.98
C LEU D 153 -56.71 43.11 -7.55
N THR D 154 -57.85 43.05 -8.26
CA THR D 154 -58.30 44.14 -9.10
C THR D 154 -59.37 45.01 -8.45
N ASP D 155 -59.72 44.78 -7.20
CA ASP D 155 -60.72 45.59 -6.53
C ASP D 155 -60.37 47.07 -6.65
N GLU D 156 -61.40 47.90 -6.79
CA GLU D 156 -61.21 49.35 -6.89
C GLU D 156 -60.68 49.97 -5.59
N GLU D 157 -61.05 49.44 -4.44
CA GLU D 157 -60.47 49.92 -3.18
C GLU D 157 -58.96 49.73 -3.13
N VAL D 158 -58.45 48.60 -3.61
CA VAL D 158 -57.01 48.38 -3.65
C VAL D 158 -56.38 49.25 -4.73
N ARG D 159 -56.98 49.29 -5.91
CA ARG D 159 -56.43 50.12 -6.97
C ARG D 159 -56.27 51.57 -6.52
N LYS D 160 -57.32 52.16 -5.96
CA LYS D 160 -57.24 53.52 -5.47
C LYS D 160 -56.26 53.68 -4.31
N ALA D 161 -56.14 52.68 -3.43
CA ALA D 161 -55.15 52.77 -2.36
C ALA D 161 -53.72 52.72 -2.87
N LEU D 162 -53.46 51.97 -3.94
CA LEU D 162 -52.14 52.05 -4.56
C LEU D 162 -51.94 53.37 -5.28
N GLU D 163 -52.95 53.86 -6.00
CA GLU D 163 -52.80 55.16 -6.65
C GLU D 163 -52.49 56.26 -5.64
N GLU D 164 -52.95 56.10 -4.40
CA GLU D 164 -52.53 57.01 -3.33
C GLU D 164 -51.11 56.73 -2.84
N LEU D 165 -50.74 55.45 -2.73
CA LEU D 165 -49.43 55.10 -2.22
C LEU D 165 -48.30 55.59 -3.14
N LYS D 166 -48.47 55.43 -4.45
CA LYS D 166 -47.48 55.91 -5.40
C LYS D 166 -47.28 57.42 -5.32
N ALA D 167 -48.37 58.17 -5.30
CA ALA D 167 -48.26 59.63 -5.18
C ALA D 167 -47.63 60.04 -3.85
N SER D 168 -47.97 59.36 -2.76
CA SER D 168 -47.32 59.68 -1.49
C SER D 168 -45.84 59.34 -1.50
N THR D 169 -45.44 58.29 -2.21
CA THR D 169 -44.02 57.98 -2.33
C THR D 169 -43.26 59.01 -3.14
N ALA D 170 -43.85 59.50 -4.22
CA ALA D 170 -43.19 60.56 -4.98
C ALA D 170 -43.14 61.88 -4.20
N GLU D 171 -44.21 62.20 -3.47
CA GLU D 171 -44.18 63.36 -2.58
C GLU D 171 -43.10 63.25 -1.52
N LEU D 172 -42.86 62.05 -1.03
CA LEU D 172 -41.81 61.88 -0.02
C LEU D 172 -40.41 61.94 -0.61
N LYS D 173 -40.22 61.44 -1.83
CA LYS D 173 -38.94 61.68 -2.51
C LYS D 173 -38.66 63.17 -2.70
N ARG D 174 -39.62 63.91 -3.26
CA ARG D 174 -39.43 65.35 -3.43
C ARG D 174 -39.15 66.05 -2.10
N ALA D 175 -39.86 65.67 -1.04
CA ALA D 175 -39.60 66.30 0.25
C ALA D 175 -38.24 65.95 0.82
N THR D 176 -37.72 64.76 0.52
CA THR D 176 -36.40 64.40 1.02
C THR D 176 -35.31 65.16 0.29
N ALA D 177 -35.43 65.26 -1.04
CA ALA D 177 -34.49 66.08 -1.79
C ALA D 177 -34.51 67.54 -1.34
N SER D 178 -35.69 68.08 -1.06
CA SER D 178 -35.77 69.44 -0.52
C SER D 178 -35.15 69.58 0.88
N LEU D 179 -35.35 68.60 1.76
CA LEU D 179 -34.72 68.66 3.08
C LEU D 179 -33.20 68.59 3.01
N ARG D 180 -32.65 67.73 2.16
CA ARG D 180 -31.20 67.72 2.00
C ARG D 180 -30.68 69.00 1.35
N ALA D 181 -31.44 69.56 0.42
CA ALA D 181 -31.05 70.83 -0.17
C ALA D 181 -30.96 71.94 0.88
N ILE D 182 -32.00 72.10 1.71
CA ILE D 182 -31.88 73.11 2.75
C ILE D 182 -30.81 72.77 3.78
N THR D 183 -30.54 71.48 4.00
CA THR D 183 -29.50 71.13 4.96
C THR D 183 -28.12 71.55 4.46
N GLU D 184 -27.90 71.53 3.15
CA GLU D 184 -26.67 72.10 2.61
C GLU D 184 -26.55 73.60 2.88
N GLU D 185 -27.64 74.33 2.73
CA GLU D 185 -27.64 75.77 3.02
C GLU D 185 -27.39 76.06 4.50
N LEU D 186 -27.93 75.23 5.39
CA LEU D 186 -27.55 75.34 6.80
C LEU D 186 -26.08 75.03 7.04
N LYS D 187 -25.54 74.05 6.32
CA LYS D 187 -24.12 73.73 6.44
C LYS D 187 -23.23 74.89 6.03
N LYS D 188 -23.64 75.64 4.98
CA LYS D 188 -22.95 76.87 4.65
C LYS D 188 -23.12 77.96 5.71
N ASN D 189 -24.34 78.19 6.20
CA ASN D 189 -24.64 79.35 7.03
C ASN D 189 -25.12 78.95 8.42
N PRO D 190 -24.24 78.31 9.21
CA PRO D 190 -24.65 77.78 10.51
C PRO D 190 -24.97 78.90 11.49
N SER D 191 -26.24 78.97 11.92
CA SER D 191 -26.66 79.96 12.90
C SER D 191 -27.86 79.41 13.66
N GLU D 192 -28.05 79.92 14.88
CA GLU D 192 -29.29 79.71 15.60
C GLU D 192 -30.50 80.15 14.79
N ASP D 193 -30.38 81.25 14.06
CA ASP D 193 -31.51 81.70 13.23
C ASP D 193 -31.87 80.67 12.18
N ALA D 194 -30.87 80.12 11.48
CA ALA D 194 -31.17 79.08 10.50
C ALA D 194 -31.44 77.73 11.16
N LEU D 195 -30.85 77.46 12.33
CA LEU D 195 -31.15 76.21 13.03
C LEU D 195 -32.63 76.12 13.39
N VAL D 196 -33.22 77.23 13.83
CA VAL D 196 -34.63 77.23 14.23
C VAL D 196 -35.54 76.92 13.04
N GLU D 197 -35.23 77.48 11.88
CA GLU D 197 -36.02 77.24 10.68
C GLU D 197 -35.69 75.92 9.99
N HIS D 198 -34.55 75.32 10.27
CA HIS D 198 -34.25 73.96 9.81
C HIS D 198 -34.98 72.91 10.64
N ASN D 199 -35.10 73.13 11.95
CA ASN D 199 -35.87 72.21 12.78
C ASN D 199 -37.32 72.06 12.29
N ARG D 200 -37.94 73.15 11.84
CA ARG D 200 -39.28 73.02 11.27
C ARG D 200 -39.27 72.17 10.02
N ALA D 201 -38.23 72.29 9.18
CA ALA D 201 -38.18 71.50 7.97
C ALA D 201 -38.07 70.02 8.29
N ILE D 202 -37.37 69.70 9.37
CA ILE D 202 -37.34 68.31 9.84
C ILE D 202 -38.73 67.86 10.26
N VAL D 203 -39.39 68.62 11.12
CA VAL D 203 -40.70 68.17 11.61
C VAL D 203 -41.72 68.04 10.48
N GLU D 204 -41.63 68.91 9.48
CA GLU D 204 -42.48 68.82 8.30
C GLU D 204 -42.08 67.73 7.32
N HIS D 205 -40.90 67.13 7.48
CA HIS D 205 -40.59 65.95 6.71
C HIS D 205 -41.04 64.66 7.43
N ASN D 206 -40.80 64.60 8.73
CA ASN D 206 -41.39 63.55 9.56
C ASN D 206 -42.91 63.45 9.37
N ALA D 207 -43.61 64.58 9.21
CA ALA D 207 -45.04 64.51 8.94
C ALA D 207 -45.35 63.76 7.65
N ILE D 208 -44.53 63.91 6.62
CA ILE D 208 -44.77 63.18 5.37
C ILE D 208 -44.41 61.72 5.49
N ILE D 209 -43.40 61.39 6.29
CA ILE D 209 -43.12 59.98 6.55
C ILE D 209 -44.33 59.32 7.20
N VAL D 210 -44.88 59.95 8.23
CA VAL D 210 -46.03 59.34 8.90
C VAL D 210 -47.25 59.28 7.98
N GLU D 211 -47.45 60.31 7.14
CA GLU D 211 -48.50 60.25 6.13
C GLU D 211 -48.23 59.24 5.03
N ASN D 212 -47.06 58.62 5.02
CA ASN D 212 -46.81 57.51 4.11
C ASN D 212 -47.02 56.15 4.78
N ASN D 213 -46.51 56.00 6.00
CA ASN D 213 -46.79 54.79 6.76
C ASN D 213 -48.29 54.54 6.93
N ARG D 214 -49.09 55.59 7.04
CA ARG D 214 -50.55 55.43 7.08
C ARG D 214 -51.10 54.73 5.84
N ILE D 215 -50.57 55.06 4.67
CA ILE D 215 -51.07 54.43 3.45
C ILE D 215 -50.51 53.04 3.27
N ILE D 216 -49.29 52.80 3.70
CA ILE D 216 -48.76 51.44 3.64
C ILE D 216 -49.60 50.51 4.52
N ALA D 217 -49.96 50.97 5.73
CA ALA D 217 -50.84 50.16 6.58
C ALA D 217 -52.23 49.99 5.99
N LEU D 218 -52.74 50.98 5.27
CA LEU D 218 -54.03 50.81 4.63
C LEU D 218 -53.96 49.69 3.58
N VAL D 219 -53.02 49.80 2.64
CA VAL D 219 -52.88 48.77 1.63
C VAL D 219 -52.66 47.38 2.23
N LEU D 220 -51.90 47.29 3.34
CA LEU D 220 -51.76 46.00 4.01
C LEU D 220 -53.09 45.46 4.52
N LEU D 221 -53.96 46.33 5.03
CA LEU D 221 -55.25 45.82 5.50
C LEU D 221 -56.12 45.39 4.33
N LEU D 222 -56.20 46.22 3.30
CA LEU D 222 -57.05 45.88 2.16
C LEU D 222 -56.57 44.61 1.47
N ILE D 223 -55.28 44.33 1.50
CA ILE D 223 -54.78 43.05 0.99
C ILE D 223 -55.22 41.91 1.88
N VAL D 224 -54.99 42.02 3.19
CA VAL D 224 -55.33 40.88 4.05
C VAL D 224 -56.83 40.60 4.01
N LEU D 225 -57.66 41.63 3.83
CA LEU D 225 -59.08 41.41 3.64
C LEU D 225 -59.43 40.84 2.27
N ALA D 226 -58.60 41.09 1.26
CA ALA D 226 -58.93 40.59 -0.07
C ALA D 226 -58.55 39.13 -0.25
N ILE D 227 -57.51 38.65 0.43
CA ILE D 227 -57.16 37.24 0.35
C ILE D 227 -58.11 36.44 1.21
N GLY E 2 -27.21 13.60 41.88
CA GLY E 2 -27.37 15.07 42.04
C GLY E 2 -27.25 15.54 43.48
N SER E 3 -27.21 16.85 43.68
CA SER E 3 -27.13 17.38 45.02
C SER E 3 -28.51 17.38 45.68
N GLU E 4 -28.50 17.70 46.97
CA GLU E 4 -29.71 17.65 47.78
C GLU E 4 -30.83 18.51 47.21
N GLU E 5 -30.51 19.65 46.61
CA GLU E 5 -31.57 20.52 46.10
C GLU E 5 -32.28 19.95 44.87
N GLU E 6 -31.59 19.15 44.07
CA GLU E 6 -32.26 18.57 42.91
C GLU E 6 -33.24 17.50 43.33
N ILE E 7 -32.84 16.65 44.26
CA ILE E 7 -33.74 15.64 44.79
C ILE E 7 -34.91 16.29 45.52
N ALA E 8 -34.65 17.34 46.29
CA ALA E 8 -35.72 18.02 47.00
C ALA E 8 -36.73 18.67 46.05
N LYS E 9 -36.26 19.28 44.96
CA LYS E 9 -37.18 19.76 43.93
C LYS E 9 -37.98 18.62 43.29
N ALA E 10 -37.34 17.49 43.01
CA ALA E 10 -38.06 16.38 42.41
C ALA E 10 -39.06 15.74 43.36
N LEU E 11 -38.77 15.72 44.66
CA LEU E 11 -39.75 15.26 45.63
C LEU E 11 -40.88 16.26 45.88
N GLU E 12 -40.63 17.55 45.71
CA GLU E 12 -41.75 18.49 45.72
C GLU E 12 -42.66 18.29 44.51
N GLU E 13 -42.07 18.07 43.34
CA GLU E 13 -42.85 17.70 42.17
C GLU E 13 -43.63 16.41 42.40
N LEU E 14 -43.03 15.46 43.11
CA LEU E 14 -43.68 14.18 43.36
C LEU E 14 -44.89 14.32 44.27
N VAL E 15 -44.72 15.01 45.40
CA VAL E 15 -45.82 15.14 46.34
C VAL E 15 -46.93 16.04 45.79
N ALA E 16 -46.59 17.08 45.04
CA ALA E 16 -47.63 17.84 44.35
C ALA E 16 -48.37 17.03 43.28
N SER E 17 -47.66 16.16 42.55
CA SER E 17 -48.33 15.25 41.63
C SER E 17 -49.25 14.28 42.34
N LEU E 18 -48.84 13.78 43.50
CA LEU E 18 -49.74 12.93 44.28
C LEU E 18 -50.96 13.70 44.78
N ALA E 19 -50.78 14.94 45.23
CA ALA E 19 -51.93 15.69 45.71
C ALA E 19 -52.91 16.02 44.59
N GLU E 20 -52.43 16.14 43.35
CA GLU E 20 -53.35 16.24 42.22
C GLU E 20 -54.02 14.91 41.86
N LEU E 21 -53.26 13.81 41.87
CA LEU E 21 -53.81 12.50 41.57
C LEU E 21 -54.80 11.96 42.60
N LYS E 22 -54.65 12.31 43.88
CA LYS E 22 -55.65 11.89 44.86
C LYS E 22 -56.98 12.62 44.68
N ARG E 23 -56.95 13.91 44.39
CA ARG E 23 -58.18 14.63 44.08
C ARG E 23 -58.84 14.08 42.82
N ALA E 24 -58.06 13.84 41.77
CA ALA E 24 -58.65 13.27 40.56
C ALA E 24 -59.22 11.87 40.80
N THR E 25 -58.62 11.07 41.69
CA THR E 25 -59.19 9.77 42.02
C THR E 25 -60.53 9.93 42.73
N LEU E 26 -60.58 10.82 43.71
CA LEU E 26 -61.83 11.02 44.44
C LEU E 26 -62.93 11.48 43.49
N LYS E 27 -62.62 12.44 42.62
CA LYS E 27 -63.63 12.92 41.68
C LYS E 27 -64.04 11.86 40.67
N LEU E 28 -63.12 10.97 40.28
CA LEU E 28 -63.49 9.89 39.37
C LEU E 28 -64.39 8.85 40.02
N LEU E 29 -64.19 8.57 41.30
CA LEU E 29 -65.18 7.79 42.04
C LEU E 29 -66.51 8.52 42.15
N ASP E 30 -66.49 9.82 42.44
CA ASP E 30 -67.74 10.57 42.56
C ASP E 30 -68.55 10.56 41.26
N ILE E 31 -67.91 10.80 40.12
CA ILE E 31 -68.62 10.69 38.84
C ILE E 31 -68.87 9.23 38.46
N THR E 32 -68.34 8.30 39.23
CA THR E 32 -68.72 6.90 39.08
C THR E 32 -69.92 6.51 39.93
N ASP E 33 -70.25 7.30 40.95
CA ASP E 33 -71.26 6.94 41.93
C ASP E 33 -72.69 6.88 41.38
N LYS E 34 -73.24 8.02 40.98
CA LYS E 34 -74.63 8.05 40.54
C LYS E 34 -74.80 8.90 39.28
N LEU E 35 -75.63 8.40 38.37
CA LEU E 35 -76.27 9.24 37.35
C LEU E 35 -77.49 8.50 36.83
N LYS E 36 -78.66 9.11 36.99
CA LYS E 36 -79.90 8.50 36.50
C LYS E 36 -79.97 8.54 34.98
N LYS E 37 -79.66 9.69 34.39
CA LYS E 37 -79.95 9.91 32.97
C LYS E 37 -79.00 9.08 32.10
N ASN E 38 -79.47 8.80 30.87
CA ASN E 38 -78.81 7.91 29.92
C ASN E 38 -77.90 8.68 28.96
N PRO E 39 -76.81 8.05 28.52
CA PRO E 39 -75.76 8.78 27.83
C PRO E 39 -76.10 9.08 26.37
N SER E 40 -75.35 10.04 25.82
CA SER E 40 -75.55 10.55 24.47
C SER E 40 -74.67 9.80 23.48
N GLU E 41 -74.70 10.24 22.22
CA GLU E 41 -73.71 9.81 21.24
C GLU E 41 -72.34 10.41 21.53
N SER E 42 -72.31 11.69 21.94
CA SER E 42 -71.06 12.28 22.38
C SER E 42 -70.50 11.60 23.63
N ALA E 43 -71.36 10.93 24.39
CA ALA E 43 -70.95 10.06 25.49
C ALA E 43 -70.50 8.69 25.03
N LEU E 44 -70.55 8.40 23.73
CA LEU E 44 -69.77 7.33 23.15
C LEU E 44 -68.40 7.80 22.68
N VAL E 45 -68.34 8.91 21.95
CA VAL E 45 -67.10 9.48 21.50
C VAL E 45 -66.14 9.79 22.66
N SER E 46 -66.67 9.97 23.87
CA SER E 46 -65.82 10.18 25.04
C SER E 46 -66.11 9.17 26.13
N HIS E 47 -66.38 7.93 25.72
CA HIS E 47 -66.96 6.91 26.60
C HIS E 47 -66.37 6.86 28.00
N ASN E 48 -65.05 6.73 28.12
CA ASN E 48 -64.39 6.59 29.40
C ASN E 48 -63.33 7.65 29.65
N LYS E 49 -63.49 8.83 29.06
CA LYS E 49 -62.39 9.77 28.97
C LYS E 49 -61.76 10.10 30.32
N ALA E 50 -62.55 10.13 31.39
CA ALA E 50 -61.99 10.41 32.70
C ALA E 50 -61.07 9.31 33.22
N ILE E 51 -61.24 8.07 32.77
CA ILE E 51 -60.30 7.03 33.16
C ILE E 51 -59.01 7.13 32.38
N VAL E 52 -59.08 7.31 31.06
CA VAL E 52 -57.85 7.42 30.28
C VAL E 52 -57.05 8.65 30.69
N GLU E 53 -57.72 9.77 30.96
CA GLU E 53 -57.05 10.92 31.56
C GLU E 53 -56.51 10.66 32.97
N HIS E 54 -57.11 9.74 33.73
CA HIS E 54 -56.55 9.43 35.04
C HIS E 54 -55.29 8.56 34.90
N ASN E 55 -55.39 7.50 34.10
CA ASN E 55 -54.24 6.66 33.80
C ASN E 55 -53.05 7.46 33.29
N ALA E 56 -53.29 8.46 32.44
CA ALA E 56 -52.19 9.32 32.00
C ALA E 56 -51.52 10.05 33.15
N ILE E 57 -52.28 10.43 34.18
CA ILE E 57 -51.66 11.08 35.34
C ILE E 57 -50.86 10.08 36.15
N ILE E 58 -51.33 8.84 36.23
CA ILE E 58 -50.56 7.84 36.96
C ILE E 58 -49.24 7.56 36.26
N VAL E 59 -49.28 7.42 34.93
CA VAL E 59 -48.06 7.22 34.14
C VAL E 59 -47.07 8.38 34.30
N GLU E 60 -47.58 9.62 34.36
CA GLU E 60 -46.70 10.74 34.63
C GLU E 60 -46.14 10.77 36.05
N ASN E 61 -46.89 10.27 37.01
CA ASN E 61 -46.36 10.17 38.37
C ASN E 61 -45.26 9.11 38.49
N ASN E 62 -45.49 7.94 37.89
CA ASN E 62 -44.46 6.90 37.85
C ASN E 62 -43.19 7.35 37.16
N ARG E 63 -43.28 8.18 36.13
CA ARG E 63 -42.06 8.69 35.51
C ARG E 63 -41.23 9.52 36.49
N ILE E 64 -41.89 10.31 37.34
CA ILE E 64 -41.14 11.13 38.29
C ILE E 64 -40.56 10.27 39.39
N ILE E 65 -41.32 9.29 39.87
CA ILE E 65 -40.76 8.37 40.87
C ILE E 65 -39.49 7.71 40.34
N ALA E 66 -39.52 7.23 39.10
CA ALA E 66 -38.32 6.61 38.54
C ALA E 66 -37.16 7.58 38.32
N ALA E 67 -37.45 8.85 38.06
CA ALA E 67 -36.37 9.84 37.96
C ALA E 67 -35.77 10.17 39.32
N VAL E 68 -36.58 10.20 40.37
CA VAL E 68 -36.01 10.39 41.70
C VAL E 68 -35.19 9.18 42.11
N LEU E 69 -35.66 7.97 41.82
CA LEU E 69 -34.88 6.80 42.17
C LEU E 69 -33.52 6.82 41.48
N GLU E 70 -33.49 7.27 40.23
CA GLU E 70 -32.20 7.35 39.55
C GLU E 70 -31.30 8.42 40.15
N LEU E 71 -31.86 9.59 40.49
CA LEU E 71 -31.05 10.64 41.12
C LEU E 71 -30.52 10.23 42.49
N ILE E 72 -31.28 9.46 43.26
CA ILE E 72 -30.80 8.95 44.53
C ILE E 72 -29.69 7.92 44.34
N VAL E 73 -29.93 6.90 43.52
CA VAL E 73 -28.96 5.82 43.42
C VAL E 73 -27.66 6.30 42.80
N ARG E 74 -27.73 7.20 41.81
CA ARG E 74 -26.51 7.76 41.25
C ARG E 74 -25.75 8.66 42.23
N ALA E 75 -26.36 9.03 43.36
CA ALA E 75 -25.63 9.68 44.45
C ALA E 75 -25.03 8.69 45.43
N VAL E 76 -25.81 7.72 45.91
CA VAL E 76 -25.32 6.85 46.97
C VAL E 76 -24.47 5.71 46.43
N GLY E 77 -24.54 5.43 45.13
CA GLY E 77 -23.67 4.45 44.49
C GLY E 77 -24.33 3.12 44.21
N MET E 78 -24.25 2.73 42.95
CA MET E 78 -24.79 1.47 42.45
C MET E 78 -24.00 0.27 42.97
N THR E 79 -24.69 -0.87 42.99
CA THR E 79 -24.09 -2.18 43.13
C THR E 79 -24.74 -3.09 42.07
N ASP E 80 -24.14 -4.26 41.88
CA ASP E 80 -24.59 -5.16 40.81
C ASP E 80 -26.11 -5.30 40.77
N GLU E 81 -26.72 -5.62 41.91
CA GLU E 81 -28.15 -5.89 41.93
C GLU E 81 -28.96 -4.62 41.71
N ILE E 82 -28.51 -3.50 42.25
CA ILE E 82 -29.17 -2.23 41.98
C ILE E 82 -29.07 -1.85 40.51
N ASP E 83 -27.91 -2.05 39.89
CA ASP E 83 -27.79 -1.67 38.49
C ASP E 83 -28.64 -2.56 37.58
N LEU E 84 -28.71 -3.87 37.86
CA LEU E 84 -29.65 -4.72 37.14
C LEU E 84 -31.10 -4.30 37.35
N ALA E 85 -31.47 -3.94 38.58
CA ALA E 85 -32.85 -3.56 38.84
C ALA E 85 -33.21 -2.24 38.20
N LEU E 86 -32.28 -1.30 38.18
CA LEU E 86 -32.51 -0.05 37.46
C LEU E 86 -32.65 -0.25 35.96
N LEU E 87 -31.87 -1.17 35.37
CA LEU E 87 -32.07 -1.44 33.95
C LEU E 87 -33.40 -2.12 33.66
N LYS E 88 -33.84 -3.03 34.51
CA LYS E 88 -35.21 -3.52 34.44
C LYS E 88 -36.25 -2.40 34.55
N LEU E 89 -36.05 -1.47 35.48
CA LEU E 89 -36.97 -0.34 35.62
C LEU E 89 -37.01 0.54 34.39
N LYS E 90 -35.88 0.75 33.74
CA LYS E 90 -35.89 1.50 32.48
C LYS E 90 -36.61 0.76 31.36
N ALA E 91 -36.40 -0.55 31.24
CA ALA E 91 -37.12 -1.31 30.24
C ALA E 91 -38.63 -1.32 30.48
N SER E 92 -39.05 -1.40 31.74
CA SER E 92 -40.49 -1.35 32.02
C SER E 92 -41.09 0.04 31.80
N THR E 93 -40.35 1.10 32.16
CA THR E 93 -40.85 2.43 31.88
C THR E 93 -40.94 2.70 30.38
N ALA E 94 -40.05 2.10 29.58
CA ALA E 94 -40.21 2.19 28.14
C ALA E 94 -41.41 1.39 27.64
N ARG E 95 -41.64 0.20 28.17
CA ARG E 95 -42.84 -0.55 27.79
C ARG E 95 -44.12 0.23 28.07
N LEU E 96 -44.15 0.94 29.20
CA LEU E 96 -45.33 1.72 29.56
C LEU E 96 -45.64 2.81 28.54
N LYS E 97 -44.61 3.36 27.87
CA LYS E 97 -44.87 4.36 26.84
C LYS E 97 -45.57 3.79 25.62
N VAL E 98 -45.15 2.59 25.18
CA VAL E 98 -45.84 1.95 24.07
C VAL E 98 -47.26 1.54 24.46
N ALA E 99 -47.45 1.08 25.70
CA ALA E 99 -48.80 0.73 26.13
C ALA E 99 -49.71 1.95 26.18
N THR E 100 -49.15 3.10 26.58
CA THR E 100 -49.93 4.34 26.58
C THR E 100 -50.26 4.81 25.16
N ALA E 101 -49.27 4.83 24.27
CA ALA E 101 -49.57 5.24 22.90
C ALA E 101 -50.55 4.30 22.21
N LEU E 102 -50.58 3.03 22.61
CA LEU E 102 -51.62 2.15 22.07
C LEU E 102 -52.99 2.48 22.63
N LEU E 103 -53.09 2.74 23.93
CA LEU E 103 -54.40 3.10 24.45
C LEU E 103 -54.91 4.40 23.83
N ARG E 104 -54.02 5.38 23.68
CA ARG E 104 -54.34 6.64 23.01
C ARG E 104 -54.60 6.50 21.52
N MET E 105 -54.25 5.38 20.90
CA MET E 105 -54.74 5.13 19.56
C MET E 105 -56.12 4.49 19.54
N ILE E 106 -56.33 3.42 20.31
CA ILE E 106 -57.64 2.77 20.31
C ILE E 106 -58.74 3.70 20.82
N THR E 107 -58.40 4.60 21.74
CA THR E 107 -59.32 5.64 22.18
C THR E 107 -59.72 6.58 21.05
N GLU E 108 -58.79 6.94 20.16
CA GLU E 108 -59.17 7.83 19.08
C GLU E 108 -59.86 7.10 17.95
N GLU E 109 -59.53 5.82 17.73
CA GLU E 109 -60.30 5.01 16.80
C GLU E 109 -61.73 4.82 17.26
N LEU E 110 -62.00 4.97 18.55
CA LEU E 110 -63.37 4.99 19.05
C LEU E 110 -64.15 6.24 18.66
N LYS E 111 -63.49 7.32 18.25
CA LYS E 111 -64.17 8.46 17.64
C LYS E 111 -64.76 8.16 16.27
N LYS E 112 -64.43 7.03 15.66
CA LYS E 112 -64.70 6.80 14.25
C LYS E 112 -65.47 5.51 13.98
N ASN E 113 -65.41 4.52 14.86
CA ASN E 113 -66.29 3.36 14.80
C ASN E 113 -66.96 3.12 16.16
N PRO E 114 -67.54 4.16 16.77
CA PRO E 114 -68.24 3.98 18.04
C PRO E 114 -69.41 3.01 17.90
N SER E 115 -69.37 1.94 18.68
CA SER E 115 -70.46 0.97 18.73
C SER E 115 -70.32 0.16 20.00
N GLU E 116 -71.42 -0.48 20.40
CA GLU E 116 -71.46 -1.23 21.64
C GLU E 116 -70.40 -2.31 21.71
N ASP E 117 -69.90 -2.78 20.57
CA ASP E 117 -68.82 -3.75 20.57
C ASP E 117 -67.46 -3.11 20.80
N ALA E 118 -67.21 -1.97 20.15
CA ALA E 118 -65.98 -1.23 20.36
C ALA E 118 -65.80 -0.75 21.80
N LEU E 119 -66.90 -0.46 22.50
CA LEU E 119 -66.79 -0.11 23.91
C LEU E 119 -66.18 -1.23 24.75
N VAL E 120 -66.44 -2.49 24.42
CA VAL E 120 -65.83 -3.57 25.18
C VAL E 120 -64.35 -3.71 24.84
N GLU E 121 -64.00 -3.45 23.58
CA GLU E 121 -62.59 -3.41 23.22
C GLU E 121 -61.86 -2.30 23.99
N HIS E 122 -62.47 -1.12 24.06
CA HIS E 122 -61.82 -0.03 24.76
C HIS E 122 -61.66 -0.34 26.25
N ASN E 123 -62.68 -0.95 26.87
CA ASN E 123 -62.52 -1.35 28.27
C ASN E 123 -61.42 -2.40 28.45
N ARG E 124 -61.27 -3.31 27.50
CA ARG E 124 -60.19 -4.28 27.62
C ARG E 124 -58.81 -3.63 27.42
N ALA E 125 -58.73 -2.62 26.57
CA ALA E 125 -57.48 -1.87 26.44
C ALA E 125 -57.14 -1.12 27.72
N ILE E 126 -58.14 -0.56 28.40
CA ILE E 126 -57.89 0.10 29.68
C ILE E 126 -57.45 -0.90 30.75
N VAL E 127 -58.02 -2.10 30.74
CA VAL E 127 -57.60 -3.10 31.70
C VAL E 127 -56.16 -3.56 31.43
N ASN E 128 -55.78 -3.69 30.16
CA ASN E 128 -54.39 -4.04 29.85
C ASN E 128 -53.39 -2.93 30.19
N HIS E 129 -53.80 -1.68 30.04
CA HIS E 129 -52.95 -0.59 30.51
C HIS E 129 -52.77 -0.65 32.02
N ASN E 130 -53.86 -0.85 32.76
CA ASN E 130 -53.74 -0.99 34.21
C ASN E 130 -52.83 -2.16 34.58
N ALA E 131 -52.98 -3.29 33.91
CA ALA E 131 -52.11 -4.43 34.16
C ALA E 131 -50.65 -4.16 33.85
N ILE E 132 -50.33 -3.17 33.03
CA ILE E 132 -48.92 -2.84 32.82
C ILE E 132 -48.42 -1.79 33.82
N ILE E 133 -49.30 -0.94 34.31
CA ILE E 133 -48.90 -0.02 35.37
C ILE E 133 -48.62 -0.77 36.66
N VAL E 134 -49.40 -1.82 36.94
CA VAL E 134 -49.12 -2.64 38.13
C VAL E 134 -47.73 -3.27 38.06
N GLU E 135 -47.30 -3.70 36.87
CA GLU E 135 -45.96 -4.25 36.74
C GLU E 135 -44.90 -3.19 37.00
N ASN E 136 -45.10 -1.99 36.46
CA ASN E 136 -44.13 -0.92 36.72
C ASN E 136 -44.02 -0.61 38.20
N ASN E 137 -45.15 -0.64 38.93
CA ASN E 137 -45.09 -0.43 40.38
C ASN E 137 -44.39 -1.58 41.11
N ARG E 138 -44.54 -2.81 40.63
CA ARG E 138 -43.88 -3.93 41.31
C ARG E 138 -42.37 -3.89 41.10
N ILE E 139 -41.93 -3.31 39.99
CA ILE E 139 -40.49 -3.14 39.80
C ILE E 139 -39.95 -1.99 40.63
N ILE E 140 -40.67 -0.88 40.70
CA ILE E 140 -40.22 0.22 41.56
C ILE E 140 -40.16 -0.21 43.03
N ALA E 141 -41.15 -0.96 43.51
CA ALA E 141 -41.09 -1.46 44.87
C ALA E 141 -39.94 -2.43 45.11
N ALA E 142 -39.58 -3.23 44.10
CA ALA E 142 -38.38 -4.06 44.26
C ALA E 142 -37.09 -3.24 44.35
N VAL E 143 -36.95 -2.24 43.48
CA VAL E 143 -35.79 -1.36 43.57
C VAL E 143 -35.70 -0.68 44.93
N LEU E 144 -36.83 -0.22 45.46
CA LEU E 144 -36.80 0.41 46.78
C LEU E 144 -36.40 -0.54 47.90
N GLU E 145 -36.95 -1.75 47.92
CA GLU E 145 -36.51 -2.67 48.97
C GLU E 145 -35.03 -3.00 48.86
N LEU E 146 -34.49 -3.05 47.64
CA LEU E 146 -33.04 -3.24 47.50
C LEU E 146 -32.27 -2.06 48.05
N ILE E 147 -32.67 -0.84 47.70
CA ILE E 147 -31.93 0.33 48.17
C ILE E 147 -31.98 0.43 49.68
N VAL E 148 -33.12 0.10 50.28
CA VAL E 148 -33.21 0.19 51.74
C VAL E 148 -32.28 -0.82 52.41
N ARG E 149 -32.22 -2.05 51.89
CA ARG E 149 -31.26 -3.00 52.45
C ARG E 149 -29.81 -2.59 52.22
N ALA E 150 -29.51 -2.04 51.05
CA ALA E 150 -28.14 -1.58 50.77
C ALA E 150 -27.67 -0.48 51.73
N LEU E 151 -28.53 0.45 52.11
CA LEU E 151 -28.19 1.45 53.11
C LEU E 151 -28.21 0.95 54.55
N ASN E 152 -28.59 -0.30 54.80
CA ASN E 152 -28.67 -0.82 56.17
C ASN E 152 -29.50 0.10 57.06
N LEU E 153 -30.61 0.56 56.52
CA LEU E 153 -31.38 1.65 57.10
C LEU E 153 -32.42 1.02 58.02
N THR E 154 -32.13 0.95 59.31
CA THR E 154 -32.87 0.12 60.25
C THR E 154 -33.91 0.87 61.07
N ASP E 155 -34.11 2.16 60.81
CA ASP E 155 -35.10 2.93 61.56
C ASP E 155 -36.45 2.24 61.51
N GLU E 156 -37.18 2.32 62.62
CA GLU E 156 -38.51 1.72 62.70
C GLU E 156 -39.52 2.38 61.76
N GLU E 157 -39.41 3.68 61.52
CA GLU E 157 -40.26 4.34 60.54
C GLU E 157 -40.08 3.77 59.14
N VAL E 158 -38.84 3.48 58.75
CA VAL E 158 -38.62 2.87 57.44
C VAL E 158 -39.09 1.43 57.43
N ARG E 159 -38.76 0.68 58.48
CA ARG E 159 -39.19 -0.71 58.55
C ARG E 159 -40.71 -0.81 58.40
N LYS E 160 -41.45 -0.04 59.19
CA LYS E 160 -42.91 -0.05 59.10
C LYS E 160 -43.42 0.44 57.75
N ALA E 161 -42.75 1.41 57.13
CA ALA E 161 -43.18 1.85 55.80
C ALA E 161 -42.97 0.79 54.73
N LEU E 162 -41.91 0.00 54.84
CA LEU E 162 -41.77 -1.15 53.95
C LEU E 162 -42.79 -2.23 54.26
N GLU E 163 -43.02 -2.54 55.54
CA GLU E 163 -44.03 -3.53 55.88
C GLU E 163 -45.40 -3.14 55.32
N GLU E 164 -45.66 -1.84 55.19
CA GLU E 164 -46.88 -1.40 54.50
C GLU E 164 -46.76 -1.53 52.98
N LEU E 165 -45.59 -1.23 52.41
CA LEU E 165 -45.43 -1.27 50.96
C LEU E 165 -45.58 -2.69 50.42
N LYS E 166 -45.00 -3.68 51.10
CA LYS E 166 -45.13 -5.06 50.66
C LYS E 166 -46.59 -5.53 50.67
N ALA E 167 -47.31 -5.26 51.74
CA ALA E 167 -48.72 -5.62 51.80
C ALA E 167 -49.55 -4.89 50.75
N SER E 168 -49.27 -3.62 50.50
CA SER E 168 -49.99 -2.92 49.43
C SER E 168 -49.67 -3.47 48.05
N THR E 169 -48.45 -3.95 47.84
CA THR E 169 -48.12 -4.59 46.56
C THR E 169 -48.85 -5.90 46.38
N ALA E 170 -48.96 -6.70 47.44
CA ALA E 170 -49.73 -7.94 47.31
C ALA E 170 -51.22 -7.66 47.13
N GLU E 171 -51.75 -6.66 47.82
CA GLU E 171 -53.14 -6.24 47.59
C GLU E 171 -53.36 -5.80 46.16
N LEU E 172 -52.38 -5.15 45.54
CA LEU E 172 -52.54 -4.72 44.16
C LEU E 172 -52.42 -5.88 43.18
N LYS E 173 -51.57 -6.87 43.46
CA LYS E 173 -51.58 -8.09 42.66
C LYS E 173 -52.94 -8.79 42.70
N ARG E 174 -53.46 -9.04 43.90
CA ARG E 174 -54.78 -9.67 44.01
C ARG E 174 -55.86 -8.86 43.30
N ALA E 175 -55.83 -7.53 43.41
CA ALA E 175 -56.83 -6.72 42.72
C ALA E 175 -56.68 -6.77 41.22
N THR E 176 -55.45 -6.92 40.71
CA THR E 176 -55.27 -6.98 39.27
C THR E 176 -55.78 -8.30 38.71
N ALA E 177 -55.45 -9.41 39.39
CA ALA E 177 -55.98 -10.69 38.98
C ALA E 177 -57.50 -10.73 39.03
N SER E 178 -58.12 -10.13 40.04
CA SER E 178 -59.58 -10.05 40.08
C SER E 178 -60.17 -9.19 38.97
N LEU E 179 -59.53 -8.06 38.65
CA LEU E 179 -60.02 -7.24 37.54
C LEU E 179 -59.93 -7.95 36.19
N ARG E 180 -58.84 -8.67 35.94
CA ARG E 180 -58.76 -9.43 34.70
C ARG E 180 -59.77 -10.59 34.69
N ALA E 181 -60.00 -11.20 35.85
CA ALA E 181 -61.00 -12.26 35.92
C ALA E 181 -62.39 -11.73 35.55
N ILE E 182 -62.82 -10.64 36.15
CA ILE E 182 -64.13 -10.10 35.75
C ILE E 182 -64.13 -9.60 34.30
N THR E 183 -62.98 -9.13 33.79
CA THR E 183 -62.96 -8.68 32.40
C THR E 183 -63.17 -9.83 31.42
N GLU E 184 -62.72 -11.04 31.78
CA GLU E 184 -63.07 -12.20 30.96
C GLU E 184 -64.56 -12.47 30.94
N GLU E 185 -65.22 -12.34 32.09
CA GLU E 185 -66.67 -12.53 32.16
C GLU E 185 -67.43 -11.48 31.35
N LEU E 186 -66.94 -10.23 31.35
CA LEU E 186 -67.51 -9.24 30.44
C LEU E 186 -67.27 -9.58 28.97
N LYS E 187 -66.10 -10.14 28.65
CA LYS E 187 -65.81 -10.54 27.28
C LYS E 187 -66.76 -11.64 26.81
N LYS E 188 -67.13 -12.56 27.70
CA LYS E 188 -68.18 -13.52 27.40
C LYS E 188 -69.55 -12.88 27.24
N ASN E 189 -69.94 -11.99 28.15
CA ASN E 189 -71.33 -11.51 28.24
C ASN E 189 -71.42 -10.01 28.01
N PRO E 190 -71.08 -9.54 26.82
CA PRO E 190 -71.02 -8.09 26.54
C PRO E 190 -72.41 -7.47 26.58
N SER E 191 -72.62 -6.57 27.54
CA SER E 191 -73.89 -5.86 27.65
C SER E 191 -73.63 -4.53 28.33
N GLU E 192 -74.52 -3.57 28.06
CA GLU E 192 -74.57 -2.34 28.85
C GLU E 192 -74.68 -2.62 30.34
N ASP E 193 -75.45 -3.64 30.71
CA ASP E 193 -75.59 -3.99 32.12
C ASP E 193 -74.25 -4.41 32.71
N ALA E 194 -73.51 -5.27 32.02
CA ALA E 194 -72.20 -5.65 32.52
C ALA E 194 -71.15 -4.58 32.28
N LEU E 195 -71.28 -3.75 31.24
CA LEU E 195 -70.33 -2.67 31.04
C LEU E 195 -70.37 -1.68 32.22
N VAL E 196 -71.55 -1.38 32.73
CA VAL E 196 -71.68 -0.44 33.83
C VAL E 196 -70.99 -0.97 35.09
N GLU E 197 -71.14 -2.24 35.38
CA GLU E 197 -70.52 -2.84 36.55
C GLU E 197 -69.04 -3.19 36.35
N HIS E 198 -68.56 -3.27 35.12
CA HIS E 198 -67.13 -3.38 34.86
C HIS E 198 -66.41 -2.04 35.01
N ASN E 199 -67.03 -0.95 34.59
CA ASN E 199 -66.44 0.36 34.81
C ASN E 199 -66.13 0.63 36.28
N ARG E 200 -67.01 0.20 37.18
CA ARG E 200 -66.72 0.35 38.60
C ARG E 200 -65.50 -0.47 39.00
N ALA E 201 -65.35 -1.67 38.44
CA ALA E 201 -64.19 -2.50 38.78
C ALA E 201 -62.90 -1.84 38.34
N ILE E 202 -62.93 -1.15 37.21
CA ILE E 202 -61.77 -0.37 36.80
C ILE E 202 -61.48 0.75 37.79
N VAL E 203 -62.49 1.54 38.14
CA VAL E 203 -62.23 2.67 39.03
C VAL E 203 -61.74 2.20 40.39
N GLU E 204 -62.23 1.06 40.87
CA GLU E 204 -61.77 0.46 42.11
C GLU E 204 -60.42 -0.23 42.01
N HIS E 205 -59.90 -0.44 40.82
CA HIS E 205 -58.51 -0.89 40.72
C HIS E 205 -57.55 0.29 40.65
N ASN E 206 -57.91 1.32 39.88
CA ASN E 206 -57.18 2.59 39.94
C ASN E 206 -57.05 3.13 41.36
N ALA E 207 -58.08 2.97 42.20
CA ALA E 207 -57.94 3.41 43.59
C ALA E 207 -56.81 2.68 44.33
N ILE E 208 -56.61 1.40 44.04
CA ILE E 208 -55.52 0.67 44.70
C ILE E 208 -54.16 1.05 44.11
N ILE E 209 -54.12 1.38 42.82
CA ILE E 209 -52.86 1.90 42.28
C ILE E 209 -52.47 3.19 42.99
N VAL E 210 -53.42 4.12 43.13
CA VAL E 210 -53.06 5.38 43.79
C VAL E 210 -52.71 5.19 45.26
N GLU E 211 -53.40 4.27 45.95
CA GLU E 211 -53.01 3.92 47.32
C GLU E 211 -51.69 3.16 47.39
N ASN E 212 -51.10 2.79 46.28
CA ASN E 212 -49.76 2.22 46.28
C ASN E 212 -48.70 3.27 45.97
N ASN E 213 -48.94 4.10 44.96
CA ASN E 213 -48.04 5.22 44.69
C ASN E 213 -47.85 6.12 45.91
N ARG E 214 -48.87 6.29 46.74
CA ARG E 214 -48.72 7.04 47.98
C ARG E 214 -47.67 6.45 48.91
N ILE E 215 -47.59 5.12 48.98
CA ILE E 215 -46.61 4.50 49.86
C ILE E 215 -45.23 4.49 49.24
N ILE E 216 -45.14 4.36 47.92
CA ILE E 216 -43.84 4.47 47.29
C ILE E 216 -43.24 5.85 47.52
N ALA E 217 -44.05 6.90 47.38
CA ALA E 217 -43.57 8.25 47.70
C ALA E 217 -43.21 8.43 49.16
N LEU E 218 -43.93 7.77 50.07
CA LEU E 218 -43.55 7.85 51.48
C LEU E 218 -42.17 7.24 51.71
N VAL E 219 -41.96 6.00 51.28
CA VAL E 219 -40.66 5.36 51.46
C VAL E 219 -39.55 6.18 50.80
N LEU E 220 -39.80 6.79 49.64
CA LEU E 220 -38.80 7.67 49.04
C LEU E 220 -38.45 8.86 49.94
N LEU E 221 -39.44 9.42 50.64
CA LEU E 221 -39.13 10.55 51.51
C LEU E 221 -38.34 10.07 52.73
N LEU E 222 -38.79 8.99 53.35
CA LEU E 222 -38.10 8.51 54.55
C LEU E 222 -36.67 8.10 54.24
N ILE E 223 -36.41 7.63 53.01
CA ILE E 223 -35.03 7.36 52.62
C ILE E 223 -34.24 8.64 52.46
N VAL E 224 -34.76 9.62 51.72
CA VAL E 224 -33.95 10.82 51.51
C VAL E 224 -33.70 11.55 52.83
N LEU E 225 -34.63 11.46 53.78
CA LEU E 225 -34.40 12.01 55.12
C LEU E 225 -33.43 11.17 55.95
N ALA E 226 -33.32 9.87 55.67
CA ALA E 226 -32.44 9.05 56.48
C ALA E 226 -30.98 9.17 56.06
N ILE E 227 -30.70 9.44 54.79
CA ILE E 227 -29.31 9.62 54.38
C ILE E 227 -28.87 11.03 54.80
N GLY F 2 -20.19 37.79 6.39
CA GLY F 2 -21.64 37.56 6.71
C GLY F 2 -22.54 38.57 6.03
N SER F 3 -23.85 38.35 6.10
CA SER F 3 -24.78 39.29 5.53
C SER F 3 -24.98 40.48 6.45
N GLU F 4 -25.69 41.48 5.92
CA GLU F 4 -25.90 42.75 6.61
C GLU F 4 -26.54 42.54 7.99
N GLU F 5 -27.45 41.58 8.13
CA GLU F 5 -28.11 41.40 9.41
C GLU F 5 -27.19 40.86 10.49
N GLU F 6 -26.17 40.08 10.14
CA GLU F 6 -25.27 39.58 11.16
C GLU F 6 -24.37 40.68 11.68
N ILE F 7 -23.86 41.52 10.78
CA ILE F 7 -23.06 42.67 11.21
C ILE F 7 -23.91 43.64 12.01
N ALA F 8 -25.15 43.88 11.58
CA ALA F 8 -26.02 44.78 12.33
C ALA F 8 -26.34 44.27 13.73
N LYS F 9 -26.57 42.97 13.88
CA LYS F 9 -26.71 42.40 15.23
C LYS F 9 -25.43 42.53 16.05
N ALA F 10 -24.28 42.32 15.42
CA ALA F 10 -23.03 42.46 16.16
C ALA F 10 -22.72 43.90 16.56
N LEU F 11 -23.11 44.86 15.74
CA LEU F 11 -22.98 46.26 16.14
C LEU F 11 -24.00 46.69 17.19
N GLU F 12 -25.18 46.07 17.21
CA GLU F 12 -26.08 46.32 18.34
C GLU F 12 -25.50 45.76 19.64
N GLU F 13 -24.91 44.56 19.59
CA GLU F 13 -24.19 44.04 20.75
C GLU F 13 -23.04 44.96 21.16
N LEU F 14 -22.37 45.56 20.18
CA LEU F 14 -21.22 46.42 20.48
C LEU F 14 -21.65 47.69 21.18
N VAL F 15 -22.66 48.38 20.64
CA VAL F 15 -23.08 49.64 21.23
C VAL F 15 -23.76 49.42 22.59
N ALA F 16 -24.52 48.34 22.76
CA ALA F 16 -25.02 48.02 24.09
C ALA F 16 -23.91 47.69 25.10
N SER F 17 -22.87 46.99 24.66
CA SER F 17 -21.72 46.77 25.54
C SER F 17 -21.01 48.08 25.90
N LEU F 18 -20.90 49.02 24.98
CA LEU F 18 -20.36 50.32 25.33
C LEU F 18 -21.25 51.08 26.29
N ALA F 19 -22.56 51.02 26.10
CA ALA F 19 -23.44 51.74 27.02
C ALA F 19 -23.40 51.16 28.42
N GLU F 20 -23.13 49.85 28.55
CA GLU F 20 -22.86 49.27 29.87
C GLU F 20 -21.50 49.67 30.44
N LEU F 21 -20.46 49.66 29.61
CA LEU F 21 -19.11 50.05 30.04
C LEU F 21 -18.98 51.51 30.42
N LYS F 22 -19.72 52.42 29.81
CA LYS F 22 -19.66 53.82 30.24
C LYS F 22 -20.28 54.03 31.62
N ARG F 23 -21.41 53.39 31.90
CA ARG F 23 -21.98 53.45 33.23
C ARG F 23 -21.04 52.83 34.27
N ALA F 24 -20.47 51.67 33.96
CA ALA F 24 -19.52 51.09 34.91
C ALA F 24 -18.29 51.95 35.12
N THR F 25 -17.84 52.67 34.10
CA THR F 25 -16.72 53.60 34.28
C THR F 25 -17.10 54.73 35.22
N LEU F 26 -18.26 55.35 35.00
CA LEU F 26 -18.69 56.45 35.85
C LEU F 26 -18.82 55.99 37.30
N LYS F 27 -19.45 54.83 37.51
CA LYS F 27 -19.59 54.34 38.88
C LYS F 27 -18.26 53.98 39.52
N LEU F 28 -17.30 53.49 38.75
CA LEU F 28 -15.98 53.20 39.30
C LEU F 28 -15.21 54.46 39.70
N LEU F 29 -15.36 55.53 38.93
CA LEU F 29 -14.86 56.82 39.39
C LEU F 29 -15.59 57.31 40.63
N ASP F 30 -16.91 57.18 40.67
CA ASP F 30 -17.65 57.63 41.84
C ASP F 30 -17.23 56.92 43.11
N ILE F 31 -17.10 55.58 43.07
CA ILE F 31 -16.60 54.87 44.23
C ILE F 31 -15.10 55.06 44.42
N THR F 32 -14.44 55.75 43.48
CA THR F 32 -13.07 56.18 43.69
C THR F 32 -12.98 57.56 44.34
N ASP F 33 -14.05 58.34 44.29
CA ASP F 33 -14.01 59.73 44.73
C ASP F 33 -13.79 59.93 46.22
N LYS F 34 -14.74 59.53 47.06
CA LYS F 34 -14.64 59.77 48.50
C LYS F 34 -15.04 58.55 49.30
N LEU F 35 -14.28 58.29 50.36
CA LEU F 35 -14.76 57.48 51.49
C LEU F 35 -13.89 57.80 52.70
N LYS F 36 -14.52 58.30 53.76
CA LYS F 36 -13.78 58.60 54.99
C LYS F 36 -13.35 57.33 55.70
N LYS F 37 -14.26 56.37 55.85
CA LYS F 37 -14.00 55.25 56.73
C LYS F 37 -12.94 54.31 56.15
N ASN F 38 -12.29 53.55 57.05
CA ASN F 38 -11.14 52.71 56.76
C ASN F 38 -11.58 51.27 56.46
N PRO F 39 -10.82 50.58 55.60
CA PRO F 39 -11.28 49.31 55.06
C PRO F 39 -11.13 48.15 56.03
N SER F 40 -11.87 47.07 55.73
CA SER F 40 -11.95 45.88 56.55
C SER F 40 -10.91 44.85 56.10
N GLU F 41 -10.96 43.68 56.73
CA GLU F 41 -10.24 42.52 56.21
C GLU F 41 -10.88 41.98 54.94
N SER F 42 -12.21 41.97 54.88
CA SER F 42 -12.91 41.61 53.65
C SER F 42 -12.64 42.62 52.53
N ALA F 43 -12.23 43.83 52.86
CA ALA F 43 -11.76 44.83 51.91
C ALA F 43 -10.30 44.62 51.52
N LEU F 44 -9.63 43.61 52.06
CA LEU F 44 -8.42 43.06 51.46
C LEU F 44 -8.72 41.93 50.48
N VAL F 45 -9.56 40.98 50.89
CA VAL F 45 -9.97 39.89 50.03
C VAL F 45 -10.61 40.36 48.73
N SER F 46 -11.15 41.57 48.70
CA SER F 46 -11.70 42.14 47.47
C SER F 46 -11.07 43.47 47.13
N HIS F 47 -9.76 43.57 47.36
CA HIS F 47 -9.07 44.85 47.37
C HIS F 47 -9.45 45.80 46.24
N ASN F 48 -9.36 45.33 44.99
CA ASN F 48 -9.64 46.16 43.82
C ASN F 48 -10.72 45.58 42.93
N LYS F 49 -11.66 44.82 43.51
CA LYS F 49 -12.53 43.97 42.71
C LYS F 49 -13.27 44.74 41.62
N ALA F 50 -13.63 46.00 41.87
CA ALA F 50 -14.32 46.78 40.85
C ALA F 50 -13.45 47.12 39.64
N ILE F 51 -12.14 47.15 39.81
CA ILE F 51 -11.26 47.36 38.65
C ILE F 51 -11.11 46.07 37.84
N VAL F 52 -10.88 44.94 38.49
CA VAL F 52 -10.74 43.70 37.73
C VAL F 52 -12.04 43.34 37.03
N GLU F 53 -13.18 43.58 37.69
CA GLU F 53 -14.47 43.47 37.02
C GLU F 53 -14.68 44.48 35.90
N HIS F 54 -14.04 45.64 35.96
CA HIS F 54 -14.16 46.59 34.86
C HIS F 54 -13.31 46.16 33.67
N ASN F 55 -12.06 45.81 33.93
CA ASN F 55 -11.17 45.28 32.91
C ASN F 55 -11.77 44.09 32.17
N ALA F 56 -12.45 43.19 32.90
CA ALA F 56 -13.12 42.08 32.23
C ALA F 56 -14.19 42.55 31.24
N ILE F 57 -14.87 43.66 31.53
CA ILE F 57 -15.86 44.18 30.59
C ILE F 57 -15.18 44.79 29.38
N ILE F 58 -14.04 45.45 29.59
CA ILE F 58 -13.32 46.01 28.44
C ILE F 58 -12.83 44.90 27.52
N VAL F 59 -12.27 43.84 28.10
CA VAL F 59 -11.82 42.68 27.32
C VAL F 59 -12.96 42.04 26.53
N GLU F 60 -14.15 41.96 27.13
CA GLU F 60 -15.29 41.45 26.38
C GLU F 60 -15.75 42.41 25.29
N ASN F 61 -15.58 43.70 25.46
CA ASN F 61 -15.90 44.63 24.39
C ASN F 61 -14.93 44.54 23.21
N ASN F 62 -13.63 44.47 23.52
CA ASN F 62 -12.62 44.26 22.47
C ASN F 62 -12.83 42.97 21.69
N ARG F 63 -13.29 41.90 22.34
CA ARG F 63 -13.57 40.69 21.58
C ARG F 63 -14.67 40.89 20.54
N ILE F 64 -15.69 41.68 20.87
CA ILE F 64 -16.77 41.93 19.91
C ILE F 64 -16.29 42.84 18.79
N ILE F 65 -15.51 43.86 19.12
CA ILE F 65 -14.95 44.70 18.07
C ILE F 65 -14.15 43.86 17.07
N ALA F 66 -13.31 42.95 17.56
CA ALA F 66 -12.54 42.10 16.65
C ALA F 66 -13.41 41.14 15.84
N ALA F 67 -14.54 40.68 16.39
CA ALA F 67 -15.44 39.84 15.60
C ALA F 67 -16.17 40.63 14.53
N VAL F 68 -16.53 41.89 14.80
CA VAL F 68 -17.12 42.72 13.76
C VAL F 68 -16.11 43.04 12.68
N LEU F 69 -14.86 43.33 13.04
CA LEU F 69 -13.86 43.60 12.02
C LEU F 69 -13.67 42.41 11.11
N GLU F 70 -13.71 41.19 11.67
CA GLU F 70 -13.57 40.02 10.82
C GLU F 70 -14.78 39.83 9.90
N LEU F 71 -15.99 40.04 10.43
CA LEU F 71 -17.19 39.92 9.59
C LEU F 71 -17.22 40.96 8.47
N ILE F 72 -16.74 42.18 8.74
CA ILE F 72 -16.67 43.19 7.69
C ILE F 72 -15.63 42.82 6.63
N VAL F 73 -14.40 42.52 7.05
CA VAL F 73 -13.34 42.30 6.07
C VAL F 73 -13.61 41.06 5.23
N ARG F 74 -14.16 40.01 5.83
CA ARG F 74 -14.53 38.83 5.05
C ARG F 74 -15.68 39.08 4.10
N ALA F 75 -16.37 40.21 4.20
CA ALA F 75 -17.32 40.65 3.18
C ALA F 75 -16.68 41.48 2.08
N VAL F 76 -15.89 42.50 2.43
CA VAL F 76 -15.39 43.41 1.40
C VAL F 76 -14.16 42.87 0.68
N GLY F 77 -13.48 41.87 1.26
CA GLY F 77 -12.37 41.22 0.61
C GLY F 77 -11.01 41.66 1.13
N MET F 78 -10.23 40.65 1.55
CA MET F 78 -8.88 40.84 2.06
C MET F 78 -7.89 41.27 1.00
N THR F 79 -6.82 41.91 1.45
CA THR F 79 -5.59 42.12 0.70
C THR F 79 -4.42 41.78 1.62
N ASP F 80 -3.23 41.68 1.02
CA ASP F 80 -2.06 41.23 1.75
C ASP F 80 -1.91 41.91 3.10
N GLU F 81 -1.95 43.24 3.12
CA GLU F 81 -1.67 43.98 4.35
C GLU F 81 -2.79 43.83 5.37
N ILE F 82 -4.04 43.77 4.90
CA ILE F 82 -5.14 43.51 5.80
C ILE F 82 -5.04 42.12 6.40
N ASP F 83 -4.67 41.12 5.60
CA ASP F 83 -4.60 39.76 6.16
C ASP F 83 -3.46 39.62 7.17
N LEU F 84 -2.31 40.26 6.91
CA LEU F 84 -1.25 40.31 7.92
C LEU F 84 -1.71 41.01 9.19
N ALA F 85 -2.43 42.12 9.05
CA ALA F 85 -2.86 42.87 10.24
C ALA F 85 -3.92 42.11 11.02
N LEU F 86 -4.82 41.41 10.32
CA LEU F 86 -5.78 40.57 11.02
C LEU F 86 -5.12 39.41 11.75
N LEU F 87 -4.06 38.82 11.18
CA LEU F 87 -3.37 37.77 11.91
C LEU F 87 -2.63 38.31 13.14
N LYS F 88 -2.02 39.49 13.02
CA LYS F 88 -1.54 40.19 14.21
C LYS F 88 -2.63 40.44 15.25
N LEU F 89 -3.81 40.88 14.80
CA LEU F 89 -4.92 41.10 15.72
C LEU F 89 -5.38 39.84 16.42
N LYS F 90 -5.36 38.71 15.73
CA LYS F 90 -5.69 37.44 16.37
C LYS F 90 -4.63 37.03 17.39
N ALA F 91 -3.35 37.21 17.06
CA ALA F 91 -2.31 36.90 18.04
C ALA F 91 -2.39 37.78 19.28
N SER F 92 -2.73 39.07 19.10
CA SER F 92 -2.88 39.93 20.27
C SER F 92 -4.13 39.62 21.08
N THR F 93 -5.23 39.29 20.42
CA THR F 93 -6.41 38.87 21.16
C THR F 93 -6.18 37.57 21.92
N ALA F 94 -5.35 36.67 21.39
CA ALA F 94 -4.97 35.50 22.17
C ALA F 94 -4.08 35.85 23.35
N ARG F 95 -3.13 36.75 23.17
CA ARG F 95 -2.30 37.19 24.30
C ARG F 95 -3.13 37.79 25.43
N LEU F 96 -4.16 38.56 25.07
CA LEU F 96 -5.01 39.16 26.09
C LEU F 96 -5.73 38.13 26.96
N LYS F 97 -6.05 36.96 26.42
CA LYS F 97 -6.67 35.92 27.24
C LYS F 97 -5.72 35.37 28.30
N VAL F 98 -4.46 35.14 27.93
CA VAL F 98 -3.49 34.69 28.92
C VAL F 98 -3.22 35.78 29.95
N ALA F 99 -3.18 37.04 29.54
CA ALA F 99 -2.97 38.10 30.51
C ALA F 99 -4.15 38.22 31.49
N THR F 100 -5.37 37.97 31.00
CA THR F 100 -6.53 37.96 31.89
C THR F 100 -6.50 36.78 32.84
N ALA F 101 -6.23 35.58 32.33
CA ALA F 101 -6.16 34.42 33.24
C ALA F 101 -5.05 34.56 34.26
N LEU F 102 -3.98 35.30 33.93
CA LEU F 102 -2.98 35.56 34.96
C LEU F 102 -3.48 36.55 36.00
N LEU F 103 -4.17 37.61 35.58
CA LEU F 103 -4.69 38.52 36.59
C LEU F 103 -5.72 37.83 37.48
N ARG F 104 -6.58 37.00 36.90
CA ARG F 104 -7.55 36.20 37.64
C ARG F 104 -6.92 35.10 38.48
N MET F 105 -5.66 34.76 38.27
CA MET F 105 -4.98 33.92 39.24
C MET F 105 -4.38 34.72 40.39
N ILE F 106 -3.62 35.77 40.09
CA ILE F 106 -3.00 36.55 41.17
C ILE F 106 -4.05 37.21 42.08
N THR F 107 -5.18 37.60 41.51
CA THR F 107 -6.31 38.09 42.31
C THR F 107 -6.84 37.06 43.28
N GLU F 108 -6.91 35.80 42.88
CA GLU F 108 -7.41 34.79 43.80
C GLU F 108 -6.35 34.33 44.79
N GLU F 109 -5.08 34.36 44.41
CA GLU F 109 -4.01 34.13 45.37
C GLU F 109 -3.95 35.21 46.43
N LEU F 110 -4.51 36.39 46.14
CA LEU F 110 -4.69 37.41 47.16
C LEU F 110 -5.75 37.10 48.21
N LYS F 111 -6.64 36.13 47.94
CA LYS F 111 -7.52 35.60 48.98
C LYS F 111 -6.82 34.79 50.06
N LYS F 112 -5.55 34.45 49.88
CA LYS F 112 -4.89 33.44 50.70
C LYS F 112 -3.60 33.92 51.33
N ASN F 113 -2.93 34.93 50.78
CA ASN F 113 -1.82 35.62 51.44
C ASN F 113 -2.03 37.13 51.41
N PRO F 114 -3.22 37.60 51.81
CA PRO F 114 -3.45 39.06 51.85
C PRO F 114 -2.49 39.74 52.82
N SER F 115 -1.71 40.68 52.29
CA SER F 115 -0.79 41.48 53.08
C SER F 115 -0.43 42.72 52.27
N GLU F 116 0.05 43.74 52.98
CA GLU F 116 0.35 45.02 52.34
C GLU F 116 1.35 44.87 51.19
N ASP F 117 2.14 43.81 51.19
CA ASP F 117 3.06 43.58 50.07
C ASP F 117 2.34 42.96 48.87
N ALA F 118 1.48 41.97 49.12
CA ALA F 118 0.70 41.37 48.05
C ALA F 118 -0.22 42.36 47.35
N LEU F 119 -0.71 43.36 48.07
CA LEU F 119 -1.50 44.41 47.43
C LEU F 119 -0.72 45.17 46.37
N VAL F 120 0.57 45.37 46.56
CA VAL F 120 1.35 46.06 45.53
C VAL F 120 1.60 45.16 44.33
N GLU F 121 1.76 43.86 44.56
CA GLU F 121 1.83 42.93 43.46
C GLU F 121 0.54 42.93 42.65
N HIS F 122 -0.61 42.91 43.33
CA HIS F 122 -1.86 42.91 42.60
C HIS F 122 -2.06 44.20 41.81
N ASN F 123 -1.67 45.35 42.39
CA ASN F 123 -1.75 46.59 41.63
C ASN F 123 -0.84 46.58 40.41
N ARG F 124 0.34 45.98 40.53
CA ARG F 124 1.21 45.88 39.35
C ARG F 124 0.67 44.92 38.30
N ALA F 125 -0.02 43.86 38.73
CA ALA F 125 -0.69 42.99 37.76
C ALA F 125 -1.80 43.72 37.02
N ILE F 126 -2.53 44.59 37.71
CA ILE F 126 -3.55 45.38 37.02
C ILE F 126 -2.92 46.36 36.03
N VAL F 127 -1.77 46.93 36.38
CA VAL F 127 -1.12 47.83 35.44
C VAL F 127 -0.60 47.08 34.21
N ASN F 128 -0.08 45.86 34.39
CA ASN F 128 0.36 45.08 33.23
C ASN F 128 -0.80 44.61 32.35
N HIS F 129 -1.94 44.30 32.95
CA HIS F 129 -3.13 44.02 32.14
C HIS F 129 -3.55 45.23 31.32
N ASN F 130 -3.58 46.41 31.95
CA ASN F 130 -3.91 47.62 31.21
C ASN F 130 -2.93 47.85 30.06
N ALA F 131 -1.64 47.66 30.32
CA ALA F 131 -0.65 47.79 29.27
C ALA F 131 -0.82 46.79 28.12
N ILE F 132 -1.52 45.67 28.35
CA ILE F 132 -1.77 44.79 27.21
C ILE F 132 -3.07 45.12 26.49
N ILE F 133 -4.05 45.70 27.19
CA ILE F 133 -5.25 46.17 26.51
C ILE F 133 -4.93 47.34 25.60
N VAL F 134 -4.03 48.22 26.02
CA VAL F 134 -3.62 49.32 25.14
C VAL F 134 -3.02 48.81 23.84
N GLU F 135 -2.23 47.74 23.90
CA GLU F 135 -1.67 47.18 22.67
C GLU F 135 -2.77 46.63 21.77
N ASN F 136 -3.73 45.91 22.35
CA ASN F 136 -4.83 45.40 21.53
C ASN F 136 -5.59 46.53 20.83
N ASN F 137 -5.79 47.65 21.53
CA ASN F 137 -6.44 48.80 20.90
C ASN F 137 -5.58 49.42 19.80
N ARG F 138 -4.26 49.45 19.96
CA ARG F 138 -3.42 50.04 18.92
C ARG F 138 -3.39 49.19 17.66
N ILE F 139 -3.58 47.89 17.82
CA ILE F 139 -3.67 47.02 16.64
C ILE F 139 -5.03 47.16 15.97
N ILE F 140 -6.11 47.22 16.73
CA ILE F 140 -7.42 47.43 16.13
C ILE F 140 -7.48 48.75 15.39
N ALA F 141 -6.94 49.82 15.96
CA ALA F 141 -6.90 51.10 15.25
C ALA F 141 -6.06 51.06 13.99
N ALA F 142 -4.97 50.29 13.97
CA ALA F 142 -4.23 50.13 12.72
C ALA F 142 -5.03 49.39 11.66
N VAL F 143 -5.70 48.29 12.04
CA VAL F 143 -6.55 47.57 11.09
C VAL F 143 -7.65 48.48 10.54
N LEU F 144 -8.26 49.31 11.38
CA LEU F 144 -9.29 50.20 10.87
C LEU F 144 -8.75 51.24 9.89
N GLU F 145 -7.62 51.87 10.20
CA GLU F 145 -7.09 52.82 9.22
C GLU F 145 -6.72 52.14 7.90
N LEU F 146 -6.27 50.88 7.95
CA LEU F 146 -6.04 50.15 6.71
C LEU F 146 -7.33 49.92 5.93
N ILE F 147 -8.37 49.45 6.60
CA ILE F 147 -9.63 49.18 5.91
C ILE F 147 -10.21 50.45 5.31
N VAL F 148 -10.10 51.57 6.02
CA VAL F 148 -10.64 52.81 5.49
C VAL F 148 -9.89 53.26 4.25
N ARG F 149 -8.56 53.15 4.24
CA ARG F 149 -7.83 53.46 3.01
C ARG F 149 -8.13 52.50 1.86
N ALA F 150 -8.28 51.21 2.17
CA ALA F 150 -8.60 50.23 1.13
C ALA F 150 -9.93 50.50 0.43
N LEU F 151 -10.96 50.94 1.16
CA LEU F 151 -12.22 51.34 0.55
C LEU F 151 -12.19 52.72 -0.12
N ASN F 152 -11.09 53.46 -0.05
CA ASN F 152 -11.04 54.80 -0.64
C ASN F 152 -12.18 55.66 -0.15
N LEU F 153 -12.46 55.56 1.14
CA LEU F 153 -13.68 56.07 1.76
C LEU F 153 -13.40 57.49 2.23
N THR F 154 -13.76 58.48 1.41
CA THR F 154 -13.29 59.84 1.56
C THR F 154 -14.27 60.77 2.27
N ASP F 155 -15.40 60.26 2.75
CA ASP F 155 -16.37 61.11 3.45
C ASP F 155 -15.69 61.89 4.56
N GLU F 156 -16.13 63.14 4.75
CA GLU F 156 -15.59 63.98 5.82
C GLU F 156 -15.93 63.48 7.21
N GLU F 157 -17.09 62.85 7.39
CA GLU F 157 -17.42 62.22 8.67
C GLU F 157 -16.44 61.13 9.05
N VAL F 158 -16.02 60.31 8.09
CA VAL F 158 -15.04 59.27 8.37
C VAL F 158 -13.67 59.89 8.60
N ARG F 159 -13.30 60.86 7.76
CA ARG F 159 -12.01 61.51 7.94
C ARG F 159 -11.88 62.10 9.34
N LYS F 160 -12.87 62.88 9.77
CA LYS F 160 -12.85 63.46 11.12
C LYS F 160 -12.90 62.41 12.23
N ALA F 161 -13.62 61.30 12.03
CA ALA F 161 -13.63 60.25 13.05
C ALA F 161 -12.28 59.55 13.17
N LEU F 162 -11.56 59.40 12.07
CA LEU F 162 -10.18 58.91 12.16
C LEU F 162 -9.27 59.95 12.80
N GLU F 163 -9.42 61.22 12.43
CA GLU F 163 -8.60 62.25 13.07
C GLU F 163 -8.80 62.25 14.58
N GLU F 164 -9.98 61.86 15.05
CA GLU F 164 -10.16 61.65 16.49
C GLU F 164 -9.52 60.35 16.99
N LEU F 165 -9.61 59.28 16.22
CA LEU F 165 -9.06 58.00 16.67
C LEU F 165 -7.55 58.05 16.82
N LYS F 166 -6.85 58.67 15.87
CA LYS F 166 -5.40 58.80 15.96
C LYS F 166 -4.97 59.59 17.19
N ALA F 167 -5.62 60.74 17.44
CA ALA F 167 -5.30 61.53 18.62
C ALA F 167 -5.61 60.79 19.90
N SER F 168 -6.72 60.04 19.95
CA SER F 168 -7.01 59.24 21.13
C SER F 168 -6.00 58.12 21.33
N THR F 169 -5.47 57.55 20.26
CA THR F 169 -4.42 56.55 20.40
C THR F 169 -3.12 57.14 20.93
N ALA F 170 -2.74 58.32 20.47
CA ALA F 170 -1.54 58.94 21.04
C ALA F 170 -1.75 59.36 22.50
N GLU F 171 -2.94 59.87 22.83
CA GLU F 171 -3.26 60.16 24.22
C GLU F 171 -3.19 58.93 25.10
N LEU F 172 -3.59 57.78 24.57
CA LEU F 172 -3.53 56.56 25.35
C LEU F 172 -2.12 56.02 25.50
N LYS F 173 -1.27 56.17 24.48
CA LYS F 173 0.14 55.85 24.66
C LYS F 173 0.79 56.71 25.75
N ARG F 174 0.62 58.03 25.67
CA ARG F 174 1.18 58.90 26.71
C ARG F 174 0.65 58.55 28.10
N ALA F 175 -0.64 58.26 28.21
CA ALA F 175 -1.18 57.90 29.52
C ALA F 175 -0.66 56.56 30.02
N THR F 176 -0.37 55.63 29.13
CA THR F 176 0.15 54.35 29.58
C THR F 176 1.59 54.47 30.05
N ALA F 177 2.41 55.21 29.30
CA ALA F 177 3.77 55.47 29.75
C ALA F 177 3.80 56.20 31.09
N SER F 178 2.91 57.16 31.30
CA SER F 178 2.84 57.83 32.60
C SER F 178 2.38 56.90 33.72
N LEU F 179 1.41 56.02 33.45
CA LEU F 179 0.99 55.07 34.48
C LEU F 179 2.10 54.08 34.85
N ARG F 180 2.86 53.60 33.88
CA ARG F 180 3.99 52.73 34.21
C ARG F 180 5.08 53.50 34.95
N ALA F 181 5.30 54.76 34.60
CA ALA F 181 6.26 55.57 35.32
C ALA F 181 5.89 55.72 36.79
N ILE F 182 4.64 56.11 37.07
CA ILE F 182 4.27 56.19 38.49
C ILE F 182 4.26 54.82 39.16
N THR F 183 3.99 53.75 38.41
CA THR F 183 4.02 52.43 39.04
C THR F 183 5.44 52.05 39.46
N GLU F 184 6.44 52.51 38.73
CA GLU F 184 7.81 52.35 39.19
C GLU F 184 8.08 53.10 40.50
N GLU F 185 7.54 54.31 40.63
CA GLU F 185 7.70 55.07 41.87
C GLU F 185 6.99 54.39 43.05
N LEU F 186 5.84 53.78 42.81
CA LEU F 186 5.22 52.95 43.84
C LEU F 186 6.07 51.72 44.17
N LYS F 187 6.69 51.12 43.17
CA LYS F 187 7.56 49.97 43.43
C LYS F 187 8.74 50.35 44.31
N LYS F 188 9.28 51.55 44.13
CA LYS F 188 10.29 52.07 45.06
C LYS F 188 9.70 52.35 46.44
N ASN F 189 8.56 53.03 46.52
CA ASN F 189 8.04 53.56 47.78
C ASN F 189 6.69 52.96 48.13
N PRO F 190 6.63 51.66 48.37
CA PRO F 190 5.36 50.97 48.61
C PRO F 190 4.73 51.41 49.92
N SER F 191 3.56 52.04 49.84
CA SER F 191 2.84 52.46 51.04
C SER F 191 1.35 52.53 50.74
N GLU F 192 0.55 52.39 51.80
CA GLU F 192 -0.86 52.72 51.74
C GLU F 192 -1.11 54.13 51.22
N ASP F 193 -0.25 55.07 51.61
CA ASP F 193 -0.39 56.44 51.14
C ASP F 193 -0.23 56.52 49.63
N ALA F 194 0.80 55.85 49.10
CA ALA F 194 0.97 55.83 47.65
C ALA F 194 -0.01 54.87 46.97
N LEU F 195 -0.44 53.81 47.64
CA LEU F 195 -1.44 52.92 47.05
C LEU F 195 -2.74 53.67 46.77
N VAL F 196 -3.15 54.54 47.68
CA VAL F 196 -4.41 55.27 47.50
C VAL F 196 -4.35 56.17 46.27
N GLU F 197 -3.23 56.86 46.07
CA GLU F 197 -3.05 57.74 44.92
C GLU F 197 -2.69 57.01 43.64
N HIS F 198 -2.20 55.78 43.72
CA HIS F 198 -2.01 54.92 42.55
C HIS F 198 -3.32 54.32 42.03
N ASN F 199 -4.23 53.95 42.93
CA ASN F 199 -5.55 53.48 42.49
C ASN F 199 -6.26 54.49 41.61
N ARG F 200 -6.16 55.78 41.94
CA ARG F 200 -6.75 56.80 41.08
C ARG F 200 -6.08 56.83 39.71
N ALA F 201 -4.77 56.64 39.65
CA ALA F 201 -4.09 56.68 38.37
C ALA F 201 -4.55 55.54 37.48
N ILE F 202 -4.84 54.39 38.08
CA ILE F 202 -5.41 53.29 37.33
C ILE F 202 -6.79 53.65 36.80
N VAL F 203 -7.67 54.15 37.68
CA VAL F 203 -9.03 54.43 37.23
C VAL F 203 -9.06 55.51 36.16
N GLU F 204 -8.14 56.48 36.23
CA GLU F 204 -8.00 57.51 35.20
C GLU F 204 -7.32 57.03 33.94
N HIS F 205 -6.71 55.85 33.95
CA HIS F 205 -6.25 55.27 32.69
C HIS F 205 -7.33 54.42 32.03
N ASN F 206 -8.04 53.62 32.82
CA ASN F 206 -9.24 52.95 32.33
C ASN F 206 -10.23 53.91 31.67
N ALA F 207 -10.37 55.13 32.22
CA ALA F 207 -11.24 56.12 31.56
C ALA F 207 -10.78 56.45 30.14
N ILE F 208 -9.46 56.50 29.91
CA ILE F 208 -8.97 56.79 28.57
C ILE F 208 -9.12 55.59 27.65
N ILE F 209 -9.02 54.38 28.17
CA ILE F 209 -9.32 53.21 27.35
C ILE F 209 -10.76 53.26 26.87
N VAL F 210 -11.70 53.53 27.77
CA VAL F 210 -13.10 53.56 27.35
C VAL F 210 -13.37 54.71 26.39
N GLU F 211 -12.72 55.87 26.60
CA GLU F 211 -12.82 56.95 25.62
C GLU F 211 -12.13 56.65 24.31
N ASN F 212 -11.43 55.53 24.20
CA ASN F 212 -10.91 55.09 22.90
C ASN F 212 -11.82 54.08 22.24
N ASN F 213 -12.30 53.09 23.00
CA ASN F 213 -13.29 52.16 22.47
C ASN F 213 -14.52 52.87 21.90
N ARG F 214 -14.93 54.00 22.51
CA ARG F 214 -16.03 54.78 21.93
C ARG F 214 -15.75 55.25 20.51
N ILE F 215 -14.53 55.64 20.21
CA ILE F 215 -14.20 56.11 18.88
C ILE F 215 -14.01 54.95 17.92
N ILE F 216 -13.48 53.83 18.40
CA ILE F 216 -13.41 52.66 17.52
C ILE F 216 -14.80 52.22 17.09
N ALA F 217 -15.76 52.19 18.01
CA ALA F 217 -17.14 51.86 17.64
C ALA F 217 -17.76 52.90 16.71
N LEU F 218 -17.40 54.17 16.87
CA LEU F 218 -17.92 55.17 15.93
C LEU F 218 -17.42 54.90 14.52
N VAL F 219 -16.09 54.79 14.35
CA VAL F 219 -15.54 54.51 13.02
C VAL F 219 -16.10 53.23 12.43
N LEU F 220 -16.33 52.19 13.25
CA LEU F 220 -16.97 50.98 12.74
C LEU F 220 -18.37 51.23 12.21
N LEU F 221 -19.13 52.10 12.86
CA LEU F 221 -20.46 52.38 12.36
C LEU F 221 -20.40 53.17 11.06
N LEU F 222 -19.58 54.22 11.03
CA LEU F 222 -19.48 55.04 9.83
C LEU F 222 -18.99 54.23 8.64
N ILE F 223 -18.16 53.22 8.86
CA ILE F 223 -17.76 52.33 7.78
C ILE F 223 -18.93 51.47 7.33
N VAL F 224 -19.62 50.81 8.25
CA VAL F 224 -20.67 49.91 7.79
C VAL F 224 -21.78 50.70 7.10
N LEU F 225 -22.02 51.94 7.50
CA LEU F 225 -22.97 52.80 6.78
C LEU F 225 -22.44 53.31 5.45
N ALA F 226 -21.13 53.41 5.27
CA ALA F 226 -20.62 53.93 4.01
C ALA F 226 -20.59 52.89 2.90
N ILE F 227 -20.41 51.61 3.22
CA ILE F 227 -20.46 50.59 2.18
C ILE F 227 -21.91 50.34 1.83
N GLY G 2 -31.80 -2.09 18.68
CA GLY G 2 -31.71 -1.14 19.83
C GLY G 2 -32.44 -1.62 21.05
N SER G 3 -32.25 -0.93 22.16
CA SER G 3 -32.96 -1.29 23.38
C SER G 3 -34.40 -0.77 23.35
N GLU G 4 -35.16 -1.19 24.35
CA GLU G 4 -36.57 -0.85 24.42
C GLU G 4 -36.83 0.65 24.37
N GLU G 5 -35.94 1.44 24.98
CA GLU G 5 -36.18 2.88 25.01
C GLU G 5 -36.00 3.53 23.65
N GLU G 6 -35.16 2.98 22.78
CA GLU G 6 -34.98 3.58 21.46
C GLU G 6 -36.19 3.30 20.58
N ILE G 7 -36.70 2.07 20.63
CA ILE G 7 -37.91 1.75 19.89
C ILE G 7 -39.09 2.53 20.43
N ALA G 8 -39.19 2.66 21.74
CA ALA G 8 -40.30 3.42 22.32
C ALA G 8 -40.26 4.89 21.94
N LYS G 9 -39.08 5.50 21.92
CA LYS G 9 -38.96 6.87 21.38
C LYS G 9 -39.33 6.96 19.90
N ALA G 10 -38.92 5.98 19.10
CA ALA G 10 -39.26 6.04 17.68
C ALA G 10 -40.74 5.81 17.42
N LEU G 11 -41.39 5.00 18.24
CA LEU G 11 -42.85 4.85 18.15
C LEU G 11 -43.61 6.06 18.67
N GLU G 12 -43.06 6.78 19.64
CA GLU G 12 -43.68 8.05 20.00
C GLU G 12 -43.55 9.08 18.88
N GLU G 13 -42.39 9.14 18.22
CA GLU G 13 -42.27 9.96 17.01
C GLU G 13 -43.25 9.52 15.93
N LEU G 14 -43.49 8.22 15.82
CA LEU G 14 -44.39 7.71 14.79
C LEU G 14 -45.83 8.12 15.05
N VAL G 15 -46.31 7.92 16.27
CA VAL G 15 -47.71 8.25 16.57
C VAL G 15 -47.94 9.76 16.56
N ALA G 16 -46.98 10.56 17.03
CA ALA G 16 -47.11 12.00 16.85
C ALA G 16 -47.11 12.45 15.39
N SER G 17 -46.30 11.80 14.53
CA SER G 17 -46.36 12.08 13.11
C SER G 17 -47.70 11.70 12.50
N LEU G 18 -48.29 10.58 12.94
CA LEU G 18 -49.63 10.24 12.46
C LEU G 18 -50.67 11.24 12.94
N ALA G 19 -50.58 11.69 14.18
CA ALA G 19 -51.55 12.66 14.66
C ALA G 19 -51.44 14.00 13.95
N GLU G 20 -50.25 14.36 13.48
CA GLU G 20 -50.12 15.53 12.60
C GLU G 20 -50.67 15.29 11.19
N LEU G 21 -50.37 14.13 10.61
CA LEU G 21 -50.87 13.79 9.28
C LEU G 21 -52.38 13.61 9.20
N LYS G 22 -53.04 13.15 10.26
CA LYS G 22 -54.50 13.07 10.21
C LYS G 22 -55.16 14.46 10.23
N ARG G 23 -54.65 15.38 11.05
CA ARG G 23 -55.16 16.75 11.00
C ARG G 23 -54.92 17.38 9.64
N ALA G 24 -53.73 17.23 9.08
CA ALA G 24 -53.49 17.78 7.75
C ALA G 24 -54.37 17.14 6.68
N THR G 25 -54.71 15.87 6.82
CA THR G 25 -55.63 15.25 5.87
C THR G 25 -57.02 15.88 5.97
N LEU G 26 -57.52 16.02 7.19
CA LEU G 26 -58.85 16.61 7.37
C LEU G 26 -58.89 18.02 6.81
N LYS G 27 -57.87 18.83 7.12
CA LYS G 27 -57.85 20.20 6.61
C LYS G 27 -57.70 20.25 5.09
N LEU G 28 -57.00 19.29 4.48
CA LEU G 28 -56.90 19.27 3.02
C LEU G 28 -58.21 18.90 2.34
N LEU G 29 -58.99 18.01 2.94
CA LEU G 29 -60.35 17.81 2.48
C LEU G 29 -61.21 19.06 2.68
N ASP G 30 -61.09 19.70 3.83
CA ASP G 30 -61.91 20.90 4.08
C ASP G 30 -61.62 22.00 3.04
N ILE G 31 -60.35 22.28 2.77
CA ILE G 31 -60.03 23.25 1.72
C ILE G 31 -60.29 22.69 0.33
N THR G 32 -60.63 21.40 0.23
CA THR G 32 -61.11 20.85 -1.02
C THR G 32 -62.63 20.97 -1.18
N ASP G 33 -63.36 21.20 -0.10
CA ASP G 33 -64.82 21.16 -0.12
C ASP G 33 -65.47 22.27 -0.93
N LYS G 34 -65.35 23.53 -0.50
CA LYS G 34 -66.02 24.63 -1.18
C LYS G 34 -65.10 25.84 -1.32
N LEU G 35 -65.17 26.47 -2.49
CA LEU G 35 -64.75 27.86 -2.65
C LEU G 35 -65.43 28.40 -3.90
N LYS G 36 -66.24 29.45 -3.73
CA LYS G 36 -66.91 30.08 -4.87
C LYS G 36 -65.92 30.84 -5.75
N LYS G 37 -65.06 31.65 -5.14
CA LYS G 37 -64.28 32.61 -5.90
C LYS G 37 -63.21 31.91 -6.74
N ASN G 38 -62.77 32.61 -7.83
CA ASN G 38 -61.88 32.11 -8.86
C ASN G 38 -60.42 32.47 -8.56
N PRO G 39 -59.51 31.61 -8.99
CA PRO G 39 -58.11 31.72 -8.54
C PRO G 39 -57.33 32.81 -9.26
N SER G 40 -56.21 33.19 -8.63
CA SER G 40 -55.34 34.26 -9.08
C SER G 40 -54.23 33.71 -9.97
N GLU G 41 -53.31 34.60 -10.36
CA GLU G 41 -52.06 34.15 -10.96
C GLU G 41 -51.14 33.51 -9.93
N SER G 42 -51.10 34.07 -8.71
CA SER G 42 -50.39 33.42 -7.61
C SER G 42 -50.99 32.08 -7.23
N ALA G 43 -52.25 31.85 -7.56
CA ALA G 43 -52.89 30.54 -7.43
C ALA G 43 -52.57 29.59 -8.57
N LEU G 44 -51.78 30.02 -9.56
CA LEU G 44 -51.07 29.11 -10.43
C LEU G 44 -49.69 28.74 -9.91
N VAL G 45 -48.91 29.74 -9.50
CA VAL G 45 -47.60 29.53 -8.92
C VAL G 45 -47.62 28.61 -7.70
N SER G 46 -48.76 28.48 -7.02
CA SER G 46 -48.88 27.56 -5.89
C SER G 46 -50.04 26.59 -6.10
N HIS G 47 -50.23 26.15 -7.34
CA HIS G 47 -51.46 25.47 -7.76
C HIS G 47 -51.98 24.43 -6.78
N ASN G 48 -51.15 23.47 -6.37
CA ASN G 48 -51.57 22.39 -5.50
C ASN G 48 -50.74 22.30 -4.24
N LYS G 49 -50.18 23.41 -3.78
CA LYS G 49 -49.10 23.34 -2.79
C LYS G 49 -49.51 22.53 -1.56
N ALA G 50 -50.77 22.57 -1.16
CA ALA G 50 -51.20 21.80 0.01
C ALA G 50 -51.16 20.29 -0.22
N ILE G 51 -51.26 19.83 -1.46
CA ILE G 51 -51.11 18.40 -1.73
C ILE G 51 -49.64 17.98 -1.70
N VAL G 52 -48.78 18.74 -2.35
CA VAL G 52 -47.36 18.38 -2.34
C VAL G 52 -46.80 18.45 -0.94
N GLU G 53 -47.21 19.45 -0.16
CA GLU G 53 -46.88 19.47 1.26
C GLU G 53 -47.49 18.32 2.06
N HIS G 54 -48.63 17.77 1.63
CA HIS G 54 -49.17 16.61 2.34
C HIS G 54 -48.38 15.34 2.01
N ASN G 55 -48.15 15.11 0.72
CA ASN G 55 -47.33 13.99 0.28
C ASN G 55 -45.96 13.97 0.97
N ALA G 56 -45.35 15.15 1.13
CA ALA G 56 -44.08 15.20 1.87
C ALA G 56 -44.22 14.71 3.30
N ILE G 57 -45.35 14.95 3.96
CA ILE G 57 -45.54 14.44 5.32
C ILE G 57 -45.74 12.94 5.31
N ILE G 58 -46.42 12.41 4.29
CA ILE G 58 -46.58 10.96 4.24
C ILE G 58 -45.23 10.28 4.03
N VAL G 59 -44.42 10.81 3.12
CA VAL G 59 -43.07 10.29 2.88
C VAL G 59 -42.21 10.34 4.15
N GLU G 60 -42.33 11.41 4.93
CA GLU G 60 -41.60 11.45 6.20
C GLU G 60 -42.14 10.47 7.23
N ASN G 61 -43.43 10.17 7.20
CA ASN G 61 -43.95 9.14 8.10
C ASN G 61 -43.47 7.74 7.72
N ASN G 62 -43.50 7.43 6.42
CA ASN G 62 -42.97 6.15 5.94
C ASN G 62 -41.49 5.96 6.27
N ARG G 63 -40.69 7.02 6.24
CA ARG G 63 -39.30 6.85 6.64
C ARG G 63 -39.16 6.41 8.10
N ILE G 64 -40.00 6.92 8.98
CA ILE G 64 -39.92 6.53 10.39
C ILE G 64 -40.42 5.11 10.58
N ILE G 65 -41.51 4.75 9.90
CA ILE G 65 -41.96 3.37 9.99
C ILE G 65 -40.85 2.40 9.58
N ALA G 66 -40.16 2.69 8.47
CA ALA G 66 -39.07 1.80 8.06
C ALA G 66 -37.90 1.79 9.02
N ALA G 67 -37.64 2.90 9.73
CA ALA G 67 -36.59 2.88 10.75
C ALA G 67 -36.98 2.07 11.97
N VAL G 68 -38.25 2.12 12.36
CA VAL G 68 -38.70 1.26 13.46
C VAL G 68 -38.66 -0.21 13.05
N LEU G 69 -39.07 -0.53 11.82
CA LEU G 69 -39.00 -1.94 11.41
C LEU G 69 -37.58 -2.45 11.47
N GLU G 70 -36.62 -1.61 11.08
CA GLU G 70 -35.22 -2.05 11.15
C GLU G 70 -34.75 -2.22 12.59
N LEU G 71 -35.11 -1.29 13.48
CA LEU G 71 -34.73 -1.43 14.89
C LEU G 71 -35.36 -2.65 15.56
N ILE G 72 -36.58 -3.00 15.19
CA ILE G 72 -37.21 -4.21 15.72
C ILE G 72 -36.51 -5.47 15.21
N VAL G 73 -36.36 -5.58 13.89
CA VAL G 73 -35.84 -6.82 13.33
C VAL G 73 -34.39 -7.04 13.74
N ARG G 74 -33.59 -5.98 13.84
CA ARG G 74 -32.23 -6.14 14.33
C ARG G 74 -32.17 -6.51 15.80
N ALA G 75 -33.28 -6.44 16.53
CA ALA G 75 -33.36 -7.00 17.87
C ALA G 75 -33.80 -8.46 17.87
N VAL G 76 -34.87 -8.81 17.16
CA VAL G 76 -35.39 -10.17 17.28
C VAL G 76 -34.64 -11.16 16.39
N GLY G 77 -33.90 -10.67 15.40
CA GLY G 77 -33.05 -11.51 14.58
C GLY G 77 -33.61 -11.82 13.21
N MET G 78 -32.81 -11.51 12.20
CA MET G 78 -33.14 -11.73 10.81
C MET G 78 -33.15 -13.21 10.44
N THR G 79 -33.90 -13.51 9.38
CA THR G 79 -33.82 -14.76 8.65
C THR G 79 -33.79 -14.43 7.16
N ASP G 80 -33.48 -15.42 6.34
CA ASP G 80 -33.30 -15.20 4.91
C ASP G 80 -34.41 -14.33 4.32
N GLU G 81 -35.66 -14.71 4.54
CA GLU G 81 -36.76 -14.00 3.90
C GLU G 81 -36.96 -12.60 4.47
N ILE G 82 -36.75 -12.43 5.76
CA ILE G 82 -36.81 -11.08 6.34
C ILE G 82 -35.69 -10.21 5.79
N ASP G 83 -34.49 -10.74 5.64
CA ASP G 83 -33.39 -9.92 5.13
C ASP G 83 -33.61 -9.54 3.66
N LEU G 84 -34.12 -10.47 2.84
CA LEU G 84 -34.51 -10.11 1.48
C LEU G 84 -35.61 -9.05 1.45
N ALA G 85 -36.59 -9.16 2.33
CA ALA G 85 -37.68 -8.19 2.32
C ALA G 85 -37.22 -6.83 2.82
N LEU G 86 -36.33 -6.80 3.79
CA LEU G 86 -35.74 -5.54 4.23
C LEU G 86 -34.89 -4.89 3.14
N LEU G 87 -34.17 -5.68 2.34
CA LEU G 87 -33.43 -5.07 1.23
C LEU G 87 -34.35 -4.54 0.15
N LYS G 88 -35.44 -5.24 -0.16
CA LYS G 88 -36.50 -4.65 -1.00
C LYS G 88 -37.05 -3.35 -0.42
N LEU G 89 -37.32 -3.32 0.88
CA LEU G 89 -37.82 -2.10 1.52
C LEU G 89 -36.84 -0.95 1.43
N LYS G 90 -35.54 -1.23 1.55
CA LYS G 90 -34.55 -0.17 1.35
C LYS G 90 -34.49 0.32 -0.09
N ALA G 91 -34.58 -0.60 -1.05
CA ALA G 91 -34.62 -0.16 -2.45
C ALA G 91 -35.84 0.68 -2.76
N SER G 92 -37.00 0.34 -2.18
CA SER G 92 -38.18 1.16 -2.41
C SER G 92 -38.12 2.50 -1.70
N THR G 93 -37.56 2.55 -0.49
CA THR G 93 -37.38 3.82 0.17
C THR G 93 -36.38 4.71 -0.56
N ALA G 94 -35.38 4.12 -1.21
CA ALA G 94 -34.50 4.93 -2.06
C ALA G 94 -35.21 5.43 -3.31
N ARG G 95 -36.02 4.59 -3.95
CA ARG G 95 -36.80 5.05 -5.11
C ARG G 95 -37.71 6.22 -4.75
N LEU G 96 -38.32 6.18 -3.56
CA LEU G 96 -39.21 7.25 -3.12
C LEU G 96 -38.50 8.60 -3.00
N LYS G 97 -37.20 8.61 -2.66
CA LYS G 97 -36.49 9.88 -2.60
C LYS G 97 -36.32 10.52 -3.96
N VAL G 98 -36.00 9.73 -4.98
CA VAL G 98 -35.91 10.28 -6.33
C VAL G 98 -37.28 10.71 -6.83
N ALA G 99 -38.33 9.97 -6.51
CA ALA G 99 -39.66 10.39 -6.94
C ALA G 99 -40.08 11.70 -6.28
N THR G 100 -39.71 11.90 -5.02
CA THR G 100 -40.00 13.17 -4.36
C THR G 100 -39.18 14.32 -4.94
N ALA G 101 -37.87 14.13 -5.14
CA ALA G 101 -37.08 15.20 -5.73
C ALA G 101 -37.53 15.52 -7.14
N LEU G 102 -38.11 14.56 -7.86
CA LEU G 102 -38.68 14.89 -9.16
C LEU G 102 -39.95 15.72 -9.02
N LEU G 103 -40.83 15.35 -8.08
CA LEU G 103 -42.02 16.18 -7.92
C LEU G 103 -41.66 17.59 -7.48
N ARG G 104 -40.70 17.73 -6.57
CA ARG G 104 -40.19 19.02 -6.12
C ARG G 104 -39.40 19.77 -7.19
N MET G 105 -39.01 19.13 -8.28
CA MET G 105 -38.50 19.90 -9.41
C MET G 105 -39.62 20.38 -10.33
N ILE G 106 -40.52 19.49 -10.74
CA ILE G 106 -41.60 19.90 -11.64
C ILE G 106 -42.52 20.94 -11.00
N THR G 107 -42.71 20.85 -9.69
CA THR G 107 -43.44 21.89 -8.95
C THR G 107 -42.76 23.24 -9.03
N GLU G 108 -41.44 23.30 -8.99
CA GLU G 108 -40.78 24.59 -9.07
C GLU G 108 -40.68 25.08 -10.51
N GLU G 109 -40.59 24.18 -11.47
CA GLU G 109 -40.69 24.58 -12.88
C GLU G 109 -42.05 25.14 -13.21
N LEU G 110 -43.07 24.82 -12.42
CA LEU G 110 -44.37 25.48 -12.54
C LEU G 110 -44.38 26.95 -12.09
N LYS G 111 -43.37 27.40 -11.34
CA LYS G 111 -43.19 28.82 -11.08
C LYS G 111 -42.80 29.65 -12.29
N LYS G 112 -42.42 29.04 -13.40
CA LYS G 112 -41.75 29.76 -14.49
C LYS G 112 -42.41 29.58 -15.85
N ASN G 113 -43.18 28.51 -16.06
CA ASN G 113 -44.05 28.39 -17.23
C ASN G 113 -45.47 28.01 -16.79
N PRO G 114 -46.04 28.72 -15.82
CA PRO G 114 -47.41 28.40 -15.40
C PRO G 114 -48.38 28.60 -16.56
N SER G 115 -49.09 27.53 -16.88
CA SER G 115 -50.11 27.56 -17.92
C SER G 115 -51.01 26.35 -17.74
N GLU G 116 -52.21 26.44 -18.32
CA GLU G 116 -53.20 25.37 -18.15
C GLU G 116 -52.69 24.01 -18.60
N ASP G 117 -51.67 23.97 -19.45
CA ASP G 117 -51.10 22.68 -19.84
C ASP G 117 -50.14 22.14 -18.80
N ALA G 118 -49.29 23.02 -18.25
CA ALA G 118 -48.37 22.60 -17.17
C ALA G 118 -49.11 22.13 -15.93
N LEU G 119 -50.29 22.68 -15.65
CA LEU G 119 -51.08 22.18 -14.53
C LEU G 119 -51.48 20.71 -14.69
N VAL G 120 -51.73 20.24 -15.90
CA VAL G 120 -52.07 18.83 -16.07
C VAL G 120 -50.84 17.95 -15.92
N GLU G 121 -49.68 18.44 -16.35
CA GLU G 121 -48.44 17.73 -16.09
C GLU G 121 -48.18 17.61 -14.59
N HIS G 122 -48.38 18.70 -13.86
CA HIS G 122 -48.13 18.66 -12.43
C HIS G 122 -49.08 17.69 -11.73
N ASN G 123 -50.36 17.67 -12.14
CA ASN G 123 -51.27 16.69 -11.55
C ASN G 123 -50.86 15.26 -11.87
N ARG G 124 -50.34 15.02 -13.08
CA ARG G 124 -49.87 13.67 -13.37
C ARG G 124 -48.62 13.30 -12.59
N ALA G 125 -47.76 14.28 -12.30
CA ALA G 125 -46.62 14.02 -11.42
C ALA G 125 -47.07 13.68 -10.00
N ILE G 126 -48.11 14.34 -9.51
CA ILE G 126 -48.63 13.99 -8.19
C ILE G 126 -49.25 12.60 -8.18
N VAL G 127 -49.90 12.20 -9.27
CA VAL G 127 -50.44 10.85 -9.33
C VAL G 127 -49.32 9.81 -9.38
N ASN G 128 -48.23 10.08 -10.08
CA ASN G 128 -47.12 9.12 -10.09
C ASN G 128 -46.39 9.05 -8.75
N HIS G 129 -46.31 10.15 -8.02
CA HIS G 129 -45.79 10.08 -6.66
C HIS G 129 -46.68 9.23 -5.76
N ASN G 130 -47.99 9.44 -5.83
CA ASN G 130 -48.90 8.61 -5.05
C ASN G 130 -48.76 7.13 -5.41
N ALA G 131 -48.65 6.83 -6.69
CA ALA G 131 -48.44 5.45 -7.13
C ALA G 131 -47.14 4.85 -6.63
N ILE G 132 -46.15 5.66 -6.27
CA ILE G 132 -44.94 5.08 -5.69
C ILE G 132 -45.02 4.96 -4.17
N ILE G 133 -45.80 5.81 -3.51
CA ILE G 133 -46.03 5.65 -2.08
C ILE G 133 -46.84 4.39 -1.80
N VAL G 134 -47.81 4.09 -2.66
CA VAL G 134 -48.57 2.86 -2.49
C VAL G 134 -47.67 1.63 -2.55
N GLU G 135 -46.67 1.64 -3.44
CA GLU G 135 -45.75 0.50 -3.48
C GLU G 135 -44.94 0.40 -2.19
N ASN G 136 -44.45 1.53 -1.68
CA ASN G 136 -43.71 1.48 -0.43
C ASN G 136 -44.56 0.91 0.71
N ASN G 137 -45.85 1.27 0.75
CA ASN G 137 -46.73 0.70 1.76
C ASN G 137 -46.98 -0.79 1.56
N ARG G 138 -47.05 -1.26 0.32
CA ARG G 138 -47.28 -2.68 0.10
C ARG G 138 -46.07 -3.51 0.49
N ILE G 139 -44.88 -2.93 0.41
CA ILE G 139 -43.69 -3.63 0.87
C ILE G 139 -43.61 -3.63 2.40
N ILE G 140 -43.92 -2.50 3.04
CA ILE G 140 -43.92 -2.48 4.49
C ILE G 140 -44.94 -3.46 5.06
N ALA G 141 -46.14 -3.53 4.48
CA ALA G 141 -47.12 -4.51 4.94
C ALA G 141 -46.67 -5.95 4.72
N ALA G 142 -45.93 -6.23 3.65
CA ALA G 142 -45.39 -7.58 3.50
C ALA G 142 -44.33 -7.91 4.56
N VAL G 143 -43.42 -6.97 4.83
CA VAL G 143 -42.45 -7.18 5.90
C VAL G 143 -43.13 -7.42 7.24
N LEU G 144 -44.19 -6.67 7.54
CA LEU G 144 -44.88 -6.89 8.82
C LEU G 144 -45.54 -8.26 8.90
N GLU G 145 -46.21 -8.70 7.85
CA GLU G 145 -46.79 -10.05 7.92
C GLU G 145 -45.72 -11.12 8.07
N LEU G 146 -44.54 -10.92 7.48
CA LEU G 146 -43.44 -11.86 7.69
C LEU G 146 -42.98 -11.86 9.14
N ILE G 147 -42.76 -10.68 9.73
CA ILE G 147 -42.28 -10.62 11.11
C ILE G 147 -43.29 -11.24 12.05
N VAL G 148 -44.58 -11.01 11.80
CA VAL G 148 -45.60 -11.58 12.69
C VAL G 148 -45.59 -13.10 12.62
N ARG G 149 -45.46 -13.68 11.42
CA ARG G 149 -45.35 -15.14 11.35
C ARG G 149 -44.07 -15.67 12.00
N ALA G 150 -42.95 -14.96 11.84
CA ALA G 150 -41.71 -15.38 12.46
C ALA G 150 -41.77 -15.43 13.99
N LEU G 151 -42.45 -14.48 14.62
CA LEU G 151 -42.66 -14.52 16.07
C LEU G 151 -43.75 -15.49 16.52
N ASN G 152 -44.46 -16.16 15.63
CA ASN G 152 -45.54 -17.07 16.02
C ASN G 152 -46.54 -16.38 16.94
N LEU G 153 -46.87 -15.14 16.59
CA LEU G 153 -47.57 -14.22 17.46
C LEU G 153 -49.07 -14.38 17.22
N THR G 154 -49.75 -15.18 18.04
CA THR G 154 -51.08 -15.66 17.73
C THR G 154 -52.20 -14.90 18.44
N ASP G 155 -51.88 -13.85 19.21
CA ASP G 155 -52.92 -13.09 19.90
C ASP G 155 -54.01 -12.65 18.91
N GLU G 156 -55.25 -12.63 19.39
CA GLU G 156 -56.37 -12.21 18.56
C GLU G 156 -56.32 -10.73 18.19
N GLU G 157 -55.79 -9.88 19.06
CA GLU G 157 -55.58 -8.47 18.71
C GLU G 157 -54.66 -8.30 17.51
N VAL G 158 -53.58 -9.08 17.44
CA VAL G 158 -52.69 -9.00 16.30
C VAL G 158 -53.34 -9.63 15.08
N ARG G 159 -53.97 -10.78 15.25
CA ARG G 159 -54.65 -11.41 14.12
C ARG G 159 -55.65 -10.46 13.46
N LYS G 160 -56.53 -9.87 14.27
CA LYS G 160 -57.51 -8.93 13.72
C LYS G 160 -56.86 -7.68 13.12
N ALA G 161 -55.76 -7.20 13.70
CA ALA G 161 -55.09 -6.05 13.12
C ALA G 161 -54.45 -6.36 11.77
N LEU G 162 -53.93 -7.58 11.59
CA LEU G 162 -53.48 -7.97 10.26
C LEU G 162 -54.65 -8.15 9.30
N GLU G 163 -55.73 -8.79 9.74
CA GLU G 163 -56.89 -8.93 8.87
C GLU G 163 -57.42 -7.58 8.40
N GLU G 164 -57.23 -6.53 9.22
CA GLU G 164 -57.51 -5.17 8.76
C GLU G 164 -56.46 -4.63 7.82
N LEU G 165 -55.18 -4.92 8.06
CA LEU G 165 -54.13 -4.38 7.22
C LEU G 165 -54.22 -4.92 5.79
N LYS G 166 -54.49 -6.22 5.65
CA LYS G 166 -54.64 -6.82 4.31
C LYS G 166 -55.79 -6.20 3.54
N ALA G 167 -56.97 -6.06 4.17
CA ALA G 167 -58.09 -5.43 3.50
C ALA G 167 -57.82 -3.97 3.15
N SER G 168 -57.16 -3.23 4.03
CA SER G 168 -56.79 -1.86 3.70
C SER G 168 -55.78 -1.78 2.56
N THR G 169 -54.89 -2.76 2.45
CA THR G 169 -53.97 -2.79 1.32
C THR G 169 -54.68 -3.08 0.01
N ALA G 170 -55.64 -3.99 0.02
CA ALA G 170 -56.40 -4.22 -1.21
C ALA G 170 -57.28 -3.02 -1.59
N GLU G 171 -57.88 -2.37 -0.59
CA GLU G 171 -58.59 -1.12 -0.85
C GLU G 171 -57.69 -0.06 -1.45
N LEU G 172 -56.44 -0.01 -1.02
CA LEU G 172 -55.52 0.97 -1.57
C LEU G 172 -55.03 0.62 -2.97
N LYS G 173 -54.85 -0.67 -3.28
CA LYS G 173 -54.60 -1.06 -4.66
C LYS G 173 -55.75 -0.65 -5.58
N ARG G 174 -56.97 -1.02 -5.23
CA ARG G 174 -58.12 -0.64 -6.06
C ARG G 174 -58.23 0.88 -6.22
N ALA G 175 -57.98 1.65 -5.15
CA ALA G 175 -58.04 3.10 -5.29
C ALA G 175 -56.93 3.66 -6.15
N THR G 176 -55.76 3.02 -6.17
CA THR G 176 -54.69 3.51 -7.01
C THR G 176 -54.97 3.25 -8.47
N ALA G 177 -55.42 2.03 -8.78
CA ALA G 177 -55.83 1.73 -10.15
C ALA G 177 -56.94 2.65 -10.64
N SER G 178 -57.91 2.96 -9.79
CA SER G 178 -58.95 3.91 -10.20
C SER G 178 -58.43 5.33 -10.40
N LEU G 179 -57.50 5.79 -9.55
CA LEU G 179 -56.92 7.11 -9.76
C LEU G 179 -56.12 7.20 -11.06
N ARG G 180 -55.34 6.18 -11.38
CA ARG G 180 -54.63 6.20 -12.66
C ARG G 180 -55.58 6.10 -13.84
N ALA G 181 -56.66 5.34 -13.70
CA ALA G 181 -57.66 5.28 -14.76
C ALA G 181 -58.27 6.63 -15.04
N ILE G 182 -58.75 7.34 -14.00
CA ILE G 182 -59.29 8.67 -14.27
C ILE G 182 -58.21 9.65 -14.73
N THR G 183 -56.95 9.46 -14.31
CA THR G 183 -55.92 10.37 -14.78
C THR G 183 -55.67 10.22 -16.27
N GLU G 184 -55.86 9.01 -16.80
CA GLU G 184 -55.82 8.86 -18.25
C GLU G 184 -56.95 9.63 -18.95
N GLU G 185 -58.14 9.61 -18.37
CA GLU G 185 -59.27 10.35 -18.93
C GLU G 185 -59.04 11.86 -18.87
N LEU G 186 -58.40 12.35 -17.81
CA LEU G 186 -57.96 13.74 -17.80
C LEU G 186 -56.92 14.04 -18.87
N LYS G 187 -56.00 13.09 -19.10
CA LYS G 187 -55.01 13.27 -20.15
C LYS G 187 -55.65 13.38 -21.53
N LYS G 188 -56.72 12.61 -21.77
CA LYS G 188 -57.49 12.81 -22.99
C LYS G 188 -58.22 14.15 -23.03
N ASN G 189 -58.90 14.53 -21.95
CA ASN G 189 -59.84 15.66 -21.98
C ASN G 189 -59.40 16.76 -21.02
N PRO G 190 -58.25 17.39 -21.28
CA PRO G 190 -57.69 18.38 -20.35
C PRO G 190 -58.56 19.63 -20.29
N SER G 191 -59.13 19.89 -19.10
CA SER G 191 -59.94 21.09 -18.90
C SER G 191 -59.90 21.46 -17.43
N GLU G 192 -60.12 22.75 -17.17
CA GLU G 192 -60.40 23.22 -15.82
C GLU G 192 -61.53 22.46 -15.15
N ASP G 193 -62.58 22.13 -15.91
CA ASP G 193 -63.70 21.38 -15.36
C ASP G 193 -63.26 20.01 -14.88
N ALA G 194 -62.48 19.29 -15.68
CA ALA G 194 -61.98 18.00 -15.22
C ALA G 194 -60.84 18.13 -14.23
N LEU G 195 -60.06 19.20 -14.29
CA LEU G 195 -59.01 19.41 -13.31
C LEU G 195 -59.59 19.54 -11.90
N VAL G 196 -60.72 20.25 -11.78
CA VAL G 196 -61.33 20.46 -10.47
C VAL G 196 -61.78 19.14 -9.86
N GLU G 197 -62.37 18.26 -10.66
CA GLU G 197 -62.83 16.96 -10.19
C GLU G 197 -61.73 15.92 -10.08
N HIS G 198 -60.59 16.12 -10.74
CA HIS G 198 -59.41 15.29 -10.52
C HIS G 198 -58.67 15.63 -9.23
N ASN G 199 -58.59 16.91 -8.87
CA ASN G 199 -58.00 17.27 -7.58
C ASN G 199 -58.69 16.58 -6.41
N ARG G 200 -60.02 16.47 -6.46
CA ARG G 200 -60.72 15.73 -5.41
C ARG G 200 -60.33 14.26 -5.41
N ALA G 201 -60.15 13.66 -6.58
CA ALA G 201 -59.78 12.26 -6.62
C ALA G 201 -58.42 12.03 -5.99
N ILE G 202 -57.51 12.98 -6.16
CA ILE G 202 -56.23 12.91 -5.48
C ILE G 202 -56.43 12.98 -3.97
N VAL G 203 -57.18 13.98 -3.49
CA VAL G 203 -57.32 14.12 -2.05
C VAL G 203 -58.01 12.90 -1.42
N GLU G 204 -58.94 12.29 -2.15
CA GLU G 204 -59.59 11.06 -1.70
C GLU G 204 -58.74 9.82 -1.84
N HIS G 205 -57.62 9.89 -2.54
CA HIS G 205 -56.66 8.78 -2.51
C HIS G 205 -55.66 8.95 -1.38
N ASN G 206 -55.17 10.17 -1.19
CA ASN G 206 -54.39 10.49 0.01
C ASN G 206 -55.10 10.09 1.30
N ALA G 207 -56.43 10.24 1.36
CA ALA G 207 -57.14 9.79 2.55
C ALA G 207 -56.97 8.28 2.78
N ILE G 208 -56.94 7.49 1.72
CA ILE G 208 -56.76 6.03 1.89
C ILE G 208 -55.32 5.70 2.25
N ILE G 209 -54.35 6.47 1.76
CA ILE G 209 -52.98 6.24 2.20
C ILE G 209 -52.87 6.48 3.70
N VAL G 210 -53.42 7.59 4.19
CA VAL G 210 -53.31 7.86 5.62
C VAL G 210 -54.10 6.84 6.46
N GLU G 211 -55.26 6.40 5.96
CA GLU G 211 -55.99 5.32 6.62
C GLU G 211 -55.29 3.97 6.52
N ASN G 212 -54.21 3.87 5.78
CA ASN G 212 -53.39 2.65 5.78
C ASN G 212 -52.20 2.77 6.73
N ASN G 213 -51.51 3.91 6.69
CA ASN G 213 -50.44 4.17 7.64
C ASN G 213 -50.92 4.05 9.09
N ARG G 214 -52.17 4.43 9.36
CA ARG G 214 -52.73 4.23 10.70
C ARG G 214 -52.71 2.76 11.14
N ILE G 215 -53.01 1.85 10.23
CA ILE G 215 -53.03 0.43 10.59
C ILE G 215 -51.63 -0.14 10.65
N ILE G 216 -50.72 0.33 9.81
CA ILE G 216 -49.34 -0.11 9.93
C ILE G 216 -48.76 0.27 11.28
N ALA G 217 -49.03 1.50 11.73
CA ALA G 217 -48.59 1.92 13.06
C ALA G 217 -49.26 1.13 14.18
N LEU G 218 -50.52 0.73 13.99
CA LEU G 218 -51.14 -0.11 15.01
C LEU G 218 -50.44 -1.45 15.11
N VAL G 219 -50.29 -2.16 14.00
CA VAL G 219 -49.60 -3.45 14.05
C VAL G 219 -48.19 -3.32 14.62
N LEU G 220 -47.48 -2.23 14.31
CA LEU G 220 -46.18 -2.03 14.95
C LEU G 220 -46.27 -1.92 16.47
N LEU G 221 -47.31 -1.29 16.98
CA LEU G 221 -47.43 -1.19 18.43
C LEU G 221 -47.78 -2.54 19.03
N LEU G 222 -48.75 -3.24 18.44
CA LEU G 222 -49.15 -4.53 18.99
C LEU G 222 -48.01 -5.53 18.97
N ILE G 223 -47.12 -5.42 17.99
CA ILE G 223 -45.92 -6.27 17.99
C ILE G 223 -44.97 -5.87 19.11
N VAL G 224 -44.64 -4.58 19.23
CA VAL G 224 -43.67 -4.23 20.25
C VAL G 224 -44.19 -4.55 21.64
N LEU G 225 -45.50 -4.47 21.85
CA LEU G 225 -46.08 -4.90 23.14
C LEU G 225 -46.11 -6.41 23.30
N ALA G 226 -46.17 -7.17 22.20
CA ALA G 226 -46.24 -8.62 22.39
C ALA G 226 -44.89 -9.25 22.66
N ILE G 227 -43.79 -8.68 22.14
CA ILE G 227 -42.48 -9.22 22.45
C ILE G 227 -42.08 -8.76 23.85
N GLY H 2 2.22 24.96 18.01
CA GLY H 2 0.96 25.62 17.57
C GLY H 2 1.02 27.13 17.68
N SER H 3 0.01 27.80 17.14
CA SER H 3 -0.07 29.24 17.24
C SER H 3 -0.58 29.67 18.61
N GLU H 4 -0.51 30.99 18.84
CA GLU H 4 -0.88 31.56 20.14
C GLU H 4 -2.30 31.17 20.56
N GLU H 5 -3.23 31.07 19.61
CA GLU H 5 -4.60 30.76 20.00
C GLU H 5 -4.78 29.34 20.51
N GLU H 6 -3.96 28.39 20.05
CA GLU H 6 -4.11 27.03 20.55
C GLU H 6 -3.59 26.91 21.98
N ILE H 7 -2.44 27.53 22.24
CA ILE H 7 -1.90 27.55 23.60
C ILE H 7 -2.84 28.30 24.54
N ALA H 8 -3.38 29.44 24.08
CA ALA H 8 -4.30 30.20 24.92
C ALA H 8 -5.57 29.44 25.24
N LYS H 9 -6.14 28.70 24.27
CA LYS H 9 -7.26 27.81 24.58
C LYS H 9 -6.89 26.70 25.56
N ALA H 10 -5.70 26.12 25.40
CA ALA H 10 -5.30 25.07 26.33
C ALA H 10 -5.02 25.58 27.74
N LEU H 11 -4.53 26.81 27.85
CA LEU H 11 -4.38 27.43 29.17
C LEU H 11 -5.70 27.87 29.79
N GLU H 12 -6.69 28.23 28.98
CA GLU H 12 -8.02 28.45 29.54
C GLU H 12 -8.62 27.15 30.07
N GLU H 13 -8.45 26.05 29.33
CA GLU H 13 -8.83 24.74 29.85
C GLU H 13 -8.08 24.39 31.13
N LEU H 14 -6.82 24.80 31.23
CA LEU H 14 -6.00 24.48 32.39
C LEU H 14 -6.49 25.23 33.62
N VAL H 15 -6.70 26.54 33.49
CA VAL H 15 -7.12 27.33 34.65
C VAL H 15 -8.55 26.98 35.06
N ALA H 16 -9.44 26.69 34.12
CA ALA H 16 -10.76 26.18 34.51
C ALA H 16 -10.69 24.81 35.20
N SER H 17 -9.79 23.93 34.78
CA SER H 17 -9.58 22.68 35.51
C SER H 17 -9.04 22.90 36.91
N LEU H 18 -8.15 23.87 37.08
CA LEU H 18 -7.71 24.20 38.44
C LEU H 18 -8.84 24.77 39.29
N ALA H 19 -9.67 25.62 38.71
CA ALA H 19 -10.77 26.17 39.50
C ALA H 19 -11.78 25.11 39.91
N GLU H 20 -11.93 24.05 39.11
CA GLU H 20 -12.72 22.90 39.55
C GLU H 20 -12.03 22.05 40.62
N LEU H 21 -10.73 21.79 40.45
CA LEU H 21 -9.97 21.02 41.42
C LEU H 21 -9.79 21.69 42.78
N LYS H 22 -9.70 23.01 42.86
CA LYS H 22 -9.63 23.66 44.17
C LYS H 22 -10.94 23.56 44.94
N ARG H 23 -12.07 23.75 44.27
CA ARG H 23 -13.36 23.56 44.94
C ARG H 23 -13.53 22.12 45.40
N ALA H 24 -13.20 21.14 44.54
CA ALA H 24 -13.31 19.76 44.98
C ALA H 24 -12.36 19.44 46.14
N THR H 25 -11.19 20.08 46.20
CA THR H 25 -10.32 19.87 47.36
C THR H 25 -10.95 20.40 48.63
N LEU H 26 -11.48 21.62 48.58
CA LEU H 26 -12.11 22.18 49.77
C LEU H 26 -13.27 21.32 50.24
N LYS H 27 -14.12 20.89 49.32
CA LYS H 27 -15.24 20.06 49.72
C LYS H 27 -14.80 18.69 50.25
N LEU H 28 -13.69 18.15 49.74
CA LEU H 28 -13.19 16.88 50.28
C LEU H 28 -12.62 17.00 51.69
N LEU H 29 -11.96 18.13 51.99
CA LEU H 29 -11.62 18.40 53.39
C LEU H 29 -12.86 18.58 54.25
N ASP H 30 -13.85 19.32 53.76
CA ASP H 30 -15.05 19.54 54.57
C ASP H 30 -15.76 18.23 54.90
N ILE H 31 -15.95 17.34 53.91
CA ILE H 31 -16.53 16.03 54.21
C ILE H 31 -15.54 15.11 54.93
N THR H 32 -14.31 15.56 55.11
CA THR H 32 -13.38 14.86 55.98
C THR H 32 -13.45 15.35 57.42
N ASP H 33 -14.01 16.54 57.64
CA ASP H 33 -13.97 17.17 58.96
C ASP H 33 -14.77 16.46 60.03
N LYS H 34 -16.10 16.42 59.92
CA LYS H 34 -16.92 15.84 60.97
C LYS H 34 -18.03 14.96 60.39
N LEU H 35 -18.24 13.81 61.04
CA LEU H 35 -19.52 13.09 60.94
C LEU H 35 -19.62 12.17 62.14
N LYS H 36 -20.66 12.38 62.96
CA LYS H 36 -20.89 11.53 64.13
C LYS H 36 -21.34 10.13 63.73
N LYS H 37 -22.30 10.03 62.82
CA LYS H 37 -22.97 8.77 62.58
C LYS H 37 -22.05 7.78 61.88
N ASN H 38 -22.37 6.46 62.05
CA ASN H 38 -21.57 5.32 61.61
C ASN H 38 -22.03 4.82 60.24
N PRO H 39 -21.08 4.29 59.45
CA PRO H 39 -21.35 4.01 58.04
C PRO H 39 -22.15 2.73 57.83
N SER H 40 -22.72 2.65 56.62
CA SER H 40 -23.60 1.57 56.20
C SER H 40 -22.79 0.47 55.50
N GLU H 41 -23.49 -0.55 54.99
CA GLU H 41 -22.87 -1.48 54.06
C GLU H 41 -22.61 -0.83 52.70
N SER H 42 -23.53 0.00 52.22
CA SER H 42 -23.27 0.78 51.01
C SER H 42 -22.13 1.78 51.18
N ALA H 43 -21.83 2.16 52.42
CA ALA H 43 -20.65 2.96 52.74
C ALA H 43 -19.36 2.15 52.83
N LEU H 44 -19.43 0.84 52.64
CA LEU H 44 -18.26 0.04 52.29
C LEU H 44 -18.06 -0.05 50.78
N VAL H 45 -19.13 -0.36 50.04
CA VAL H 45 -19.07 -0.43 48.58
C VAL H 45 -18.58 0.87 47.94
N SER H 46 -18.71 2.01 48.63
CA SER H 46 -18.18 3.26 48.12
C SER H 46 -17.23 3.91 49.13
N HIS H 47 -16.43 3.08 49.79
CA HIS H 47 -15.69 3.48 50.98
C HIS H 47 -15.00 4.83 50.90
N ASN H 48 -14.20 5.05 49.86
CA ASN H 48 -13.42 6.29 49.72
C ASN H 48 -13.70 7.02 48.43
N LYS H 49 -14.90 6.86 47.86
CA LYS H 49 -15.13 7.26 46.48
C LYS H 49 -14.75 8.70 46.19
N ALA H 50 -14.91 9.61 47.15
CA ALA H 50 -14.54 11.00 46.92
C ALA H 50 -13.04 11.24 46.76
N ILE H 51 -12.19 10.37 47.30
CA ILE H 51 -10.75 10.49 47.07
C ILE H 51 -10.37 9.98 45.69
N VAL H 52 -10.87 8.81 45.31
CA VAL H 52 -10.54 8.28 43.99
C VAL H 52 -11.07 9.19 42.89
N GLU H 53 -12.27 9.73 43.07
CA GLU H 53 -12.77 10.78 42.18
C GLU H 53 -11.93 12.06 42.20
N HIS H 54 -11.27 12.37 43.32
CA HIS H 54 -10.42 13.56 43.31
C HIS H 54 -9.11 13.30 42.56
N ASN H 55 -8.46 12.19 42.86
CA ASN H 55 -7.26 11.77 42.15
C ASN H 55 -7.48 11.72 40.64
N ALA H 56 -8.63 11.22 40.19
CA ALA H 56 -8.90 11.25 38.75
C ALA H 56 -8.91 12.66 38.17
N ILE H 57 -9.35 13.66 38.94
CA ILE H 57 -9.32 15.03 38.44
C ILE H 57 -7.89 15.56 38.40
N ILE H 58 -7.07 15.16 39.37
CA ILE H 58 -5.68 15.60 39.34
C ILE H 58 -4.97 15.02 38.12
N VAL H 59 -5.19 13.73 37.83
CA VAL H 59 -4.63 13.08 36.65
C VAL H 59 -5.08 13.76 35.36
N GLU H 60 -6.35 14.18 35.30
CA GLU H 60 -6.80 14.93 34.13
C GLU H 60 -6.19 16.33 34.03
N ASN H 61 -5.87 16.95 35.16
CA ASN H 61 -5.17 18.23 35.10
C ASN H 61 -3.72 18.09 34.62
N ASN H 62 -3.01 17.08 35.13
CA ASN H 62 -1.66 16.79 34.67
C ASN H 62 -1.59 16.47 33.18
N ARG H 63 -2.60 15.79 32.63
CA ARG H 63 -2.58 15.55 31.19
C ARG H 63 -2.63 16.85 30.37
N ILE H 64 -3.39 17.84 30.83
CA ILE H 64 -3.46 19.10 30.11
C ILE H 64 -2.17 19.88 30.27
N ILE H 65 -1.61 19.89 31.48
CA ILE H 65 -0.31 20.56 31.67
C ILE H 65 0.73 19.99 30.71
N ALA H 66 0.80 18.67 30.59
CA ALA H 66 1.77 18.08 29.67
C ALA H 66 1.48 18.38 28.20
N ALA H 67 0.21 18.53 27.84
CA ALA H 67 -0.09 18.93 26.47
C ALA H 67 0.27 20.38 26.18
N VAL H 68 0.10 21.26 27.15
CA VAL H 68 0.56 22.64 26.96
C VAL H 68 2.08 22.71 26.90
N LEU H 69 2.78 21.94 27.73
CA LEU H 69 4.24 21.96 27.64
C LEU H 69 4.71 21.51 26.27
N GLU H 70 4.05 20.51 25.70
CA GLU H 70 4.44 20.07 24.36
C GLU H 70 4.14 21.13 23.30
N LEU H 71 2.97 21.78 23.37
CA LEU H 71 2.66 22.85 22.43
C LEU H 71 3.60 24.04 22.53
N ILE H 72 4.05 24.37 23.74
CA ILE H 72 5.01 25.45 23.92
C ILE H 72 6.38 25.06 23.34
N VAL H 73 6.91 23.91 23.73
CA VAL H 73 8.26 23.56 23.33
C VAL H 73 8.34 23.35 21.82
N ARG H 74 7.31 22.77 21.21
CA ARG H 74 7.31 22.64 19.76
C ARG H 74 7.19 23.98 19.03
N ALA H 75 6.88 25.06 19.74
CA ALA H 75 6.99 26.41 19.19
C ALA H 75 8.37 27.02 19.37
N VAL H 76 8.92 27.00 20.60
CA VAL H 76 10.16 27.72 20.84
C VAL H 76 11.39 26.94 20.40
N GLY H 77 11.28 25.64 20.20
CA GLY H 77 12.35 24.82 19.66
C GLY H 77 13.07 24.00 20.71
N MET H 78 13.13 22.70 20.44
CA MET H 78 13.78 21.72 21.29
C MET H 78 15.30 21.86 21.26
N THR H 79 15.91 21.36 22.34
CA THR H 79 17.34 21.07 22.43
C THR H 79 17.47 19.69 23.06
N ASP H 80 18.68 19.13 23.00
CA ASP H 80 18.91 17.78 23.46
C ASP H 80 18.27 17.50 24.82
N GLU H 81 18.55 18.36 25.81
CA GLU H 81 18.08 18.09 27.16
C GLU H 81 16.57 18.26 27.29
N ILE H 82 15.99 19.21 26.58
CA ILE H 82 14.54 19.34 26.57
C ILE H 82 13.89 18.11 25.93
N ASP H 83 14.45 17.60 24.83
CA ASP H 83 13.84 16.44 24.20
C ASP H 83 13.95 15.19 25.07
N LEU H 84 15.08 14.99 25.74
CA LEU H 84 15.16 13.91 26.73
C LEU H 84 14.16 14.07 27.85
N ALA H 85 13.98 15.29 28.35
CA ALA H 85 13.06 15.49 29.46
C ALA H 85 11.61 15.32 29.03
N LEU H 86 11.28 15.74 27.81
CA LEU H 86 9.94 15.49 27.29
C LEU H 86 9.67 13.99 27.09
N LEU H 87 10.67 13.22 26.66
CA LEU H 87 10.46 11.77 26.56
C LEU H 87 10.29 11.11 27.93
N LYS H 88 11.07 11.54 28.92
CA LYS H 88 10.78 11.15 30.31
C LYS H 88 9.37 11.52 30.74
N LEU H 89 8.93 12.72 30.42
CA LEU H 89 7.57 13.15 30.78
C LEU H 89 6.50 12.30 30.12
N LYS H 90 6.73 11.88 28.87
CA LYS H 90 5.79 10.97 28.21
C LYS H 90 5.79 9.59 28.86
N ALA H 91 6.95 9.07 29.22
CA ALA H 91 6.99 7.77 29.91
C ALA H 91 6.30 7.83 31.27
N SER H 92 6.44 8.94 32.00
CA SER H 92 5.76 9.04 33.28
C SER H 92 4.24 9.24 33.11
N THR H 93 3.83 10.01 32.12
CA THR H 93 2.39 10.14 31.86
C THR H 93 1.78 8.82 31.40
N ALA H 94 2.54 7.98 30.69
CA ALA H 94 2.04 6.64 30.39
C ALA H 94 1.96 5.77 31.62
N ARG H 95 2.95 5.83 32.50
CA ARG H 95 2.89 5.07 33.75
C ARG H 95 1.66 5.45 34.57
N LEU H 96 1.33 6.74 34.59
CA LEU H 96 0.16 7.20 35.35
C LEU H 96 -1.15 6.59 34.85
N LYS H 97 -1.27 6.27 33.55
CA LYS H 97 -2.49 5.62 33.06
C LYS H 97 -2.65 4.20 33.59
N VAL H 98 -1.55 3.44 33.63
CA VAL H 98 -1.63 2.11 34.21
C VAL H 98 -1.89 2.16 35.71
N ALA H 99 -1.30 3.13 36.41
CA ALA H 99 -1.57 3.25 37.83
C ALA H 99 -3.03 3.61 38.11
N THR H 100 -3.62 4.44 37.26
CA THR H 100 -5.03 4.76 37.40
C THR H 100 -5.92 3.57 37.09
N ALA H 101 -5.68 2.87 36.00
CA ALA H 101 -6.49 1.69 35.71
C ALA H 101 -6.36 0.61 36.77
N LEU H 102 -5.22 0.54 37.44
CA LEU H 102 -5.13 -0.40 38.56
C LEU H 102 -5.94 0.06 39.76
N LEU H 103 -5.89 1.35 40.10
CA LEU H 103 -6.72 1.78 41.22
C LEU H 103 -8.20 1.61 40.93
N ARG H 104 -8.62 1.92 39.70
CA ARG H 104 -9.99 1.71 39.24
C ARG H 104 -10.36 0.25 39.10
N MET H 105 -9.41 -0.67 39.13
CA MET H 105 -9.76 -2.07 39.27
C MET H 105 -9.94 -2.48 40.73
N ILE H 106 -8.99 -2.15 41.60
CA ILE H 106 -9.12 -2.55 43.01
C ILE H 106 -10.33 -1.90 43.68
N THR H 107 -10.68 -0.69 43.26
CA THR H 107 -11.92 -0.06 43.73
C THR H 107 -13.17 -0.84 43.33
N GLU H 108 -13.20 -1.41 42.13
CA GLU H 108 -14.40 -2.16 41.76
C GLU H 108 -14.38 -3.56 42.36
N GLU H 109 -13.21 -4.15 42.57
CA GLU H 109 -13.13 -5.41 43.30
C GLU H 109 -13.57 -5.26 44.74
N LEU H 110 -13.53 -4.04 45.28
CA LEU H 110 -14.11 -3.76 46.59
C LEU H 110 -15.64 -3.81 46.63
N LYS H 111 -16.32 -3.75 45.49
CA LYS H 111 -17.76 -4.04 45.45
C LYS H 111 -18.11 -5.48 45.73
N LYS H 112 -17.14 -6.40 45.76
CA LYS H 112 -17.43 -7.82 45.72
C LYS H 112 -16.79 -8.61 46.85
N ASN H 113 -15.72 -8.11 47.46
CA ASN H 113 -15.20 -8.67 48.71
C ASN H 113 -14.99 -7.57 49.74
N PRO H 114 -15.99 -6.71 49.95
CA PRO H 114 -15.86 -5.67 50.98
C PRO H 114 -15.66 -6.26 52.36
N SER H 115 -14.56 -5.91 52.99
CA SER H 115 -14.25 -6.34 54.35
C SER H 115 -13.17 -5.41 54.91
N GLU H 116 -13.08 -5.38 56.23
CA GLU H 116 -12.15 -4.48 56.89
C GLU H 116 -10.71 -4.67 56.43
N ASP H 117 -10.37 -5.83 55.88
CA ASP H 117 -9.02 -6.04 55.37
C ASP H 117 -8.85 -5.44 53.96
N ALA H 118 -9.84 -5.63 53.10
CA ALA H 118 -9.79 -5.04 51.76
C ALA H 118 -9.76 -3.52 51.79
N LEU H 119 -10.39 -2.90 52.78
CA LEU H 119 -10.30 -1.45 52.93
C LEU H 119 -8.87 -0.95 53.15
N VAL H 120 -8.04 -1.71 53.85
CA VAL H 120 -6.65 -1.28 54.03
C VAL H 120 -5.85 -1.47 52.75
N GLU H 121 -6.16 -2.50 51.98
CA GLU H 121 -5.56 -2.65 50.67
C GLU H 121 -5.93 -1.49 49.77
N HIS H 122 -7.20 -1.09 49.78
CA HIS H 122 -7.62 0.02 48.93
C HIS H 122 -6.93 1.33 49.34
N ASN H 123 -6.79 1.57 50.65
CA ASN H 123 -6.06 2.76 51.07
C ASN H 123 -4.60 2.72 50.64
N ARG H 124 -3.97 1.55 50.66
CA ARG H 124 -2.60 1.47 50.18
C ARG H 124 -2.50 1.66 48.66
N ALA H 125 -3.51 1.23 47.92
CA ALA H 125 -3.55 1.52 46.49
C ALA H 125 -3.69 3.01 46.21
N ILE H 126 -4.48 3.71 47.02
CA ILE H 126 -4.60 5.16 46.86
C ILE H 126 -3.29 5.85 47.22
N VAL H 127 -2.57 5.35 48.21
CA VAL H 127 -1.27 5.94 48.52
C VAL H 127 -0.26 5.69 47.40
N ASN H 128 -0.29 4.52 46.77
CA ASN H 128 0.62 4.28 45.65
C ASN H 128 0.27 5.12 44.42
N HIS H 129 -1.01 5.39 44.19
CA HIS H 129 -1.38 6.33 43.14
C HIS H 129 -0.86 7.73 43.43
N ASN H 130 -1.02 8.19 44.67
CA ASN H 130 -0.48 9.49 45.03
C ASN H 130 1.02 9.55 44.83
N ALA H 131 1.73 8.49 45.24
CA ALA H 131 3.17 8.43 45.04
C ALA H 131 3.58 8.44 43.57
N ILE H 132 2.69 8.09 42.66
CA ILE H 132 3.05 8.20 41.24
C ILE H 132 2.69 9.57 40.66
N ILE H 133 1.66 10.23 41.21
CA ILE H 133 1.37 11.59 40.78
C ILE H 133 2.48 12.55 41.21
N VAL H 134 3.04 12.34 42.40
CA VAL H 134 4.15 13.18 42.82
C VAL H 134 5.34 13.08 41.86
N GLU H 135 5.62 11.88 41.35
CA GLU H 135 6.70 11.74 40.37
C GLU H 135 6.38 12.49 39.09
N ASN H 136 5.14 12.38 38.61
CA ASN H 136 4.78 13.12 37.40
C ASN H 136 4.96 14.62 37.59
N ASN H 137 4.62 15.14 38.76
CA ASN H 137 4.85 16.55 39.03
C ASN H 137 6.32 16.91 39.11
N ARG H 138 7.16 16.01 39.63
CA ARG H 138 8.59 16.33 39.72
C ARG H 138 9.25 16.35 38.35
N ILE H 139 8.70 15.58 37.41
CA ILE H 139 9.22 15.63 36.04
C ILE H 139 8.75 16.88 35.33
N ILE H 140 7.47 17.25 35.49
CA ILE H 140 7.00 18.49 34.87
C ILE H 140 7.75 19.70 35.42
N ALA H 141 8.00 19.75 36.73
CA ALA H 141 8.79 20.85 37.28
C ALA H 141 10.23 20.87 36.76
N ALA H 142 10.84 19.72 36.51
CA ALA H 142 12.16 19.74 35.89
C ALA H 142 12.14 20.28 34.46
N VAL H 143 11.16 19.83 33.66
CA VAL H 143 11.01 20.38 32.31
C VAL H 143 10.80 21.88 32.34
N LEU H 144 9.99 22.39 33.27
CA LEU H 144 9.78 23.84 33.33
C LEU H 144 11.04 24.60 33.70
N GLU H 145 11.80 24.14 34.69
CA GLU H 145 13.03 24.86 34.99
C GLU H 145 14.02 24.83 33.81
N LEU H 146 14.02 23.74 33.04
CA LEU H 146 14.85 23.72 31.84
C LEU H 146 14.39 24.74 30.81
N ILE H 147 13.09 24.79 30.53
CA ILE H 147 12.61 25.74 29.53
C ILE H 147 12.88 27.17 29.96
N VAL H 148 12.73 27.47 31.25
CA VAL H 148 12.99 28.83 31.70
C VAL H 148 14.45 29.21 31.53
N ARG H 149 15.38 28.30 31.85
CA ARG H 149 16.79 28.62 31.59
C ARG H 149 17.11 28.72 30.10
N ALA H 150 16.51 27.88 29.27
CA ALA H 150 16.73 27.96 27.83
C ALA H 150 16.30 29.29 27.20
N LEU H 151 15.18 29.85 27.65
CA LEU H 151 14.76 31.19 27.20
C LEU H 151 15.51 32.35 27.85
N ASN H 152 16.42 32.10 28.78
CA ASN H 152 17.14 33.18 29.45
C ASN H 152 16.18 34.20 30.03
N LEU H 153 15.11 33.69 30.63
CA LEU H 153 13.95 34.48 31.00
C LEU H 153 14.17 34.98 32.43
N THR H 154 14.66 36.21 32.56
CA THR H 154 15.21 36.70 33.82
C THR H 154 14.26 37.58 34.61
N ASP H 155 13.01 37.74 34.16
CA ASP H 155 12.06 38.57 34.89
C ASP H 155 11.97 38.13 36.34
N GLU H 156 11.81 39.10 37.24
CA GLU H 156 11.68 38.81 38.67
C GLU H 156 10.40 38.06 39.00
N GLU H 157 9.31 38.31 38.26
CA GLU H 157 8.09 37.53 38.45
C GLU H 157 8.30 36.04 38.18
N VAL H 158 9.05 35.71 37.14
CA VAL H 158 9.36 34.31 36.86
C VAL H 158 10.34 33.76 37.88
N ARG H 159 11.38 34.53 38.20
CA ARG H 159 12.33 34.06 39.19
C ARG H 159 11.64 33.70 40.50
N LYS H 160 10.80 34.60 41.02
CA LYS H 160 10.07 34.32 42.25
C LYS H 160 9.09 33.16 42.09
N ALA H 161 8.46 33.01 40.92
CA ALA H 161 7.56 31.87 40.73
C ALA H 161 8.30 30.54 40.71
N LEU H 162 9.52 30.50 40.18
CA LEU H 162 10.33 29.29 40.32
C LEU H 162 10.79 29.09 41.76
N GLU H 163 11.23 30.14 42.44
CA GLU H 163 11.61 29.98 43.83
C GLU H 163 10.47 29.42 44.67
N GLU H 164 9.22 29.70 44.27
CA GLU H 164 8.08 29.04 44.91
C GLU H 164 7.90 27.60 44.45
N LEU H 165 8.11 27.32 43.17
CA LEU H 165 7.90 25.96 42.66
C LEU H 165 8.88 24.97 43.28
N LYS H 166 10.14 25.35 43.40
CA LYS H 166 11.15 24.48 44.01
C LYS H 166 10.81 24.15 45.46
N ALA H 167 10.47 25.17 46.25
CA ALA H 167 10.10 24.92 47.65
C ALA H 167 8.84 24.07 47.76
N SER H 168 7.86 24.30 46.90
CA SER H 168 6.67 23.44 46.91
C SER H 168 6.97 22.02 46.50
N THR H 169 7.93 21.80 45.60
CA THR H 169 8.33 20.45 45.25
C THR H 169 9.03 19.74 46.40
N ALA H 170 9.90 20.44 47.12
CA ALA H 170 10.51 19.80 48.29
C ALA H 170 9.50 19.53 49.39
N GLU H 171 8.56 20.46 49.62
CA GLU H 171 7.47 20.20 50.55
C GLU H 171 6.65 18.99 50.16
N LEU H 172 6.45 18.77 48.86
CA LEU H 172 5.69 17.61 48.43
C LEU H 172 6.47 16.32 48.54
N LYS H 173 7.78 16.34 48.32
CA LYS H 173 8.60 15.17 48.61
C LYS H 173 8.52 14.79 50.09
N ARG H 174 8.76 15.74 50.98
CA ARG H 174 8.66 15.43 52.41
C ARG H 174 7.29 14.90 52.79
N ALA H 175 6.22 15.47 52.24
CA ALA H 175 4.88 14.97 52.56
C ALA H 175 4.63 13.59 52.01
N THR H 176 5.23 13.24 50.87
CA THR H 176 5.01 11.90 50.33
C THR H 176 5.74 10.85 51.16
N ALA H 177 6.99 11.13 51.52
CA ALA H 177 7.72 10.22 52.41
C ALA H 177 7.01 10.04 53.74
N SER H 178 6.47 11.12 54.32
CA SER H 178 5.70 10.98 55.56
C SER H 178 4.41 10.17 55.38
N LEU H 179 3.70 10.35 54.28
CA LEU H 179 2.50 9.55 54.03
C LEU H 179 2.82 8.07 53.87
N ARG H 180 3.89 7.73 53.16
CA ARG H 180 4.26 6.31 53.07
C ARG H 180 4.72 5.76 54.41
N ALA H 181 5.40 6.58 55.20
CA ALA H 181 5.79 6.15 56.54
C ALA H 181 4.57 5.81 57.40
N ILE H 182 3.58 6.70 57.47
CA ILE H 182 2.40 6.35 58.24
C ILE H 182 1.63 5.19 57.63
N THR H 183 1.67 5.02 56.30
CA THR H 183 0.97 3.88 55.72
C THR H 183 1.60 2.56 56.13
N GLU H 184 2.92 2.54 56.34
CA GLU H 184 3.54 1.35 56.93
C GLU H 184 3.03 1.07 58.34
N GLU H 185 2.86 2.11 59.15
CA GLU H 185 2.32 1.94 60.49
C GLU H 185 0.88 1.44 60.48
N LEU H 186 0.08 1.90 59.51
CA LEU H 186 -1.25 1.32 59.31
C LEU H 186 -1.18 -0.14 58.89
N LYS H 187 -0.22 -0.49 58.05
CA LYS H 187 -0.05 -1.89 57.64
C LYS H 187 0.28 -2.78 58.83
N LYS H 188 1.08 -2.28 59.77
CA LYS H 188 1.29 -3.00 61.03
C LYS H 188 0.03 -3.07 61.89
N ASN H 189 -0.68 -1.96 62.08
CA ASN H 189 -1.75 -1.86 63.08
C ASN H 189 -3.10 -1.58 62.44
N PRO H 190 -3.61 -2.50 61.64
CA PRO H 190 -4.85 -2.27 60.88
C PRO H 190 -6.05 -2.16 61.80
N SER H 191 -6.69 -0.99 61.81
CA SER H 191 -7.89 -0.78 62.61
C SER H 191 -8.72 0.31 61.98
N GLU H 192 -10.03 0.27 62.26
CA GLU H 192 -10.90 1.40 61.97
C GLU H 192 -10.40 2.69 62.58
N ASP H 193 -9.85 2.62 63.79
CA ASP H 193 -9.32 3.81 64.45
C ASP H 193 -8.16 4.41 63.65
N ALA H 194 -7.23 3.57 63.21
CA ALA H 194 -6.14 4.09 62.40
C ALA H 194 -6.57 4.38 60.97
N LEU H 195 -7.56 3.65 60.44
CA LEU H 195 -8.05 3.96 59.10
C LEU H 195 -8.63 5.37 59.03
N VAL H 196 -9.37 5.78 60.06
CA VAL H 196 -9.98 7.10 60.07
C VAL H 196 -8.93 8.20 60.06
N GLU H 197 -7.86 8.04 60.84
CA GLU H 197 -6.79 9.02 60.90
C GLU H 197 -5.81 8.94 59.74
N HIS H 198 -5.77 7.81 59.03
CA HIS H 198 -5.03 7.70 57.78
C HIS H 198 -5.74 8.39 56.62
N ASN H 199 -7.08 8.30 56.58
CA ASN H 199 -7.83 9.02 55.56
C ASN H 199 -7.53 10.52 55.56
N ARG H 200 -7.40 11.11 56.76
CA ARG H 200 -7.02 12.51 56.82
C ARG H 200 -5.64 12.76 56.23
N ALA H 201 -4.71 11.84 56.48
CA ALA H 201 -3.35 12.01 55.95
C ALA H 201 -3.36 11.99 54.44
N ILE H 202 -4.23 11.17 53.86
CA ILE H 202 -4.40 11.19 52.41
C ILE H 202 -4.94 12.54 51.95
N VAL H 203 -6.02 13.01 52.57
CA VAL H 203 -6.62 14.26 52.10
C VAL H 203 -5.66 15.43 52.25
N GLU H 204 -4.84 15.43 53.29
CA GLU H 204 -3.81 16.45 53.49
C GLU H 204 -2.60 16.29 52.58
N HIS H 205 -2.45 15.16 51.92
CA HIS H 205 -1.42 15.08 50.89
C HIS H 205 -1.96 15.52 49.53
N ASN H 206 -3.17 15.10 49.19
CA ASN H 206 -3.86 15.68 48.04
C ASN H 206 -3.91 17.21 48.07
N ALA H 207 -4.09 17.80 49.25
CA ALA H 207 -4.05 19.26 49.33
C ALA H 207 -2.71 19.84 48.88
N ILE H 208 -1.60 19.16 49.19
CA ILE H 208 -0.29 19.65 48.77
C ILE H 208 -0.06 19.42 47.28
N ILE H 209 -0.62 18.35 46.73
CA ILE H 209 -0.54 18.18 45.28
C ILE H 209 -1.25 19.33 44.58
N VAL H 210 -2.46 19.66 45.01
CA VAL H 210 -3.18 20.74 44.34
C VAL H 210 -2.49 22.10 44.55
N GLU H 211 -1.91 22.32 45.75
CA GLU H 211 -1.11 23.52 45.96
C GLU H 211 0.21 23.51 45.21
N ASN H 212 0.54 22.42 44.53
CA ASN H 212 1.70 22.42 43.64
C ASN H 212 1.29 22.64 42.19
N ASN H 213 0.23 21.97 41.74
CA ASN H 213 -0.31 22.24 40.41
C ASN H 213 -0.67 23.70 40.21
N ARG H 214 -1.13 24.39 41.26
CA ARG H 214 -1.38 25.83 41.15
C ARG H 214 -0.14 26.62 40.75
N ILE H 215 1.02 26.25 41.27
CA ILE H 215 2.24 27.00 40.93
C ILE H 215 2.77 26.58 39.58
N ILE H 216 2.61 25.32 39.20
CA ILE H 216 3.00 24.92 37.86
C ILE H 216 2.18 25.67 36.82
N ALA H 217 0.87 25.81 37.03
CA ALA H 217 0.04 26.60 36.12
C ALA H 217 0.42 28.07 36.11
N LEU H 218 0.84 28.61 37.25
CA LEU H 218 1.29 30.00 37.25
C LEU H 218 2.53 30.17 36.39
N VAL H 219 3.57 29.38 36.64
CA VAL H 219 4.79 29.47 35.84
C VAL H 219 4.50 29.27 34.36
N LEU H 220 3.58 28.37 34.01
CA LEU H 220 3.20 28.24 32.60
C LEU H 220 2.61 29.52 32.03
N LEU H 221 1.83 30.25 32.83
CA LEU H 221 1.28 31.50 32.30
C LEU H 221 2.37 32.55 32.16
N LEU H 222 3.20 32.71 33.18
CA LEU H 222 4.26 33.72 33.10
C LEU H 222 5.23 33.45 31.96
N ILE H 223 5.45 32.18 31.61
CA ILE H 223 6.26 31.88 30.44
C ILE H 223 5.52 32.27 29.16
N VAL H 224 4.28 31.84 29.00
CA VAL H 224 3.62 32.14 27.73
C VAL H 224 3.45 33.65 27.54
N LEU H 225 3.30 34.40 28.63
CA LEU H 225 3.28 35.87 28.52
C LEU H 225 4.66 36.45 28.26
N ALA H 226 5.73 35.78 28.66
CA ALA H 226 7.04 36.37 28.43
C ALA H 226 7.55 36.16 27.00
N ILE H 227 7.18 35.06 26.35
CA ILE H 227 7.59 34.88 24.97
C ILE H 227 6.71 35.76 24.07
N GLY I 2 -23.11 1.44 -8.10
CA GLY I 2 -23.60 1.42 -6.70
C GLY I 2 -25.06 1.01 -6.58
N SER I 3 -25.52 0.79 -5.36
CA SER I 3 -26.90 0.44 -5.14
C SER I 3 -27.80 1.69 -5.20
N GLU I 4 -29.10 1.44 -5.17
CA GLU I 4 -30.10 2.50 -5.31
C GLU I 4 -29.91 3.60 -4.27
N GLU I 5 -29.51 3.25 -3.05
CA GLU I 5 -29.39 4.27 -2.02
C GLU I 5 -28.22 5.21 -2.28
N GLU I 6 -27.17 4.74 -2.95
CA GLU I 6 -26.04 5.62 -3.23
C GLU I 6 -26.41 6.62 -4.32
N ILE I 7 -27.08 6.14 -5.37
CA ILE I 7 -27.54 7.05 -6.41
C ILE I 7 -28.56 8.04 -5.86
N ALA I 8 -29.48 7.57 -5.01
CA ALA I 8 -30.46 8.48 -4.42
C ALA I 8 -29.84 9.55 -3.54
N LYS I 9 -28.83 9.19 -2.75
CA LYS I 9 -28.08 10.20 -2.00
C LYS I 9 -27.35 11.17 -2.92
N ALA I 10 -26.75 10.68 -4.00
CA ALA I 10 -26.05 11.57 -4.91
C ALA I 10 -26.99 12.49 -5.69
N LEU I 11 -28.19 12.03 -6.00
CA LEU I 11 -29.21 12.90 -6.60
C LEU I 11 -29.80 13.89 -5.62
N GLU I 12 -29.87 13.54 -4.34
CA GLU I 12 -30.25 14.56 -3.35
C GLU I 12 -29.18 15.64 -3.24
N GLU I 13 -27.90 15.25 -3.25
CA GLU I 13 -26.83 16.23 -3.33
C GLU I 13 -26.92 17.07 -4.59
N LEU I 14 -27.33 16.48 -5.70
CA LEU I 14 -27.41 17.20 -6.97
C LEU I 14 -28.52 18.24 -6.93
N VAL I 15 -29.71 17.85 -6.50
CA VAL I 15 -30.83 18.79 -6.50
C VAL I 15 -30.63 19.88 -5.46
N ALA I 16 -30.05 19.57 -4.31
CA ALA I 16 -29.68 20.64 -3.37
C ALA I 16 -28.62 21.59 -3.93
N SER I 17 -27.64 21.08 -4.68
CA SER I 17 -26.70 21.97 -5.35
C SER I 17 -27.36 22.85 -6.39
N LEU I 18 -28.33 22.33 -7.14
CA LEU I 18 -29.08 23.18 -8.06
C LEU I 18 -29.91 24.23 -7.34
N ALA I 19 -30.54 23.86 -6.23
CA ALA I 19 -31.34 24.86 -5.53
C ALA I 19 -30.50 25.97 -4.93
N GLU I 20 -29.24 25.68 -4.58
CA GLU I 20 -28.30 26.74 -4.21
C GLU I 20 -27.83 27.58 -5.40
N LEU I 21 -27.51 26.93 -6.51
CA LEU I 21 -27.06 27.64 -7.72
C LEU I 21 -28.13 28.52 -8.37
N LYS I 22 -29.41 28.17 -8.29
CA LYS I 22 -30.43 29.08 -8.83
C LYS I 22 -30.58 30.35 -7.99
N ARG I 23 -30.54 30.25 -6.67
CA ARG I 23 -30.55 31.45 -5.84
C ARG I 23 -29.32 32.31 -6.10
N ALA I 24 -28.14 31.71 -6.18
CA ALA I 24 -26.96 32.51 -6.49
C ALA I 24 -27.04 33.16 -7.86
N THR I 25 -27.67 32.51 -8.84
CA THR I 25 -27.85 33.14 -10.14
C THR I 25 -28.75 34.37 -10.04
N LEU I 26 -29.89 34.23 -9.36
CA LEU I 26 -30.81 35.35 -9.23
C LEU I 26 -30.13 36.53 -8.52
N LYS I 27 -29.42 36.25 -7.44
CA LYS I 27 -28.75 37.34 -6.74
C LYS I 27 -27.64 37.97 -7.56
N LEU I 28 -26.96 37.20 -8.41
CA LEU I 28 -25.92 37.77 -9.26
C LEU I 28 -26.50 38.66 -10.36
N LEU I 29 -27.66 38.30 -10.91
CA LEU I 29 -28.37 39.25 -11.76
C LEU I 29 -28.82 40.49 -11.01
N ASP I 30 -29.34 40.33 -9.79
CA ASP I 30 -29.79 41.50 -9.04
C ASP I 30 -28.65 42.47 -8.77
N ILE I 31 -27.50 41.97 -8.32
CA ILE I 31 -26.34 42.87 -8.14
C ILE I 31 -25.74 43.29 -9.47
N THR I 32 -26.22 42.72 -10.57
CA THR I 32 -25.84 43.25 -11.89
C THR I 32 -26.79 44.34 -12.36
N ASP I 33 -27.98 44.44 -11.79
CA ASP I 33 -29.02 45.34 -12.29
C ASP I 33 -28.69 46.82 -12.15
N LYS I 34 -28.61 47.33 -10.92
CA LYS I 34 -28.41 48.76 -10.71
C LYS I 34 -27.40 49.02 -9.61
N LEU I 35 -26.52 50.01 -9.85
CA LEU I 35 -25.81 50.69 -8.78
C LEU I 35 -25.34 52.04 -9.33
N LYS I 36 -25.79 53.13 -8.71
CA LYS I 36 -25.36 54.47 -9.13
C LYS I 36 -23.91 54.73 -8.75
N LYS I 37 -23.53 54.42 -7.51
CA LYS I 37 -22.26 54.88 -6.99
C LYS I 37 -21.09 54.15 -7.65
N ASN I 38 -19.90 54.82 -7.63
CA ASN I 38 -18.69 54.39 -8.32
C ASN I 38 -17.78 53.57 -7.41
N PRO I 39 -17.05 52.63 -7.99
CA PRO I 39 -16.33 51.61 -7.21
C PRO I 39 -15.04 52.14 -6.59
N SER I 40 -14.58 51.40 -5.58
CA SER I 40 -13.41 51.73 -4.79
C SER I 40 -12.16 51.08 -5.38
N GLU I 41 -11.03 51.24 -4.68
CA GLU I 41 -9.85 50.43 -4.97
C GLU I 41 -10.04 48.97 -4.53
N SER I 42 -10.68 48.76 -3.38
CA SER I 42 -11.04 47.41 -2.97
C SER I 42 -12.04 46.76 -3.93
N ALA I 43 -12.79 47.56 -4.68
CA ALA I 43 -13.63 47.08 -5.76
C ALA I 43 -12.88 46.82 -7.05
N LEU I 44 -11.57 47.05 -7.07
CA LEU I 44 -10.70 46.45 -8.07
C LEU I 44 -10.12 45.11 -7.61
N VAL I 45 -9.60 45.06 -6.40
CA VAL I 45 -9.06 43.83 -5.83
C VAL I 45 -10.09 42.71 -5.79
N SER I 46 -11.38 43.02 -5.80
CA SER I 46 -12.43 42.01 -5.87
C SER I 46 -13.35 42.24 -7.05
N HIS I 47 -12.76 42.65 -8.18
CA HIS I 47 -13.49 43.20 -9.31
C HIS I 47 -14.75 42.44 -9.68
N ASN I 48 -14.65 41.12 -9.89
CA ASN I 48 -15.78 40.32 -10.32
C ASN I 48 -16.07 39.15 -9.38
N LYS I 49 -15.74 39.29 -8.10
CA LYS I 49 -15.66 38.12 -7.23
C LYS I 49 -16.95 37.30 -7.23
N ALA I 50 -18.11 37.94 -7.38
CA ALA I 50 -19.35 37.18 -7.42
C ALA I 50 -19.52 36.31 -8.68
N ILE I 51 -18.85 36.65 -9.77
CA ILE I 51 -18.88 35.79 -10.94
C ILE I 51 -17.96 34.60 -10.78
N VAL I 52 -16.74 34.81 -10.32
CA VAL I 52 -15.82 33.70 -10.14
C VAL I 52 -16.35 32.74 -9.07
N GLU I 53 -16.94 33.27 -8.01
CA GLU I 53 -17.65 32.43 -7.05
C GLU I 53 -18.87 31.72 -7.63
N HIS I 54 -19.52 32.29 -8.65
CA HIS I 54 -20.65 31.57 -9.24
C HIS I 54 -20.16 30.42 -10.13
N ASN I 55 -19.20 30.72 -11.00
CA ASN I 55 -18.57 29.70 -11.84
C ASN I 55 -18.04 28.53 -11.02
N ALA I 56 -17.43 28.80 -9.86
CA ALA I 56 -16.99 27.71 -9.01
C ALA I 56 -18.15 26.80 -8.55
N ILE I 57 -19.34 27.36 -8.34
CA ILE I 57 -20.48 26.53 -7.98
C ILE I 57 -20.95 25.71 -9.17
N ILE I 58 -20.87 26.28 -10.37
CA ILE I 58 -21.27 25.49 -11.53
C ILE I 58 -20.32 24.31 -11.73
N VAL I 59 -19.01 24.56 -11.60
CA VAL I 59 -18.01 23.50 -11.69
C VAL I 59 -18.22 22.41 -10.65
N GLU I 60 -18.59 22.79 -9.43
CA GLU I 60 -18.91 21.77 -8.43
C GLU I 60 -20.20 21.01 -8.72
N ASN I 61 -21.17 21.64 -9.37
CA ASN I 61 -22.37 20.90 -9.75
C ASN I 61 -22.09 19.91 -10.88
N ASN I 62 -21.32 20.34 -11.89
CA ASN I 62 -20.90 19.45 -12.95
C ASN I 62 -20.10 18.25 -12.46
N ARG I 63 -19.29 18.42 -11.42
CA ARG I 63 -18.58 17.27 -10.87
C ARG I 63 -19.53 16.22 -10.30
N ILE I 64 -20.62 16.65 -9.67
CA ILE I 64 -21.57 15.70 -9.10
C ILE I 64 -22.37 15.04 -10.20
N ILE I 65 -22.77 15.79 -11.22
CA ILE I 65 -23.46 15.17 -12.34
C ILE I 65 -22.60 14.05 -12.94
N ALA I 66 -21.31 14.31 -13.14
CA ALA I 66 -20.44 13.27 -13.69
C ALA I 66 -20.25 12.07 -12.75
N ALA I 67 -20.30 12.29 -11.43
CA ALA I 67 -20.24 11.15 -10.52
C ALA I 67 -21.51 10.33 -10.53
N VAL I 68 -22.67 10.98 -10.68
CA VAL I 68 -23.91 10.22 -10.82
C VAL I 68 -23.93 9.46 -12.14
N LEU I 69 -23.47 10.07 -13.22
CA LEU I 69 -23.45 9.34 -14.48
C LEU I 69 -22.59 8.08 -14.38
N GLU I 70 -21.47 8.19 -13.68
CA GLU I 70 -20.64 7.00 -13.51
C GLU I 70 -21.32 5.94 -12.64
N LEU I 71 -21.97 6.36 -11.55
CA LEU I 71 -22.70 5.41 -10.71
C LEU I 71 -23.85 4.73 -11.44
N ILE I 72 -24.54 5.45 -12.32
CA ILE I 72 -25.62 4.83 -13.10
C ILE I 72 -25.06 3.84 -14.12
N VAL I 73 -24.09 4.27 -14.94
CA VAL I 73 -23.63 3.41 -16.02
C VAL I 73 -22.94 2.17 -15.47
N ARG I 74 -22.20 2.30 -14.38
CA ARG I 74 -21.59 1.11 -13.77
C ARG I 74 -22.61 0.17 -13.15
N ALA I 75 -23.87 0.58 -13.03
CA ALA I 75 -24.96 -0.32 -12.68
C ALA I 75 -25.61 -0.98 -13.89
N VAL I 76 -25.96 -0.19 -14.90
CA VAL I 76 -26.74 -0.75 -16.02
C VAL I 76 -25.86 -1.45 -17.05
N GLY I 77 -24.55 -1.19 -17.03
CA GLY I 77 -23.60 -1.89 -17.88
C GLY I 77 -23.16 -1.10 -19.10
N MET I 78 -21.84 -0.96 -19.22
CA MET I 78 -21.19 -0.26 -20.32
C MET I 78 -21.32 -0.99 -21.64
N THR I 79 -21.20 -0.21 -22.71
CA THR I 79 -20.95 -0.69 -24.07
C THR I 79 -19.86 0.19 -24.66
N ASP I 80 -19.32 -0.24 -25.79
CA ASP I 80 -18.18 0.44 -26.40
C ASP I 80 -18.36 1.95 -26.45
N GLU I 81 -19.49 2.42 -27.00
CA GLU I 81 -19.68 3.84 -27.20
C GLU I 81 -19.88 4.60 -25.90
N ILE I 82 -20.57 3.98 -24.94
CA ILE I 82 -20.69 4.59 -23.63
C ILE I 82 -19.34 4.69 -22.94
N ASP I 83 -18.51 3.66 -23.04
CA ASP I 83 -17.21 3.72 -22.37
C ASP I 83 -16.29 4.75 -23.00
N LEU I 84 -16.31 4.88 -24.34
CA LEU I 84 -15.60 5.97 -24.99
C LEU I 84 -16.11 7.34 -24.54
N ALA I 85 -17.43 7.48 -24.43
CA ALA I 85 -17.98 8.78 -24.04
C ALA I 85 -17.68 9.11 -22.59
N LEU I 86 -17.69 8.11 -21.71
CA LEU I 86 -17.28 8.34 -20.34
C LEU I 86 -15.81 8.71 -20.22
N LEU I 87 -14.95 8.12 -21.04
CA LEU I 87 -13.54 8.54 -21.01
C LEU I 87 -13.34 9.96 -21.54
N LYS I 88 -14.07 10.34 -22.58
CA LYS I 88 -14.13 11.75 -22.97
C LYS I 88 -14.61 12.65 -21.83
N LEU I 89 -15.66 12.23 -21.13
CA LEU I 89 -16.17 13.01 -20.00
C LEU I 89 -15.16 13.16 -18.88
N LYS I 90 -14.37 12.11 -18.61
CA LYS I 90 -13.31 12.23 -17.63
C LYS I 90 -12.19 13.17 -18.09
N ALA I 91 -11.80 13.09 -19.36
CA ALA I 91 -10.79 14.02 -19.86
C ALA I 91 -11.27 15.47 -19.81
N SER I 92 -12.54 15.72 -20.11
CA SER I 92 -13.05 17.09 -20.01
C SER I 92 -13.19 17.56 -18.57
N THR I 93 -13.62 16.68 -17.66
CA THR I 93 -13.66 17.07 -16.26
C THR I 93 -12.28 17.33 -15.68
N ALA I 94 -11.26 16.63 -16.17
CA ALA I 94 -9.90 16.96 -15.78
C ALA I 94 -9.45 18.30 -16.35
N ARG I 95 -9.78 18.57 -17.61
CA ARG I 95 -9.46 19.87 -18.21
C ARG I 95 -10.08 21.03 -17.43
N LEU I 96 -11.30 20.85 -16.95
CA LEU I 96 -11.98 21.90 -16.19
C LEU I 96 -11.24 22.26 -14.91
N LYS I 97 -10.53 21.32 -14.28
CA LYS I 97 -9.75 21.64 -13.09
C LYS I 97 -8.57 22.56 -13.41
N VAL I 98 -7.87 22.32 -14.50
CA VAL I 98 -6.78 23.21 -14.88
C VAL I 98 -7.31 24.58 -15.30
N ALA I 99 -8.46 24.62 -15.97
CA ALA I 99 -9.02 25.93 -16.34
C ALA I 99 -9.45 26.72 -15.11
N THR I 100 -9.96 26.03 -14.08
CA THR I 100 -10.32 26.71 -12.84
C THR I 100 -9.09 27.19 -12.09
N ALA I 101 -8.07 26.35 -11.94
CA ALA I 101 -6.87 26.82 -11.26
C ALA I 101 -6.18 27.95 -11.99
N LEU I 102 -6.34 28.05 -13.31
CA LEU I 102 -5.81 29.22 -14.00
C LEU I 102 -6.64 30.46 -13.72
N LEU I 103 -7.97 30.35 -13.71
CA LEU I 103 -8.75 31.54 -13.38
C LEU I 103 -8.48 32.00 -11.96
N ARG I 104 -8.37 31.06 -11.02
CA ARG I 104 -8.01 31.35 -9.63
C ARG I 104 -6.59 31.82 -9.45
N MET I 105 -5.73 31.68 -10.44
CA MET I 105 -4.44 32.38 -10.39
C MET I 105 -4.53 33.81 -10.92
N ILE I 106 -5.11 34.01 -12.10
CA ILE I 106 -5.19 35.37 -12.65
C ILE I 106 -6.03 36.29 -11.76
N THR I 107 -7.04 35.75 -11.11
CA THR I 107 -7.80 36.50 -10.11
C THR I 107 -6.94 36.96 -8.93
N GLU I 108 -6.02 36.13 -8.47
CA GLU I 108 -5.21 36.56 -7.35
C GLU I 108 -4.07 37.48 -7.79
N GLU I 109 -3.57 37.32 -9.01
CA GLU I 109 -2.62 38.28 -9.56
C GLU I 109 -3.25 39.64 -9.77
N LEU I 110 -4.57 39.72 -9.85
CA LEU I 110 -5.27 41.01 -9.86
C LEU I 110 -5.25 41.75 -8.52
N LYS I 111 -4.95 41.08 -7.40
CA LYS I 111 -4.68 41.78 -6.15
C LYS I 111 -3.40 42.60 -6.15
N LYS I 112 -2.53 42.46 -7.15
CA LYS I 112 -1.17 42.97 -7.08
C LYS I 112 -0.79 43.88 -8.23
N ASN I 113 -1.44 43.77 -9.39
CA ASN I 113 -1.31 44.76 -10.46
C ASN I 113 -2.69 45.21 -10.94
N PRO I 114 -3.59 45.58 -10.03
CA PRO I 114 -4.91 46.08 -10.45
C PRO I 114 -4.79 47.34 -11.29
N SER I 115 -5.32 47.28 -12.50
CA SER I 115 -5.36 48.42 -13.41
C SER I 115 -6.40 48.14 -14.47
N GLU I 116 -6.86 49.20 -15.12
CA GLU I 116 -7.93 49.07 -16.11
C GLU I 116 -7.58 48.09 -17.22
N ASP I 117 -6.30 47.84 -17.46
CA ASP I 117 -5.92 46.85 -18.47
C ASP I 117 -6.02 45.42 -17.94
N ALA I 118 -5.55 45.19 -16.72
CA ALA I 118 -5.66 43.87 -16.10
C ALA I 118 -7.11 43.43 -15.90
N LEU I 119 -8.02 44.37 -15.67
CA LEU I 119 -9.44 44.01 -15.59
C LEU I 119 -9.99 43.42 -16.88
N VAL I 120 -9.50 43.86 -18.04
CA VAL I 120 -9.97 43.27 -19.29
C VAL I 120 -9.37 41.89 -19.48
N GLU I 121 -8.14 41.68 -19.03
CA GLU I 121 -7.57 40.34 -19.03
C GLU I 121 -8.38 39.40 -18.15
N HIS I 122 -8.76 39.85 -16.96
CA HIS I 122 -9.53 38.99 -16.07
C HIS I 122 -10.89 38.65 -16.68
N ASN I 123 -11.55 39.62 -17.32
CA ASN I 123 -12.81 39.31 -17.99
C ASN I 123 -12.62 38.30 -19.12
N ARG I 124 -11.51 38.38 -19.85
CA ARG I 124 -11.28 37.38 -20.89
C ARG I 124 -10.98 36.00 -20.30
N ALA I 125 -10.34 35.94 -19.15
CA ALA I 125 -10.15 34.66 -18.47
C ALA I 125 -11.49 34.07 -18.03
N ILE I 126 -12.41 34.92 -17.57
CA ILE I 126 -13.73 34.42 -17.21
C ILE I 126 -14.50 33.92 -18.44
N VAL I 127 -14.33 34.59 -19.57
CA VAL I 127 -14.99 34.10 -20.78
C VAL I 127 -14.41 32.78 -21.24
N ASN I 128 -13.09 32.59 -21.12
CA ASN I 128 -12.53 31.29 -21.49
C ASN I 128 -12.91 30.16 -20.53
N HIS I 129 -13.09 30.46 -19.24
CA HIS I 129 -13.63 29.46 -18.33
C HIS I 129 -15.05 29.09 -18.70
N ASN I 130 -15.89 30.07 -18.99
CA ASN I 130 -17.26 29.78 -19.42
C ASN I 130 -17.26 28.93 -20.68
N ALA I 131 -16.40 29.26 -21.65
CA ALA I 131 -16.29 28.46 -22.86
C ALA I 131 -15.83 27.03 -22.62
N ILE I 132 -15.18 26.75 -21.49
CA ILE I 132 -14.83 25.36 -21.21
C ILE I 132 -15.93 24.62 -20.42
N ILE I 133 -16.72 25.35 -19.63
CA ILE I 133 -17.86 24.72 -18.98
C ILE I 133 -18.92 24.32 -20.01
N VAL I 134 -19.11 25.15 -21.04
CA VAL I 134 -20.05 24.77 -22.09
C VAL I 134 -19.65 23.47 -22.76
N GLU I 135 -18.36 23.24 -22.98
CA GLU I 135 -17.92 21.98 -23.56
C GLU I 135 -18.21 20.81 -22.62
N ASN I 136 -17.93 20.98 -21.34
CA ASN I 136 -18.22 19.90 -20.40
C ASN I 136 -19.71 19.54 -20.41
N ASN I 137 -20.59 20.54 -20.53
CA ASN I 137 -22.01 20.25 -20.63
C ASN I 137 -22.38 19.55 -21.93
N ARG I 138 -21.71 19.89 -23.04
CA ARG I 138 -22.05 19.23 -24.30
C ARG I 138 -21.62 17.77 -24.32
N ILE I 139 -20.59 17.44 -23.54
CA ILE I 139 -20.19 16.04 -23.42
C ILE I 139 -21.15 15.28 -22.49
N ILE I 140 -21.55 15.90 -21.39
CA ILE I 140 -22.52 15.23 -20.51
C ILE I 140 -23.84 14.99 -21.24
N ALA I 141 -24.32 15.96 -22.02
CA ALA I 141 -25.53 15.75 -22.81
C ALA I 141 -25.39 14.66 -23.86
N ALA I 142 -24.20 14.51 -24.46
CA ALA I 142 -24.01 13.38 -25.36
C ALA I 142 -24.06 12.03 -24.65
N VAL I 143 -23.39 11.93 -23.49
CA VAL I 143 -23.46 10.70 -22.70
C VAL I 143 -24.91 10.37 -22.31
N LEU I 144 -25.69 11.37 -21.93
CA LEU I 144 -27.07 11.09 -21.57
C LEU I 144 -27.91 10.60 -22.75
N GLU I 145 -27.78 11.23 -23.91
CA GLU I 145 -28.53 10.71 -25.05
C GLU I 145 -28.11 9.29 -25.42
N LEU I 146 -26.84 8.95 -25.24
CA LEU I 146 -26.42 7.57 -25.45
C LEU I 146 -27.08 6.62 -24.46
N ILE I 147 -27.05 6.96 -23.17
CA ILE I 147 -27.63 6.07 -22.18
C ILE I 147 -29.12 5.89 -22.41
N VAL I 148 -29.82 6.96 -22.81
CA VAL I 148 -31.25 6.82 -23.06
C VAL I 148 -31.52 5.89 -24.23
N ARG I 149 -30.76 6.00 -25.32
CA ARG I 149 -30.95 5.04 -26.41
C ARG I 149 -30.57 3.61 -26.02
N ALA I 150 -29.52 3.44 -25.25
CA ALA I 150 -29.12 2.11 -24.81
C ALA I 150 -30.18 1.40 -23.96
N LEU I 151 -30.87 2.12 -23.07
CA LEU I 151 -31.98 1.56 -22.31
C LEU I 151 -33.28 1.43 -23.10
N ASN I 152 -33.35 1.87 -24.35
CA ASN I 152 -34.59 1.80 -25.13
C ASN I 152 -35.75 2.43 -24.38
N LEU I 153 -35.49 3.57 -23.75
CA LEU I 153 -36.37 4.17 -22.75
C LEU I 153 -37.31 5.13 -23.49
N THR I 154 -38.51 4.67 -23.82
CA THR I 154 -39.37 5.36 -24.77
C THR I 154 -40.46 6.21 -24.14
N ASP I 155 -40.51 6.32 -22.81
CA ASP I 155 -41.54 7.14 -22.17
C ASP I 155 -41.55 8.54 -22.77
N GLU I 156 -42.75 9.11 -22.88
CA GLU I 156 -42.92 10.46 -23.41
C GLU I 156 -42.33 11.54 -22.49
N GLU I 157 -42.34 11.33 -21.18
CA GLU I 157 -41.65 12.27 -20.27
C GLU I 157 -40.17 12.37 -20.56
N VAL I 158 -39.51 11.25 -20.83
CA VAL I 158 -38.10 11.28 -21.18
C VAL I 158 -37.91 11.85 -22.57
N ARG I 159 -38.73 11.43 -23.54
CA ARG I 159 -38.60 11.97 -24.88
C ARG I 159 -38.68 13.50 -24.87
N LYS I 160 -39.70 14.06 -24.23
CA LYS I 160 -39.82 15.51 -24.15
C LYS I 160 -38.69 16.16 -23.38
N ALA I 161 -38.17 15.50 -22.34
CA ALA I 161 -37.03 16.07 -21.61
C ALA I 161 -35.76 16.10 -22.45
N LEU I 162 -35.56 15.11 -23.31
CA LEU I 162 -34.45 15.20 -24.26
C LEU I 162 -34.70 16.26 -25.33
N GLU I 163 -35.91 16.33 -25.86
CA GLU I 163 -36.21 17.37 -26.84
C GLU I 163 -35.95 18.76 -26.27
N GLU I 164 -36.11 18.92 -24.95
CA GLU I 164 -35.71 20.17 -24.30
C GLU I 164 -34.19 20.28 -24.14
N LEU I 165 -33.51 19.18 -23.80
CA LEU I 165 -32.08 19.24 -23.58
C LEU I 165 -31.32 19.60 -24.86
N LYS I 166 -31.71 19.01 -25.98
CA LYS I 166 -31.07 19.32 -27.26
C LYS I 166 -31.23 20.79 -27.65
N ALA I 167 -32.45 21.32 -27.53
CA ALA I 167 -32.66 22.73 -27.82
C ALA I 167 -31.88 23.64 -26.87
N SER I 168 -31.82 23.29 -25.59
CA SER I 168 -31.01 24.08 -24.67
C SER I 168 -29.52 24.01 -24.98
N THR I 169 -29.05 22.87 -25.47
CA THR I 169 -27.64 22.78 -25.88
C THR I 169 -27.35 23.62 -27.10
N ALA I 170 -28.24 23.65 -28.08
CA ALA I 170 -28.01 24.53 -29.22
C ALA I 170 -28.11 26.00 -28.83
N GLU I 171 -29.05 26.34 -27.96
CA GLU I 171 -29.10 27.70 -27.41
C GLU I 171 -27.82 28.08 -26.68
N LEU I 172 -27.21 27.13 -25.99
CA LEU I 172 -25.97 27.43 -25.29
C LEU I 172 -24.77 27.54 -26.22
N LYS I 173 -24.73 26.76 -27.29
CA LYS I 173 -23.71 26.98 -28.32
C LYS I 173 -23.82 28.37 -28.93
N ARG I 174 -25.02 28.74 -29.38
CA ARG I 174 -25.20 30.08 -29.94
C ARG I 174 -24.84 31.18 -28.97
N ALA I 175 -25.20 31.03 -27.69
CA ALA I 175 -24.85 32.04 -26.70
C ALA I 175 -23.36 32.11 -26.44
N THR I 176 -22.65 30.99 -26.54
CA THR I 176 -21.21 31.02 -26.32
C THR I 176 -20.50 31.71 -27.47
N ALA I 177 -20.88 31.37 -28.70
CA ALA I 177 -20.32 32.06 -29.85
C ALA I 177 -20.59 33.56 -29.82
N SER I 178 -21.79 33.98 -29.41
CA SER I 178 -22.06 35.40 -29.27
C SER I 178 -21.23 36.07 -28.17
N LEU I 179 -21.05 35.40 -27.03
CA LEU I 179 -20.21 35.97 -25.98
C LEU I 179 -18.76 36.12 -26.41
N ARG I 180 -18.21 35.13 -27.12
CA ARG I 180 -16.85 35.29 -27.62
C ARG I 180 -16.76 36.38 -28.68
N ALA I 181 -17.79 36.51 -29.52
CA ALA I 181 -17.79 37.57 -30.50
C ALA I 181 -17.75 38.95 -29.84
N ILE I 182 -18.62 39.20 -28.85
CA ILE I 182 -18.53 40.50 -28.19
C ILE I 182 -17.23 40.64 -27.39
N THR I 183 -16.67 39.54 -26.89
CA THR I 183 -15.42 39.66 -26.15
C THR I 183 -14.27 40.10 -27.05
N GLU I 184 -14.31 39.70 -28.32
CA GLU I 184 -13.35 40.26 -29.28
C GLU I 184 -13.51 41.76 -29.45
N GLU I 185 -14.75 42.25 -29.50
CA GLU I 185 -15.00 43.68 -29.60
C GLU I 185 -14.53 44.44 -28.37
N LEU I 186 -14.68 43.85 -27.18
CA LEU I 186 -14.07 44.42 -25.98
C LEU I 186 -12.55 44.43 -26.07
N LYS I 187 -11.97 43.37 -26.63
CA LYS I 187 -10.51 43.34 -26.80
C LYS I 187 -10.02 44.45 -27.71
N LYS I 188 -10.79 44.78 -28.75
CA LYS I 188 -10.49 45.96 -29.55
C LYS I 188 -10.68 47.27 -28.79
N ASN I 189 -11.79 47.44 -28.08
CA ASN I 189 -12.18 48.74 -27.53
C ASN I 189 -12.26 48.73 -26.01
N PRO I 190 -11.12 48.53 -25.34
CA PRO I 190 -11.12 48.39 -23.87
C PRO I 190 -11.48 49.71 -23.19
N SER I 191 -12.60 49.70 -22.47
CA SER I 191 -13.03 50.88 -21.72
C SER I 191 -13.90 50.42 -20.56
N GLU I 192 -13.94 51.25 -19.51
CA GLU I 192 -14.92 51.09 -18.46
C GLU I 192 -16.34 51.03 -19.00
N ASP I 193 -16.64 51.84 -20.02
CA ASP I 193 -17.97 51.84 -20.62
C ASP I 193 -18.30 50.49 -21.23
N ALA I 194 -17.36 49.92 -21.99
CA ALA I 194 -17.62 48.59 -22.56
C ALA I 194 -17.47 47.48 -21.52
N LEU I 195 -16.64 47.67 -20.50
CA LEU I 195 -16.54 46.67 -19.45
C LEU I 195 -17.87 46.48 -18.72
N VAL I 196 -18.57 47.58 -18.47
CA VAL I 196 -19.84 47.50 -17.75
C VAL I 196 -20.88 46.71 -18.55
N GLU I 197 -20.94 46.93 -19.85
CA GLU I 197 -21.89 46.21 -20.72
C GLU I 197 -21.44 44.81 -21.09
N HIS I 198 -20.15 44.49 -20.95
CA HIS I 198 -19.65 43.13 -21.09
C HIS I 198 -19.93 42.27 -19.87
N ASN I 199 -19.84 42.85 -18.67
CA ASN I 199 -20.22 42.10 -17.46
C ASN I 199 -21.64 41.55 -17.55
N ARG I 200 -22.58 42.31 -18.09
CA ARG I 200 -23.93 41.78 -18.27
C ARG I 200 -23.93 40.60 -19.23
N ALA I 201 -23.13 40.66 -20.30
CA ALA I 201 -23.11 39.55 -21.24
C ALA I 201 -22.60 38.28 -20.59
N ILE I 202 -21.65 38.42 -19.67
CA ILE I 202 -21.21 37.26 -18.91
C ILE I 202 -22.34 36.73 -18.04
N VAL I 203 -23.00 37.60 -17.27
CA VAL I 203 -24.04 37.12 -16.37
C VAL I 203 -25.20 36.48 -17.13
N GLU I 204 -25.53 37.00 -18.31
CA GLU I 204 -26.54 36.42 -19.16
C GLU I 204 -26.11 35.16 -19.88
N HIS I 205 -24.82 34.84 -19.87
CA HIS I 205 -24.40 33.53 -20.36
C HIS I 205 -24.42 32.49 -19.24
N ASN I 206 -23.92 32.87 -18.06
CA ASN I 206 -24.09 32.04 -16.87
C ASN I 206 -25.56 31.64 -16.63
N ALA I 207 -26.50 32.54 -16.90
CA ALA I 207 -27.91 32.18 -16.77
C ALA I 207 -28.30 31.02 -17.69
N ILE I 208 -27.75 30.97 -18.90
CA ILE I 208 -28.07 29.88 -19.81
C ILE I 208 -27.37 28.59 -19.39
N ILE I 209 -26.18 28.69 -18.82
CA ILE I 209 -25.57 27.47 -18.27
C ILE I 209 -26.43 26.87 -17.18
N VAL I 210 -26.89 27.70 -16.24
CA VAL I 210 -27.71 27.14 -15.15
C VAL I 210 -29.06 26.62 -15.68
N GLU I 211 -29.65 27.30 -16.67
CA GLU I 211 -30.84 26.77 -17.31
C GLU I 211 -30.58 25.53 -18.14
N ASN I 212 -29.34 25.13 -18.30
CA ASN I 212 -29.04 23.84 -18.93
C ASN I 212 -28.79 22.75 -17.89
N ASN I 213 -28.02 23.06 -16.85
CA ASN I 213 -27.86 22.11 -15.75
C ASN I 213 -29.19 21.67 -15.15
N ARG I 214 -30.18 22.56 -15.12
CA ARG I 214 -31.51 22.16 -14.66
C ARG I 214 -32.10 21.02 -15.48
N ILE I 215 -31.90 21.04 -16.80
CA ILE I 215 -32.46 19.98 -17.63
C ILE I 215 -31.62 18.72 -17.57
N ILE I 216 -30.31 18.84 -17.43
CA ILE I 216 -29.50 17.65 -17.24
C ILE I 216 -29.89 16.92 -15.97
N ALA I 217 -30.10 17.65 -14.87
CA ALA I 217 -30.58 17.01 -13.65
C ALA I 217 -31.97 16.42 -13.78
N LEU I 218 -32.84 17.03 -14.57
CA LEU I 218 -34.15 16.43 -14.80
C LEU I 218 -34.02 15.09 -15.51
N VAL I 219 -33.32 15.07 -16.64
CA VAL I 219 -33.15 13.81 -17.38
C VAL I 219 -32.48 12.74 -16.51
N LEU I 220 -31.51 13.12 -15.66
CA LEU I 220 -30.94 12.13 -14.74
C LEU I 220 -31.98 11.56 -13.78
N LEU I 221 -32.92 12.37 -13.32
CA LEU I 221 -33.94 11.82 -12.42
C LEU I 221 -34.89 10.92 -13.18
N LEU I 222 -35.37 11.36 -14.34
CA LEU I 222 -36.31 10.55 -15.10
C LEU I 222 -35.69 9.21 -15.51
N ILE I 223 -34.38 9.18 -15.75
CA ILE I 223 -33.72 7.91 -16.02
C ILE I 223 -33.68 7.04 -14.78
N VAL I 224 -33.21 7.58 -13.64
CA VAL I 224 -33.09 6.71 -12.49
C VAL I 224 -34.46 6.19 -12.03
N LEU I 225 -35.52 6.97 -12.24
CA LEU I 225 -36.88 6.48 -11.96
C LEU I 225 -37.38 5.50 -13.00
N ALA I 226 -36.89 5.56 -14.24
CA ALA I 226 -37.42 4.63 -15.24
C ALA I 226 -36.78 3.25 -15.16
N ILE I 227 -35.53 3.14 -14.74
CA ILE I 227 -34.94 1.81 -14.58
C ILE I 227 -35.47 1.20 -13.30
N GLY J 2 7.22 -2.74 22.33
CA GLY J 2 6.83 -1.31 22.16
C GLY J 2 7.17 -0.44 23.36
N SER J 3 7.02 0.86 23.21
CA SER J 3 7.29 1.78 24.29
C SER J 3 6.12 1.80 25.28
N GLU J 4 6.34 2.50 26.39
CA GLU J 4 5.36 2.54 27.48
C GLU J 4 4.00 3.01 27.00
N GLU J 5 3.95 3.94 26.05
CA GLU J 5 2.66 4.45 25.62
C GLU J 5 1.87 3.42 24.83
N GLU J 6 2.53 2.50 24.12
CA GLU J 6 1.79 1.50 23.37
C GLU J 6 1.20 0.46 24.31
N ILE J 7 1.97 0.03 25.30
CA ILE J 7 1.44 -0.91 26.29
C ILE J 7 0.33 -0.25 27.09
N ALA J 8 0.50 1.02 27.47
CA ALA J 8 -0.54 1.70 28.22
C ALA J 8 -1.83 1.85 27.42
N LYS J 9 -1.74 2.15 26.13
CA LYS J 9 -2.94 2.14 25.28
C LYS J 9 -3.56 0.75 25.18
N ALA J 10 -2.75 -0.29 25.06
CA ALA J 10 -3.31 -1.64 24.97
C ALA J 10 -3.93 -2.11 26.28
N LEU J 11 -3.39 -1.68 27.42
CA LEU J 11 -4.01 -1.96 28.70
C LEU J 11 -5.27 -1.14 28.95
N GLU J 12 -5.36 0.07 28.38
CA GLU J 12 -6.64 0.77 28.43
C GLU J 12 -7.70 0.07 27.58
N GLU J 13 -7.33 -0.42 26.41
CA GLU J 13 -8.24 -1.26 25.63
C GLU J 13 -8.63 -2.52 26.40
N LEU J 14 -7.70 -3.09 27.16
CA LEU J 14 -7.98 -4.32 27.90
C LEU J 14 -8.98 -4.06 29.02
N VAL J 15 -8.74 -3.05 29.83
CA VAL J 15 -9.62 -2.78 30.96
C VAL J 15 -11.00 -2.30 30.50
N ALA J 16 -11.08 -1.51 29.42
CA ALA J 16 -12.39 -1.21 28.85
C ALA J 16 -13.12 -2.43 28.29
N SER J 17 -12.39 -3.37 27.68
CA SER J 17 -13.02 -4.63 27.27
C SER J 17 -13.52 -5.45 28.46
N LEU J 18 -12.78 -5.47 29.55
CA LEU J 18 -13.27 -6.14 30.75
C LEU J 18 -14.50 -5.45 31.32
N ALA J 19 -14.52 -4.13 31.35
CA ALA J 19 -15.67 -3.44 31.90
C ALA J 19 -16.92 -3.65 31.04
N GLU J 20 -16.76 -3.85 29.74
CA GLU J 20 -17.90 -4.27 28.91
C GLU J 20 -18.31 -5.73 29.13
N LEU J 21 -17.34 -6.64 29.22
CA LEU J 21 -17.62 -8.05 29.46
C LEU J 21 -18.23 -8.36 30.82
N LYS J 22 -17.90 -7.63 31.88
CA LYS J 22 -18.58 -7.89 33.15
C LYS J 22 -20.05 -7.48 33.13
N ARG J 23 -20.37 -6.34 32.52
CA ARG J 23 -21.79 -5.97 32.36
C ARG J 23 -22.53 -7.00 31.51
N ALA J 24 -21.94 -7.42 30.40
CA ALA J 24 -22.61 -8.43 29.60
C ALA J 24 -22.77 -9.76 30.33
N THR J 25 -21.83 -10.11 31.20
CA THR J 25 -22.00 -11.33 32.01
C THR J 25 -23.18 -11.21 32.96
N LEU J 26 -23.27 -10.09 33.67
CA LEU J 26 -24.37 -9.90 34.61
C LEU J 26 -25.71 -9.94 33.89
N LYS J 27 -25.81 -9.25 32.75
CA LYS J 27 -27.07 -9.25 32.02
C LYS J 27 -27.41 -10.62 31.47
N LEU J 28 -26.41 -11.42 31.09
CA LEU J 28 -26.69 -12.78 30.62
C LEU J 28 -27.16 -13.72 31.72
N LEU J 29 -26.64 -13.57 32.93
CA LEU J 29 -27.24 -14.26 34.07
C LEU J 29 -28.66 -13.80 34.35
N ASP J 30 -28.91 -12.48 34.32
CA ASP J 30 -30.25 -12.00 34.59
C ASP J 30 -31.26 -12.52 33.59
N ILE J 31 -30.95 -12.49 32.29
CA ILE J 31 -31.85 -13.08 31.31
C ILE J 31 -31.82 -14.61 31.33
N THR J 32 -30.93 -15.19 32.14
CA THR J 32 -31.01 -16.62 32.39
C THR J 32 -31.89 -16.95 33.58
N ASP J 33 -32.17 -15.98 34.44
CA ASP J 33 -32.86 -16.23 35.71
C ASP J 33 -34.32 -16.68 35.54
N LYS J 34 -35.19 -15.79 35.03
CA LYS J 34 -36.61 -16.12 34.94
C LYS J 34 -37.20 -15.69 33.60
N LEU J 35 -38.05 -16.55 33.06
CA LEU J 35 -39.04 -16.16 32.05
C LEU J 35 -40.14 -17.21 32.04
N LYS J 36 -41.37 -16.78 32.34
CA LYS J 36 -42.50 -17.70 32.32
C LYS J 36 -42.89 -18.12 30.91
N LYS J 37 -42.97 -17.16 29.99
CA LYS J 37 -43.58 -17.43 28.70
C LYS J 37 -42.68 -18.32 27.85
N ASN J 38 -43.34 -19.04 26.87
CA ASN J 38 -42.72 -20.06 26.03
C ASN J 38 -42.24 -19.48 24.71
N PRO J 39 -41.18 -20.05 24.16
CA PRO J 39 -40.49 -19.42 23.02
C PRO J 39 -41.20 -19.63 21.69
N SER J 40 -40.83 -18.76 20.75
CA SER J 40 -41.40 -18.70 19.41
C SER J 40 -40.60 -19.57 18.44
N GLU J 41 -40.97 -19.52 17.16
CA GLU J 41 -40.11 -20.06 16.11
C GLU J 41 -38.88 -19.19 15.90
N SER J 42 -39.03 -17.87 15.96
CA SER J 42 -37.88 -16.97 15.93
C SER J 42 -36.96 -17.16 17.13
N ALA J 43 -37.49 -17.70 18.23
CA ALA J 43 -36.69 -18.10 19.39
C ALA J 43 -36.03 -19.46 19.22
N LEU J 44 -36.24 -20.14 18.10
CA LEU J 44 -35.35 -21.21 17.66
C LEU J 44 -34.23 -20.70 16.78
N VAL J 45 -34.56 -19.88 15.78
CA VAL J 45 -33.57 -19.29 14.89
C VAL J 45 -32.53 -18.47 15.64
N SER J 46 -32.81 -18.01 16.85
CA SER J 46 -31.83 -17.30 17.65
C SER J 46 -31.64 -17.96 19.00
N HIS J 47 -31.66 -19.28 19.01
CA HIS J 47 -31.79 -20.07 20.23
C HIS J 47 -30.93 -19.60 21.40
N ASN J 48 -29.62 -19.45 21.19
CA ASN J 48 -28.72 -19.07 22.26
C ASN J 48 -27.92 -17.81 21.94
N LYS J 49 -28.46 -16.92 21.12
CA LYS J 49 -27.64 -15.87 20.51
C LYS J 49 -26.87 -15.04 21.54
N ALA J 50 -27.44 -14.83 22.72
CA ALA J 50 -26.72 -14.07 23.75
C ALA J 50 -25.50 -14.78 24.31
N ILE J 51 -25.45 -16.10 24.24
CA ILE J 51 -24.24 -16.82 24.65
C ILE J 51 -23.16 -16.75 23.58
N VAL J 52 -23.52 -16.99 22.33
CA VAL J 52 -22.52 -16.93 21.27
C VAL J 52 -21.97 -15.51 21.14
N GLU J 53 -22.82 -14.50 21.29
CA GLU J 53 -22.35 -13.13 21.39
C GLU J 53 -21.50 -12.86 22.62
N HIS J 54 -21.69 -13.59 23.72
CA HIS J 54 -20.82 -13.38 24.87
C HIS J 54 -19.44 -14.01 24.65
N ASN J 55 -19.44 -15.27 24.20
CA ASN J 55 -18.21 -15.96 23.85
C ASN J 55 -17.36 -15.16 22.86
N ALA J 56 -18.00 -14.54 21.86
CA ALA J 56 -17.23 -13.69 20.96
C ALA J 56 -16.51 -12.54 21.66
N ILE J 57 -17.11 -11.99 22.72
CA ILE J 57 -16.44 -10.93 23.48
C ILE J 57 -15.28 -11.50 24.29
N ILE J 58 -15.45 -12.71 24.81
CA ILE J 58 -14.33 -13.30 25.55
C ILE J 58 -13.14 -13.56 24.62
N VAL J 59 -13.41 -14.11 23.43
CA VAL J 59 -12.37 -14.34 22.42
C VAL J 59 -11.67 -13.05 22.02
N GLU J 60 -12.42 -11.95 21.87
CA GLU J 60 -11.78 -10.67 21.60
C GLU J 60 -10.97 -10.13 22.77
N ASN J 61 -11.37 -10.43 24.00
CA ASN J 61 -10.55 -10.02 25.13
C ASN J 61 -9.25 -10.80 25.23
N ASN J 62 -9.31 -12.11 25.04
CA ASN J 62 -8.11 -12.94 24.99
C ASN J 62 -7.14 -12.52 23.89
N ARG J 63 -7.64 -12.08 22.75
CA ARG J 63 -6.72 -11.60 21.71
C ARG J 63 -5.91 -10.39 22.16
N ILE J 64 -6.53 -9.47 22.92
CA ILE J 64 -5.81 -8.30 23.38
C ILE J 64 -4.84 -8.67 24.48
N ILE J 65 -5.23 -9.56 25.38
CA ILE J 65 -4.30 -10.02 26.41
C ILE J 65 -3.04 -10.61 25.75
N ALA J 66 -3.21 -11.44 24.73
CA ALA J 66 -2.03 -12.00 24.06
C ALA J 66 -1.20 -10.95 23.33
N ALA J 67 -1.83 -9.88 22.82
CA ALA J 67 -1.04 -8.82 22.22
C ALA J 67 -0.27 -8.01 23.24
N VAL J 68 -0.84 -7.79 24.43
CA VAL J 68 -0.07 -7.14 25.48
C VAL J 68 1.07 -8.02 25.97
N LEU J 69 0.85 -9.32 26.11
CA LEU J 69 1.95 -10.19 26.52
C LEU J 69 3.09 -10.13 25.53
N GLU J 70 2.78 -10.08 24.24
CA GLU J 70 3.84 -9.99 23.25
C GLU J 70 4.57 -8.65 23.33
N LEU J 71 3.83 -7.55 23.49
CA LEU J 71 4.48 -6.24 23.63
C LEU J 71 5.36 -6.13 24.87
N ILE J 72 4.95 -6.76 25.97
CA ILE J 72 5.78 -6.77 27.18
C ILE J 72 7.04 -7.60 26.98
N VAL J 73 6.89 -8.84 26.52
CA VAL J 73 8.05 -9.73 26.46
C VAL J 73 9.05 -9.22 25.43
N ARG J 74 8.58 -8.66 24.32
CA ARG J 74 9.52 -8.07 23.36
C ARG J 74 10.23 -6.83 23.89
N ALA J 75 9.79 -6.28 25.01
CA ALA J 75 10.54 -5.25 25.71
C ALA J 75 11.55 -5.81 26.72
N VAL J 76 11.13 -6.73 27.59
CA VAL J 76 12.02 -7.16 28.66
C VAL J 76 13.03 -8.21 28.22
N GLY J 77 12.78 -8.87 27.09
CA GLY J 77 13.73 -9.82 26.52
C GLY J 77 13.35 -11.25 26.77
N MET J 78 13.26 -11.99 25.66
CA MET J 78 12.94 -13.42 25.66
C MET J 78 14.05 -14.27 26.22
N THR J 79 13.64 -15.45 26.69
CA THR J 79 14.52 -16.59 26.98
C THR J 79 13.86 -17.82 26.38
N ASP J 80 14.62 -18.91 26.32
CA ASP J 80 14.15 -20.13 25.66
C ASP J 80 12.72 -20.50 26.06
N GLU J 81 12.45 -20.58 27.36
CA GLU J 81 11.15 -21.06 27.82
C GLU J 81 10.04 -20.07 27.54
N ILE J 82 10.33 -18.77 27.65
CA ILE J 82 9.34 -17.77 27.27
C ILE J 82 9.04 -17.83 25.78
N ASP J 83 10.06 -18.01 24.95
CA ASP J 83 9.80 -18.04 23.51
C ASP J 83 9.01 -19.28 23.11
N LEU J 84 9.30 -20.44 23.72
CA LEU J 84 8.45 -21.61 23.51
C LEU J 84 7.02 -21.39 23.97
N ALA J 85 6.84 -20.74 25.11
CA ALA J 85 5.49 -20.53 25.62
C ALA J 85 4.73 -19.51 24.77
N LEU J 86 5.40 -18.49 24.26
CA LEU J 86 4.75 -17.57 23.34
C LEU J 86 4.36 -18.23 22.03
N LEU J 87 5.19 -19.14 21.52
CA LEU J 87 4.79 -19.87 20.31
C LEU J 87 3.61 -20.80 20.55
N LYS J 88 3.58 -21.48 21.70
CA LYS J 88 2.37 -22.17 22.12
C LYS J 88 1.16 -21.26 22.20
N LEU J 89 1.32 -20.06 22.78
CA LEU J 89 0.20 -19.12 22.87
C LEU J 89 -0.29 -18.67 21.49
N LYS J 90 0.62 -18.50 20.54
CA LYS J 90 0.19 -18.18 19.18
C LYS J 90 -0.53 -19.35 18.51
N ALA J 91 -0.05 -20.57 18.71
CA ALA J 91 -0.76 -21.72 18.15
C ALA J 91 -2.15 -21.89 18.75
N SER J 92 -2.30 -21.62 20.05
CA SER J 92 -3.63 -21.71 20.65
C SER J 92 -4.55 -20.57 20.22
N THR J 93 -4.02 -19.36 20.08
CA THR J 93 -4.83 -18.28 19.56
C THR J 93 -5.26 -18.52 18.12
N ALA J 94 -4.44 -19.19 17.33
CA ALA J 94 -4.88 -19.59 16.00
C ALA J 94 -5.94 -20.66 16.04
N ARG J 95 -5.79 -21.66 16.92
CA ARG J 95 -6.83 -22.67 17.06
C ARG J 95 -8.17 -22.07 17.44
N LEU J 96 -8.16 -21.06 18.31
CA LEU J 96 -9.40 -20.40 18.72
C LEU J 96 -10.14 -19.76 17.56
N LYS J 97 -9.45 -19.28 16.52
CA LYS J 97 -10.14 -18.71 15.37
C LYS J 97 -10.92 -19.76 14.58
N VAL J 98 -10.33 -20.94 14.37
CA VAL J 98 -11.06 -22.00 13.70
C VAL J 98 -12.22 -22.49 14.55
N ALA J 99 -12.04 -22.56 15.86
CA ALA J 99 -13.15 -22.98 16.72
C ALA J 99 -14.30 -21.97 16.70
N THR J 100 -13.97 -20.68 16.62
CA THR J 100 -15.00 -19.65 16.52
C THR J 100 -15.71 -19.71 15.18
N ALA J 101 -14.97 -19.79 14.07
CA ALA J 101 -15.63 -19.89 12.78
C ALA J 101 -16.49 -21.14 12.65
N LEU J 102 -16.14 -22.21 13.36
CA LEU J 102 -17.03 -23.37 13.35
C LEU J 102 -18.30 -23.11 14.15
N LEU J 103 -18.19 -22.49 15.32
CA LEU J 103 -19.41 -22.21 16.06
C LEU J 103 -20.32 -21.24 15.29
N ARG J 104 -19.74 -20.22 14.67
CA ARG J 104 -20.45 -19.28 13.82
C ARG J 104 -20.97 -19.88 12.53
N MET J 105 -20.52 -21.07 12.15
CA MET J 105 -21.19 -21.79 11.08
C MET J 105 -22.36 -22.62 11.56
N ILE J 106 -22.18 -23.42 12.61
CA ILE J 106 -23.29 -24.26 13.09
C ILE J 106 -24.46 -23.41 13.58
N THR J 107 -24.17 -22.23 14.15
CA THR J 107 -25.23 -21.28 14.49
C THR J 107 -26.02 -20.82 13.29
N GLU J 108 -25.38 -20.60 12.15
CA GLU J 108 -26.13 -20.17 10.98
C GLU J 108 -26.83 -21.32 10.28
N GLU J 109 -26.27 -22.53 10.35
CA GLU J 109 -26.96 -23.72 9.87
C GLU J 109 -28.21 -24.02 10.67
N LEU J 110 -28.28 -23.51 11.90
CA LEU J 110 -29.53 -23.59 12.69
C LEU J 110 -30.68 -22.72 12.18
N LYS J 111 -30.42 -21.72 11.33
CA LYS J 111 -31.50 -21.01 10.64
C LYS J 111 -32.26 -21.86 9.63
N LYS J 112 -31.78 -23.04 9.28
CA LYS J 112 -32.29 -23.76 8.11
C LYS J 112 -32.76 -25.17 8.41
N ASN J 113 -32.28 -25.80 9.48
CA ASN J 113 -32.87 -27.04 9.99
C ASN J 113 -33.14 -26.93 11.49
N PRO J 114 -33.79 -25.85 11.92
CA PRO J 114 -34.14 -25.73 13.35
C PRO J 114 -35.07 -26.84 13.79
N SER J 115 -34.62 -27.60 14.79
CA SER J 115 -35.41 -28.67 15.39
C SER J 115 -34.81 -29.00 16.75
N GLU J 116 -35.62 -29.64 17.58
CA GLU J 116 -35.20 -29.94 18.95
C GLU J 116 -33.92 -30.75 19.01
N ASP J 117 -33.56 -31.46 17.94
CA ASP J 117 -32.30 -32.19 17.92
C ASP J 117 -31.12 -31.29 17.58
N ALA J 118 -31.28 -30.41 16.60
CA ALA J 118 -30.22 -29.46 16.25
C ALA J 118 -29.86 -28.51 17.39
N LEU J 119 -30.83 -28.15 18.23
CA LEU J 119 -30.52 -27.34 19.40
C LEU J 119 -29.55 -28.03 20.37
N VAL J 120 -29.62 -29.34 20.50
CA VAL J 120 -28.67 -30.03 21.38
C VAL J 120 -27.29 -30.08 20.74
N GLU J 121 -27.24 -30.20 19.42
CA GLU J 121 -25.97 -30.09 18.72
C GLU J 121 -25.34 -28.72 18.93
N HIS J 122 -26.15 -27.66 18.82
CA HIS J 122 -25.62 -26.32 19.01
C HIS J 122 -25.10 -26.12 20.43
N ASN J 123 -25.82 -26.64 21.44
CA ASN J 123 -25.30 -26.54 22.81
C ASN J 123 -23.98 -27.29 22.97
N ARG J 124 -23.84 -28.43 22.31
CA ARG J 124 -22.55 -29.13 22.40
C ARG J 124 -21.43 -28.38 21.68
N ALA J 125 -21.75 -27.68 20.59
CA ALA J 125 -20.75 -26.83 19.96
C ALA J 125 -20.33 -25.69 20.86
N ILE J 126 -21.27 -25.12 21.61
CA ILE J 126 -20.91 -24.07 22.56
C ILE J 126 -20.05 -24.62 23.70
N VAL J 127 -20.32 -25.84 24.14
CA VAL J 127 -19.46 -26.43 25.17
C VAL J 127 -18.06 -26.70 24.65
N ASN J 128 -17.92 -27.14 23.41
CA ASN J 128 -16.57 -27.34 22.87
C ASN J 128 -15.81 -26.04 22.64
N HIS J 129 -16.52 -24.96 22.28
CA HIS J 129 -15.87 -23.66 22.22
C HIS J 129 -15.40 -23.21 23.60
N ASN J 130 -16.23 -23.35 24.62
CA ASN J 130 -15.82 -23.01 25.98
C ASN J 130 -14.59 -23.82 26.40
N ALA J 131 -14.61 -25.12 26.10
CA ALA J 131 -13.48 -25.98 26.41
C ALA J 131 -12.20 -25.58 25.68
N ILE J 132 -12.30 -24.84 24.58
CA ILE J 132 -11.07 -24.36 23.94
C ILE J 132 -10.62 -23.00 24.48
N ILE J 133 -11.56 -22.18 24.96
CA ILE J 133 -11.17 -20.94 25.61
C ILE J 133 -10.46 -21.23 26.93
N VAL J 134 -10.90 -22.24 27.66
CA VAL J 134 -10.21 -22.61 28.90
C VAL J 134 -8.75 -22.99 28.63
N GLU J 135 -8.49 -23.70 27.53
CA GLU J 135 -7.10 -24.03 27.21
C GLU J 135 -6.29 -22.78 26.90
N ASN J 136 -6.87 -21.86 26.14
CA ASN J 136 -6.14 -20.63 25.85
C ASN J 136 -5.79 -19.86 27.13
N ASN J 137 -6.71 -19.86 28.10
CA ASN J 137 -6.41 -19.23 29.38
C ASN J 137 -5.33 -19.98 30.17
N ARG J 138 -5.29 -21.29 30.08
CA ARG J 138 -4.25 -22.01 30.84
C ARG J 138 -2.87 -21.79 30.24
N ILE J 139 -2.81 -21.52 28.95
CA ILE J 139 -1.52 -21.17 28.36
C ILE J 139 -1.12 -19.74 28.70
N ILE J 140 -2.06 -18.79 28.67
CA ILE J 140 -1.72 -17.43 29.05
C ILE J 140 -1.27 -17.36 30.52
N ALA J 141 -1.93 -18.09 31.41
CA ALA J 141 -1.49 -18.14 32.80
C ALA J 141 -0.11 -18.77 32.97
N ALA J 142 0.23 -19.76 32.15
CA ALA J 142 1.60 -20.29 32.20
C ALA J 142 2.62 -19.26 31.74
N VAL J 143 2.35 -18.56 30.64
CA VAL J 143 3.25 -17.49 30.19
C VAL J 143 3.43 -16.43 31.26
N LEU J 144 2.35 -16.03 31.95
CA LEU J 144 2.50 -15.03 32.99
C LEU J 144 3.34 -15.52 34.16
N GLU J 145 3.12 -16.74 34.64
CA GLU J 145 3.98 -17.20 35.73
C GLU J 145 5.45 -17.29 35.30
N LEU J 146 5.72 -17.62 34.04
CA LEU J 146 7.09 -17.58 33.55
C LEU J 146 7.67 -16.17 33.57
N ILE J 147 6.92 -15.20 33.06
CA ILE J 147 7.44 -13.83 33.03
C ILE J 147 7.69 -13.32 34.44
N VAL J 148 6.81 -13.66 35.39
CA VAL J 148 7.01 -13.20 36.76
C VAL J 148 8.27 -13.80 37.37
N ARG J 149 8.53 -15.09 37.17
CA ARG J 149 9.79 -15.65 37.66
C ARG J 149 11.01 -15.07 36.95
N ALA J 150 10.92 -14.85 35.64
CA ALA J 150 12.04 -14.27 34.91
C ALA J 150 12.43 -12.87 35.38
N LEU J 151 11.46 -12.03 35.73
CA LEU J 151 11.75 -10.72 36.32
C LEU J 151 12.14 -10.76 37.80
N ASN J 152 12.14 -11.93 38.44
CA ASN J 152 12.47 -12.00 39.86
C ASN J 152 11.63 -11.04 40.67
N LEU J 153 10.35 -10.98 40.32
CA LEU J 153 9.43 -9.94 40.77
C LEU J 153 8.78 -10.41 42.05
N THR J 154 9.32 -10.01 43.20
CA THR J 154 8.98 -10.63 44.47
C THR J 154 7.98 -9.82 45.30
N ASP J 155 7.45 -8.73 44.78
CA ASP J 155 6.47 -7.95 45.55
C ASP J 155 5.33 -8.82 46.04
N GLU J 156 4.85 -8.52 47.24
CA GLU J 156 3.73 -9.26 47.82
C GLU J 156 2.41 -9.06 47.06
N GLU J 157 2.19 -7.88 46.47
CA GLU J 157 1.03 -7.68 45.63
C GLU J 157 1.00 -8.62 44.43
N VAL J 158 2.15 -8.84 43.81
CA VAL J 158 2.22 -9.78 42.69
C VAL J 158 2.11 -11.20 43.20
N ARG J 159 2.81 -11.52 44.28
CA ARG J 159 2.72 -12.87 44.82
C ARG J 159 1.27 -13.26 45.11
N LYS J 160 0.53 -12.41 45.84
CA LYS J 160 -0.87 -12.68 46.13
C LYS J 160 -1.74 -12.72 44.87
N ALA J 161 -1.44 -11.88 43.87
CA ALA J 161 -2.22 -11.94 42.64
C ALA J 161 -1.99 -13.24 41.87
N LEU J 162 -0.77 -13.79 41.92
CA LEU J 162 -0.56 -15.12 41.35
C LEU J 162 -1.23 -16.20 42.19
N GLU J 163 -1.14 -16.11 43.52
CA GLU J 163 -1.82 -17.09 44.35
C GLU J 163 -3.31 -17.12 44.07
N GLU J 164 -3.89 -16.00 43.66
CA GLU J 164 -5.26 -15.99 43.18
C GLU J 164 -5.40 -16.57 41.78
N LEU J 165 -4.47 -16.28 40.88
CA LEU J 165 -4.58 -16.76 39.50
C LEU J 165 -4.50 -18.29 39.42
N LYS J 166 -3.58 -18.90 40.17
CA LYS J 166 -3.48 -20.36 40.19
C LYS J 166 -4.75 -21.04 40.69
N ALA J 167 -5.30 -20.55 41.80
CA ALA J 167 -6.54 -21.10 42.31
C ALA J 167 -7.70 -20.91 41.34
N SER J 168 -7.77 -19.75 40.68
CA SER J 168 -8.80 -19.55 39.67
C SER J 168 -8.63 -20.46 38.47
N THR J 169 -7.39 -20.78 38.11
CA THR J 169 -7.17 -21.73 37.01
C THR J 169 -7.59 -23.15 37.39
N ALA J 170 -7.31 -23.57 38.61
CA ALA J 170 -7.79 -24.89 39.01
C ALA J 170 -9.31 -24.93 39.14
N GLU J 171 -9.92 -23.87 39.65
CA GLU J 171 -11.38 -23.77 39.65
C GLU J 171 -11.96 -23.83 38.26
N LEU J 172 -11.28 -23.25 37.27
CA LEU J 172 -11.78 -23.29 35.91
C LEU J 172 -11.59 -24.65 35.26
N LYS J 173 -10.50 -25.35 35.56
CA LYS J 173 -10.38 -26.74 35.12
C LYS J 173 -11.50 -27.62 35.69
N ARG J 174 -11.72 -27.57 37.00
CA ARG J 174 -12.79 -28.36 37.59
C ARG J 174 -14.16 -28.01 37.00
N ALA J 175 -14.44 -26.72 36.77
CA ALA J 175 -15.71 -26.35 36.18
C ALA J 175 -15.86 -26.82 34.75
N THR J 176 -14.75 -26.88 33.99
CA THR J 176 -14.86 -27.34 32.62
C THR J 176 -15.11 -28.85 32.56
N ALA J 177 -14.39 -29.61 33.38
CA ALA J 177 -14.66 -31.04 33.46
C ALA J 177 -16.09 -31.34 33.90
N SER J 178 -16.62 -30.57 34.85
CA SER J 178 -18.02 -30.76 35.23
C SER J 178 -19.00 -30.39 34.12
N LEU J 179 -18.73 -29.32 33.37
CA LEU J 179 -19.60 -28.99 32.25
C LEU J 179 -19.59 -30.05 31.16
N ARG J 180 -18.42 -30.59 30.84
CA ARG J 180 -18.39 -31.69 29.86
C ARG J 180 -19.06 -32.95 30.39
N ALA J 181 -18.93 -33.23 31.69
CA ALA J 181 -19.62 -34.36 32.27
C ALA J 181 -21.12 -34.23 32.13
N ILE J 182 -21.69 -33.09 32.51
CA ILE J 182 -23.13 -32.95 32.32
C ILE J 182 -23.52 -32.91 30.85
N THR J 183 -22.63 -32.42 29.97
CA THR J 183 -22.98 -32.43 28.55
C THR J 183 -23.09 -33.83 28.00
N GLU J 184 -22.31 -34.77 28.53
CA GLU J 184 -22.52 -36.17 28.18
C GLU J 184 -23.90 -36.68 28.60
N GLU J 185 -24.34 -36.29 29.80
CA GLU J 185 -25.66 -36.68 30.29
C GLU J 185 -26.78 -36.06 29.45
N LEU J 186 -26.60 -34.84 28.99
CA LEU J 186 -27.54 -34.28 28.01
C LEU J 186 -27.53 -35.04 26.71
N LYS J 187 -26.34 -35.48 26.26
CA LYS J 187 -26.27 -36.28 25.04
C LYS J 187 -27.03 -37.59 25.18
N LYS J 188 -27.00 -38.21 26.36
CA LYS J 188 -27.85 -39.37 26.62
C LYS J 188 -29.34 -39.02 26.66
N ASN J 189 -29.72 -37.96 27.38
CA ASN J 189 -31.13 -37.70 27.70
C ASN J 189 -31.60 -36.37 27.12
N PRO J 190 -31.64 -36.24 25.80
CA PRO J 190 -31.97 -34.96 25.15
C PRO J 190 -33.42 -34.57 25.39
N SER J 191 -33.63 -33.46 26.08
CA SER J 191 -34.98 -32.95 26.31
C SER J 191 -34.92 -31.44 26.53
N GLU J 192 -36.04 -30.78 26.24
CA GLU J 192 -36.23 -29.39 26.66
C GLU J 192 -36.01 -29.22 28.16
N ASP J 193 -36.45 -30.18 28.96
CA ASP J 193 -36.25 -30.10 30.40
C ASP J 193 -34.78 -30.08 30.76
N ALA J 194 -33.98 -30.95 30.15
CA ALA J 194 -32.55 -30.91 30.42
C ALA J 194 -31.86 -29.78 29.68
N LEU J 195 -32.38 -29.35 28.53
CA LEU J 195 -31.79 -28.20 27.84
C LEU J 195 -31.87 -26.94 28.70
N VAL J 196 -32.98 -26.73 29.38
CA VAL J 196 -33.15 -25.52 30.18
C VAL J 196 -32.14 -25.48 31.32
N GLU J 197 -31.92 -26.61 31.98
CA GLU J 197 -30.95 -26.68 33.08
C GLU J 197 -29.50 -26.81 32.62
N HIS J 198 -29.26 -27.21 31.37
CA HIS J 198 -27.93 -27.17 30.78
C HIS J 198 -27.51 -25.76 30.35
N ASN J 199 -28.44 -24.96 29.84
CA ASN J 199 -28.12 -23.57 29.52
C ASN J 199 -27.58 -22.82 30.73
N ARG J 200 -28.15 -23.06 31.91
CA ARG J 200 -27.61 -22.43 33.11
C ARG J 200 -26.18 -22.90 33.39
N ALA J 201 -25.89 -24.17 33.16
CA ALA J 201 -24.55 -24.67 33.41
C ALA J 201 -23.54 -24.00 32.49
N ILE J 202 -23.94 -23.72 31.26
CA ILE J 202 -23.08 -22.95 30.36
C ILE J 202 -22.85 -21.55 30.91
N VAL J 203 -23.93 -20.85 31.26
CA VAL J 203 -23.77 -19.48 31.71
C VAL J 203 -22.93 -19.39 32.99
N GLU J 204 -23.05 -20.39 33.86
CA GLU J 204 -22.24 -20.47 35.07
C GLU J 204 -20.81 -20.94 34.81
N HIS J 205 -20.50 -21.42 33.63
CA HIS J 205 -19.10 -21.64 33.29
C HIS J 205 -18.48 -20.39 32.66
N ASN J 206 -19.21 -19.74 31.77
CA ASN J 206 -18.82 -18.41 31.30
C ASN J 206 -18.53 -17.44 32.45
N ALA J 207 -19.30 -17.50 33.53
CA ALA J 207 -18.99 -16.65 34.68
C ALA J 207 -17.60 -16.91 35.24
N ILE J 208 -17.15 -18.16 35.26
CA ILE J 208 -15.82 -18.47 35.77
C ILE J 208 -14.74 -18.06 34.77
N ILE J 209 -15.02 -18.14 33.48
CA ILE J 209 -14.05 -17.61 32.52
C ILE J 209 -13.84 -16.13 32.73
N VAL J 210 -14.92 -15.36 32.86
CA VAL J 210 -14.75 -13.92 33.05
C VAL J 210 -14.08 -13.60 34.39
N GLU J 211 -14.40 -14.36 35.44
CA GLU J 211 -13.70 -14.20 36.71
C GLU J 211 -12.26 -14.68 36.67
N ASN J 212 -11.82 -15.26 35.57
CA ASN J 212 -10.40 -15.56 35.39
C ASN J 212 -9.69 -14.48 34.58
N ASN J 213 -10.31 -14.03 33.50
CA ASN J 213 -9.76 -12.90 32.74
C ASN J 213 -9.54 -11.68 33.62
N ARG J 214 -10.40 -11.46 34.63
CA ARG J 214 -10.17 -10.36 35.57
C ARG J 214 -8.82 -10.48 36.28
N ILE J 215 -8.42 -11.68 36.65
CA ILE J 215 -7.16 -11.85 37.35
C ILE J 215 -5.98 -11.81 36.39
N ILE J 216 -6.15 -12.30 35.17
CA ILE J 216 -5.07 -12.17 34.19
C ILE J 216 -4.78 -10.70 33.91
N ALA J 217 -5.82 -9.88 33.75
CA ALA J 217 -5.61 -8.44 33.57
C ALA J 217 -5.01 -7.78 34.80
N LEU J 218 -5.34 -8.25 35.99
CA LEU J 218 -4.70 -7.69 37.17
C LEU J 218 -3.20 -7.97 37.16
N VAL J 219 -2.81 -9.23 37.03
CA VAL J 219 -1.39 -9.55 36.99
C VAL J 219 -0.66 -8.81 35.87
N LEU J 220 -1.30 -8.63 34.72
CA LEU J 220 -0.66 -7.83 33.66
C LEU J 220 -0.42 -6.39 34.10
N LEU J 221 -1.33 -5.81 34.86
CA LEU J 221 -1.09 -4.44 35.31
C LEU J 221 0.01 -4.40 36.35
N LEU J 222 -0.03 -5.29 37.33
CA LEU J 222 0.99 -5.27 38.37
C LEU J 222 2.38 -5.52 37.80
N ILE J 223 2.48 -6.29 36.72
CA ILE J 223 3.77 -6.45 36.06
C ILE J 223 4.18 -5.16 35.37
N VAL J 224 3.30 -4.57 34.56
CA VAL J 224 3.75 -3.38 33.84
C VAL J 224 4.10 -2.24 34.80
N LEU J 225 3.43 -2.17 35.95
CA LEU J 225 3.82 -1.19 36.98
C LEU J 225 5.08 -1.56 37.72
N ALA J 226 5.43 -2.84 37.82
CA ALA J 226 6.63 -3.16 38.59
C ALA J 226 7.90 -2.98 37.76
N ILE J 227 7.85 -3.14 36.45
CA ILE J 227 9.04 -2.90 35.64
C ILE J 227 9.19 -1.39 35.47
N GLY K 2 1.61 10.40 -18.03
CA GLY K 2 0.30 10.07 -17.40
C GLY K 2 -0.88 10.64 -18.16
N SER K 3 -2.08 10.23 -17.77
CA SER K 3 -3.28 10.75 -18.40
C SER K 3 -3.63 12.12 -17.85
N GLU K 4 -4.62 12.76 -18.47
CA GLU K 4 -5.00 14.12 -18.12
C GLU K 4 -5.31 14.25 -16.63
N GLU K 5 -5.91 13.22 -16.03
CA GLU K 5 -6.27 13.35 -14.61
C GLU K 5 -5.04 13.35 -13.71
N GLU K 6 -3.96 12.69 -14.12
CA GLU K 6 -2.76 12.69 -13.28
C GLU K 6 -2.07 14.05 -13.33
N ILE K 7 -1.97 14.63 -14.52
CA ILE K 7 -1.40 15.96 -14.64
C ILE K 7 -2.26 16.99 -13.90
N ALA K 8 -3.58 16.87 -14.03
CA ALA K 8 -4.46 17.81 -13.34
C ALA K 8 -4.36 17.70 -11.82
N LYS K 9 -4.24 16.48 -11.29
CA LYS K 9 -3.96 16.32 -9.86
C LYS K 9 -2.61 16.90 -9.45
N ALA K 10 -1.58 16.71 -10.27
CA ALA K 10 -0.27 17.25 -9.93
C ALA K 10 -0.22 18.77 -10.03
N LEU K 11 -0.98 19.37 -10.94
CA LEU K 11 -1.10 20.81 -10.98
C LEU K 11 -1.95 21.38 -9.87
N GLU K 12 -2.93 20.61 -9.37
CA GLU K 12 -3.62 21.05 -8.16
C GLU K 12 -2.71 21.02 -6.94
N GLU K 13 -1.87 19.98 -6.83
CA GLU K 13 -0.84 19.99 -5.78
C GLU K 13 0.10 21.16 -5.94
N LEU K 14 0.41 21.54 -7.18
CA LEU K 14 1.34 22.64 -7.42
C LEU K 14 0.75 23.97 -7.00
N VAL K 15 -0.48 24.25 -7.43
CA VAL K 15 -1.09 25.53 -7.10
C VAL K 15 -1.42 25.64 -5.62
N ALA K 16 -1.84 24.55 -4.97
CA ALA K 16 -1.97 24.61 -3.52
C ALA K 16 -0.64 24.82 -2.79
N SER K 17 0.45 24.22 -3.29
CA SER K 17 1.76 24.50 -2.73
C SER K 17 2.18 25.95 -2.92
N LEU K 18 1.88 26.55 -4.07
CA LEU K 18 2.16 27.98 -4.23
C LEU K 18 1.34 28.85 -3.30
N ALA K 19 0.06 28.51 -3.12
CA ALA K 19 -0.75 29.32 -2.23
C ALA K 19 -0.31 29.22 -0.78
N GLU K 20 0.27 28.09 -0.39
CA GLU K 20 0.92 28.01 0.93
C GLU K 20 2.24 28.78 1.01
N LEU K 21 3.08 28.67 -0.01
CA LEU K 21 4.35 29.38 -0.04
C LEU K 21 4.25 30.91 -0.12
N LYS K 22 3.23 31.45 -0.77
CA LYS K 22 3.06 32.91 -0.77
C LYS K 22 2.67 33.44 0.61
N ARG K 23 1.77 32.75 1.30
CA ARG K 23 1.45 33.15 2.68
C ARG K 23 2.67 33.06 3.58
N ALA K 24 3.43 31.97 3.49
CA ALA K 24 4.63 31.88 4.32
C ALA K 24 5.65 32.95 3.97
N THR K 25 5.75 33.37 2.71
CA THR K 25 6.64 34.47 2.37
C THR K 25 6.20 35.78 3.01
N LEU K 26 4.92 36.10 2.91
CA LEU K 26 4.43 37.34 3.51
C LEU K 26 4.66 37.35 5.01
N LYS K 27 4.34 36.25 5.68
CA LYS K 27 4.53 36.21 7.12
C LYS K 27 6.01 36.27 7.50
N LEU K 28 6.90 35.72 6.67
CA LEU K 28 8.34 35.81 6.95
C LEU K 28 8.89 37.22 6.78
N LEU K 29 8.40 37.97 5.80
CA LEU K 29 8.72 39.39 5.75
C LEU K 29 8.17 40.15 6.95
N ASP K 30 6.92 39.87 7.34
CA ASP K 30 6.36 40.58 8.48
C ASP K 30 7.16 40.35 9.76
N ILE K 31 7.52 39.09 10.05
CA ILE K 31 8.38 38.84 11.20
C ILE K 31 9.82 39.27 10.96
N THR K 32 10.13 39.71 9.74
CA THR K 32 11.41 40.35 9.50
C THR K 32 11.36 41.86 9.72
N ASP K 33 10.16 42.44 9.74
CA ASP K 33 10.03 43.90 9.78
C ASP K 33 10.49 44.53 11.09
N LYS K 34 9.82 44.26 12.20
CA LYS K 34 10.16 44.91 13.47
C LYS K 34 10.17 43.92 14.63
N LEU K 35 11.17 44.09 15.49
CA LEU K 35 11.11 43.58 16.87
C LEU K 35 12.12 44.36 17.69
N LYS K 36 11.63 45.05 18.72
CA LYS K 36 12.51 45.81 19.61
C LYS K 36 13.35 44.91 20.49
N LYS K 37 12.74 43.90 21.11
CA LYS K 37 13.42 43.17 22.16
C LYS K 37 14.53 42.30 21.59
N ASN K 38 15.52 41.98 22.49
CA ASN K 38 16.76 41.28 22.16
C ASN K 38 16.64 39.78 22.40
N PRO K 39 17.36 38.98 21.60
CA PRO K 39 17.13 37.53 21.58
C PRO K 39 17.75 36.80 22.76
N SER K 40 17.25 35.59 22.97
CA SER K 40 17.60 34.71 24.07
C SER K 40 18.74 33.78 23.65
N GLU K 41 19.11 32.86 24.54
CA GLU K 41 19.95 31.74 24.15
C GLU K 41 19.21 30.75 23.27
N SER K 42 17.93 30.48 23.57
CA SER K 42 17.09 29.68 22.69
C SER K 42 16.88 30.33 21.33
N ALA K 43 17.03 31.64 21.23
CA ALA K 43 17.04 32.35 19.96
C ALA K 43 18.38 32.27 19.23
N LEU K 44 19.38 31.61 19.81
CA LEU K 44 20.52 31.11 19.06
C LEU K 44 20.30 29.70 18.53
N VAL K 45 19.83 28.80 19.38
CA VAL K 45 19.54 27.42 18.96
C VAL K 45 18.53 27.35 17.81
N SER K 46 17.72 28.38 17.60
CA SER K 46 16.80 28.39 16.46
C SER K 46 17.00 29.63 15.60
N HIS K 47 18.26 30.03 15.45
CA HIS K 47 18.61 31.34 14.91
C HIS K 47 17.79 31.80 13.70
N ASN K 48 17.73 30.97 12.66
CA ASN K 48 17.03 31.36 11.43
C ASN K 48 15.94 30.38 11.03
N LYS K 49 15.34 29.69 11.99
CA LYS K 49 14.53 28.51 11.66
C LYS K 49 13.44 28.82 10.64
N ALA K 50 12.86 30.02 10.66
CA ALA K 50 11.83 30.36 9.69
C ALA K 50 12.35 30.49 8.26
N ILE K 51 13.63 30.78 8.07
CA ILE K 51 14.19 30.79 6.73
C ILE K 51 14.46 29.39 6.22
N VAL K 52 15.08 28.54 7.04
CA VAL K 52 15.35 27.18 6.60
C VAL K 52 14.05 26.43 6.35
N GLU K 53 13.04 26.65 7.20
CA GLU K 53 11.70 26.14 6.91
C GLU K 53 11.07 26.74 5.67
N HIS K 54 11.42 27.96 5.27
CA HIS K 54 10.86 28.48 4.02
C HIS K 54 11.54 27.85 2.82
N ASN K 55 12.87 27.81 2.83
CA ASN K 55 13.63 27.14 1.78
C ASN K 55 13.19 25.70 1.57
N ALA K 56 12.89 24.98 2.65
CA ALA K 56 12.37 23.62 2.48
C ALA K 56 11.06 23.59 1.70
N ILE K 57 10.21 24.61 1.86
CA ILE K 57 8.97 24.64 1.09
C ILE K 57 9.23 24.97 -0.37
N ILE K 58 10.22 25.82 -0.63
CA ILE K 58 10.54 26.12 -2.03
C ILE K 58 11.08 24.88 -2.73
N VAL K 59 11.97 24.14 -2.06
CA VAL K 59 12.51 22.89 -2.58
C VAL K 59 11.40 21.86 -2.85
N GLU K 60 10.41 21.78 -1.97
CA GLU K 60 9.29 20.89 -2.25
C GLU K 60 8.41 21.36 -3.39
N ASN K 61 8.30 22.66 -3.61
CA ASN K 61 7.55 23.14 -4.77
C ASN K 61 8.29 22.84 -6.08
N ASN K 62 9.60 23.08 -6.11
CA ASN K 62 10.41 22.73 -7.27
C ASN K 62 10.36 21.24 -7.61
N ARG K 63 10.30 20.37 -6.61
CA ARG K 63 10.18 18.95 -6.92
C ARG K 63 8.88 18.61 -7.64
N ILE K 64 7.78 19.27 -7.29
CA ILE K 64 6.52 18.99 -7.95
C ILE K 64 6.53 19.58 -9.36
N ILE K 65 7.08 20.78 -9.52
CA ILE K 65 7.20 21.33 -10.86
C ILE K 65 7.95 20.38 -11.78
N ALA K 66 9.07 19.83 -11.31
CA ALA K 66 9.82 18.89 -12.14
C ALA K 66 9.07 17.58 -12.41
N ALA K 67 8.23 17.14 -11.48
CA ALA K 67 7.43 15.95 -11.77
C ALA K 67 6.33 16.21 -12.78
N VAL K 68 5.72 17.41 -12.76
CA VAL K 68 4.75 17.74 -13.79
C VAL K 68 5.42 17.91 -15.14
N LEU K 69 6.60 18.52 -15.19
CA LEU K 69 7.27 18.64 -16.48
C LEU K 69 7.57 17.28 -17.07
N GLU K 70 7.95 16.32 -16.24
CA GLU K 70 8.19 14.98 -16.77
C GLU K 70 6.91 14.32 -17.26
N LEU K 71 5.81 14.47 -16.52
CA LEU K 71 4.53 13.91 -16.98
C LEU K 71 4.04 14.54 -18.28
N ILE K 72 4.27 15.83 -18.46
CA ILE K 72 3.90 16.49 -19.71
C ILE K 72 4.75 15.99 -20.87
N VAL K 73 6.08 16.03 -20.72
CA VAL K 73 6.93 15.71 -21.86
C VAL K 73 6.78 14.25 -22.26
N ARG K 74 6.61 13.35 -21.29
CA ARG K 74 6.38 11.95 -21.63
C ARG K 74 5.03 11.72 -22.30
N ALA K 75 4.14 12.71 -22.30
CA ALA K 75 2.93 12.68 -23.11
C ALA K 75 3.13 13.24 -24.52
N VAL K 76 3.73 14.43 -24.64
CA VAL K 76 3.80 15.08 -25.95
C VAL K 76 4.95 14.56 -26.81
N GLY K 77 5.93 13.89 -26.20
CA GLY K 77 7.01 13.26 -26.93
C GLY K 77 8.31 14.03 -26.90
N MET K 78 9.35 13.34 -26.46
CA MET K 78 10.71 13.88 -26.37
C MET K 78 11.34 14.09 -27.74
N THR K 79 12.32 15.00 -27.75
CA THR K 79 13.29 15.15 -28.82
C THR K 79 14.65 15.28 -28.18
N ASP K 80 15.70 15.18 -29.00
CA ASP K 80 17.07 15.17 -28.49
C ASP K 80 17.30 16.26 -27.44
N GLU K 81 16.96 17.51 -27.77
CA GLU K 81 17.28 18.61 -26.89
C GLU K 81 16.43 18.60 -25.62
N ILE K 82 15.16 18.19 -25.74
CA ILE K 82 14.35 18.05 -24.54
C ILE K 82 14.87 16.94 -23.64
N ASP K 83 15.31 15.82 -24.21
CA ASP K 83 15.80 14.74 -23.36
C ASP K 83 17.11 15.11 -22.67
N LEU K 84 18.02 15.80 -23.38
CA LEU K 84 19.21 16.34 -22.73
C LEU K 84 18.85 17.33 -21.62
N ALA K 85 17.88 18.19 -21.85
CA ALA K 85 17.53 19.19 -20.85
C ALA K 85 16.85 18.56 -19.65
N LEU K 86 16.02 17.54 -19.87
CA LEU K 86 15.43 16.80 -18.76
C LEU K 86 16.49 16.05 -17.94
N LEU K 87 17.51 15.50 -18.58
CA LEU K 87 18.58 14.87 -17.82
C LEU K 87 19.39 15.89 -17.00
N LYS K 88 19.67 17.06 -17.58
CA LYS K 88 20.20 18.15 -16.77
C LYS K 88 19.30 18.52 -15.59
N LEU K 89 17.99 18.59 -15.81
CA LEU K 89 17.06 18.89 -14.73
C LEU K 89 17.07 17.83 -13.64
N LYS K 90 17.22 16.55 -14.01
CA LYS K 90 17.36 15.51 -13.00
C LYS K 90 18.67 15.63 -12.22
N ALA K 91 19.77 15.93 -12.91
CA ALA K 91 21.02 16.12 -12.19
C ALA K 91 20.95 17.31 -11.23
N SER K 92 20.27 18.39 -11.62
CA SER K 92 20.14 19.51 -10.70
C SER K 92 19.19 19.22 -9.54
N THR K 93 18.11 18.50 -9.78
CA THR K 93 17.25 18.11 -8.67
C THR K 93 17.95 17.16 -7.71
N ALA K 94 18.86 16.33 -8.22
CA ALA K 94 19.68 15.53 -7.32
C ALA K 94 20.68 16.37 -6.53
N ARG K 95 21.32 17.34 -7.19
CA ARG K 95 22.23 18.23 -6.46
C ARG K 95 21.51 18.98 -5.33
N LEU K 96 20.27 19.40 -5.58
CA LEU K 96 19.50 20.11 -4.55
C LEU K 96 19.26 19.28 -3.29
N LYS K 97 19.14 17.96 -3.41
CA LYS K 97 18.97 17.13 -2.22
C LYS K 97 20.21 17.12 -1.34
N VAL K 98 21.40 17.04 -1.94
CA VAL K 98 22.62 17.10 -1.15
C VAL K 98 22.81 18.49 -0.55
N ALA K 99 22.45 19.54 -1.28
CA ALA K 99 22.57 20.88 -0.71
C ALA K 99 21.62 21.07 0.47
N THR K 100 20.42 20.49 0.40
CA THR K 100 19.50 20.55 1.52
C THR K 100 19.99 19.74 2.72
N ALA K 101 20.44 18.52 2.49
CA ALA K 101 20.96 17.73 3.61
C ALA K 101 22.19 18.38 4.24
N LEU K 102 22.97 19.15 3.48
CA LEU K 102 24.06 19.88 4.11
C LEU K 102 23.56 21.05 4.95
N LEU K 103 22.58 21.80 4.45
CA LEU K 103 22.07 22.88 5.28
C LEU K 103 21.41 22.35 6.55
N ARG K 104 20.67 21.25 6.44
CA ARG K 104 20.08 20.56 7.58
C ARG K 104 21.09 19.88 8.50
N MET K 105 22.34 19.73 8.07
CA MET K 105 23.36 19.35 9.03
C MET K 105 23.96 20.54 9.77
N ILE K 106 24.37 21.58 9.04
CA ILE K 106 24.98 22.74 9.71
C ILE K 106 24.00 23.43 10.66
N THR K 107 22.71 23.42 10.32
CA THR K 107 21.68 23.90 11.24
C THR K 107 21.61 23.11 12.53
N GLU K 108 21.78 21.80 12.47
CA GLU K 108 21.72 21.03 13.71
C GLU K 108 23.02 21.08 14.48
N GLU K 109 24.15 21.23 13.80
CA GLU K 109 25.42 21.47 14.48
C GLU K 109 25.41 22.81 15.21
N LEU K 110 24.54 23.73 14.81
CA LEU K 110 24.35 24.96 15.57
C LEU K 110 23.64 24.78 16.92
N LYS K 111 22.98 23.66 17.16
CA LYS K 111 22.50 23.36 18.50
C LYS K 111 23.61 23.05 19.51
N LYS K 112 24.85 22.88 19.08
CA LYS K 112 25.89 22.30 19.91
C LYS K 112 27.15 23.16 20.02
N ASN K 113 27.42 24.03 19.05
CA ASN K 113 28.46 25.07 19.20
C ASN K 113 27.91 26.45 18.84
N PRO K 114 26.76 26.83 19.40
CA PRO K 114 26.22 28.18 19.14
C PRO K 114 27.17 29.26 19.61
N SER K 115 27.58 30.12 18.67
CA SER K 115 28.43 31.26 18.97
C SER K 115 28.33 32.25 17.82
N GLU K 116 28.69 33.50 18.11
CA GLU K 116 28.56 34.58 17.14
C GLU K 116 29.31 34.29 15.84
N ASP K 117 30.31 33.41 15.85
CA ASP K 117 31.00 33.05 14.62
C ASP K 117 30.22 32.02 13.81
N ALA K 118 29.68 31.00 14.48
CA ALA K 118 28.86 30.00 13.82
C ALA K 118 27.60 30.55 13.16
N LEU K 119 27.02 31.61 13.72
CA LEU K 119 25.87 32.25 13.07
C LEU K 119 26.20 32.80 11.69
N VAL K 120 27.41 33.29 11.47
CA VAL K 120 27.77 33.78 10.14
C VAL K 120 28.00 32.62 9.18
N GLU K 121 28.53 31.51 9.69
CA GLU K 121 28.63 30.31 8.89
C GLU K 121 27.26 29.81 8.45
N HIS K 122 26.30 29.80 9.37
CA HIS K 122 24.97 29.34 9.02
C HIS K 122 24.32 30.25 7.98
N ASN K 123 24.49 31.57 8.11
CA ASN K 123 23.96 32.46 7.07
C ASN K 123 24.62 32.23 5.72
N ARG K 124 25.91 31.93 5.69
CA ARG K 124 26.53 31.62 4.41
C ARG K 124 26.06 30.29 3.83
N ALA K 125 25.76 29.32 4.68
CA ALA K 125 25.14 28.09 4.19
C ALA K 125 23.76 28.33 3.59
N ILE K 126 22.98 29.22 4.20
CA ILE K 126 21.67 29.55 3.61
C ILE K 126 21.84 30.26 2.28
N VAL K 127 22.85 31.11 2.15
CA VAL K 127 23.09 31.78 0.87
C VAL K 127 23.53 30.78 -0.19
N ASN K 128 24.34 29.79 0.16
CA ASN K 128 24.73 28.78 -0.84
C ASN K 128 23.57 27.87 -1.24
N HIS K 129 22.65 27.58 -0.32
CA HIS K 129 21.43 26.88 -0.70
C HIS K 129 20.58 27.70 -1.67
N ASN K 130 20.40 28.99 -1.37
CA ASN K 130 19.65 29.85 -2.28
C ASN K 130 20.29 29.89 -3.66
N ALA K 131 21.62 30.01 -3.71
CA ALA K 131 22.34 30.00 -4.98
C ALA K 131 22.18 28.68 -5.74
N ILE K 132 21.83 27.58 -5.07
CA ILE K 132 21.58 26.36 -5.83
C ILE K 132 20.11 26.23 -6.26
N ILE K 133 19.18 26.82 -5.51
CA ILE K 133 17.79 26.85 -5.95
C ILE K 133 17.65 27.72 -7.20
N VAL K 134 18.40 28.83 -7.27
CA VAL K 134 18.34 29.66 -8.47
C VAL K 134 18.77 28.87 -9.71
N GLU K 135 19.78 28.01 -9.59
CA GLU K 135 20.18 27.20 -10.73
C GLU K 135 19.08 26.22 -11.12
N ASN K 136 18.45 25.59 -10.14
CA ASN K 136 17.37 24.67 -10.47
C ASN K 136 16.24 25.37 -11.21
N ASN K 137 15.93 26.61 -10.82
CA ASN K 137 14.93 27.39 -11.56
C ASN K 137 15.38 27.76 -12.96
N ARG K 138 16.67 28.03 -13.15
CA ARG K 138 17.13 28.38 -14.49
C ARG K 138 17.09 27.20 -15.44
N ILE K 139 17.23 25.99 -14.90
CA ILE K 139 17.08 24.81 -15.74
C ILE K 139 15.62 24.53 -16.05
N ILE K 140 14.74 24.66 -15.06
CA ILE K 140 13.31 24.47 -15.36
C ILE K 140 12.81 25.48 -16.38
N ALA K 141 13.21 26.75 -16.26
CA ALA K 141 12.83 27.74 -17.27
C ALA K 141 13.38 27.45 -18.65
N ALA K 142 14.59 26.88 -18.74
CA ALA K 142 15.07 26.47 -20.06
C ALA K 142 14.27 25.33 -20.66
N VAL K 143 13.95 24.31 -19.86
CA VAL K 143 13.09 23.23 -20.33
C VAL K 143 11.74 23.75 -20.80
N LEU K 144 11.14 24.69 -20.06
CA LEU K 144 9.85 25.23 -20.49
C LEU K 144 9.93 25.99 -21.81
N GLU K 145 10.94 26.85 -21.99
CA GLU K 145 11.03 27.53 -23.28
C GLU K 145 11.26 26.54 -24.42
N LEU K 146 11.97 25.44 -24.17
CA LEU K 146 12.10 24.41 -25.20
C LEU K 146 10.76 23.76 -25.52
N ILE K 147 10.01 23.38 -24.51
CA ILE K 147 8.73 22.72 -24.78
C ILE K 147 7.79 23.65 -25.53
N VAL K 148 7.79 24.94 -25.18
CA VAL K 148 6.90 25.87 -25.87
C VAL K 148 7.28 26.02 -27.34
N ARG K 149 8.57 26.13 -27.65
CA ARG K 149 8.97 26.18 -29.06
C ARG K 149 8.68 24.88 -29.80
N ALA K 150 8.89 23.73 -29.17
CA ALA K 150 8.60 22.45 -29.81
C ALA K 150 7.13 22.28 -30.20
N LEU K 151 6.20 22.73 -29.36
CA LEU K 151 4.78 22.73 -29.70
C LEU K 151 4.36 23.85 -30.66
N ASN K 152 5.25 24.75 -31.06
CA ASN K 152 4.86 25.85 -31.93
C ASN K 152 3.67 26.61 -31.38
N LEU K 153 3.70 26.83 -30.08
CA LEU K 153 2.54 27.29 -29.31
C LEU K 153 2.55 28.81 -29.30
N THR K 154 1.81 29.43 -30.20
CA THR K 154 1.97 30.85 -30.52
C THR K 154 0.93 31.76 -29.85
N ASP K 155 0.05 31.25 -29.00
CA ASP K 155 -0.94 32.10 -28.35
C ASP K 155 -0.26 33.29 -27.67
N GLU K 156 -0.94 34.44 -27.71
CA GLU K 156 -0.41 35.65 -27.08
C GLU K 156 -0.34 35.55 -25.56
N GLU K 157 -1.25 34.81 -24.94
CA GLU K 157 -1.15 34.57 -23.50
C GLU K 157 0.14 33.84 -23.14
N VAL K 158 0.53 32.85 -23.93
CA VAL K 158 1.79 32.14 -23.66
C VAL K 158 2.97 33.02 -24.00
N ARG K 159 2.93 33.71 -25.14
CA ARG K 159 4.04 34.58 -25.48
C ARG K 159 4.32 35.58 -24.37
N LYS K 160 3.28 36.28 -23.91
CA LYS K 160 3.46 37.24 -22.82
C LYS K 160 3.89 36.58 -21.51
N ALA K 161 3.41 35.36 -21.22
CA ALA K 161 3.86 34.68 -20.01
C ALA K 161 5.32 34.27 -20.07
N LEU K 162 5.83 33.90 -21.24
CA LEU K 162 7.26 33.68 -21.37
C LEU K 162 8.04 35.00 -21.30
N GLU K 163 7.56 36.05 -21.95
CA GLU K 163 8.22 37.34 -21.85
C GLU K 163 8.33 37.80 -20.40
N GLU K 164 7.39 37.41 -19.55
CA GLU K 164 7.52 37.64 -18.12
C GLU K 164 8.50 36.68 -17.45
N LEU K 165 8.51 35.41 -17.87
CA LEU K 165 9.39 34.44 -17.23
C LEU K 165 10.86 34.77 -17.46
N LYS K 166 11.22 35.18 -18.69
CA LYS K 166 12.60 35.56 -18.98
C LYS K 166 13.06 36.75 -18.14
N ALA K 167 12.23 37.79 -18.07
CA ALA K 167 12.59 38.94 -17.24
C ALA K 167 12.70 38.59 -15.77
N SER K 168 11.81 37.73 -15.26
CA SER K 168 11.95 37.30 -13.88
C SER K 168 13.21 36.46 -13.65
N THR K 169 13.63 35.68 -14.64
CA THR K 169 14.89 34.94 -14.50
C THR K 169 16.10 35.85 -14.48
N ALA K 170 16.11 36.89 -15.32
CA ALA K 170 17.23 37.83 -15.27
C ALA K 170 17.22 38.64 -13.96
N GLU K 171 16.04 39.03 -13.49
CA GLU K 171 15.93 39.67 -12.18
C GLU K 171 16.46 38.77 -11.06
N LEU K 172 16.24 37.47 -11.17
CA LEU K 172 16.72 36.55 -10.15
C LEU K 172 18.22 36.32 -10.23
N LYS K 173 18.80 36.29 -11.43
CA LYS K 173 20.26 36.27 -11.55
C LYS K 173 20.89 37.51 -10.91
N ARG K 174 20.42 38.70 -11.27
CA ARG K 174 20.95 39.92 -10.67
C ARG K 174 20.82 39.93 -9.15
N ALA K 175 19.67 39.46 -8.62
CA ALA K 175 19.51 39.42 -7.17
C ALA K 175 20.43 38.41 -6.51
N THR K 176 20.75 37.32 -7.19
CA THR K 176 21.64 36.33 -6.59
C THR K 176 23.07 36.85 -6.55
N ALA K 177 23.52 37.46 -7.63
CA ALA K 177 24.85 38.08 -7.63
C ALA K 177 24.97 39.15 -6.55
N SER K 178 23.93 39.97 -6.37
CA SER K 178 23.96 40.95 -5.29
C SER K 178 23.98 40.33 -3.89
N LEU K 179 23.23 39.25 -3.67
CA LEU K 179 23.27 38.59 -2.37
C LEU K 179 24.64 37.97 -2.07
N ARG K 180 25.27 37.34 -3.06
CA ARG K 180 26.62 36.82 -2.82
C ARG K 180 27.63 37.94 -2.62
N ALA K 181 27.47 39.05 -3.34
CA ALA K 181 28.36 40.18 -3.12
C ALA K 181 28.27 40.71 -1.69
N ILE K 182 27.05 40.96 -1.19
CA ILE K 182 26.97 41.41 0.20
C ILE K 182 27.40 40.33 1.18
N THR K 183 27.24 39.04 0.84
CA THR K 183 27.69 38.00 1.76
C THR K 183 29.20 37.98 1.90
N GLU K 184 29.92 38.35 0.84
CA GLU K 184 31.37 38.55 0.98
C GLU K 184 31.71 39.68 1.94
N GLU K 185 30.95 40.78 1.88
CA GLU K 185 31.16 41.89 2.80
C GLU K 185 30.86 41.51 4.24
N LEU K 186 29.84 40.68 4.45
CA LEU K 186 29.61 40.12 5.79
C LEU K 186 30.76 39.23 6.22
N LYS K 187 31.33 38.45 5.29
CA LYS K 187 32.48 37.63 5.63
C LYS K 187 33.67 38.46 6.07
N LYS K 188 33.86 39.63 5.44
CA LYS K 188 34.88 40.58 5.93
C LYS K 188 34.52 41.18 7.29
N ASN K 189 33.28 41.65 7.48
CA ASN K 189 32.93 42.47 8.64
C ASN K 189 31.86 41.81 9.50
N PRO K 190 32.17 40.67 10.12
CA PRO K 190 31.17 39.91 10.88
C PRO K 190 30.73 40.64 12.13
N SER K 191 29.46 41.00 12.18
CA SER K 191 28.90 41.67 13.35
C SER K 191 27.41 41.38 13.44
N GLU K 192 26.89 41.47 14.66
CA GLU K 192 25.43 41.51 14.87
C GLU K 192 24.77 42.62 14.05
N ASP K 193 25.43 43.77 13.95
CA ASP K 193 24.89 44.87 13.17
C ASP K 193 24.73 44.50 11.71
N ALA K 194 25.76 43.87 11.13
CA ALA K 194 25.63 43.43 9.74
C ALA K 194 24.80 42.16 9.62
N LEU K 195 24.78 41.30 10.64
CA LEU K 195 23.92 40.12 10.58
C LEU K 195 22.45 40.49 10.46
N VAL K 196 22.03 41.52 11.20
CA VAL K 196 20.63 41.92 11.18
C VAL K 196 20.21 42.42 9.80
N GLU K 197 21.07 43.21 9.15
CA GLU K 197 20.80 43.72 7.82
C GLU K 197 21.06 42.72 6.70
N HIS K 198 21.84 41.67 6.95
CA HIS K 198 21.98 40.56 6.01
C HIS K 198 20.79 39.61 6.01
N ASN K 199 20.20 39.35 7.18
CA ASN K 199 18.99 38.53 7.22
C ASN K 199 17.88 39.10 6.32
N ARG K 200 17.72 40.44 6.31
CA ARG K 200 16.75 41.03 5.41
C ARG K 200 17.11 40.78 3.95
N ALA K 201 18.40 40.83 3.62
CA ALA K 201 18.80 40.60 2.23
C ALA K 201 18.47 39.19 1.78
N ILE K 202 18.58 38.23 2.70
CA ILE K 202 18.15 36.87 2.40
C ILE K 202 16.64 36.85 2.15
N VAL K 203 15.86 37.43 3.06
CA VAL K 203 14.41 37.36 2.90
C VAL K 203 13.95 38.05 1.62
N GLU K 204 14.64 39.12 1.22
CA GLU K 204 14.36 39.81 -0.04
C GLU K 204 14.87 39.07 -1.26
N HIS K 205 15.70 38.05 -1.10
CA HIS K 205 16.01 37.18 -2.23
C HIS K 205 15.02 36.03 -2.35
N ASN K 206 14.66 35.41 -1.22
CA ASN K 206 13.54 34.47 -1.20
C ASN K 206 12.27 35.02 -1.81
N ALA K 207 11.97 36.30 -1.61
CA ALA K 207 10.80 36.89 -2.26
C ALA K 207 10.88 36.81 -3.78
N ILE K 208 12.07 36.98 -4.35
CA ILE K 208 12.21 36.89 -5.80
C ILE K 208 12.14 35.45 -6.28
N ILE K 209 12.62 34.50 -5.48
CA ILE K 209 12.42 33.10 -5.86
C ILE K 209 10.93 32.77 -5.94
N VAL K 210 10.16 33.14 -4.93
CA VAL K 210 8.74 32.82 -4.96
C VAL K 210 8.02 33.56 -6.08
N GLU K 211 8.41 34.82 -6.35
CA GLU K 211 7.87 35.53 -7.51
C GLU K 211 8.33 34.96 -8.84
N ASN K 212 9.24 33.99 -8.83
CA ASN K 212 9.57 33.28 -10.06
C ASN K 212 8.81 31.97 -10.19
N ASN K 213 8.73 31.21 -9.10
CA ASN K 213 7.89 30.01 -9.11
C ASN K 213 6.44 30.31 -9.51
N ARG K 214 5.92 31.49 -9.16
CA ARG K 214 4.57 31.87 -9.62
C ARG K 214 4.45 31.88 -11.14
N ILE K 215 5.48 32.36 -11.83
CA ILE K 215 5.40 32.42 -13.28
C ILE K 215 5.66 31.06 -13.90
N ILE K 216 6.52 30.25 -13.30
CA ILE K 216 6.72 28.89 -13.81
C ILE K 216 5.42 28.10 -13.73
N ALA K 217 4.70 28.21 -12.61
CA ALA K 217 3.40 27.53 -12.50
C ALA K 217 2.37 28.10 -13.47
N LEU K 218 2.42 29.39 -13.77
CA LEU K 218 1.51 29.93 -14.77
C LEU K 218 1.78 29.32 -16.15
N VAL K 219 3.02 29.40 -16.62
CA VAL K 219 3.35 28.83 -17.92
C VAL K 219 3.00 27.33 -17.98
N LEU K 220 3.21 26.59 -16.89
CA LEU K 220 2.77 25.19 -16.88
C LEU K 220 1.28 25.04 -17.08
N LEU K 221 0.48 25.94 -16.52
CA LEU K 221 -0.96 25.82 -16.73
C LEU K 221 -1.33 26.19 -18.16
N LEU K 222 -0.79 27.30 -18.67
CA LEU K 222 -1.15 27.70 -20.03
C LEU K 222 -0.73 26.65 -21.06
N ILE K 223 0.36 25.93 -20.79
CA ILE K 223 0.73 24.82 -21.67
C ILE K 223 -0.26 23.68 -21.56
N VAL K 224 -0.57 23.24 -20.34
CA VAL K 224 -1.46 22.08 -20.24
C VAL K 224 -2.83 22.40 -20.81
N LEU K 225 -3.28 23.66 -20.71
CA LEU K 225 -4.53 24.05 -21.36
C LEU K 225 -4.42 24.17 -22.87
N ALA K 226 -3.24 24.45 -23.41
CA ALA K 226 -3.19 24.59 -24.86
C ALA K 226 -3.09 23.25 -25.57
N ILE K 227 -2.48 22.24 -24.95
CA ILE K 227 -2.45 20.92 -25.56
C ILE K 227 -3.80 20.26 -25.35
N GLY L 2 28.00 5.31 -9.82
CA GLY L 2 26.57 5.62 -10.12
C GLY L 2 26.35 7.07 -10.53
N SER L 3 25.14 7.36 -10.99
CA SER L 3 24.78 8.72 -11.36
C SER L 3 24.46 9.54 -10.12
N GLU L 4 24.28 10.85 -10.34
CA GLU L 4 24.05 11.79 -9.24
C GLU L 4 22.87 11.37 -8.38
N GLU L 5 21.82 10.80 -8.99
CA GLU L 5 20.66 10.44 -8.19
C GLU L 5 20.93 9.26 -7.27
N GLU L 6 21.86 8.37 -7.64
CA GLU L 6 22.16 7.25 -6.77
C GLU L 6 22.97 7.71 -5.56
N ILE L 7 23.94 8.58 -5.79
CA ILE L 7 24.70 9.13 -4.67
C ILE L 7 23.80 9.96 -3.77
N ALA L 8 22.91 10.77 -4.35
CA ALA L 8 22.01 11.58 -3.54
C ALA L 8 21.04 10.73 -2.71
N LYS L 9 20.52 9.65 -3.27
CA LYS L 9 19.72 8.71 -2.48
C LYS L 9 20.54 8.05 -1.37
N ALA L 10 21.79 7.66 -1.66
CA ALA L 10 22.61 7.04 -0.63
C ALA L 10 23.02 8.01 0.47
N LEU L 11 23.20 9.28 0.14
CA LEU L 11 23.44 10.30 1.16
C LEU L 11 22.19 10.66 1.95
N GLU L 12 21.01 10.55 1.37
CA GLU L 12 19.80 10.68 2.17
C GLU L 12 19.65 9.50 3.15
N GLU L 13 19.96 8.28 2.70
CA GLU L 13 20.02 7.16 3.62
C GLU L 13 21.06 7.36 4.72
N LEU L 14 22.18 7.99 4.38
CA LEU L 14 23.26 8.20 5.34
C LEU L 14 22.85 9.20 6.40
N VAL L 15 22.32 10.35 5.99
CA VAL L 15 21.96 11.38 6.96
C VAL L 15 20.76 10.96 7.81
N ALA L 16 19.80 10.23 7.24
CA ALA L 16 18.74 9.65 8.08
C ALA L 16 19.27 8.62 9.08
N SER L 17 20.25 7.81 8.68
CA SER L 17 20.90 6.90 9.63
C SER L 17 21.62 7.66 10.74
N LEU L 18 22.28 8.78 10.40
CA LEU L 18 22.88 9.59 11.45
C LEU L 18 21.85 10.21 12.38
N ALA L 19 20.72 10.68 11.84
CA ALA L 19 19.71 11.26 12.72
C ALA L 19 19.09 10.24 13.64
N GLU L 20 19.03 8.98 13.22
CA GLU L 20 18.63 7.90 14.13
C GLU L 20 19.71 7.55 15.18
N LEU L 21 20.97 7.47 14.75
CA LEU L 21 22.07 7.16 15.66
C LEU L 21 22.36 8.23 16.70
N LYS L 22 22.16 9.50 16.40
CA LYS L 22 22.36 10.52 17.44
C LYS L 22 21.29 10.47 18.53
N ARG L 23 20.02 10.26 18.15
CA ARG L 23 18.99 10.08 19.16
C ARG L 23 19.25 8.85 20.01
N ALA L 24 19.63 7.72 19.39
CA ALA L 24 19.94 6.55 20.20
C ALA L 24 21.15 6.77 21.11
N THR L 25 22.13 7.57 20.68
CA THR L 25 23.25 7.87 21.57
C THR L 25 22.81 8.68 22.79
N LEU L 26 22.01 9.72 22.56
CA LEU L 26 21.55 10.54 23.69
C LEU L 26 20.74 9.70 24.67
N LYS L 27 19.82 8.89 24.16
CA LYS L 27 19.01 8.07 25.06
C LYS L 27 19.84 7.02 25.78
N LEU L 28 20.91 6.51 25.15
CA LEU L 28 21.77 5.54 25.83
C LEU L 28 22.61 6.18 26.94
N LEU L 29 23.05 7.42 26.77
CA LEU L 29 23.62 8.14 27.90
C LEU L 29 22.59 8.40 29.00
N ASP L 30 21.38 8.78 28.63
CA ASP L 30 20.37 9.04 29.66
C ASP L 30 20.07 7.79 30.49
N ILE L 31 19.89 6.63 29.84
CA ILE L 31 19.71 5.39 30.60
C ILE L 31 21.01 4.91 31.23
N THR L 32 22.13 5.58 30.94
CA THR L 32 23.35 5.32 31.69
C THR L 32 23.48 6.20 32.93
N ASP L 33 22.73 7.30 32.99
CA ASP L 33 22.89 8.28 34.05
C ASP L 33 22.51 7.79 35.45
N LYS L 34 21.23 7.51 35.68
CA LYS L 34 20.76 7.13 37.00
C LYS L 34 19.79 5.96 36.95
N LEU L 35 19.95 5.04 37.91
CA LEU L 35 18.88 4.12 38.31
C LEU L 35 19.21 3.59 39.69
N LYS L 36 18.33 3.86 40.66
CA LYS L 36 18.55 3.36 42.02
C LYS L 36 18.36 1.86 42.11
N LYS L 37 17.28 1.33 41.54
CA LYS L 37 16.91 -0.05 41.81
C LYS L 37 17.86 -1.02 41.15
N ASN L 38 17.92 -2.28 41.74
CA ASN L 38 18.84 -3.35 41.41
C ASN L 38 18.24 -4.33 40.40
N PRO L 39 19.10 -4.92 39.56
CA PRO L 39 18.62 -5.68 38.40
C PRO L 39 18.12 -7.07 38.75
N SER L 40 17.36 -7.63 37.82
CA SER L 40 16.68 -8.92 37.93
C SER L 40 17.57 -10.03 37.35
N GLU L 41 17.03 -11.25 37.32
CA GLU L 41 17.63 -12.31 36.53
C GLU L 41 17.45 -12.08 35.03
N SER L 42 16.29 -11.59 34.61
CA SER L 42 16.09 -11.17 33.23
C SER L 42 16.99 -10.01 32.83
N ALA L 43 17.47 -9.24 33.80
CA ALA L 43 18.48 -8.21 33.59
C ALA L 43 19.90 -8.75 33.54
N LEU L 44 20.09 -10.06 33.70
CA LEU L 44 21.32 -10.72 33.24
C LEU L 44 21.21 -11.20 31.81
N VAL L 45 20.12 -11.88 31.46
CA VAL L 45 19.88 -12.35 30.10
C VAL L 45 19.92 -11.23 29.07
N SER L 46 19.69 -9.98 29.46
CA SER L 46 19.78 -8.85 28.54
C SER L 46 20.76 -7.81 29.04
N HIS L 47 21.86 -8.26 29.62
CA HIS L 47 22.74 -7.40 30.40
C HIS L 47 23.05 -6.03 29.79
N ASN L 48 23.50 -5.99 28.54
CA ASN L 48 23.88 -4.73 27.90
C ASN L 48 23.15 -4.49 26.60
N LYS L 49 21.94 -5.02 26.44
CA LYS L 49 21.33 -5.11 25.13
C LYS L 49 21.27 -3.77 24.40
N ALA L 50 21.09 -2.67 25.10
CA ALA L 50 21.05 -1.36 24.45
C ALA L 50 22.40 -0.93 23.86
N ILE L 51 23.51 -1.43 24.38
CA ILE L 51 24.81 -1.13 23.77
C ILE L 51 25.02 -1.96 22.52
N VAL L 52 24.76 -3.27 22.58
CA VAL L 52 24.94 -4.10 21.40
C VAL L 52 24.00 -3.70 20.27
N GLU L 53 22.76 -3.31 20.62
CA GLU L 53 21.88 -2.70 19.64
C GLU L 53 22.39 -1.36 19.12
N HIS L 54 23.17 -0.62 19.91
CA HIS L 54 23.73 0.63 19.39
C HIS L 54 24.88 0.36 18.42
N ASN L 55 25.81 -0.51 18.83
CA ASN L 55 26.90 -0.92 17.96
C ASN L 55 26.41 -1.45 16.61
N ALA L 56 25.31 -2.21 16.61
CA ALA L 56 24.76 -2.65 15.33
C ALA L 56 24.35 -1.48 14.43
N ILE L 57 23.88 -0.38 15.02
CA ILE L 57 23.53 0.79 14.21
C ILE L 57 24.78 1.47 13.69
N ILE L 58 25.84 1.49 14.49
CA ILE L 58 27.08 2.10 14.00
C ILE L 58 27.64 1.29 12.83
N VAL L 59 27.65 -0.03 12.95
CA VAL L 59 28.09 -0.92 11.87
C VAL L 59 27.27 -0.72 10.60
N GLU L 60 25.95 -0.54 10.75
CA GLU L 60 25.14 -0.24 9.56
C GLU L 60 25.39 1.13 8.99
N ASN L 61 25.77 2.11 9.80
CA ASN L 61 26.12 3.41 9.26
C ASN L 61 27.44 3.36 8.50
N ASN L 62 28.45 2.68 9.06
CA ASN L 62 29.71 2.47 8.37
C ASN L 62 29.56 1.74 7.04
N ARG L 63 28.63 0.78 6.96
CA ARG L 63 28.41 0.12 5.67
C ARG L 63 27.91 1.08 4.60
N ILE L 64 27.06 2.04 4.98
CA ILE L 64 26.55 2.99 4.00
C ILE L 64 27.64 3.99 3.62
N ILE L 65 28.42 4.45 4.59
CA ILE L 65 29.54 5.32 4.25
C ILE L 65 30.46 4.66 3.23
N ALA L 66 30.80 3.39 3.44
CA ALA L 66 31.66 2.71 2.48
C ALA L 66 31.00 2.50 1.12
N ALA L 67 29.68 2.34 1.06
CA ALA L 67 29.02 2.25 -0.23
C ALA L 67 28.98 3.57 -0.97
N VAL L 68 28.83 4.68 -0.24
CA VAL L 68 28.91 5.98 -0.89
C VAL L 68 30.33 6.26 -1.36
N LEU L 69 31.34 5.91 -0.58
CA LEU L 69 32.70 6.14 -1.04
C LEU L 69 32.99 5.39 -2.33
N GLU L 70 32.47 4.16 -2.44
CA GLU L 70 32.68 3.41 -3.67
C GLU L 70 31.94 4.04 -4.84
N LEU L 71 30.69 4.49 -4.63
CA LEU L 71 29.95 5.14 -5.70
C LEU L 71 30.59 6.45 -6.15
N ILE L 72 31.19 7.20 -5.22
CA ILE L 72 31.89 8.43 -5.60
C ILE L 72 33.16 8.12 -6.39
N VAL L 73 34.02 7.26 -5.86
CA VAL L 73 35.30 7.05 -6.51
C VAL L 73 35.12 6.39 -7.87
N ARG L 74 34.16 5.47 -8.01
CA ARG L 74 33.89 4.88 -9.31
C ARG L 74 33.29 5.87 -10.31
N ALA L 75 32.87 7.05 -9.86
CA ALA L 75 32.51 8.13 -10.77
C ALA L 75 33.70 9.02 -11.13
N VAL L 76 34.47 9.46 -10.13
CA VAL L 76 35.53 10.43 -10.43
C VAL L 76 36.80 9.76 -10.94
N GLY L 77 36.94 8.46 -10.74
CA GLY L 77 38.04 7.69 -11.29
C GLY L 77 39.12 7.36 -10.28
N MET L 78 39.40 6.07 -10.18
CA MET L 78 40.42 5.53 -9.30
C MET L 78 41.83 5.89 -9.76
N THR L 79 42.75 5.88 -8.79
CA THR L 79 44.18 5.86 -9.03
C THR L 79 44.79 4.80 -8.12
N ASP L 80 46.06 4.48 -8.38
CA ASP L 80 46.71 3.39 -7.65
C ASP L 80 46.47 3.45 -6.15
N GLU L 81 46.74 4.61 -5.54
CA GLU L 81 46.67 4.70 -4.09
C GLU L 81 45.22 4.66 -3.59
N ILE L 82 44.30 5.25 -4.35
CA ILE L 82 42.89 5.14 -3.99
C ILE L 82 42.42 3.71 -4.11
N ASP L 83 42.83 2.99 -5.15
CA ASP L 83 42.38 1.62 -5.30
C ASP L 83 42.94 0.71 -4.21
N LEU L 84 44.20 0.90 -3.83
CA LEU L 84 44.73 0.19 -2.66
C LEU L 84 43.99 0.52 -1.38
N ALA L 85 43.65 1.79 -1.18
CA ALA L 85 42.96 2.17 0.04
C ALA L 85 41.52 1.65 0.07
N LEU L 86 40.86 1.64 -1.07
CA LEU L 86 39.53 1.03 -1.16
C LEU L 86 39.57 -0.46 -0.90
N LEU L 87 40.61 -1.16 -1.37
CA LEU L 87 40.72 -2.58 -1.06
C LEU L 87 40.98 -2.84 0.43
N LYS L 88 41.83 -2.02 1.06
CA LYS L 88 41.91 -2.06 2.52
C LYS L 88 40.56 -1.81 3.19
N LEU L 89 39.79 -0.83 2.70
CA LEU L 89 38.49 -0.55 3.27
C LEU L 89 37.51 -1.73 3.12
N LYS L 90 37.57 -2.43 2.00
CA LYS L 90 36.76 -3.64 1.85
C LYS L 90 37.20 -4.77 2.78
N ALA L 91 38.50 -4.97 2.93
CA ALA L 91 38.95 -6.00 3.88
C ALA L 91 38.57 -5.67 5.31
N SER L 92 38.63 -4.40 5.69
CA SER L 92 38.21 -4.03 7.05
C SER L 92 36.69 -4.12 7.24
N THR L 93 35.91 -3.76 6.23
CA THR L 93 34.47 -3.94 6.34
C THR L 93 34.08 -5.41 6.42
N ALA L 94 34.85 -6.29 5.77
CA ALA L 94 34.62 -7.72 5.95
C ALA L 94 35.01 -8.19 7.34
N ARG L 95 36.13 -7.70 7.87
CA ARG L 95 36.50 -8.05 9.24
C ARG L 95 35.43 -7.65 10.24
N LEU L 96 34.80 -6.50 10.03
CA LEU L 96 33.75 -6.04 10.94
C LEU L 96 32.56 -7.00 10.97
N LYS L 97 32.27 -7.71 9.88
CA LYS L 97 31.18 -8.69 9.90
C LYS L 97 31.49 -9.88 10.80
N VAL L 98 32.71 -10.40 10.75
CA VAL L 98 33.07 -11.49 11.65
C VAL L 98 33.11 -11.02 13.10
N ALA L 99 33.59 -9.80 13.34
CA ALA L 99 33.59 -9.30 14.72
C ALA L 99 32.17 -9.12 15.26
N THR L 100 31.24 -8.71 14.40
CA THR L 100 29.85 -8.59 14.81
C THR L 100 29.22 -9.95 15.08
N ALA L 101 29.42 -10.91 14.17
CA ALA L 101 28.87 -12.24 14.43
C ALA L 101 29.46 -12.88 15.67
N LEU L 102 30.69 -12.54 16.04
CA LEU L 102 31.20 -13.04 17.32
C LEU L 102 30.53 -12.37 18.51
N LEU L 103 30.33 -11.05 18.46
CA LEU L 103 29.64 -10.41 19.58
C LEU L 103 28.21 -10.92 19.72
N ARG L 104 27.52 -11.10 18.59
CA ARG L 104 26.17 -11.65 18.53
C ARG L 104 26.11 -13.13 18.90
N MET L 105 27.24 -13.83 18.95
CA MET L 105 27.23 -15.15 19.56
C MET L 105 27.42 -15.10 21.07
N ILE L 106 28.43 -14.38 21.55
CA ILE L 106 28.66 -14.33 23.00
C ILE L 106 27.49 -13.71 23.76
N THR L 107 26.79 -12.76 23.15
CA THR L 107 25.55 -12.24 23.74
C THR L 107 24.48 -13.30 23.91
N GLU L 108 24.34 -14.21 22.95
CA GLU L 108 23.32 -15.24 23.10
C GLU L 108 23.78 -16.39 24.00
N GLU L 109 25.08 -16.67 24.04
CA GLU L 109 25.62 -17.61 25.01
C GLU L 109 25.46 -17.13 26.44
N LEU L 110 25.30 -15.82 26.64
CA LEU L 110 24.96 -15.29 27.96
C LEU L 110 23.54 -15.62 28.43
N LYS L 111 22.64 -16.04 27.53
CA LYS L 111 21.35 -16.59 27.97
C LYS L 111 21.45 -17.94 28.67
N LYS L 112 22.61 -18.60 28.65
CA LYS L 112 22.68 -20.00 29.04
C LYS L 112 23.71 -20.29 30.12
N ASN L 113 24.73 -19.45 30.30
CA ASN L 113 25.60 -19.50 31.46
C ASN L 113 25.73 -18.10 32.09
N PRO L 114 24.61 -17.42 32.33
CA PRO L 114 24.67 -16.09 32.97
C PRO L 114 25.27 -16.19 34.37
N SER L 115 26.35 -15.45 34.59
CA SER L 115 27.00 -15.37 35.89
C SER L 115 27.88 -14.14 35.91
N GLU L 116 28.21 -13.69 37.13
CA GLU L 116 28.99 -12.48 37.31
C GLU L 116 30.33 -12.52 36.59
N ASP L 117 30.86 -13.71 36.30
CA ASP L 117 32.10 -13.80 35.55
C ASP L 117 31.89 -13.63 34.04
N ALA L 118 30.84 -14.25 33.51
CA ALA L 118 30.51 -14.10 32.09
C ALA L 118 30.17 -12.66 31.71
N LEU L 119 29.61 -11.88 32.63
CA LEU L 119 29.38 -10.47 32.34
C LEU L 119 30.66 -9.69 32.05
N VAL L 120 31.78 -10.03 32.68
CA VAL L 120 33.03 -9.34 32.38
C VAL L 120 33.57 -9.78 31.03
N GLU L 121 33.36 -11.04 30.67
CA GLU L 121 33.70 -11.51 29.33
C GLU L 121 32.89 -10.77 28.28
N HIS L 122 31.59 -10.60 28.51
CA HIS L 122 30.76 -9.90 27.54
C HIS L 122 31.19 -8.45 27.39
N ASN L 123 31.52 -7.78 28.50
CA ASN L 123 32.03 -6.42 28.37
C ASN L 123 33.34 -6.36 27.59
N ARG L 124 34.21 -7.35 27.76
CA ARG L 124 35.44 -7.34 26.97
C ARG L 124 35.17 -7.61 25.50
N ALA L 125 34.17 -8.42 25.19
CA ALA L 125 33.77 -8.58 23.79
C ALA L 125 33.24 -7.28 23.19
N ILE L 126 32.49 -6.51 23.97
CA ILE L 126 32.02 -5.21 23.49
C ILE L 126 33.19 -4.24 23.29
N VAL L 127 34.19 -4.29 24.15
CA VAL L 127 35.35 -3.42 23.95
C VAL L 127 36.13 -3.83 22.70
N ASN L 128 36.25 -5.12 22.42
CA ASN L 128 36.94 -5.53 21.21
C ASN L 128 36.16 -5.19 19.94
N HIS L 129 34.83 -5.23 19.99
CA HIS L 129 34.04 -4.75 18.86
C HIS L 129 34.26 -3.26 18.64
N ASN L 130 34.23 -2.46 19.70
CA ASN L 130 34.50 -1.03 19.56
C ASN L 130 35.88 -0.77 18.97
N ALA L 131 36.89 -1.50 19.45
CA ALA L 131 38.23 -1.38 18.90
C ALA L 131 38.34 -1.77 17.44
N ILE L 132 37.40 -2.55 16.91
CA ILE L 132 37.44 -2.84 15.47
C ILE L 132 36.63 -1.81 14.65
N ILE L 133 35.62 -1.20 15.26
CA ILE L 133 34.92 -0.12 14.58
C ILE L 133 35.83 1.10 14.45
N VAL L 134 36.66 1.36 15.45
CA VAL L 134 37.62 2.45 15.34
C VAL L 134 38.56 2.25 14.17
N GLU L 135 39.00 1.02 13.91
CA GLU L 135 39.85 0.77 12.75
C GLU L 135 39.11 1.06 11.45
N ASN L 136 37.86 0.62 11.36
CA ASN L 136 37.10 0.88 10.15
C ASN L 136 36.97 2.39 9.89
N ASN L 137 36.77 3.17 10.96
CA ASN L 137 36.73 4.62 10.81
C ASN L 137 38.08 5.22 10.41
N ARG L 138 39.17 4.68 10.91
CA ARG L 138 40.48 5.25 10.55
C ARG L 138 40.84 4.96 9.10
N ILE L 139 40.32 3.88 8.55
CA ILE L 139 40.54 3.60 7.14
C ILE L 139 39.65 4.47 6.27
N ILE L 140 38.38 4.65 6.66
CA ILE L 140 37.52 5.55 5.89
C ILE L 140 38.06 6.98 5.89
N ALA L 141 38.55 7.45 7.03
CA ALA L 141 39.16 8.78 7.06
C ALA L 141 40.41 8.90 6.20
N ALA L 142 41.20 7.83 6.09
CA ALA L 142 42.33 7.87 5.16
C ALA L 142 41.88 7.94 3.71
N VAL L 143 40.89 7.12 3.33
CA VAL L 143 40.34 7.20 1.97
C VAL L 143 39.79 8.58 1.66
N LEU L 144 39.10 9.21 2.60
CA LEU L 144 38.56 10.55 2.35
C LEU L 144 39.66 11.58 2.16
N GLU L 145 40.69 11.58 3.00
CA GLU L 145 41.77 12.54 2.76
C GLU L 145 42.47 12.30 1.42
N LEU L 146 42.57 11.04 1.00
CA LEU L 146 43.11 10.77 -0.33
C LEU L 146 42.24 11.34 -1.44
N ILE L 147 40.93 11.10 -1.37
CA ILE L 147 40.05 11.61 -2.43
C ILE L 147 40.08 13.12 -2.47
N VAL L 148 40.15 13.77 -1.31
CA VAL L 148 40.18 15.23 -1.31
C VAL L 148 41.46 15.76 -1.95
N ARG L 149 42.62 15.16 -1.65
CA ARG L 149 43.84 15.59 -2.33
C ARG L 149 43.82 15.29 -3.82
N ALA L 150 43.28 14.14 -4.23
CA ALA L 150 43.21 13.80 -5.64
C ALA L 150 42.34 14.78 -6.45
N LEU L 151 41.23 15.24 -5.88
CA LEU L 151 40.42 16.27 -6.52
C LEU L 151 40.97 17.68 -6.42
N ASN L 152 42.09 17.88 -5.72
CA ASN L 152 42.65 19.22 -5.54
C ASN L 152 41.61 20.19 -5.01
N LEU L 153 40.83 19.72 -4.06
CA LEU L 153 39.61 20.39 -3.63
C LEU L 153 39.97 21.34 -2.49
N THR L 154 40.21 22.60 -2.82
CA THR L 154 40.86 23.54 -1.92
C THR L 154 39.91 24.48 -1.18
N ASP L 155 38.60 24.32 -1.34
CA ASP L 155 37.66 25.20 -0.65
C ASP L 155 37.96 25.21 0.84
N GLU L 156 37.77 26.38 1.46
CA GLU L 156 37.98 26.52 2.89
C GLU L 156 37.00 25.72 3.73
N GLU L 157 35.76 25.56 3.27
CA GLU L 157 34.82 24.69 3.96
C GLU L 157 35.32 23.25 4.05
N VAL L 158 35.91 22.74 2.96
CA VAL L 158 36.46 21.39 2.99
C VAL L 158 37.73 21.34 3.82
N ARG L 159 38.61 22.32 3.65
CA ARG L 159 39.83 22.33 4.44
C ARG L 159 39.51 22.28 5.93
N LYS L 160 38.62 23.17 6.39
CA LYS L 160 38.24 23.17 7.80
C LYS L 160 37.52 21.89 8.22
N ALA L 161 36.72 21.28 7.34
CA ALA L 161 36.09 20.01 7.69
C ALA L 161 37.09 18.87 7.84
N LEU L 162 38.15 18.87 7.04
CA LEU L 162 39.23 17.91 7.27
C LEU L 162 40.00 18.23 8.54
N GLU L 163 40.31 19.50 8.78
CA GLU L 163 41.00 19.85 10.02
C GLU L 163 40.21 19.40 11.25
N GLU L 164 38.88 19.34 11.14
CA GLU L 164 38.07 18.75 12.21
C GLU L 164 38.13 17.22 12.20
N LEU L 165 38.12 16.60 11.03
CA LEU L 165 38.12 15.14 10.95
C LEU L 165 39.41 14.55 11.51
N LYS L 166 40.55 15.14 11.20
CA LYS L 166 41.83 14.66 11.73
C LYS L 166 41.89 14.72 13.25
N ALA L 167 41.49 15.86 13.82
CA ALA L 167 41.47 15.98 15.27
C ALA L 167 40.50 14.99 15.91
N SER L 168 39.34 14.77 15.30
CA SER L 168 38.42 13.77 15.83
C SER L 168 38.98 12.36 15.74
N THR L 169 39.77 12.06 14.70
CA THR L 169 40.41 10.75 14.62
C THR L 169 41.47 10.56 15.69
N ALA L 170 42.27 11.58 15.96
CA ALA L 170 43.25 11.45 17.04
C ALA L 170 42.57 11.36 18.42
N GLU L 171 41.50 12.13 18.62
CA GLU L 171 40.71 11.99 19.84
C GLU L 171 40.14 10.60 20.01
N LEU L 172 39.75 9.96 18.91
CA LEU L 172 39.21 8.61 19.00
C LEU L 172 40.28 7.56 19.24
N LYS L 173 41.48 7.74 18.68
CA LYS L 173 42.59 6.87 19.05
C LYS L 173 42.92 6.96 20.54
N ARG L 174 43.09 8.18 21.05
CA ARG L 174 43.36 8.32 22.49
C ARG L 174 42.26 7.72 23.35
N ALA L 175 41.00 7.90 22.98
CA ALA L 175 39.91 7.31 23.76
C ALA L 175 39.88 5.80 23.68
N THR L 176 40.31 5.22 22.56
CA THR L 176 40.32 3.76 22.47
C THR L 176 41.44 3.17 23.31
N ALA L 177 42.62 3.76 23.25
CA ALA L 177 43.71 3.30 24.12
C ALA L 177 43.35 3.43 25.59
N SER L 178 42.67 4.51 25.99
CA SER L 178 42.23 4.63 27.37
C SER L 178 41.16 3.60 27.75
N LEU L 179 40.22 3.32 26.86
CA LEU L 179 39.22 2.29 27.16
C LEU L 179 39.84 0.90 27.31
N ARG L 180 40.79 0.55 26.45
CA ARG L 180 41.46 -0.74 26.62
C ARG L 180 42.30 -0.77 27.88
N ALA L 181 42.93 0.35 28.24
CA ALA L 181 43.68 0.39 29.49
C ALA L 181 42.79 0.13 30.69
N ILE L 182 41.66 0.84 30.79
CA ILE L 182 40.79 0.55 31.93
C ILE L 182 40.18 -0.85 31.84
N THR L 183 39.98 -1.39 30.64
CA THR L 183 39.43 -2.73 30.54
C THR L 183 40.41 -3.77 31.08
N GLU L 184 41.71 -3.51 30.93
CA GLU L 184 42.70 -4.36 31.58
C GLU L 184 42.58 -4.31 33.11
N GLU L 185 42.35 -3.11 33.66
CA GLU L 185 42.15 -2.97 35.09
C GLU L 185 40.90 -3.68 35.59
N LEU L 186 39.83 -3.65 34.79
CA LEU L 186 38.66 -4.48 35.10
C LEU L 186 38.98 -5.97 35.03
N LYS L 187 39.80 -6.38 34.07
CA LYS L 187 40.20 -7.78 34.00
C LYS L 187 40.96 -8.22 35.23
N LYS L 188 41.80 -7.34 35.78
CA LYS L 188 42.43 -7.60 37.07
C LYS L 188 41.43 -7.62 38.23
N ASN L 189 40.54 -6.63 38.31
CA ASN L 189 39.72 -6.42 39.51
C ASN L 189 38.23 -6.56 39.23
N PRO L 190 37.78 -7.75 38.86
CA PRO L 190 36.38 -7.96 38.44
C PRO L 190 35.43 -7.78 39.62
N SER L 191 34.56 -6.77 39.53
CA SER L 191 33.55 -6.54 40.56
C SER L 191 32.36 -5.82 39.94
N GLU L 192 31.20 -6.00 40.58
CA GLU L 192 30.04 -5.16 40.28
C GLU L 192 30.35 -3.67 40.38
N ASP L 193 31.16 -3.29 41.37
CA ASP L 193 31.53 -1.89 41.53
C ASP L 193 32.32 -1.38 40.33
N ALA L 194 33.30 -2.16 39.87
CA ALA L 194 34.03 -1.74 38.67
C ALA L 194 33.24 -1.97 37.40
N LEU L 195 32.35 -2.95 37.36
CA LEU L 195 31.51 -3.14 36.19
C LEU L 195 30.64 -1.92 35.93
N VAL L 196 30.10 -1.33 36.98
CA VAL L 196 29.22 -0.16 36.84
C VAL L 196 29.98 1.01 36.24
N GLU L 197 31.20 1.25 36.68
CA GLU L 197 32.01 2.35 36.16
C GLU L 197 32.70 2.04 34.83
N HIS L 198 32.84 0.77 34.45
CA HIS L 198 33.29 0.40 33.12
C HIS L 198 32.20 0.54 32.04
N ASN L 199 30.95 0.20 32.38
CA ASN L 199 29.87 0.43 31.43
C ASN L 199 29.80 1.89 30.98
N ARG L 200 30.01 2.82 31.91
CA ARG L 200 30.04 4.22 31.51
C ARG L 200 31.20 4.50 30.55
N ALA L 201 32.35 3.88 30.77
CA ALA L 201 33.49 4.11 29.88
C ALA L 201 33.18 3.63 28.47
N ILE L 202 32.44 2.54 28.36
CA ILE L 202 31.98 2.10 27.04
C ILE L 202 31.06 3.15 26.42
N VAL L 203 30.05 3.60 27.16
CA VAL L 203 29.11 4.55 26.58
C VAL L 203 29.79 5.85 26.18
N GLU L 204 30.80 6.27 26.95
CA GLU L 204 31.59 7.45 26.62
C GLU L 204 32.58 7.23 25.49
N HIS L 205 32.82 6.00 25.08
CA HIS L 205 33.59 5.79 23.86
C HIS L 205 32.68 5.74 22.63
N ASN L 206 31.55 5.05 22.74
CA ASN L 206 30.51 5.13 21.71
C ASN L 206 30.13 6.57 21.36
N ALA L 207 30.08 7.46 22.35
CA ALA L 207 29.81 8.86 22.03
C ALA L 207 30.86 9.46 21.10
N ILE L 208 32.12 9.09 21.26
CA ILE L 208 33.16 9.63 20.38
C ILE L 208 33.10 9.00 18.99
N ILE L 209 32.71 7.73 18.91
CA ILE L 209 32.50 7.15 17.58
C ILE L 209 31.41 7.90 16.83
N VAL L 210 30.27 8.14 17.47
CA VAL L 210 29.20 8.84 16.76
C VAL L 210 29.58 10.27 16.43
N GLU L 211 30.32 10.95 17.32
CA GLU L 211 30.85 12.27 17.01
C GLU L 211 31.95 12.25 15.95
N ASN L 212 32.38 11.08 15.51
CA ASN L 212 33.28 10.99 14.37
C ASN L 212 32.54 10.69 13.08
N ASN L 213 31.59 9.76 13.12
CA ASN L 213 30.74 9.53 11.97
C ASN L 213 30.03 10.80 11.50
N ARG L 214 29.69 11.69 12.43
CA ARG L 214 29.13 12.98 12.04
C ARG L 214 30.05 13.78 11.12
N ILE L 215 31.35 13.75 11.37
CA ILE L 215 32.27 14.51 10.52
C ILE L 215 32.55 13.78 9.22
N ILE L 216 32.58 12.45 9.25
CA ILE L 216 32.74 11.71 8.00
C ILE L 216 31.57 11.99 7.06
N ALA L 217 30.34 12.00 7.59
CA ALA L 217 29.19 12.35 6.75
C ALA L 217 29.24 13.80 6.26
N LEU L 218 29.78 14.71 7.06
CA LEU L 218 29.93 16.07 6.58
C LEU L 218 30.91 16.14 5.39
N VAL L 219 32.12 15.62 5.57
CA VAL L 219 33.08 15.64 4.48
C VAL L 219 32.54 14.95 3.22
N LEU L 220 31.79 13.85 3.38
CA LEU L 220 31.17 13.24 2.20
C LEU L 220 30.20 14.18 1.49
N LEU L 221 29.46 14.98 2.24
CA LEU L 221 28.54 15.91 1.58
C LEU L 221 29.31 17.03 0.90
N LEU L 222 30.28 17.62 1.58
CA LEU L 222 31.04 18.71 0.99
C LEU L 222 31.80 18.27 -0.26
N ILE L 223 32.21 17.01 -0.32
CA ILE L 223 32.81 16.50 -1.54
C ILE L 223 31.77 16.36 -2.64
N VAL L 224 30.64 15.72 -2.36
CA VAL L 224 29.68 15.52 -3.45
C VAL L 224 29.16 16.86 -3.97
N LEU L 225 29.06 17.87 -3.11
CA LEU L 225 28.69 19.21 -3.57
C LEU L 225 29.82 19.91 -4.31
N ALA L 226 31.08 19.57 -4.05
CA ALA L 226 32.13 20.28 -4.76
C ALA L 226 32.38 19.73 -6.16
N ILE L 227 32.14 18.46 -6.40
CA ILE L 227 32.28 17.92 -7.75
C ILE L 227 31.06 18.33 -8.56
N GLY M 2 4.21 -28.29 -21.97
CA GLY M 2 4.07 -27.96 -20.53
C GLY M 2 2.85 -28.60 -19.90
N SER M 3 2.75 -28.51 -18.58
CA SER M 3 1.59 -29.05 -17.89
C SER M 3 0.42 -28.08 -17.99
N GLU M 4 -0.74 -28.56 -17.52
CA GLU M 4 -1.98 -27.79 -17.65
C GLU M 4 -1.87 -26.40 -17.05
N GLU M 5 -1.14 -26.26 -15.94
CA GLU M 5 -1.06 -24.93 -15.32
C GLU M 5 -0.25 -23.96 -16.15
N GLU M 6 0.72 -24.44 -16.93
CA GLU M 6 1.49 -23.52 -17.75
C GLU M 6 0.68 -23.02 -18.94
N ILE M 7 -0.07 -23.92 -19.58
CA ILE M 7 -0.94 -23.50 -20.67
C ILE M 7 -2.03 -22.56 -20.16
N ALA M 8 -2.61 -22.88 -19.00
CA ALA M 8 -3.63 -22.01 -18.44
C ALA M 8 -3.11 -20.62 -18.08
N LYS M 9 -1.91 -20.54 -17.52
CA LYS M 9 -1.27 -19.24 -17.32
C LYS M 9 -1.01 -18.49 -18.62
N ALA M 10 -0.56 -19.20 -19.66
CA ALA M 10 -0.30 -18.54 -20.93
C ALA M 10 -1.58 -18.08 -21.62
N LEU M 11 -2.67 -18.81 -21.45
CA LEU M 11 -3.97 -18.35 -21.97
C LEU M 11 -4.56 -17.21 -21.14
N GLU M 12 -4.27 -17.13 -19.85
CA GLU M 12 -4.65 -15.94 -19.12
C GLU M 12 -3.87 -14.72 -19.58
N GLU M 13 -2.57 -14.88 -19.82
CA GLU M 13 -1.79 -13.81 -20.44
C GLU M 13 -2.34 -13.42 -21.80
N LEU M 14 -2.81 -14.39 -22.56
CA LEU M 14 -3.33 -14.13 -23.90
C LEU M 14 -4.62 -13.32 -23.84
N VAL M 15 -5.57 -13.75 -23.02
CA VAL M 15 -6.86 -13.07 -22.96
C VAL M 15 -6.72 -11.68 -22.33
N ALA M 16 -5.85 -11.52 -21.33
CA ALA M 16 -5.57 -10.16 -20.84
C ALA M 16 -4.91 -9.27 -21.90
N SER M 17 -4.01 -9.83 -22.72
CA SER M 17 -3.46 -9.05 -23.83
C SER M 17 -4.53 -8.68 -24.84
N LEU M 18 -5.48 -9.57 -25.11
CA LEU M 18 -6.59 -9.20 -25.98
C LEU M 18 -7.47 -8.12 -25.38
N ALA M 19 -7.75 -8.19 -24.09
CA ALA M 19 -8.57 -7.16 -23.49
C ALA M 19 -7.89 -5.80 -23.46
N GLU M 20 -6.57 -5.76 -23.40
CA GLU M 20 -5.85 -4.51 -23.61
C GLU M 20 -5.84 -4.03 -25.05
N LEU M 21 -5.60 -4.93 -26.01
CA LEU M 21 -5.59 -4.58 -27.42
C LEU M 21 -6.95 -4.14 -27.99
N LYS M 22 -8.06 -4.67 -27.50
CA LYS M 22 -9.36 -4.19 -27.98
C LYS M 22 -9.66 -2.77 -27.50
N ARG M 23 -9.34 -2.46 -26.25
CA ARG M 23 -9.49 -1.08 -25.78
C ARG M 23 -8.60 -0.13 -26.55
N ALA M 24 -7.34 -0.50 -26.78
CA ALA M 24 -6.48 0.39 -27.56
C ALA M 24 -6.97 0.55 -28.99
N THR M 25 -7.59 -0.48 -29.58
CA THR M 25 -8.15 -0.33 -30.92
C THR M 25 -9.31 0.66 -30.94
N LEU M 26 -10.23 0.53 -29.98
CA LEU M 26 -11.37 1.44 -29.95
C LEU M 26 -10.90 2.88 -29.75
N LYS M 27 -9.97 3.10 -28.82
CA LYS M 27 -9.50 4.45 -28.59
C LYS M 27 -8.72 5.01 -29.78
N LEU M 28 -8.01 4.16 -30.53
CA LEU M 28 -7.32 4.63 -31.72
C LEU M 28 -8.25 5.01 -32.85
N LEU M 29 -9.36 4.29 -33.01
CA LEU M 29 -10.40 4.79 -33.93
C LEU M 29 -11.01 6.09 -33.45
N ASP M 30 -11.31 6.21 -32.17
CA ASP M 30 -11.91 7.45 -31.68
C ASP M 30 -11.00 8.65 -31.92
N ILE M 31 -9.71 8.53 -31.60
CA ILE M 31 -8.78 9.61 -31.91
C ILE M 31 -8.47 9.71 -33.40
N THR M 32 -8.97 8.78 -34.19
CA THR M 32 -8.92 8.94 -35.64
C THR M 32 -10.13 9.67 -36.19
N ASP M 33 -11.21 9.74 -35.41
CA ASP M 33 -12.48 10.27 -35.89
C ASP M 33 -12.45 11.77 -36.20
N LYS M 34 -12.28 12.61 -35.18
CA LYS M 34 -12.34 14.06 -35.39
C LYS M 34 -11.24 14.78 -34.64
N LEU M 35 -10.66 15.78 -35.32
CA LEU M 35 -9.94 16.87 -34.65
C LEU M 35 -9.88 18.04 -35.61
N LYS M 36 -10.44 19.18 -35.20
CA LYS M 36 -10.41 20.38 -36.03
C LYS M 36 -9.00 20.98 -36.11
N LYS M 37 -8.33 21.12 -34.97
CA LYS M 37 -7.12 21.94 -34.94
C LYS M 37 -5.97 21.23 -35.67
N ASN M 38 -4.98 22.09 -36.13
CA ASN M 38 -3.86 21.71 -36.98
C ASN M 38 -2.61 21.41 -36.16
N PRO M 39 -1.78 20.49 -36.66
CA PRO M 39 -0.68 19.93 -35.86
C PRO M 39 0.53 20.86 -35.76
N SER M 40 1.35 20.57 -34.76
CA SER M 40 2.53 21.33 -34.40
C SER M 40 3.77 20.75 -35.11
N GLU M 41 4.94 21.31 -34.80
CA GLU M 41 6.19 20.66 -35.16
C GLU M 41 6.45 19.40 -34.33
N SER M 42 6.12 19.45 -33.03
CA SER M 42 6.18 18.24 -32.20
C SER M 42 5.19 17.18 -32.66
N ALA M 43 4.14 17.57 -33.37
CA ALA M 43 3.22 16.65 -34.03
C ALA M 43 3.74 16.13 -35.36
N LEU M 44 4.94 16.54 -35.77
CA LEU M 44 5.72 15.81 -36.77
C LEU M 44 6.64 14.77 -36.14
N VAL M 45 7.37 15.17 -35.10
CA VAL M 45 8.25 14.26 -34.37
C VAL M 45 7.53 13.04 -33.81
N SER M 46 6.21 13.10 -33.61
CA SER M 46 5.47 11.93 -33.14
C SER M 46 4.33 11.58 -34.09
N HIS M 47 4.57 11.72 -35.39
CA HIS M 47 3.52 11.73 -36.40
C HIS M 47 2.44 10.66 -36.22
N ASN M 48 2.83 9.39 -36.08
CA ASN M 48 1.85 8.31 -35.99
C ASN M 48 2.02 7.46 -34.73
N LYS M 49 2.55 8.05 -33.65
CA LYS M 49 3.03 7.23 -32.54
C LYS M 49 1.98 6.27 -32.00
N ALA M 50 0.70 6.64 -32.01
CA ALA M 50 -0.33 5.73 -31.53
C ALA M 50 -0.54 4.50 -32.40
N ILE M 51 -0.20 4.57 -33.69
CA ILE M 51 -0.28 3.38 -34.53
C ILE M 51 0.90 2.46 -34.28
N VAL M 52 2.11 3.00 -34.22
CA VAL M 52 3.27 2.16 -33.98
C VAL M 52 3.21 1.52 -32.61
N GLU M 53 2.73 2.27 -31.61
CA GLU M 53 2.43 1.67 -30.31
C GLU M 53 1.33 0.63 -30.35
N HIS M 54 0.39 0.72 -31.29
CA HIS M 54 -0.63 -0.33 -31.37
C HIS M 54 -0.07 -1.59 -32.01
N ASN M 55 0.62 -1.43 -33.14
CA ASN M 55 1.30 -2.54 -33.80
C ASN M 55 2.23 -3.29 -32.86
N ALA M 56 2.97 -2.59 -32.00
CA ALA M 56 3.80 -3.30 -31.02
C ALA M 56 2.99 -4.21 -30.11
N ILE M 57 1.76 -3.82 -29.76
CA ILE M 57 0.92 -4.68 -28.93
C ILE M 57 0.43 -5.87 -29.73
N ILE M 58 0.15 -5.68 -31.02
CA ILE M 58 -0.28 -6.82 -31.82
C ILE M 58 0.86 -7.83 -31.94
N VAL M 59 2.08 -7.36 -32.20
CA VAL M 59 3.26 -8.22 -32.28
C VAL M 59 3.50 -8.97 -30.97
N GLU M 60 3.29 -8.32 -29.83
CA GLU M 60 3.41 -9.04 -28.56
C GLU M 60 2.29 -10.04 -28.33
N ASN M 61 1.10 -9.80 -28.86
CA ASN M 61 0.04 -10.81 -28.73
C ASN M 61 0.33 -12.03 -29.61
N ASN M 62 0.78 -11.79 -30.84
CA ASN M 62 1.18 -12.88 -31.72
C ASN M 62 2.32 -13.72 -31.14
N ARG M 63 3.26 -13.10 -30.43
CA ARG M 63 4.32 -13.88 -29.79
C ARG M 63 3.77 -14.84 -28.74
N ILE M 64 2.76 -14.42 -27.99
CA ILE M 64 2.19 -15.28 -26.96
C ILE M 64 1.37 -16.39 -27.61
N ILE M 65 0.61 -16.07 -28.64
CA ILE M 65 -0.12 -17.11 -29.37
C ILE M 65 0.83 -18.19 -29.86
N ALA M 66 1.97 -17.79 -30.45
CA ALA M 66 2.92 -18.80 -30.91
C ALA M 66 3.57 -19.59 -29.79
N ALA M 67 3.73 -19.00 -28.60
CA ALA M 67 4.25 -19.78 -27.49
C ALA M 67 3.22 -20.78 -26.95
N VAL M 68 1.94 -20.41 -26.97
CA VAL M 68 0.92 -21.38 -26.59
C VAL M 68 0.80 -22.50 -27.62
N LEU M 69 0.88 -22.17 -28.91
CA LEU M 69 0.81 -23.25 -29.91
C LEU M 69 1.95 -24.24 -29.72
N GLU M 70 3.14 -23.75 -29.39
CA GLU M 70 4.24 -24.68 -29.16
C GLU M 70 4.01 -25.52 -27.91
N LEU M 71 3.53 -24.90 -26.82
CA LEU M 71 3.24 -25.67 -25.61
C LEU M 71 2.15 -26.72 -25.81
N ILE M 72 1.14 -26.43 -26.63
CA ILE M 72 0.11 -27.42 -26.92
C ILE M 72 0.69 -28.57 -27.75
N VAL M 73 1.34 -28.26 -28.87
CA VAL M 73 1.76 -29.33 -29.76
C VAL M 73 2.82 -30.19 -29.10
N ARG M 74 3.72 -29.60 -28.31
CA ARG M 74 4.69 -30.38 -27.56
C ARG M 74 4.06 -31.24 -26.46
N ALA M 75 2.78 -31.03 -26.15
CA ALA M 75 2.04 -31.94 -25.30
C ALA M 75 1.35 -33.05 -26.08
N VAL M 76 0.62 -32.72 -27.15
CA VAL M 76 -0.16 -33.75 -27.83
C VAL M 76 0.66 -34.58 -28.81
N GLY M 77 1.84 -34.09 -29.20
CA GLY M 77 2.76 -34.84 -30.03
C GLY M 77 2.73 -34.39 -31.47
N MET M 78 3.92 -34.05 -31.96
CA MET M 78 4.14 -33.60 -33.32
C MET M 78 3.95 -34.73 -34.35
N THR M 79 3.64 -34.30 -35.57
CA THR M 79 3.74 -35.13 -36.77
C THR M 79 4.44 -34.31 -37.85
N ASP M 80 4.84 -34.98 -38.92
CA ASP M 80 5.63 -34.34 -39.96
C ASP M 80 5.07 -32.97 -40.37
N GLU M 81 3.78 -32.93 -40.72
CA GLU M 81 3.22 -31.69 -41.24
C GLU M 81 3.08 -30.62 -40.17
N ILE M 82 2.73 -31.02 -38.95
CA ILE M 82 2.70 -30.05 -37.86
C ILE M 82 4.09 -29.51 -37.56
N ASP M 83 5.10 -30.37 -37.57
CA ASP M 83 6.45 -29.89 -37.26
C ASP M 83 6.97 -28.95 -38.35
N LEU M 84 6.70 -29.26 -39.62
CA LEU M 84 7.02 -28.32 -40.69
C LEU M 84 6.29 -27.00 -40.53
N ALA M 85 5.00 -27.04 -40.15
CA ALA M 85 4.25 -25.80 -40.02
C ALA M 85 4.71 -24.99 -38.82
N LEU M 86 5.07 -25.65 -37.73
CA LEU M 86 5.65 -24.94 -36.59
C LEU M 86 7.00 -24.31 -36.91
N LEU M 87 7.83 -24.98 -37.72
CA LEU M 87 9.08 -24.35 -38.13
C LEU M 87 8.87 -23.15 -39.06
N LYS M 88 7.91 -23.25 -39.97
CA LYS M 88 7.48 -22.04 -40.70
C LYS M 88 7.02 -20.93 -39.77
N LEU M 89 6.24 -21.27 -38.75
CA LEU M 89 5.78 -20.26 -37.80
C LEU M 89 6.91 -19.62 -37.03
N LYS M 90 7.94 -20.39 -36.69
CA LYS M 90 9.12 -19.79 -36.06
C LYS M 90 9.91 -18.89 -37.01
N ALA M 91 10.07 -19.30 -38.25
CA ALA M 91 10.74 -18.42 -39.22
C ALA M 91 9.98 -17.13 -39.45
N SER M 92 8.65 -17.19 -39.50
CA SER M 92 7.87 -15.97 -39.66
C SER M 92 7.88 -15.09 -38.42
N THR M 93 7.84 -15.69 -37.23
CA THR M 93 7.95 -14.89 -36.01
C THR M 93 9.32 -14.24 -35.91
N ALA M 94 10.36 -14.88 -36.43
CA ALA M 94 11.66 -14.22 -36.50
C ALA M 94 11.67 -13.09 -37.51
N ARG M 95 11.04 -13.28 -38.67
CA ARG M 95 10.93 -12.20 -39.65
C ARG M 95 10.24 -10.97 -39.07
N LEU M 96 9.20 -11.19 -38.26
CA LEU M 96 8.47 -10.08 -37.65
C LEU M 96 9.35 -9.23 -36.75
N LYS M 97 10.38 -9.81 -36.11
CA LYS M 97 11.28 -9.01 -35.29
C LYS M 97 12.14 -8.04 -36.11
N VAL M 98 12.65 -8.49 -37.25
CA VAL M 98 13.40 -7.59 -38.11
C VAL M 98 12.50 -6.52 -38.70
N ALA M 99 11.26 -6.88 -39.06
CA ALA M 99 10.35 -5.86 -39.57
C ALA M 99 9.99 -4.83 -38.51
N THR M 100 9.88 -5.26 -37.25
CA THR M 100 9.62 -4.31 -36.17
C THR M 100 10.82 -3.41 -35.92
N ALA M 101 12.02 -3.97 -35.84
CA ALA M 101 13.20 -3.12 -35.64
C ALA M 101 13.42 -2.16 -36.80
N LEU M 102 12.97 -2.50 -38.01
CA LEU M 102 13.05 -1.52 -39.08
C LEU M 102 12.03 -0.40 -38.91
N LEU M 103 10.80 -0.73 -38.53
CA LEU M 103 9.84 0.35 -38.32
C LEU M 103 10.27 1.26 -37.18
N ARG M 104 10.79 0.67 -36.10
CA ARG M 104 11.34 1.40 -34.96
C ARG M 104 12.61 2.16 -35.26
N MET M 105 13.29 1.88 -36.38
CA MET M 105 14.36 2.77 -36.81
C MET M 105 13.84 3.94 -37.64
N ILE M 106 13.00 3.68 -38.66
CA ILE M 106 12.51 4.78 -39.49
C ILE M 106 11.68 5.77 -38.69
N THR M 107 10.97 5.31 -37.66
CA THR M 107 10.28 6.21 -36.74
C THR M 107 11.24 7.14 -36.01
N GLU M 108 12.41 6.66 -35.60
CA GLU M 108 13.32 7.55 -34.90
C GLU M 108 14.10 8.44 -35.86
N GLU M 109 14.36 7.97 -37.07
CA GLU M 109 14.93 8.82 -38.10
C GLU M 109 13.99 9.95 -38.50
N LEU M 110 12.69 9.79 -38.24
CA LEU M 110 11.73 10.89 -38.42
C LEU M 110 11.86 12.01 -37.39
N LYS M 111 12.54 11.81 -36.27
CA LYS M 111 12.89 12.91 -35.37
C LYS M 111 13.92 13.88 -35.94
N LYS M 112 14.55 13.57 -37.07
CA LYS M 112 15.75 14.29 -37.50
C LYS M 112 15.66 14.84 -38.92
N ASN M 113 14.82 14.29 -39.78
CA ASN M 113 14.48 14.93 -41.07
C ASN M 113 12.96 14.99 -41.26
N PRO M 114 12.23 15.48 -40.27
CA PRO M 114 10.77 15.63 -40.43
C PRO M 114 10.43 16.57 -41.58
N SER M 115 9.68 16.04 -42.54
CA SER M 115 9.21 16.82 -43.68
C SER M 115 8.06 16.06 -44.32
N GLU M 116 7.24 16.79 -45.08
CA GLU M 116 6.06 16.20 -45.68
C GLU M 116 6.36 14.98 -46.55
N ASP M 117 7.59 14.85 -47.04
CA ASP M 117 7.96 13.67 -47.81
C ASP M 117 8.30 12.48 -46.92
N ALA M 118 9.05 12.71 -45.84
CA ALA M 118 9.37 11.65 -44.89
C ALA M 118 8.13 11.06 -44.22
N LEU M 119 7.08 11.86 -44.01
CA LEU M 119 5.84 11.32 -43.48
C LEU M 119 5.22 10.25 -44.39
N VAL M 120 5.36 10.40 -45.71
CA VAL M 120 4.81 9.37 -46.60
C VAL M 120 5.67 8.12 -46.56
N GLU M 121 6.97 8.27 -46.39
CA GLU M 121 7.84 7.12 -46.20
C GLU M 121 7.46 6.37 -44.93
N HIS M 122 7.21 7.09 -43.84
CA HIS M 122 6.84 6.44 -42.59
C HIS M 122 5.51 5.70 -42.73
N ASN M 123 4.53 6.31 -43.41
CA ASN M 123 3.28 5.58 -43.64
C ASN M 123 3.47 4.32 -44.47
N ARG M 124 4.37 4.36 -45.46
CA ARG M 124 4.63 3.14 -46.22
C ARG M 124 5.35 2.07 -45.39
N ALA M 125 6.20 2.49 -44.46
CA ALA M 125 6.80 1.53 -43.53
C ALA M 125 5.75 0.89 -42.63
N ILE M 126 4.76 1.67 -42.19
CA ILE M 126 3.69 1.09 -41.39
C ILE M 126 2.84 0.12 -42.20
N VAL M 127 2.62 0.42 -43.47
CA VAL M 127 1.87 -0.52 -44.31
C VAL M 127 2.65 -1.81 -44.54
N ASN M 128 3.97 -1.72 -44.70
CA ASN M 128 4.74 -2.95 -44.85
C ASN M 128 4.81 -3.78 -43.57
N HIS M 129 4.83 -3.13 -42.41
CA HIS M 129 4.71 -3.88 -41.16
C HIS M 129 3.37 -4.59 -41.06
N ASN M 130 2.28 -3.90 -41.37
CA ASN M 130 0.97 -4.55 -41.36
C ASN M 130 0.91 -5.74 -42.31
N ALA M 131 1.46 -5.57 -43.52
CA ALA M 131 1.53 -6.67 -44.48
C ALA M 131 2.36 -7.84 -43.98
N ILE M 132 3.25 -7.65 -43.03
CA ILE M 132 3.96 -8.81 -42.47
C ILE M 132 3.24 -9.44 -41.28
N ILE M 133 2.46 -8.64 -40.55
CA ILE M 133 1.64 -9.21 -39.48
C ILE M 133 0.54 -10.09 -40.06
N VAL M 134 -0.03 -9.69 -41.20
CA VAL M 134 -1.04 -10.53 -41.85
C VAL M 134 -0.46 -11.89 -42.22
N GLU M 135 0.79 -11.95 -42.67
CA GLU M 135 1.41 -13.24 -42.96
C GLU M 135 1.57 -14.08 -41.71
N ASN M 136 2.00 -13.46 -40.62
CA ASN M 136 2.15 -14.22 -39.38
C ASN M 136 0.81 -14.82 -38.94
N ASN M 137 -0.28 -14.07 -39.11
CA ASN M 137 -1.59 -14.64 -38.79
C ASN M 137 -2.00 -15.76 -39.74
N ARG M 138 -1.64 -15.67 -41.01
CA ARG M 138 -2.03 -16.75 -41.92
C ARG M 138 -1.27 -18.04 -41.64
N ILE M 139 -0.07 -17.93 -41.09
CA ILE M 139 0.66 -19.12 -40.70
C ILE M 139 0.09 -19.70 -39.39
N ILE M 140 -0.20 -18.84 -38.41
CA ILE M 140 -0.80 -19.35 -37.18
C ILE M 140 -2.15 -20.01 -37.44
N ALA M 141 -2.99 -19.42 -38.29
CA ALA M 141 -4.26 -20.05 -38.64
C ALA M 141 -4.09 -21.38 -39.37
N ALA M 142 -3.06 -21.52 -40.19
CA ALA M 142 -2.80 -22.83 -40.80
C ALA M 142 -2.39 -23.87 -39.77
N VAL M 143 -1.50 -23.51 -38.86
CA VAL M 143 -1.12 -24.43 -37.78
C VAL M 143 -2.33 -24.84 -36.95
N LEU M 144 -3.22 -23.90 -36.64
CA LEU M 144 -4.39 -24.27 -35.86
C LEU M 144 -5.33 -25.23 -36.60
N GLU M 145 -5.60 -24.97 -37.88
CA GLU M 145 -6.44 -25.93 -38.60
C GLU M 145 -5.78 -27.31 -38.69
N LEU M 146 -4.45 -27.36 -38.77
CA LEU M 146 -3.77 -28.65 -38.73
C LEU M 146 -3.96 -29.34 -37.40
N ILE M 147 -3.76 -28.63 -36.29
CA ILE M 147 -3.91 -29.27 -34.99
C ILE M 147 -5.33 -29.77 -34.78
N VAL M 148 -6.32 -29.01 -35.25
CA VAL M 148 -7.71 -29.45 -35.08
C VAL M 148 -7.98 -30.72 -35.86
N ARG M 149 -7.51 -30.81 -37.10
CA ARG M 149 -7.69 -32.07 -37.83
C ARG M 149 -6.91 -33.24 -37.22
N ALA M 150 -5.69 -32.99 -36.74
CA ALA M 150 -4.90 -34.06 -36.11
C ALA M 150 -5.56 -34.66 -34.88
N LEU M 151 -6.20 -33.84 -34.04
CA LEU M 151 -6.96 -34.34 -32.90
C LEU M 151 -8.33 -34.91 -33.27
N ASN M 152 -8.73 -34.86 -34.54
CA ASN M 152 -10.05 -35.35 -34.94
C ASN M 152 -11.15 -34.73 -34.10
N LEU M 153 -11.01 -33.43 -33.86
CA LEU M 153 -11.78 -32.70 -32.85
C LEU M 153 -13.03 -32.17 -33.54
N THR M 154 -14.14 -32.90 -33.41
CA THR M 154 -15.32 -32.70 -34.23
C THR M 154 -16.44 -31.90 -33.56
N ASP M 155 -16.21 -31.40 -32.34
CA ASP M 155 -17.24 -30.61 -31.66
C ASP M 155 -17.74 -29.50 -32.56
N GLU M 156 -19.05 -29.22 -32.46
CA GLU M 156 -19.66 -28.15 -33.25
C GLU M 156 -19.15 -26.76 -32.84
N GLU M 157 -18.83 -26.55 -31.58
CA GLU M 157 -18.22 -25.29 -31.17
C GLU M 157 -16.90 -25.02 -31.90
N VAL M 158 -16.07 -26.06 -32.05
CA VAL M 158 -14.81 -25.89 -32.78
C VAL M 158 -15.08 -25.74 -34.27
N ARG M 159 -15.96 -26.57 -34.82
CA ARG M 159 -16.25 -26.44 -36.24
C ARG M 159 -16.70 -25.03 -36.59
N LYS M 160 -17.68 -24.50 -35.86
CA LYS M 160 -18.14 -23.14 -36.10
C LYS M 160 -17.07 -22.08 -35.84
N ALA M 161 -16.19 -22.28 -34.85
CA ALA M 161 -15.11 -21.33 -34.63
C ALA M 161 -14.09 -21.33 -35.74
N LEU M 162 -13.83 -22.48 -36.35
CA LEU M 162 -13.00 -22.50 -37.55
C LEU M 162 -13.71 -21.88 -38.74
N GLU M 163 -15.00 -22.17 -38.93
CA GLU M 163 -15.72 -21.54 -40.02
C GLU M 163 -15.69 -20.01 -39.90
N GLU M 164 -15.60 -19.49 -38.68
CA GLU M 164 -15.37 -18.06 -38.50
C GLU M 164 -13.94 -17.65 -38.77
N LEU M 165 -12.96 -18.46 -38.35
CA LEU M 165 -11.56 -18.10 -38.53
C LEU M 165 -11.17 -18.03 -40.00
N LYS M 166 -11.63 -18.99 -40.81
CA LYS M 166 -11.34 -18.96 -42.24
C LYS M 166 -11.90 -17.72 -42.92
N ALA M 167 -13.16 -17.39 -42.65
CA ALA M 167 -13.74 -16.18 -43.24
C ALA M 167 -13.02 -14.92 -42.78
N SER M 168 -12.62 -14.85 -41.51
CA SER M 168 -11.85 -13.70 -41.06
C SER M 168 -10.47 -13.62 -41.72
N THR M 169 -9.85 -14.76 -42.01
CA THR M 169 -8.58 -14.75 -42.73
C THR M 169 -8.74 -14.27 -44.17
N ALA M 170 -9.79 -14.70 -44.85
CA ALA M 170 -10.02 -14.18 -46.20
C ALA M 170 -10.38 -12.69 -46.20
N GLU M 171 -11.17 -12.27 -45.22
CA GLU M 171 -11.45 -10.85 -45.06
C GLU M 171 -10.17 -10.04 -44.83
N LEU M 172 -9.22 -10.60 -44.10
CA LEU M 172 -7.97 -9.90 -43.85
C LEU M 172 -7.04 -9.90 -45.06
N LYS M 173 -7.03 -10.97 -45.85
CA LYS M 173 -6.31 -10.93 -47.13
C LYS M 173 -6.86 -9.84 -48.05
N ARG M 174 -8.18 -9.83 -48.27
CA ARG M 174 -8.76 -8.78 -49.11
C ARG M 174 -8.47 -7.38 -48.60
N ALA M 175 -8.54 -7.18 -47.28
CA ALA M 175 -8.24 -5.86 -46.74
C ALA M 175 -6.77 -5.48 -46.90
N THR M 176 -5.87 -6.45 -46.87
CA THR M 176 -4.46 -6.12 -47.03
C THR M 176 -4.15 -5.74 -48.48
N ALA M 177 -4.68 -6.51 -49.42
CA ALA M 177 -4.51 -6.15 -50.83
C ALA M 177 -5.09 -4.77 -51.14
N SER M 178 -6.26 -4.45 -50.58
CA SER M 178 -6.81 -3.10 -50.76
C SER M 178 -5.97 -2.00 -50.11
N LEU M 179 -5.43 -2.25 -48.91
CA LEU M 179 -4.57 -1.25 -48.29
C LEU M 179 -3.29 -1.01 -49.08
N ARG M 180 -2.66 -2.05 -49.61
CA ARG M 180 -1.49 -1.83 -50.44
C ARG M 180 -1.85 -1.12 -51.75
N ALA M 181 -3.01 -1.44 -52.32
CA ALA M 181 -3.44 -0.74 -53.51
C ALA M 181 -3.59 0.76 -53.27
N ILE M 182 -4.32 1.14 -52.21
CA ILE M 182 -4.43 2.58 -51.95
C ILE M 182 -3.08 3.19 -51.54
N THR M 183 -2.19 2.42 -50.93
CA THR M 183 -0.89 2.98 -50.57
C THR M 183 -0.06 3.31 -51.81
N GLU M 184 -0.23 2.54 -52.88
CA GLU M 184 0.38 2.92 -54.15
C GLU M 184 -0.16 4.25 -54.67
N GLU M 185 -1.47 4.46 -54.55
CA GLU M 185 -2.07 5.73 -54.97
C GLU M 185 -1.57 6.91 -54.14
N LEU M 186 -1.36 6.69 -52.84
CA LEU M 186 -0.69 7.71 -52.02
C LEU M 186 0.74 7.95 -52.47
N LYS M 187 1.46 6.89 -52.86
CA LYS M 187 2.82 7.06 -53.35
C LYS M 187 2.85 7.89 -54.64
N LYS M 188 1.86 7.73 -55.50
CA LYS M 188 1.71 8.62 -56.65
C LYS M 188 1.36 10.04 -56.26
N ASN M 189 0.39 10.23 -55.36
CA ASN M 189 -0.19 11.55 -55.11
C ASN M 189 0.02 12.00 -53.68
N PRO M 190 1.28 12.22 -53.27
CA PRO M 190 1.60 12.55 -51.88
C PRO M 190 1.06 13.91 -51.50
N SER M 191 0.12 13.94 -50.54
CA SER M 191 -0.43 15.19 -50.04
C SER M 191 -0.92 14.97 -48.62
N GLU M 192 -0.98 16.09 -47.87
CA GLU M 192 -1.69 16.09 -46.60
C GLU M 192 -3.13 15.62 -46.75
N ASP M 193 -3.77 15.99 -47.85
CA ASP M 193 -5.15 15.56 -48.09
C ASP M 193 -5.24 14.04 -48.20
N ALA M 194 -4.34 13.42 -48.96
CA ALA M 194 -4.35 11.97 -49.04
C ALA M 194 -3.74 11.31 -47.80
N LEU M 195 -2.82 11.98 -47.12
CA LEU M 195 -2.28 11.43 -45.89
C LEU M 195 -3.37 11.25 -44.83
N VAL M 196 -4.27 12.22 -44.73
CA VAL M 196 -5.33 12.15 -43.72
C VAL M 196 -6.25 10.97 -43.97
N GLU M 197 -6.61 10.72 -45.23
CA GLU M 197 -7.48 9.60 -45.58
C GLU M 197 -6.76 8.26 -45.66
N HIS M 198 -5.44 8.25 -45.78
CA HIS M 198 -4.66 7.02 -45.67
C HIS M 198 -4.48 6.57 -44.22
N ASN M 199 -4.30 7.51 -43.29
CA ASN M 199 -4.25 7.12 -41.88
C ASN M 199 -5.50 6.35 -41.45
N ARG M 200 -6.67 6.76 -41.92
CA ARG M 200 -7.87 5.99 -41.61
C ARG M 200 -7.81 4.59 -42.20
N ALA M 201 -7.27 4.44 -43.40
CA ALA M 201 -7.19 3.11 -44.00
C ALA M 201 -6.28 2.20 -43.19
N ILE M 202 -5.23 2.76 -42.61
CA ILE M 202 -4.39 1.98 -41.70
C ILE M 202 -5.20 1.56 -40.48
N VAL M 203 -5.88 2.51 -39.83
CA VAL M 203 -6.59 2.17 -38.62
C VAL M 203 -7.70 1.15 -38.88
N GLU M 204 -8.32 1.21 -40.05
CA GLU M 204 -9.33 0.24 -40.46
C GLU M 204 -8.75 -1.09 -40.91
N HIS M 205 -7.44 -1.18 -41.12
CA HIS M 205 -6.85 -2.50 -41.34
C HIS M 205 -6.41 -3.13 -40.01
N ASN M 206 -5.79 -2.33 -39.13
CA ASN M 206 -5.55 -2.77 -37.76
C ASN M 206 -6.81 -3.30 -37.07
N ALA M 207 -7.97 -2.69 -37.34
CA ALA M 207 -9.20 -3.24 -36.77
C ALA M 207 -9.48 -4.67 -37.21
N ILE M 208 -9.16 -5.00 -38.46
CA ILE M 208 -9.38 -6.36 -38.94
C ILE M 208 -8.34 -7.33 -38.39
N ILE M 209 -7.12 -6.87 -38.18
CA ILE M 209 -6.14 -7.72 -37.51
C ILE M 209 -6.60 -8.07 -36.09
N VAL M 210 -7.05 -7.08 -35.33
CA VAL M 210 -7.48 -7.39 -33.96
C VAL M 210 -8.73 -8.26 -33.96
N GLU M 211 -9.66 -8.05 -34.91
CA GLU M 211 -10.80 -8.94 -35.05
C GLU M 211 -10.41 -10.32 -35.57
N ASN M 212 -9.16 -10.54 -35.93
CA ASN M 212 -8.70 -11.88 -36.25
C ASN M 212 -8.01 -12.55 -35.06
N ASN M 213 -7.15 -11.83 -34.37
CA ASN M 213 -6.58 -12.37 -33.13
C ASN M 213 -7.66 -12.79 -32.13
N ARG M 214 -8.80 -12.10 -32.10
CA ARG M 214 -9.90 -12.55 -31.24
C ARG M 214 -10.35 -13.98 -31.57
N ILE M 215 -10.40 -14.32 -32.85
CA ILE M 215 -10.83 -15.67 -33.22
C ILE M 215 -9.73 -16.69 -33.04
N ILE M 216 -8.48 -16.29 -33.26
CA ILE M 216 -7.38 -17.21 -32.98
C ILE M 216 -7.35 -17.57 -31.50
N ALA M 217 -7.53 -16.59 -30.62
CA ALA M 217 -7.59 -16.89 -29.18
C ALA M 217 -8.81 -17.74 -28.82
N LEU M 218 -9.93 -17.56 -29.51
CA LEU M 218 -11.06 -18.43 -29.25
C LEU M 218 -10.76 -19.88 -29.61
N VAL M 219 -10.31 -20.12 -30.83
CA VAL M 219 -9.98 -21.49 -31.23
C VAL M 219 -8.93 -22.11 -30.32
N LEU M 220 -7.93 -21.33 -29.87
CA LEU M 220 -6.98 -21.87 -28.90
C LEU M 220 -7.65 -22.30 -27.61
N LEU M 221 -8.66 -21.57 -27.14
CA LEU M 221 -9.32 -21.98 -25.91
C LEU M 221 -10.16 -23.23 -26.15
N LEU M 222 -10.93 -23.25 -27.22
CA LEU M 222 -11.78 -24.41 -27.48
C LEU M 222 -10.95 -25.68 -27.68
N ILE M 223 -9.73 -25.55 -28.22
CA ILE M 223 -8.85 -26.71 -28.30
C ILE M 223 -8.36 -27.12 -26.92
N VAL M 224 -7.83 -26.18 -26.13
CA VAL M 224 -7.28 -26.60 -24.84
C VAL M 224 -8.36 -27.18 -23.95
N LEU M 225 -9.60 -26.70 -24.07
CA LEU M 225 -10.71 -27.31 -23.34
C LEU M 225 -11.15 -28.65 -23.90
N ALA M 226 -10.94 -28.92 -25.18
CA ALA M 226 -11.40 -30.21 -25.68
C ALA M 226 -10.43 -31.34 -25.38
N ILE M 227 -9.14 -31.08 -25.28
CA ILE M 227 -8.20 -32.14 -24.91
C ILE M 227 -8.27 -32.36 -23.40
N GLY N 2 40.25 -18.06 -0.53
CA GLY N 2 39.45 -16.87 -0.95
C GLY N 2 39.82 -15.63 -0.17
N SER N 3 39.29 -14.49 -0.60
CA SER N 3 39.53 -13.23 0.09
C SER N 3 38.64 -13.12 1.32
N GLU N 4 38.90 -12.07 2.10
CA GLU N 4 38.21 -11.87 3.37
C GLU N 4 36.70 -11.85 3.20
N GLU N 5 36.19 -11.28 2.10
CA GLU N 5 34.74 -11.19 1.95
C GLU N 5 34.10 -12.55 1.70
N GLU N 6 34.82 -13.49 1.11
CA GLU N 6 34.23 -14.81 0.89
C GLU N 6 34.13 -15.59 2.19
N ILE N 7 35.18 -15.53 3.00
CA ILE N 7 35.13 -16.18 4.31
C ILE N 7 34.08 -15.52 5.19
N ALA N 8 33.99 -14.19 5.15
CA ALA N 8 32.99 -13.51 5.96
C ALA N 8 31.56 -13.84 5.54
N LYS N 9 31.30 -13.95 4.24
CA LYS N 9 30.00 -14.44 3.77
C LYS N 9 29.72 -15.87 4.21
N ALA N 10 30.73 -16.74 4.14
CA ALA N 10 30.51 -18.12 4.55
C ALA N 10 30.30 -18.27 6.05
N LEU N 11 30.94 -17.41 6.85
CA LEU N 11 30.68 -17.38 8.28
C LEU N 11 29.33 -16.76 8.63
N GLU N 12 28.84 -15.82 7.81
CA GLU N 12 27.47 -15.37 8.00
C GLU N 12 26.46 -16.48 7.69
N GLU N 13 26.70 -17.25 6.63
CA GLU N 13 25.88 -18.43 6.38
C GLU N 13 25.95 -19.43 7.53
N LEU N 14 27.12 -19.55 8.14
CA LEU N 14 27.30 -20.51 9.23
C LEU N 14 26.51 -20.09 10.46
N VAL N 15 26.65 -18.84 10.87
CA VAL N 15 25.97 -18.37 12.08
C VAL N 15 24.46 -18.30 11.88
N ALA N 16 23.98 -17.92 10.70
CA ALA N 16 22.54 -18.02 10.44
C ALA N 16 22.03 -19.46 10.44
N SER N 17 22.82 -20.41 9.93
CA SER N 17 22.44 -21.82 10.04
C SER N 17 22.41 -22.30 11.49
N LEU N 18 23.34 -21.85 12.32
CA LEU N 18 23.26 -22.20 13.74
C LEU N 18 22.05 -21.59 14.42
N ALA N 19 21.72 -20.35 14.11
CA ALA N 19 20.55 -19.74 14.73
C ALA N 19 19.25 -20.41 14.31
N GLU N 20 19.20 -20.97 13.11
CA GLU N 20 18.06 -21.81 12.72
C GLU N 20 18.06 -23.18 13.40
N LEU N 21 19.21 -23.84 13.48
CA LEU N 21 19.33 -25.14 14.12
C LEU N 21 19.08 -25.13 15.64
N LYS N 22 19.42 -24.05 16.33
CA LYS N 22 19.10 -23.99 17.76
C LYS N 22 17.61 -23.87 18.03
N ARG N 23 16.91 -23.05 17.24
CA ARG N 23 15.46 -22.99 17.36
C ARG N 23 14.81 -24.33 17.04
N ALA N 24 15.24 -24.98 15.96
CA ALA N 24 14.68 -26.28 15.66
C ALA N 24 14.99 -27.32 16.74
N THR N 25 16.13 -27.23 17.40
CA THR N 25 16.41 -28.15 18.50
C THR N 25 15.46 -27.93 19.67
N LEU N 26 15.27 -26.67 20.07
CA LEU N 26 14.37 -26.38 21.18
C LEU N 26 12.96 -26.85 20.87
N LYS N 27 12.46 -26.55 19.66
CA LYS N 27 11.11 -26.97 19.32
C LYS N 27 10.98 -28.49 19.21
N LEU N 28 12.03 -29.19 18.78
CA LEU N 28 11.96 -30.65 18.74
C LEU N 28 11.95 -31.30 20.12
N LEU N 29 12.68 -30.73 21.07
CA LEU N 29 12.49 -31.18 22.45
C LEU N 29 11.09 -30.86 22.98
N ASP N 30 10.58 -29.66 22.71
CA ASP N 30 9.25 -29.33 23.19
C ASP N 30 8.17 -30.27 22.64
N ILE N 31 8.19 -30.55 21.34
CA ILE N 31 7.24 -31.53 20.80
C ILE N 31 7.60 -32.97 21.16
N THR N 32 8.75 -33.19 21.80
CA THR N 32 9.04 -34.49 22.38
C THR N 32 8.55 -34.61 23.81
N ASP N 33 8.27 -33.48 24.46
CA ASP N 33 7.95 -33.46 25.89
C ASP N 33 6.62 -34.15 26.23
N LYS N 34 5.50 -33.60 25.78
CA LYS N 34 4.20 -34.15 26.16
C LYS N 34 3.27 -34.22 24.96
N LEU N 35 2.54 -35.34 24.88
CA LEU N 35 1.30 -35.43 24.11
C LEU N 35 0.50 -36.61 24.65
N LYS N 36 -0.71 -36.34 25.14
CA LYS N 36 -1.56 -37.40 25.67
C LYS N 36 -2.10 -38.29 24.54
N LYS N 37 -2.62 -37.69 23.47
CA LYS N 37 -3.38 -38.45 22.50
C LYS N 37 -2.47 -39.38 21.69
N ASN N 38 -3.11 -40.47 21.13
CA ASN N 38 -2.45 -41.58 20.45
C ASN N 38 -2.43 -41.35 18.93
N PRO N 39 -1.38 -41.87 18.27
CA PRO N 39 -1.13 -41.51 16.88
C PRO N 39 -2.02 -42.25 15.88
N SER N 40 -2.08 -41.68 14.68
CA SER N 40 -2.90 -42.13 13.58
C SER N 40 -2.12 -43.10 12.68
N GLU N 41 -2.75 -43.51 11.57
CA GLU N 41 -2.01 -44.19 10.51
C GLU N 41 -1.10 -43.21 9.75
N SER N 42 -1.57 -41.98 9.52
CA SER N 42 -0.71 -40.95 8.95
C SER N 42 0.45 -40.60 9.88
N ALA N 43 0.31 -40.87 11.17
CA ALA N 43 1.40 -40.77 12.14
C ALA N 43 2.31 -41.97 12.14
N LEU N 44 2.05 -42.98 11.31
CA LEU N 44 3.06 -43.95 10.91
C LEU N 44 3.81 -43.53 9.67
N VAL N 45 3.10 -43.10 8.64
CA VAL N 45 3.71 -42.60 7.41
C VAL N 45 4.67 -41.44 7.64
N SER N 46 4.55 -40.71 8.74
CA SER N 46 5.49 -39.65 9.07
C SER N 46 6.12 -39.83 10.44
N HIS N 47 6.42 -41.09 10.77
CA HIS N 47 6.75 -41.48 12.15
C HIS N 47 7.69 -40.54 12.88
N ASN N 48 8.85 -40.22 12.29
CA ASN N 48 9.85 -39.40 12.95
C ASN N 48 10.24 -38.16 12.15
N LYS N 49 9.35 -37.65 11.31
CA LYS N 49 9.76 -36.70 10.28
C LYS N 49 10.51 -35.50 10.85
N ALA N 50 10.16 -35.04 12.06
CA ALA N 50 10.88 -33.91 12.64
C ALA N 50 12.33 -34.21 13.03
N ILE N 51 12.67 -35.47 13.28
CA ILE N 51 14.07 -35.81 13.52
C ILE N 51 14.86 -35.86 12.22
N VAL N 52 14.33 -36.52 11.20
CA VAL N 52 15.04 -36.60 9.94
C VAL N 52 15.20 -35.22 9.32
N GLU N 53 14.17 -34.37 9.44
CA GLU N 53 14.31 -32.97 9.07
C GLU N 53 15.32 -32.20 9.92
N HIS N 54 15.54 -32.60 11.17
CA HIS N 54 16.55 -31.92 11.97
C HIS N 54 17.96 -32.35 11.55
N ASN N 55 18.17 -33.66 11.43
CA ASN N 55 19.42 -34.20 10.94
C ASN N 55 19.83 -33.59 9.59
N ALA N 56 18.87 -33.39 8.68
CA ALA N 56 19.24 -32.73 7.44
C ALA N 56 19.80 -31.32 7.65
N ILE N 57 19.32 -30.60 8.66
CA ILE N 57 19.88 -29.27 8.93
C ILE N 57 21.28 -29.39 9.52
N ILE N 58 21.50 -30.41 10.35
CA ILE N 58 22.85 -30.58 10.90
C ILE N 58 23.84 -30.90 9.79
N VAL N 59 23.46 -31.81 8.88
CA VAL N 59 24.29 -32.16 7.73
C VAL N 59 24.60 -30.94 6.85
N GLU N 60 23.61 -30.07 6.65
CA GLU N 60 23.90 -28.83 5.91
C GLU N 60 24.77 -27.86 6.67
N ASN N 61 24.71 -27.84 8.00
CA ASN N 61 25.62 -27.00 8.75
C ASN N 61 27.06 -27.52 8.68
N ASN N 62 27.23 -28.83 8.84
CA ASN N 62 28.55 -29.44 8.68
C ASN N 62 29.15 -29.21 7.29
N ARG N 63 28.33 -29.22 6.24
CA ARG N 63 28.87 -28.92 4.91
C ARG N 63 29.45 -27.51 4.82
N ILE N 64 28.79 -26.55 5.48
CA ILE N 64 29.29 -25.18 5.44
C ILE N 64 30.55 -25.04 6.29
N ILE N 65 30.57 -25.69 7.46
CA ILE N 65 31.78 -25.67 8.27
C ILE N 65 32.97 -26.21 7.47
N ALA N 66 32.79 -27.33 6.77
CA ALA N 66 33.89 -27.86 5.96
C ALA N 66 34.28 -26.97 4.80
N ALA N 67 33.34 -26.22 4.23
CA ALA N 67 33.71 -25.27 3.17
C ALA N 67 34.47 -24.07 3.72
N VAL N 68 34.13 -23.62 4.92
CA VAL N 68 34.92 -22.56 5.54
C VAL N 68 36.31 -23.06 5.92
N LEU N 69 36.42 -24.28 6.44
CA LEU N 69 37.76 -24.76 6.77
C LEU N 69 38.63 -24.83 5.53
N GLU N 70 38.07 -25.24 4.40
CA GLU N 70 38.88 -25.28 3.19
C GLU N 70 39.27 -23.88 2.72
N LEU N 71 38.34 -22.92 2.76
CA LEU N 71 38.67 -21.54 2.37
C LEU N 71 39.72 -20.91 3.29
N ILE N 72 39.68 -21.22 4.58
CA ILE N 72 40.70 -20.72 5.50
C ILE N 72 42.05 -21.33 5.21
N VAL N 73 42.14 -22.66 5.15
CA VAL N 73 43.44 -23.30 5.03
C VAL N 73 44.08 -22.96 3.69
N ARG N 74 43.27 -22.88 2.63
CA ARG N 74 43.80 -22.46 1.34
C ARG N 74 44.25 -21.01 1.32
N ALA N 75 43.92 -20.23 2.34
CA ALA N 75 44.50 -18.91 2.52
C ALA N 75 45.79 -18.94 3.33
N VAL N 76 45.80 -19.62 4.48
CA VAL N 76 46.98 -19.53 5.34
C VAL N 76 48.08 -20.50 4.92
N GLY N 77 47.75 -21.50 4.10
CA GLY N 77 48.73 -22.39 3.53
C GLY N 77 48.78 -23.74 4.22
N MET N 78 48.62 -24.78 3.41
CA MET N 78 48.64 -26.17 3.85
C MET N 78 50.03 -26.62 4.28
N THR N 79 50.04 -27.65 5.13
CA THR N 79 51.22 -28.45 5.41
C THR N 79 50.80 -29.92 5.36
N ASP N 80 51.79 -30.81 5.35
CA ASP N 80 51.53 -32.24 5.18
C ASP N 80 50.38 -32.73 6.05
N GLU N 81 50.46 -32.47 7.36
CA GLU N 81 49.46 -33.03 8.28
C GLU N 81 48.09 -32.38 8.11
N ILE N 82 48.07 -31.07 7.84
CA ILE N 82 46.79 -30.42 7.55
C ILE N 82 46.20 -30.95 6.27
N ASP N 83 47.01 -31.18 5.24
CA ASP N 83 46.47 -31.67 3.98
C ASP N 83 45.94 -33.09 4.10
N LEU N 84 46.63 -33.95 4.86
CA LEU N 84 46.08 -35.27 5.16
C LEU N 84 44.76 -35.19 5.93
N ALA N 85 44.68 -34.28 6.89
CA ALA N 85 43.46 -34.18 7.68
C ALA N 85 42.30 -33.60 6.87
N LEU N 86 42.59 -32.65 5.98
CA LEU N 86 41.56 -32.15 5.07
C LEU N 86 41.08 -33.22 4.09
N LEU N 87 41.97 -34.08 3.61
CA LEU N 87 41.51 -35.17 2.75
C LEU N 87 40.67 -36.20 3.50
N LYS N 88 41.05 -36.51 4.73
CA LYS N 88 40.14 -37.27 5.60
C LYS N 88 38.78 -36.60 5.77
N LEU N 89 38.77 -35.29 5.99
CA LEU N 89 37.51 -34.57 6.13
C LEU N 89 36.66 -34.64 4.88
N LYS N 90 37.28 -34.60 3.71
CA LYS N 90 36.52 -34.78 2.46
C LYS N 90 35.97 -36.20 2.32
N ALA N 91 36.75 -37.21 2.67
CA ALA N 91 36.23 -38.58 2.61
C ALA N 91 35.08 -38.79 3.58
N SER N 92 35.15 -38.19 4.78
CA SER N 92 34.03 -38.32 5.72
C SER N 92 32.81 -37.53 5.28
N THR N 93 33.00 -36.35 4.71
CA THR N 93 31.85 -35.61 4.19
C THR N 93 31.20 -36.34 3.02
N ALA N 94 31.98 -37.06 2.23
CA ALA N 94 31.37 -37.91 1.20
C ALA N 94 30.63 -39.09 1.79
N ARG N 95 31.19 -39.72 2.83
CA ARG N 95 30.47 -40.81 3.49
C ARG N 95 29.12 -40.34 4.05
N LEU N 96 29.09 -39.13 4.59
CA LEU N 96 27.84 -38.60 5.13
C LEU N 96 26.74 -38.47 4.09
N LYS N 97 27.09 -38.22 2.83
CA LYS N 97 26.05 -38.17 1.78
C LYS N 97 25.42 -39.52 1.52
N VAL N 98 26.21 -40.59 1.48
CA VAL N 98 25.62 -41.92 1.32
C VAL N 98 24.81 -42.32 2.54
N ALA N 99 25.26 -41.95 3.74
CA ALA N 99 24.46 -42.26 4.93
C ALA N 99 23.13 -41.50 4.94
N THR N 100 23.14 -40.27 4.44
CA THR N 100 21.88 -39.51 4.33
C THR N 100 20.96 -40.10 3.29
N ALA N 101 21.48 -40.41 2.10
CA ALA N 101 20.62 -41.01 1.08
C ALA N 101 20.07 -42.37 1.52
N LEU N 102 20.79 -43.09 2.38
CA LEU N 102 20.21 -44.32 2.92
C LEU N 102 19.09 -44.02 3.91
N LEU N 103 19.28 -43.05 4.80
CA LEU N 103 18.18 -42.73 5.71
C LEU N 103 16.96 -42.23 4.97
N ARG N 104 17.16 -41.39 3.95
CA ARG N 104 16.10 -40.90 3.07
C ARG N 104 15.50 -41.95 2.16
N MET N 105 16.12 -43.12 2.02
CA MET N 105 15.43 -44.23 1.39
C MET N 105 14.58 -45.03 2.37
N ILE N 106 15.14 -45.42 3.51
CA ILE N 106 14.36 -46.20 4.47
C ILE N 106 13.16 -45.44 5.01
N THR N 107 13.27 -44.11 5.14
CA THR N 107 12.13 -43.28 5.47
C THR N 107 11.01 -43.35 4.44
N GLU N 108 11.35 -43.40 3.16
CA GLU N 108 10.30 -43.48 2.16
C GLU N 108 9.76 -44.90 1.99
N GLU N 109 10.60 -45.90 2.23
CA GLU N 109 10.12 -47.28 2.26
C GLU N 109 9.15 -47.51 3.41
N LEU N 110 9.20 -46.67 4.45
CA LEU N 110 8.19 -46.70 5.50
C LEU N 110 6.80 -46.22 5.07
N LYS N 111 6.66 -45.51 3.95
CA LYS N 111 5.34 -45.25 3.38
C LYS N 111 4.64 -46.47 2.83
N LYS N 112 5.32 -47.61 2.68
CA LYS N 112 4.81 -48.72 1.90
C LYS N 112 4.76 -50.03 2.65
N ASN N 113 5.56 -50.21 3.69
CA ASN N 113 5.40 -51.33 4.62
C ASN N 113 5.38 -50.84 6.07
N PRO N 114 4.57 -49.82 6.37
CA PRO N 114 4.47 -49.35 7.76
C PRO N 114 3.94 -50.43 8.68
N SER N 115 4.72 -50.76 9.71
CA SER N 115 4.33 -51.73 10.71
C SER N 115 5.21 -51.53 11.94
N GLU N 116 4.74 -52.01 13.08
CA GLU N 116 5.45 -51.82 14.33
C GLU N 116 6.89 -52.32 14.31
N ASP N 117 7.20 -53.25 13.41
CA ASP N 117 8.59 -53.71 13.28
C ASP N 117 9.44 -52.76 12.45
N ALA N 118 8.89 -52.25 11.34
CA ALA N 118 9.60 -51.28 10.52
C ALA N 118 9.92 -49.98 11.26
N LEU N 119 9.08 -49.58 12.21
CA LEU N 119 9.40 -48.41 13.03
C LEU N 119 10.69 -48.59 13.82
N VAL N 120 10.99 -49.81 14.27
CA VAL N 120 12.24 -50.03 15.00
C VAL N 120 13.43 -50.01 14.04
N GLU N 121 13.23 -50.50 12.82
CA GLU N 121 14.27 -50.39 11.81
C GLU N 121 14.57 -48.92 11.51
N HIS N 122 13.54 -48.10 11.36
CA HIS N 122 13.76 -46.69 11.07
C HIS N 122 14.49 -45.99 12.21
N ASN N 123 14.13 -46.31 13.46
CA ASN N 123 14.88 -45.71 14.57
C ASN N 123 16.34 -46.14 14.58
N ARG N 124 16.62 -47.40 14.22
CA ARG N 124 18.02 -47.81 14.15
C ARG N 124 18.77 -47.14 13.00
N ALA N 125 18.08 -46.86 11.90
CA ALA N 125 18.70 -46.09 10.83
C ALA N 125 19.03 -44.67 11.27
N ILE N 126 18.15 -44.07 12.07
CA ILE N 126 18.44 -42.74 12.60
C ILE N 126 19.62 -42.76 13.56
N VAL N 127 19.75 -43.83 14.34
CA VAL N 127 20.90 -43.93 15.23
C VAL N 127 22.20 -44.10 14.45
N ASN N 128 22.18 -44.87 13.36
CA ASN N 128 23.40 -45.00 12.56
C ASN N 128 23.77 -43.71 11.81
N HIS N 129 22.77 -42.93 11.39
CA HIS N 129 23.08 -41.62 10.83
C HIS N 129 23.71 -40.71 11.88
N ASN N 130 23.14 -40.68 13.08
CA ASN N 130 23.72 -39.88 14.14
C ASN N 130 25.16 -40.30 14.44
N ALA N 131 25.40 -41.60 14.50
CA ALA N 131 26.75 -42.12 14.71
C ALA N 131 27.72 -41.75 13.60
N ILE N 132 27.24 -41.42 12.40
CA ILE N 132 28.15 -40.95 11.36
C ILE N 132 28.35 -39.43 11.39
N ILE N 133 27.35 -38.68 11.87
CA ILE N 133 27.56 -37.25 12.05
C ILE N 133 28.57 -37.00 13.16
N VAL N 134 28.55 -37.81 14.21
CA VAL N 134 29.56 -37.67 15.26
C VAL N 134 30.98 -37.86 14.72
N GLU N 135 31.17 -38.81 13.80
CA GLU N 135 32.50 -38.97 13.20
C GLU N 135 32.91 -37.75 12.41
N ASN N 136 31.98 -37.20 11.63
CA ASN N 136 32.30 -36.01 10.86
C ASN N 136 32.71 -34.85 11.77
N ASN N 137 32.04 -34.72 12.92
CA ASN N 137 32.42 -33.69 13.89
C ASN N 137 33.78 -33.96 14.53
N ARG N 138 34.14 -35.22 14.76
CA ARG N 138 35.43 -35.51 15.36
C ARG N 138 36.58 -35.24 14.41
N ILE N 139 36.33 -35.35 13.12
CA ILE N 139 37.35 -35.00 12.14
C ILE N 139 37.47 -33.49 12.00
N ILE N 140 36.35 -32.78 11.95
CA ILE N 140 36.43 -31.32 11.89
C ILE N 140 37.13 -30.74 13.11
N ALA N 141 36.83 -31.25 14.31
CA ALA N 141 37.55 -30.79 15.50
C ALA N 141 39.04 -31.11 15.48
N ALA N 142 39.44 -32.23 14.90
CA ALA N 142 40.88 -32.48 14.75
C ALA N 142 41.54 -31.50 13.78
N VAL N 143 40.90 -31.24 12.64
CA VAL N 143 41.43 -30.25 11.71
C VAL N 143 41.55 -28.87 12.36
N LEU N 144 40.56 -28.47 13.16
CA LEU N 144 40.66 -27.17 13.82
C LEU N 144 41.80 -27.11 14.84
N GLU N 145 41.97 -28.13 15.66
CA GLU N 145 43.10 -28.08 16.58
C GLU N 145 44.44 -28.06 15.84
N LEU N 146 44.52 -28.72 14.69
CA LEU N 146 45.74 -28.62 13.88
C LEU N 146 45.97 -27.21 13.37
N ILE N 147 44.93 -26.58 12.82
CA ILE N 147 45.11 -25.23 12.28
C ILE N 147 45.50 -24.26 13.39
N VAL N 148 44.93 -24.43 14.58
CA VAL N 148 45.28 -23.51 15.67
C VAL N 148 46.73 -23.67 16.08
N ARG N 149 47.23 -24.91 16.17
CA ARG N 149 48.67 -25.08 16.46
C ARG N 149 49.56 -24.56 15.34
N ALA N 150 49.18 -24.78 14.08
CA ALA N 150 49.98 -24.29 12.96
C ALA N 150 50.12 -22.77 12.95
N LEU N 151 49.07 -22.03 13.28
CA LEU N 151 49.16 -20.58 13.41
C LEU N 151 49.80 -20.12 14.71
N ASN N 152 50.18 -21.02 15.61
CA ASN N 152 50.77 -20.65 16.89
C ASN N 152 49.91 -19.62 17.62
N LEU N 153 48.61 -19.86 17.59
CA LEU N 153 47.60 -18.87 17.98
C LEU N 153 47.32 -19.04 19.46
N THR N 154 47.99 -18.24 20.30
CA THR N 154 48.06 -18.48 21.73
C THR N 154 47.10 -17.62 22.55
N ASP N 155 46.25 -16.82 21.92
CA ASP N 155 45.30 -16.00 22.65
C ASP N 155 44.50 -16.85 23.63
N GLU N 156 44.20 -16.29 24.79
CA GLU N 156 43.41 -16.99 25.81
C GLU N 156 41.97 -17.26 25.37
N GLU N 157 41.38 -16.39 24.56
CA GLU N 157 40.06 -16.69 24.02
C GLU N 157 40.06 -17.97 23.19
N VAL N 158 41.09 -18.16 22.37
CA VAL N 158 41.19 -19.38 21.58
C VAL N 158 41.53 -20.57 22.47
N ARG N 159 42.49 -20.41 23.38
CA ARG N 159 42.83 -21.50 24.26
C ARG N 159 41.60 -22.03 25.01
N LYS N 160 40.85 -21.11 25.64
CA LYS N 160 39.64 -21.52 26.34
C LYS N 160 38.57 -22.08 25.42
N ALA N 161 38.45 -21.58 24.19
CA ALA N 161 37.48 -22.15 23.27
C ALA N 161 37.85 -23.56 22.81
N LEU N 162 39.14 -23.86 22.67
CA LEU N 162 39.54 -25.23 22.43
C LEU N 162 39.35 -26.09 23.66
N GLU N 163 39.70 -25.59 24.84
CA GLU N 163 39.47 -26.36 26.06
C GLU N 163 37.99 -26.72 26.21
N GLU N 164 37.10 -25.88 25.70
CA GLU N 164 35.68 -26.24 25.64
C GLU N 164 35.38 -27.25 24.54
N LEU N 165 36.01 -27.10 23.37
CA LEU N 165 35.73 -27.99 22.25
C LEU N 165 36.13 -29.43 22.56
N LYS N 166 37.28 -29.63 23.18
CA LYS N 166 37.72 -30.98 23.54
C LYS N 166 36.74 -31.66 24.50
N ALA N 167 36.34 -30.95 25.55
CA ALA N 167 35.37 -31.53 26.49
C ALA N 167 34.03 -31.81 25.83
N SER N 168 33.57 -30.93 24.94
CA SER N 168 32.33 -31.22 24.23
C SER N 168 32.47 -32.42 23.28
N THR N 169 33.64 -32.62 22.69
CA THR N 169 33.85 -33.79 21.85
C THR N 169 33.86 -35.08 22.66
N ALA N 170 34.48 -35.08 23.83
CA ALA N 170 34.42 -36.29 24.65
C ALA N 170 33.02 -36.55 25.19
N GLU N 171 32.29 -35.48 25.56
CA GLU N 171 30.90 -35.64 25.96
C GLU N 171 30.05 -36.22 24.83
N LEU N 172 30.35 -35.85 23.59
CA LEU N 172 29.60 -36.39 22.46
C LEU N 172 29.97 -37.82 22.14
N LYS N 173 31.23 -38.21 22.30
CA LYS N 173 31.59 -39.62 22.20
C LYS N 173 30.86 -40.47 23.24
N ARG N 174 30.91 -40.07 24.51
CA ARG N 174 30.20 -40.81 25.56
C ARG N 174 28.70 -40.90 25.29
N ALA N 175 28.10 -39.80 24.82
CA ALA N 175 26.67 -39.85 24.51
C ALA N 175 26.35 -40.76 23.33
N THR N 176 27.26 -40.86 22.36
CA THR N 176 26.98 -41.73 21.23
C THR N 176 27.09 -43.19 21.62
N ALA N 177 28.13 -43.53 22.39
CA ALA N 177 28.24 -44.89 22.89
C ALA N 177 27.04 -45.29 23.74
N SER N 178 26.55 -44.38 24.58
CA SER N 178 25.34 -44.67 25.34
C SER N 178 24.09 -44.83 24.48
N LEU N 179 23.94 -44.00 23.44
CA LEU N 179 22.80 -44.17 22.54
C LEU N 179 22.85 -45.49 21.78
N ARG N 180 24.02 -45.92 21.31
CA ARG N 180 24.11 -47.21 20.67
C ARG N 180 23.86 -48.35 21.66
N ALA N 181 24.32 -48.20 22.90
CA ALA N 181 24.05 -49.22 23.91
C ALA N 181 22.55 -49.38 24.13
N ILE N 182 21.82 -48.29 24.35
CA ILE N 182 20.37 -48.43 24.51
C ILE N 182 19.70 -48.90 23.23
N THR N 183 20.26 -48.58 22.06
CA THR N 183 19.65 -49.05 20.82
C THR N 183 19.76 -50.56 20.68
N GLU N 184 20.82 -51.16 21.21
CA GLU N 184 20.88 -52.62 21.26
C GLU N 184 19.79 -53.20 22.15
N GLU N 185 19.52 -52.57 23.29
CA GLU N 185 18.45 -53.03 24.17
C GLU N 185 17.07 -52.89 23.52
N LEU N 186 16.86 -51.83 22.76
CA LEU N 186 15.64 -51.74 21.95
C LEU N 186 15.57 -52.83 20.89
N LYS N 187 16.71 -53.16 20.27
CA LYS N 187 16.72 -54.24 19.29
C LYS N 187 16.34 -55.58 19.91
N LYS N 188 16.76 -55.83 21.15
CA LYS N 188 16.27 -56.99 21.88
C LYS N 188 14.78 -56.91 22.21
N ASN N 189 14.32 -55.77 22.74
CA ASN N 189 12.99 -55.68 23.34
C ASN N 189 12.10 -54.67 22.61
N PRO N 190 11.78 -54.93 21.34
CA PRO N 190 11.03 -53.97 20.52
C PRO N 190 9.62 -53.79 21.03
N SER N 191 9.29 -52.58 21.47
CA SER N 191 7.94 -52.27 21.93
C SER N 191 7.67 -50.79 21.75
N GLU N 192 6.38 -50.47 21.63
CA GLU N 192 5.92 -49.09 21.74
C GLU N 192 6.39 -48.43 23.02
N ASP N 193 6.38 -49.17 24.12
CA ASP N 193 6.84 -48.62 25.39
C ASP N 193 8.30 -48.21 25.33
N ALA N 194 9.15 -49.07 24.77
CA ALA N 194 10.56 -48.70 24.62
C ALA N 194 10.78 -47.75 23.46
N LEU N 195 9.93 -47.79 22.43
CA LEU N 195 10.08 -46.83 21.34
C LEU N 195 9.89 -45.39 21.83
N VAL N 196 8.92 -45.19 22.73
CA VAL N 196 8.65 -43.85 23.23
C VAL N 196 9.85 -43.29 23.99
N GLU N 197 10.47 -44.12 24.83
CA GLU N 197 11.65 -43.70 25.60
C GLU N 197 12.95 -43.71 24.81
N HIS N 198 13.02 -44.42 23.69
CA HIS N 198 14.16 -44.33 22.78
C HIS N 198 14.14 -43.06 21.93
N ASN N 199 12.96 -42.62 21.50
CA ASN N 199 12.88 -41.34 20.79
C ASN N 199 13.47 -40.20 21.60
N ARG N 200 13.24 -40.17 22.92
CA ARG N 200 13.87 -39.15 23.73
C ARG N 200 15.38 -39.27 23.72
N ALA N 201 15.92 -40.48 23.74
CA ALA N 201 17.37 -40.65 23.73
C ALA N 201 17.98 -40.12 22.43
N ILE N 202 17.26 -40.28 21.33
CA ILE N 202 17.70 -39.66 20.08
C ILE N 202 17.69 -38.15 20.20
N VAL N 203 16.59 -37.57 20.65
CA VAL N 203 16.52 -36.11 20.71
C VAL N 203 17.57 -35.54 21.66
N GLU N 204 17.88 -36.26 22.74
CA GLU N 204 18.93 -35.85 23.66
C GLU N 204 20.33 -36.11 23.14
N HIS N 205 20.48 -36.85 22.05
CA HIS N 205 21.79 -36.91 21.41
C HIS N 205 21.94 -35.81 20.36
N ASN N 206 20.90 -35.59 19.56
CA ASN N 206 20.86 -34.41 18.69
C ASN N 206 21.14 -33.10 19.44
N ALA N 207 20.66 -32.96 20.67
CA ALA N 207 20.99 -31.76 21.44
C ALA N 207 22.49 -31.59 21.66
N ILE N 208 23.20 -32.70 21.89
CA ILE N 208 24.65 -32.61 22.10
C ILE N 208 25.38 -32.34 20.80
N ILE N 209 24.88 -32.86 19.68
CA ILE N 209 25.49 -32.50 18.40
C ILE N 209 25.38 -31.00 18.17
N VAL N 210 24.19 -30.43 18.36
CA VAL N 210 24.06 -28.99 18.12
C VAL N 210 24.88 -28.16 19.12
N GLU N 211 24.95 -28.62 20.38
CA GLU N 211 25.84 -27.98 21.35
C GLU N 211 27.31 -28.20 21.07
N ASN N 212 27.66 -29.00 20.07
CA ASN N 212 29.04 -29.11 19.63
C ASN N 212 29.31 -28.23 18.41
N ASN N 213 28.40 -28.23 17.45
CA ASN N 213 28.51 -27.31 16.32
C ASN N 213 28.61 -25.85 16.77
N ARG N 214 27.95 -25.50 17.88
CA ARG N 214 28.10 -24.15 18.42
C ARG N 214 29.54 -23.80 18.76
N ILE N 215 30.29 -24.76 19.31
CA ILE N 215 31.67 -24.47 19.67
C ILE N 215 32.58 -24.52 18.46
N ILE N 216 32.28 -25.39 17.50
CA ILE N 216 33.06 -25.39 16.26
C ILE N 216 32.93 -24.06 15.54
N ALA N 217 31.72 -23.51 15.46
CA ALA N 217 31.54 -22.18 14.87
C ALA N 217 32.22 -21.08 15.67
N LEU N 218 32.26 -21.22 17.00
CA LEU N 218 33.00 -20.23 17.78
C LEU N 218 34.48 -20.25 17.45
N VAL N 219 35.12 -21.41 17.55
CA VAL N 219 36.54 -21.50 17.23
C VAL N 219 36.84 -21.02 15.81
N LEU N 220 35.95 -21.31 14.84
CA LEU N 220 36.16 -20.76 13.50
C LEU N 220 36.15 -19.24 13.49
N LEU N 221 35.30 -18.62 14.30
CA LEU N 221 35.29 -17.15 14.32
C LEU N 221 36.55 -16.62 14.99
N LEU N 222 36.92 -17.19 16.13
CA LEU N 222 38.11 -16.70 16.84
C LEU N 222 39.37 -16.86 15.99
N ILE N 223 39.42 -17.89 15.15
CA ILE N 223 40.55 -18.01 14.22
C ILE N 223 40.50 -16.93 13.15
N VAL N 224 39.36 -16.76 12.49
CA VAL N 224 39.32 -15.79 11.40
C VAL N 224 39.58 -14.38 11.91
N LEU N 225 39.17 -14.08 13.15
CA LEU N 225 39.49 -12.80 13.78
C LEU N 225 40.95 -12.71 14.21
N ALA N 226 41.61 -13.83 14.50
CA ALA N 226 42.97 -13.72 14.96
C ALA N 226 43.96 -13.53 13.81
N ILE N 227 43.66 -14.05 12.62
CA ILE N 227 44.54 -13.81 11.47
C ILE N 227 44.30 -12.41 10.95
N GLY O 2 23.60 -19.22 -40.22
CA GLY O 2 22.58 -19.54 -39.17
C GLY O 2 21.16 -19.42 -39.66
N SER O 3 20.21 -19.85 -38.83
CA SER O 3 18.81 -19.75 -39.17
C SER O 3 18.29 -18.33 -38.91
N GLU O 4 17.06 -18.10 -39.34
CA GLU O 4 16.45 -16.77 -39.26
C GLU O 4 16.46 -16.22 -37.83
N GLU O 5 16.28 -17.09 -36.84
CA GLU O 5 16.23 -16.60 -35.47
C GLU O 5 17.58 -16.12 -34.97
N GLU O 6 18.68 -16.67 -35.49
CA GLU O 6 19.99 -16.21 -35.04
C GLU O 6 20.30 -14.84 -35.62
N ILE O 7 20.00 -14.63 -36.91
CA ILE O 7 20.20 -13.31 -37.49
C ILE O 7 19.28 -12.28 -36.83
N ALA O 8 18.02 -12.67 -36.58
CA ALA O 8 17.10 -11.74 -35.92
C ALA O 8 17.54 -11.36 -34.50
N LYS O 9 18.05 -12.32 -33.72
CA LYS O 9 18.64 -12.00 -32.44
C LYS O 9 19.87 -11.11 -32.55
N ALA O 10 20.74 -11.35 -33.54
CA ALA O 10 21.91 -10.52 -33.71
C ALA O 10 21.59 -9.11 -34.17
N LEU O 11 20.54 -8.96 -34.98
CA LEU O 11 20.07 -7.63 -35.35
C LEU O 11 19.34 -6.92 -34.22
N GLU O 12 18.70 -7.65 -33.31
CA GLU O 12 18.20 -7.00 -32.10
C GLU O 12 19.34 -6.50 -31.21
N GLU O 13 20.40 -7.30 -31.06
CA GLU O 13 21.59 -6.82 -30.37
C GLU O 13 22.19 -5.61 -31.07
N LEU O 14 22.14 -5.57 -32.39
CA LEU O 14 22.72 -4.47 -33.14
C LEU O 14 21.94 -3.19 -32.93
N VAL O 15 20.61 -3.25 -33.07
CA VAL O 15 19.80 -2.04 -32.93
C VAL O 15 19.78 -1.54 -31.48
N ALA O 16 19.76 -2.44 -30.50
CA ALA O 16 19.93 -1.99 -29.12
C ALA O 16 21.29 -1.35 -28.85
N SER O 17 22.36 -1.88 -29.47
CA SER O 17 23.65 -1.24 -29.38
C SER O 17 23.66 0.15 -30.02
N LEU O 18 22.98 0.31 -31.15
CA LEU O 18 22.86 1.64 -31.73
C LEU O 18 22.07 2.60 -30.84
N ALA O 19 20.99 2.13 -30.24
CA ALA O 19 20.21 3.01 -29.38
C ALA O 19 20.98 3.42 -28.14
N GLU O 20 21.90 2.58 -27.64
CA GLU O 20 22.81 2.99 -26.58
C GLU O 20 23.90 3.96 -27.06
N LEU O 21 24.49 3.69 -28.22
CA LEU O 21 25.51 4.56 -28.81
C LEU O 21 25.01 5.94 -29.22
N LYS O 22 23.76 6.07 -29.67
CA LYS O 22 23.25 7.41 -30.00
C LYS O 22 23.05 8.27 -28.75
N ARG O 23 22.54 7.70 -27.67
CA ARG O 23 22.44 8.44 -26.42
C ARG O 23 23.82 8.85 -25.92
N ALA O 24 24.78 7.92 -25.95
CA ALA O 24 26.12 8.30 -25.52
C ALA O 24 26.75 9.37 -26.41
N THR O 25 26.43 9.38 -27.70
CA THR O 25 26.94 10.45 -28.56
C THR O 25 26.36 11.80 -28.18
N LEU O 26 25.05 11.86 -27.99
CA LEU O 26 24.43 13.14 -27.61
C LEU O 26 24.98 13.64 -26.28
N LYS O 27 25.08 12.75 -25.29
CA LYS O 27 25.58 13.19 -24.00
C LYS O 27 27.05 13.59 -24.06
N LEU O 28 27.85 12.96 -24.93
CA LEU O 28 29.25 13.36 -25.08
C LEU O 28 29.41 14.72 -25.75
N LEU O 29 28.55 15.04 -26.70
CA LEU O 29 28.51 16.42 -27.18
C LEU O 29 28.07 17.40 -26.09
N ASP O 30 27.05 17.04 -25.32
CA ASP O 30 26.60 17.95 -24.27
C ASP O 30 27.71 18.23 -23.24
N ILE O 31 28.40 17.21 -22.76
CA ILE O 31 29.53 17.45 -21.86
C ILE O 31 30.74 18.02 -22.57
N THR O 32 30.69 18.12 -23.90
CA THR O 32 31.71 18.87 -24.63
C THR O 32 31.35 20.33 -24.78
N ASP O 33 30.08 20.69 -24.61
CA ASP O 33 29.59 22.03 -24.90
C ASP O 33 30.13 23.12 -23.98
N LYS O 34 29.78 23.08 -22.69
CA LYS O 34 30.18 24.15 -21.77
C LYS O 34 30.66 23.59 -20.45
N LEU O 35 31.73 24.19 -19.93
CA LEU O 35 32.07 24.12 -18.50
C LEU O 35 33.00 25.29 -18.20
N LYS O 36 32.58 26.18 -17.30
CA LYS O 36 33.41 27.31 -16.91
C LYS O 36 34.61 26.87 -16.07
N LYS O 37 34.39 26.02 -15.07
CA LYS O 37 35.42 25.77 -14.07
C LYS O 37 36.57 24.95 -14.67
N ASN O 38 37.78 25.10 -14.01
CA ASN O 38 39.05 24.53 -14.46
C ASN O 38 39.33 23.18 -13.81
N PRO O 39 40.03 22.31 -14.53
CA PRO O 39 40.15 20.90 -14.11
C PRO O 39 41.17 20.68 -13.00
N SER O 40 41.02 19.52 -12.35
CA SER O 40 41.82 19.10 -11.21
C SER O 40 43.02 18.27 -11.68
N GLU O 41 43.78 17.75 -10.72
CA GLU O 41 44.76 16.72 -11.02
C GLU O 41 44.09 15.38 -11.35
N SER O 42 43.01 15.04 -10.64
CA SER O 42 42.23 13.86 -11.01
C SER O 42 41.58 14.01 -12.38
N ALA O 43 41.39 15.23 -12.85
CA ALA O 43 40.95 15.53 -14.21
C ALA O 43 42.09 15.47 -15.23
N LEU O 44 43.32 15.19 -14.80
CA LEU O 44 44.36 14.69 -15.69
C LEU O 44 44.37 13.18 -15.78
N VAL O 45 44.31 12.50 -14.63
CA VAL O 45 44.26 11.06 -14.58
C VAL O 45 43.09 10.47 -15.36
N SER O 46 42.03 11.25 -15.60
CA SER O 46 40.92 10.78 -16.42
C SER O 46 40.64 11.71 -17.58
N HIS O 47 41.71 12.24 -18.18
CA HIS O 47 41.63 13.37 -19.10
C HIS O 47 40.48 13.29 -20.11
N ASN O 48 40.40 12.19 -20.85
CA ASN O 48 39.38 12.05 -21.90
C ASN O 48 38.49 10.82 -21.73
N LYS O 49 38.29 10.38 -20.49
CA LYS O 49 37.73 9.04 -20.29
C LYS O 49 36.41 8.83 -21.02
N ALA O 50 35.59 9.88 -21.16
CA ALA O 50 34.33 9.72 -21.88
C ALA O 50 34.50 9.48 -23.38
N ILE O 51 35.62 9.89 -23.97
CA ILE O 51 35.87 9.57 -25.37
C ILE O 51 36.33 8.14 -25.54
N VAL O 52 37.27 7.69 -24.72
CA VAL O 52 37.75 6.32 -24.83
C VAL O 52 36.63 5.34 -24.51
N GLU O 53 35.78 5.67 -23.53
CA GLU O 53 34.56 4.90 -23.28
C GLU O 53 33.57 4.96 -24.45
N HIS O 54 33.56 6.02 -25.25
CA HIS O 54 32.68 6.05 -26.41
C HIS O 54 33.23 5.17 -27.54
N ASN O 55 34.50 5.34 -27.84
CA ASN O 55 35.18 4.51 -28.84
C ASN O 55 35.02 3.02 -28.55
N ALA O 56 35.11 2.62 -27.27
CA ALA O 56 34.88 1.21 -26.96
C ALA O 56 33.48 0.74 -27.35
N ILE O 57 32.48 1.62 -27.26
CA ILE O 57 31.14 1.23 -27.70
C ILE O 57 31.06 1.13 -29.21
N ILE O 58 31.77 2.01 -29.91
CA ILE O 58 31.75 1.92 -31.37
C ILE O 58 32.41 0.62 -31.84
N VAL O 59 33.55 0.27 -31.24
CA VAL O 59 34.24 -0.98 -31.54
C VAL O 59 33.36 -2.20 -31.26
N GLU O 60 32.59 -2.16 -30.17
CA GLU O 60 31.65 -3.25 -29.91
C GLU O 60 30.48 -3.28 -30.88
N ASN O 61 30.07 -2.14 -31.41
CA ASN O 61 29.03 -2.15 -32.43
C ASN O 61 29.54 -2.74 -33.75
N ASN O 62 30.74 -2.33 -34.18
CA ASN O 62 31.35 -2.91 -35.36
C ASN O 62 31.56 -4.42 -35.26
N ARG O 63 31.89 -4.94 -34.08
CA ARG O 63 32.02 -6.39 -33.95
C ARG O 63 30.71 -7.11 -34.23
N ILE O 64 29.58 -6.54 -33.79
CA ILE O 64 28.30 -7.18 -34.03
C ILE O 64 27.90 -7.06 -35.49
N ILE O 65 28.14 -5.91 -36.10
CA ILE O 65 27.87 -5.78 -37.52
C ILE O 65 28.64 -6.84 -38.32
N ALA O 66 29.92 -7.04 -38.01
CA ALA O 66 30.68 -8.07 -38.72
C ALA O 66 30.20 -9.49 -38.45
N ALA O 67 29.65 -9.75 -37.26
CA ALA O 67 29.10 -11.08 -37.01
C ALA O 67 27.79 -11.30 -37.78
N VAL O 68 26.98 -10.26 -37.93
CA VAL O 68 25.79 -10.39 -38.76
C VAL O 68 26.16 -10.56 -40.23
N LEU O 69 27.15 -9.82 -40.72
CA LEU O 69 27.53 -10.02 -42.11
C LEU O 69 27.99 -11.44 -42.37
N GLU O 70 28.72 -12.03 -41.44
CA GLU O 70 29.14 -13.42 -41.65
C GLU O 70 27.95 -14.38 -41.61
N LEU O 71 27.02 -14.20 -40.66
CA LEU O 71 25.84 -15.06 -40.62
C LEU O 71 24.97 -14.93 -41.86
N ILE O 72 24.85 -13.73 -42.43
CA ILE O 72 24.10 -13.55 -43.66
C ILE O 72 24.79 -14.22 -44.84
N VAL O 73 26.07 -13.92 -45.06
CA VAL O 73 26.72 -14.43 -46.25
C VAL O 73 26.83 -15.95 -46.20
N ARG O 74 27.06 -16.51 -45.02
CA ARG O 74 27.07 -17.97 -44.91
C ARG O 74 25.69 -18.59 -45.12
N ALA O 75 24.64 -17.77 -45.17
CA ALA O 75 23.33 -18.23 -45.62
C ALA O 75 23.12 -18.10 -47.13
N VAL O 76 23.44 -16.93 -47.70
CA VAL O 76 23.10 -16.73 -49.12
C VAL O 76 24.15 -17.33 -50.05
N GLY O 77 25.34 -17.62 -49.54
CA GLY O 77 26.37 -18.30 -50.30
C GLY O 77 27.45 -17.36 -50.80
N MET O 78 28.68 -17.71 -50.44
CA MET O 78 29.87 -16.98 -50.83
C MET O 78 30.17 -17.11 -52.32
N THR O 79 30.91 -16.12 -52.82
CA THR O 79 31.59 -16.18 -54.10
C THR O 79 33.01 -15.65 -53.89
N ASP O 80 33.87 -15.86 -54.88
CA ASP O 80 35.28 -15.51 -54.73
C ASP O 80 35.47 -14.11 -54.13
N GLU O 81 34.83 -13.11 -54.73
CA GLU O 81 35.07 -11.73 -54.32
C GLU O 81 34.47 -11.43 -52.96
N ILE O 82 33.31 -12.00 -52.66
CA ILE O 82 32.74 -11.85 -51.32
C ILE O 82 33.62 -12.52 -50.28
N ASP O 83 34.15 -13.70 -50.58
CA ASP O 83 34.97 -14.39 -49.60
C ASP O 83 36.30 -13.66 -49.36
N LEU O 84 36.90 -13.11 -50.42
CA LEU O 84 38.06 -12.24 -50.23
C LEU O 84 37.73 -11.01 -49.39
N ALA O 85 36.57 -10.41 -49.61
CA ALA O 85 36.22 -9.20 -48.86
C ALA O 85 35.93 -9.54 -47.40
N LEU O 86 35.31 -10.68 -47.14
CA LEU O 86 35.10 -11.12 -45.76
C LEU O 86 36.43 -11.41 -45.06
N LEU O 87 37.41 -11.99 -45.77
CA LEU O 87 38.71 -12.20 -45.15
C LEU O 87 39.44 -10.89 -44.86
N LYS O 88 39.35 -9.92 -45.78
CA LYS O 88 39.79 -8.55 -45.45
C LYS O 88 39.10 -8.00 -44.22
N LEU O 89 37.78 -8.17 -44.12
CA LEU O 89 37.05 -7.68 -42.95
C LEU O 89 37.51 -8.34 -41.66
N LYS O 90 37.85 -9.63 -41.70
CA LYS O 90 38.40 -10.27 -40.51
C LYS O 90 39.79 -9.75 -40.16
N ALA O 91 40.65 -9.53 -41.15
CA ALA O 91 41.95 -8.95 -40.86
C ALA O 91 41.85 -7.54 -40.30
N SER O 92 40.89 -6.75 -40.78
CA SER O 92 40.71 -5.41 -40.23
C SER O 92 40.11 -5.43 -38.84
N THR O 93 39.18 -6.35 -38.57
CA THR O 93 38.67 -6.47 -37.22
C THR O 93 39.74 -6.94 -36.24
N ALA O 94 40.70 -7.74 -36.71
CA ALA O 94 41.84 -8.07 -35.86
C ALA O 94 42.74 -6.87 -35.63
N ARG O 95 43.00 -6.07 -36.67
CA ARG O 95 43.78 -4.86 -36.47
C ARG O 95 43.15 -3.93 -35.45
N LEU O 96 41.82 -3.82 -35.48
CA LEU O 96 41.12 -2.97 -34.52
C LEU O 96 41.35 -3.40 -33.08
N LYS O 97 41.54 -4.69 -32.81
CA LYS O 97 41.82 -5.12 -31.44
C LYS O 97 43.19 -4.65 -30.94
N VAL O 98 44.21 -4.71 -31.79
CA VAL O 98 45.51 -4.20 -31.38
C VAL O 98 45.47 -2.68 -31.24
N ALA O 99 44.75 -1.98 -32.10
CA ALA O 99 44.64 -0.53 -31.96
C ALA O 99 43.91 -0.14 -30.67
N THR O 100 42.91 -0.92 -30.28
CA THR O 100 42.23 -0.67 -29.02
C THR O 100 43.12 -0.95 -27.82
N ALA O 101 43.80 -2.10 -27.81
CA ALA O 101 44.70 -2.39 -26.71
C ALA O 101 45.85 -1.38 -26.61
N LEU O 102 46.25 -0.77 -27.72
CA LEU O 102 47.24 0.30 -27.61
C LEU O 102 46.65 1.56 -27.00
N LEU O 103 45.44 1.95 -27.40
CA LEU O 103 44.86 3.12 -26.77
C LEU O 103 44.62 2.89 -25.28
N ARG O 104 44.14 1.70 -24.91
CA ARG O 104 43.95 1.29 -23.53
C ARG O 104 45.25 1.10 -22.76
N MET O 105 46.39 1.02 -23.42
CA MET O 105 47.66 1.10 -22.68
C MET O 105 48.10 2.53 -22.46
N ILE O 106 48.12 3.36 -23.51
CA ILE O 106 48.58 4.74 -23.33
C ILE O 106 47.67 5.53 -22.37
N THR O 107 46.38 5.21 -22.37
CA THR O 107 45.47 5.78 -21.38
C THR O 107 45.86 5.43 -19.94
N GLU O 108 46.30 4.20 -19.70
CA GLU O 108 46.67 3.86 -18.33
C GLU O 108 48.06 4.36 -17.98
N GLU O 109 48.95 4.46 -18.96
CA GLU O 109 50.24 5.10 -18.75
C GLU O 109 50.09 6.57 -18.41
N LEU O 110 48.96 7.18 -18.78
CA LEU O 110 48.65 8.53 -18.34
C LEU O 110 48.32 8.65 -16.85
N LYS O 111 48.00 7.56 -16.15
CA LYS O 111 47.92 7.58 -14.70
C LYS O 111 49.26 7.77 -14.00
N LYS O 112 50.37 7.68 -14.70
CA LYS O 112 51.68 7.56 -14.05
C LYS O 112 52.69 8.60 -14.50
N ASN O 113 52.55 9.18 -15.68
CA ASN O 113 53.31 10.36 -16.09
C ASN O 113 52.37 11.44 -16.62
N PRO O 114 51.30 11.76 -15.89
CA PRO O 114 50.40 12.84 -16.32
C PRO O 114 51.12 14.16 -16.39
N SER O 115 51.11 14.76 -17.58
CA SER O 115 51.69 16.08 -17.79
C SER O 115 51.12 16.65 -19.08
N GLU O 116 51.22 17.97 -19.20
CA GLU O 116 50.64 18.67 -20.35
C GLU O 116 51.16 18.15 -21.68
N ASP O 117 52.33 17.51 -21.70
CA ASP O 117 52.83 16.91 -22.93
C ASP O 117 52.19 15.56 -23.21
N ALA O 118 52.05 14.71 -22.18
CA ALA O 118 51.39 13.42 -22.34
C ALA O 118 49.94 13.54 -22.78
N LEU O 119 49.24 14.60 -22.39
CA LEU O 119 47.89 14.81 -22.88
C LEU O 119 47.83 14.95 -24.40
N VAL O 120 48.85 15.55 -25.03
CA VAL O 120 48.85 15.65 -26.48
C VAL O 120 49.16 14.30 -27.12
N GLU O 121 50.01 13.50 -26.48
CA GLU O 121 50.24 12.14 -26.95
C GLU O 121 48.96 11.33 -26.89
N HIS O 122 48.21 11.45 -25.79
CA HIS O 122 46.97 10.70 -25.66
C HIS O 122 45.95 11.14 -26.70
N ASN O 123 45.86 12.44 -26.98
CA ASN O 123 44.95 12.88 -28.04
C ASN O 123 45.35 12.36 -29.41
N ARG O 124 46.65 12.26 -29.69
CA ARG O 124 47.06 11.68 -30.96
C ARG O 124 46.77 10.18 -31.03
N ALA O 125 46.85 9.48 -29.91
CA ALA O 125 46.43 8.08 -29.89
C ALA O 125 44.94 7.94 -30.15
N ILE O 126 44.12 8.85 -29.63
CA ILE O 126 42.69 8.81 -29.92
C ILE O 126 42.41 9.09 -31.39
N VAL O 127 43.17 10.00 -32.00
CA VAL O 127 42.97 10.25 -33.43
C VAL O 127 43.38 9.05 -34.28
N ASN O 128 44.46 8.35 -33.91
CA ASN O 128 44.85 7.17 -34.66
C ASN O 128 43.87 6.00 -34.49
N HIS O 129 43.26 5.87 -33.32
CA HIS O 129 42.20 4.89 -33.16
C HIS O 129 40.99 5.22 -34.04
N ASN O 130 40.58 6.48 -34.04
CA ASN O 130 39.49 6.89 -34.93
C ASN O 130 39.81 6.61 -36.39
N ALA O 131 41.04 6.93 -36.82
CA ALA O 131 41.48 6.65 -38.17
C ALA O 131 41.50 5.17 -38.52
N ILE O 132 41.55 4.28 -37.54
CA ILE O 132 41.45 2.85 -37.85
C ILE O 132 40.00 2.35 -37.83
N ILE O 133 39.14 2.99 -37.03
CA ILE O 133 37.72 2.65 -37.09
C ILE O 133 37.11 3.05 -38.43
N VAL O 134 37.54 4.18 -38.98
CA VAL O 134 37.05 4.58 -40.29
C VAL O 134 37.40 3.54 -41.35
N GLU O 135 38.59 2.93 -41.28
CA GLU O 135 38.93 1.88 -42.23
C GLU O 135 38.03 0.67 -42.07
N ASN O 136 37.78 0.27 -40.82
CA ASN O 136 36.90 -0.86 -40.60
C ASN O 136 35.50 -0.61 -41.17
N ASN O 137 35.00 0.62 -41.04
CA ASN O 137 33.70 0.96 -41.63
C ASN O 137 33.74 0.96 -43.16
N ARG O 138 34.84 1.37 -43.77
CA ARG O 138 34.90 1.38 -45.23
C ARG O 138 34.96 -0.02 -45.80
N ILE O 139 35.51 -0.97 -45.05
CA ILE O 139 35.49 -2.35 -45.49
C ILE O 139 34.11 -2.97 -45.31
N ILE O 140 33.45 -2.71 -44.18
CA ILE O 140 32.10 -3.23 -44.02
C ILE O 140 31.16 -2.69 -45.09
N ALA O 141 31.26 -1.40 -45.42
CA ALA O 141 30.44 -0.85 -46.50
C ALA O 141 30.77 -1.45 -47.87
N ALA O 142 32.02 -1.80 -48.12
CA ALA O 142 32.33 -2.50 -49.37
C ALA O 142 31.72 -3.89 -49.42
N VAL O 143 31.82 -4.65 -48.33
CA VAL O 143 31.18 -5.96 -48.27
C VAL O 143 29.67 -5.85 -48.47
N LEU O 144 29.03 -4.85 -47.88
CA LEU O 144 27.59 -4.70 -48.08
C LEU O 144 27.22 -4.38 -49.53
N GLU O 145 27.94 -3.47 -50.18
CA GLU O 145 27.62 -3.23 -51.58
C GLU O 145 27.84 -4.47 -52.45
N LEU O 146 28.84 -5.30 -52.10
CA LEU O 146 29.02 -6.56 -52.81
C LEU O 146 27.84 -7.50 -52.60
N ILE O 147 27.41 -7.67 -51.36
CA ILE O 147 26.30 -8.60 -51.09
C ILE O 147 25.04 -8.13 -51.79
N VAL O 148 24.80 -6.82 -51.82
CA VAL O 148 23.59 -6.31 -52.48
C VAL O 148 23.64 -6.57 -53.98
N ARG O 149 24.79 -6.37 -54.63
CA ARG O 149 24.86 -6.71 -56.05
C ARG O 149 24.73 -8.21 -56.30
N ALA O 150 25.32 -9.04 -55.45
CA ALA O 150 25.20 -10.49 -55.62
C ALA O 150 23.76 -10.99 -55.54
N LEU O 151 22.95 -10.44 -54.63
CA LEU O 151 21.53 -10.78 -54.56
C LEU O 151 20.68 -10.10 -55.62
N ASN O 152 21.24 -9.24 -56.47
CA ASN O 152 20.45 -8.53 -57.47
C ASN O 152 19.26 -7.83 -56.85
N LEU O 153 19.50 -7.21 -55.71
CA LEU O 153 18.44 -6.73 -54.82
C LEU O 153 18.13 -5.29 -55.22
N THR O 154 17.09 -5.12 -56.05
CA THR O 154 16.84 -3.87 -56.76
C THR O 154 15.78 -2.99 -56.12
N ASP O 155 15.24 -3.37 -54.97
CA ASP O 155 14.22 -2.55 -54.31
C ASP O 155 14.70 -1.12 -54.16
N GLU O 156 13.78 -0.17 -54.30
CA GLU O 156 14.11 1.24 -54.14
C GLU O 156 14.51 1.59 -52.71
N GLU O 157 13.96 0.92 -51.71
CA GLU O 157 14.41 1.14 -50.34
C GLU O 157 15.90 0.81 -50.20
N VAL O 158 16.35 -0.28 -50.81
CA VAL O 158 17.77 -0.63 -50.76
C VAL O 158 18.59 0.31 -51.61
N ARG O 159 18.13 0.60 -52.82
CA ARG O 159 18.89 1.52 -53.67
C ARG O 159 19.13 2.85 -52.95
N LYS O 160 18.07 3.45 -52.43
CA LYS O 160 18.21 4.71 -51.71
C LYS O 160 19.05 4.58 -50.44
N ALA O 161 18.97 3.44 -49.75
CA ALA O 161 19.81 3.25 -48.57
C ALA O 161 21.29 3.12 -48.91
N LEU O 162 21.61 2.52 -50.05
CA LEU O 162 23.00 2.55 -50.50
C LEU O 162 23.42 3.93 -50.95
N GLU O 163 22.56 4.64 -51.69
CA GLU O 163 22.89 6.00 -52.10
C GLU O 163 23.17 6.89 -50.89
N GLU O 164 22.54 6.61 -49.74
CA GLU O 164 22.89 7.29 -48.51
C GLU O 164 24.19 6.78 -47.89
N LEU O 165 24.42 5.46 -47.94
CA LEU O 165 25.62 4.89 -47.33
C LEU O 165 26.89 5.37 -48.02
N LYS O 166 26.90 5.43 -49.35
CA LYS O 166 28.07 5.92 -50.07
C LYS O 166 28.40 7.37 -49.73
N ALA O 167 27.40 8.25 -49.73
CA ALA O 167 27.64 9.64 -49.36
C ALA O 167 28.12 9.77 -47.92
N SER O 168 27.57 8.98 -46.99
CA SER O 168 28.08 9.03 -45.63
C SER O 168 29.51 8.53 -45.52
N THR O 169 29.90 7.55 -46.33
CA THR O 169 31.27 7.09 -46.33
C THR O 169 32.23 8.14 -46.88
N ALA O 170 31.86 8.85 -47.93
CA ALA O 170 32.72 9.93 -48.41
C ALA O 170 32.79 11.09 -47.42
N GLU O 171 31.67 11.41 -46.78
CA GLU O 171 31.69 12.42 -45.71
C GLU O 171 32.62 12.02 -44.57
N LEU O 172 32.68 10.74 -44.26
CA LEU O 172 33.56 10.27 -43.19
C LEU O 172 35.02 10.24 -43.60
N LYS O 173 35.32 9.93 -44.86
CA LYS O 173 36.69 10.09 -45.36
C LYS O 173 37.16 11.53 -45.26
N ARG O 174 36.38 12.47 -45.79
CA ARG O 174 36.76 13.89 -45.69
C ARG O 174 36.93 14.34 -44.25
N ALA O 175 36.05 13.90 -43.35
CA ALA O 175 36.21 14.30 -41.94
C ALA O 175 37.43 13.68 -41.30
N THR O 176 37.84 12.48 -41.70
CA THR O 176 39.03 11.89 -41.10
C THR O 176 40.29 12.58 -41.57
N ALA O 177 40.38 12.86 -42.87
CA ALA O 177 41.51 13.62 -43.38
C ALA O 177 41.61 15.00 -42.74
N SER O 178 40.48 15.67 -42.53
CA SER O 178 40.50 16.95 -41.83
C SER O 178 40.92 16.84 -40.37
N LEU O 179 40.47 15.80 -39.67
CA LEU O 179 40.92 15.62 -38.28
C LEU O 179 42.40 15.35 -38.18
N ARG O 180 42.96 14.53 -39.07
CA ARG O 180 44.42 14.33 -39.05
C ARG O 180 45.17 15.59 -39.44
N ALA O 181 44.62 16.36 -40.37
CA ALA O 181 45.26 17.63 -40.73
C ALA O 181 45.33 18.58 -39.54
N ILE O 182 44.21 18.80 -38.84
CA ILE O 182 44.30 19.67 -37.66
C ILE O 182 45.14 19.04 -36.56
N THR O 183 45.20 17.71 -36.47
CA THR O 183 46.03 17.09 -35.45
C THR O 183 47.51 17.34 -35.70
N GLU O 184 47.92 17.45 -36.96
CA GLU O 184 49.28 17.87 -37.25
C GLU O 184 49.56 19.29 -36.75
N GLU O 185 48.61 20.20 -36.93
CA GLU O 185 48.77 21.56 -36.43
C GLU O 185 48.84 21.60 -34.90
N LEU O 186 48.07 20.75 -34.22
CA LEU O 186 48.23 20.61 -32.78
C LEU O 186 49.60 20.04 -32.42
N LYS O 187 50.11 19.10 -33.21
CA LYS O 187 51.44 18.56 -32.96
C LYS O 187 52.52 19.62 -33.07
N LYS O 188 52.35 20.55 -34.02
CA LYS O 188 53.23 21.72 -34.08
C LYS O 188 53.05 22.67 -32.89
N ASN O 189 51.80 22.99 -32.53
CA ASN O 189 51.53 24.08 -31.59
C ASN O 189 50.80 23.58 -30.35
N PRO O 190 51.46 22.74 -29.55
CA PRO O 190 50.81 22.11 -28.39
C PRO O 190 50.46 23.13 -27.30
N SER O 191 49.17 23.29 -27.04
CA SER O 191 48.72 24.18 -25.98
C SER O 191 47.37 23.72 -25.45
N GLU O 192 47.09 24.09 -24.21
CA GLU O 192 45.74 23.96 -23.65
C GLU O 192 44.69 24.65 -24.53
N ASP O 193 45.04 25.80 -25.09
CA ASP O 193 44.09 26.51 -25.96
C ASP O 193 43.74 25.67 -27.18
N ALA O 194 44.74 25.07 -27.82
CA ALA O 194 44.44 24.20 -28.95
C ALA O 194 43.91 22.84 -28.51
N LEU O 195 44.29 22.36 -27.32
CA LEU O 195 43.72 21.11 -26.84
C LEU O 195 42.22 21.19 -26.67
N VAL O 196 41.72 22.32 -26.17
CA VAL O 196 40.28 22.48 -25.95
C VAL O 196 39.51 22.42 -27.27
N GLU O 197 40.01 23.09 -28.30
CA GLU O 197 39.37 23.09 -29.61
C GLU O 197 39.63 21.85 -30.45
N HIS O 198 40.67 21.08 -30.12
CA HIS O 198 40.90 19.77 -30.74
C HIS O 198 39.97 18.71 -30.17
N ASN O 199 39.69 18.75 -28.87
CA ASN O 199 38.71 17.83 -28.30
C ASN O 199 37.36 17.92 -29.01
N ARG O 200 36.92 19.13 -29.35
CA ARG O 200 35.68 19.26 -30.12
C ARG O 200 35.80 18.60 -31.49
N ALA O 201 36.94 18.72 -32.15
CA ALA O 201 37.10 18.11 -33.47
C ALA O 201 37.00 16.60 -33.38
N ILE O 202 37.49 16.03 -32.28
CA ILE O 202 37.31 14.60 -32.06
C ILE O 202 35.84 14.28 -31.88
N VAL O 203 35.14 15.01 -31.00
CA VAL O 203 33.75 14.67 -30.76
C VAL O 203 32.89 14.84 -32.01
N GLU O 204 33.22 15.82 -32.86
CA GLU O 204 32.55 16.00 -34.14
C GLU O 204 32.96 15.00 -35.20
N HIS O 205 34.02 14.23 -34.98
CA HIS O 205 34.30 13.12 -35.88
C HIS O 205 33.60 11.84 -35.42
N ASN O 206 33.63 11.57 -34.12
CA ASN O 206 32.79 10.51 -33.55
C ASN O 206 31.32 10.62 -33.94
N ALA O 207 30.79 11.85 -34.03
CA ALA O 207 29.42 12.00 -34.49
C ALA O 207 29.21 11.47 -35.91
N ILE O 208 30.20 11.64 -36.78
CA ILE O 208 30.07 11.14 -38.16
C ILE O 208 30.24 9.62 -38.21
N ILE O 209 31.07 9.07 -37.33
CA ILE O 209 31.15 7.61 -37.27
C ILE O 209 29.80 7.03 -36.87
N VAL O 210 29.17 7.58 -35.84
CA VAL O 210 27.88 7.03 -35.42
C VAL O 210 26.80 7.25 -36.49
N GLU O 211 26.83 8.39 -37.18
CA GLU O 211 25.92 8.59 -38.30
C GLU O 211 26.25 7.72 -39.51
N ASN O 212 27.35 6.97 -39.48
CA ASN O 212 27.59 5.99 -40.52
C ASN O 212 27.16 4.59 -40.10
N ASN O 213 27.49 4.19 -38.88
CA ASN O 213 26.98 2.93 -38.35
C ASN O 213 25.45 2.85 -38.40
N ARG O 214 24.76 3.97 -38.22
CA ARG O 214 23.30 3.98 -38.37
C ARG O 214 22.84 3.52 -39.75
N ILE O 215 23.56 3.93 -40.79
CA ILE O 215 23.17 3.54 -42.15
C ILE O 215 23.60 2.13 -42.46
N ILE O 216 24.75 1.69 -41.92
CA ILE O 216 25.13 0.29 -42.11
C ILE O 216 24.10 -0.64 -41.48
N ALA O 217 23.62 -0.32 -40.28
CA ALA O 217 22.57 -1.13 -39.68
C ALA O 217 21.26 -1.06 -40.46
N LEU O 218 20.97 0.08 -41.08
CA LEU O 218 19.78 0.13 -41.91
C LEU O 218 19.88 -0.82 -43.11
N VAL O 219 20.96 -0.70 -43.89
CA VAL O 219 21.13 -1.58 -45.04
C VAL O 219 21.12 -3.06 -44.62
N LEU O 220 21.70 -3.39 -43.46
CA LEU O 220 21.61 -4.77 -42.98
C LEU O 220 20.17 -5.20 -42.75
N LEU O 221 19.32 -4.31 -42.25
CA LEU O 221 17.94 -4.70 -42.02
C LEU O 221 17.21 -4.87 -43.35
N LEU O 222 17.37 -3.91 -44.26
CA LEU O 222 16.69 -3.99 -45.54
C LEU O 222 17.10 -5.22 -46.34
N ILE O 223 18.35 -5.68 -46.17
CA ILE O 223 18.76 -6.93 -46.79
C ILE O 223 18.07 -8.12 -46.12
N VAL O 224 18.13 -8.20 -44.80
CA VAL O 224 17.55 -9.38 -44.17
C VAL O 224 16.05 -9.46 -44.41
N LEU O 225 15.37 -8.32 -44.54
CA LEU O 225 13.95 -8.32 -44.92
C LEU O 225 13.73 -8.66 -46.38
N ALA O 226 14.70 -8.40 -47.26
CA ALA O 226 14.45 -8.71 -48.66
C ALA O 226 14.66 -10.18 -49.00
N ILE O 227 15.55 -10.87 -48.29
CA ILE O 227 15.73 -12.30 -48.51
C ILE O 227 14.60 -13.07 -47.84
N GLY P 2 37.33 -44.87 -8.59
CA GLY P 2 37.27 -43.43 -8.18
C GLY P 2 37.33 -43.24 -6.69
N SER P 3 37.48 -41.99 -6.26
CA SER P 3 37.51 -41.68 -4.85
C SER P 3 36.10 -41.66 -4.27
N GLU P 4 36.04 -41.54 -2.93
CA GLU P 4 34.77 -41.60 -2.23
C GLU P 4 33.78 -40.57 -2.75
N GLU P 5 34.26 -39.39 -3.13
CA GLU P 5 33.35 -38.35 -3.59
C GLU P 5 32.74 -38.67 -4.94
N GLU P 6 33.43 -39.44 -5.78
CA GLU P 6 32.86 -39.78 -7.07
C GLU P 6 31.74 -40.80 -6.91
N ILE P 7 31.95 -41.82 -6.07
CA ILE P 7 30.89 -42.77 -5.81
C ILE P 7 29.70 -42.09 -5.13
N ALA P 8 29.98 -41.20 -4.17
CA ALA P 8 28.88 -40.50 -3.50
C ALA P 8 28.08 -39.62 -4.45
N LYS P 9 28.75 -38.92 -5.37
CA LYS P 9 28.02 -38.19 -6.41
C LYS P 9 27.22 -39.11 -7.32
N ALA P 10 27.78 -40.25 -7.70
CA ALA P 10 27.03 -41.17 -8.56
C ALA P 10 25.85 -41.80 -7.86
N LEU P 11 25.96 -42.04 -6.56
CA LEU P 11 24.81 -42.51 -5.79
C LEU P 11 23.77 -41.43 -5.53
N GLU P 12 24.16 -40.16 -5.46
CA GLU P 12 23.15 -39.10 -5.44
C GLU P 12 22.40 -39.01 -6.76
N GLU P 13 23.12 -39.14 -7.88
CA GLU P 13 22.44 -39.24 -9.18
C GLU P 13 21.52 -40.45 -9.24
N LEU P 14 21.92 -41.55 -8.62
CA LEU P 14 21.12 -42.77 -8.65
C LEU P 14 19.83 -42.60 -7.87
N VAL P 15 19.91 -42.10 -6.64
CA VAL P 15 18.72 -41.96 -5.82
C VAL P 15 17.78 -40.88 -6.36
N ALA P 16 18.32 -39.79 -6.92
CA ALA P 16 17.44 -38.84 -7.60
C ALA P 16 16.77 -39.44 -8.84
N SER P 17 17.47 -40.28 -9.59
CA SER P 17 16.84 -41.00 -10.69
C SER P 17 15.73 -41.94 -10.22
N LEU P 18 15.92 -42.62 -9.08
CA LEU P 18 14.84 -43.43 -8.52
C LEU P 18 13.65 -42.59 -8.09
N ALA P 19 13.91 -41.44 -7.47
CA ALA P 19 12.79 -40.61 -7.04
C ALA P 19 12.00 -40.06 -8.22
N GLU P 20 12.65 -39.85 -9.37
CA GLU P 20 11.92 -39.53 -10.60
C GLU P 20 11.16 -40.73 -11.18
N LEU P 21 11.78 -41.90 -11.22
CA LEU P 21 11.14 -43.11 -11.74
C LEU P 21 9.97 -43.62 -10.90
N LYS P 22 9.98 -43.46 -9.59
CA LYS P 22 8.81 -43.87 -8.79
C LYS P 22 7.60 -42.97 -9.04
N ARG P 23 7.81 -41.66 -9.13
CA ARG P 23 6.70 -40.76 -9.48
C ARG P 23 6.16 -41.09 -10.86
N ALA P 24 7.05 -41.29 -11.84
CA ALA P 24 6.54 -41.65 -13.16
C ALA P 24 5.81 -42.98 -13.18
N THR P 25 6.21 -43.94 -12.33
CA THR P 25 5.46 -45.19 -12.26
C THR P 25 4.05 -44.97 -11.71
N LEU P 26 3.94 -44.23 -10.61
CA LEU P 26 2.62 -43.99 -10.04
C LEU P 26 1.71 -43.27 -11.02
N LYS P 27 2.23 -42.23 -11.67
CA LYS P 27 1.41 -41.48 -12.61
C LYS P 27 1.04 -42.31 -13.84
N LEU P 28 1.90 -43.22 -14.27
CA LEU P 28 1.56 -44.09 -15.40
C LEU P 28 0.50 -45.11 -15.07
N LEU P 29 0.49 -45.64 -13.83
CA LEU P 29 -0.66 -46.43 -13.41
C LEU P 29 -1.93 -45.59 -13.33
N ASP P 30 -1.84 -44.39 -12.78
CA ASP P 30 -3.05 -43.57 -12.68
C ASP P 30 -3.65 -43.26 -14.06
N ILE P 31 -2.82 -42.86 -15.03
CA ILE P 31 -3.33 -42.65 -16.38
C ILE P 31 -3.64 -43.95 -17.11
N THR P 32 -3.31 -45.09 -16.50
CA THR P 32 -3.77 -46.37 -17.04
C THR P 32 -5.12 -46.78 -16.45
N ASP P 33 -5.51 -46.17 -15.33
CA ASP P 33 -6.69 -46.60 -14.60
C ASP P 33 -8.01 -46.36 -15.34
N LYS P 34 -8.38 -45.10 -15.56
CA LYS P 34 -9.67 -44.79 -16.18
C LYS P 34 -9.55 -43.71 -17.24
N LEU P 35 -10.26 -43.93 -18.35
CA LEU P 35 -10.65 -42.85 -19.26
C LEU P 35 -11.85 -43.34 -20.05
N LYS P 36 -12.98 -42.65 -19.94
CA LYS P 36 -14.17 -43.00 -20.70
C LYS P 36 -14.02 -42.72 -22.18
N LYS P 37 -13.54 -41.53 -22.54
CA LYS P 37 -13.62 -41.10 -23.92
C LYS P 37 -12.66 -41.89 -24.81
N ASN P 38 -12.99 -41.93 -26.14
CA ASN P 38 -12.32 -42.72 -27.17
C ASN P 38 -11.25 -41.91 -27.90
N PRO P 39 -10.19 -42.58 -28.35
CA PRO P 39 -9.00 -41.87 -28.83
C PRO P 39 -9.14 -41.31 -30.23
N SER P 40 -8.25 -40.36 -30.52
CA SER P 40 -8.21 -39.60 -31.77
C SER P 40 -7.28 -40.28 -32.78
N GLU P 41 -7.09 -39.62 -33.93
CA GLU P 41 -6.00 -40.00 -34.83
C GLU P 41 -4.64 -39.62 -34.27
N SER P 42 -4.53 -38.45 -33.63
CA SER P 42 -3.30 -38.10 -32.92
C SER P 42 -3.00 -39.03 -31.76
N ALA P 43 -4.01 -39.70 -31.22
CA ALA P 43 -3.85 -40.76 -30.23
C ALA P 43 -3.48 -42.11 -30.84
N LEU P 44 -3.35 -42.20 -32.16
CA LEU P 44 -2.61 -43.27 -32.80
C LEU P 44 -1.14 -42.93 -33.00
N VAL P 45 -0.87 -41.73 -33.51
CA VAL P 45 0.50 -41.25 -33.70
C VAL P 45 1.30 -41.23 -32.40
N SER P 46 0.66 -41.18 -31.24
CA SER P 46 1.36 -41.23 -29.96
C SER P 46 0.86 -42.36 -29.08
N HIS P 47 0.55 -43.51 -29.69
CA HIS P 47 -0.21 -44.57 -29.03
C HIS P 47 0.19 -44.88 -27.59
N ASN P 48 1.48 -45.14 -27.34
CA ASN P 48 1.95 -45.51 -26.01
C ASN P 48 3.05 -44.61 -25.47
N LYS P 49 3.08 -43.35 -25.87
CA LYS P 49 4.27 -42.55 -25.65
C LYS P 49 4.71 -42.52 -24.19
N ALA P 50 3.77 -42.57 -23.24
CA ALA P 50 4.15 -42.57 -21.83
C ALA P 50 4.86 -43.84 -21.38
N ILE P 51 4.65 -44.97 -22.05
CA ILE P 51 5.40 -46.17 -21.73
C ILE P 51 6.81 -46.10 -22.29
N VAL P 52 6.96 -45.71 -23.55
CA VAL P 52 8.30 -45.64 -24.13
C VAL P 52 9.13 -44.59 -23.41
N GLU P 53 8.52 -43.46 -23.03
CA GLU P 53 9.18 -42.50 -22.16
C GLU P 53 9.51 -43.05 -20.78
N HIS P 54 8.74 -44.02 -20.27
CA HIS P 54 9.08 -44.61 -18.98
C HIS P 54 10.26 -45.57 -19.11
N ASN P 55 10.18 -46.47 -20.09
CA ASN P 55 11.28 -47.38 -20.40
C ASN P 55 12.61 -46.66 -20.60
N ALA P 56 12.60 -45.51 -21.29
CA ALA P 56 13.83 -44.75 -21.42
C ALA P 56 14.41 -44.32 -20.07
N ILE P 57 13.55 -44.02 -19.09
CA ILE P 57 14.07 -43.66 -17.78
C ILE P 57 14.63 -44.88 -17.06
N ILE P 58 14.01 -46.04 -17.25
CA ILE P 58 14.57 -47.24 -16.62
C ILE P 58 15.95 -47.56 -17.20
N VAL P 59 16.08 -47.48 -18.52
CA VAL P 59 17.36 -47.71 -19.19
C VAL P 59 18.44 -46.73 -18.72
N GLU P 60 18.07 -45.46 -18.51
CA GLU P 60 19.02 -44.50 -17.95
C GLU P 60 19.37 -44.77 -16.49
N ASN P 61 18.45 -45.33 -15.72
CA ASN P 61 18.79 -45.68 -14.34
C ASN P 61 19.73 -46.88 -14.30
N ASN P 62 19.48 -47.89 -15.11
CA ASN P 62 20.40 -49.02 -15.23
C ASN P 62 21.80 -48.61 -15.68
N ARG P 63 21.91 -47.63 -16.57
CA ARG P 63 23.24 -47.18 -16.95
C ARG P 63 24.01 -46.59 -15.77
N ILE P 64 23.33 -45.86 -14.89
CA ILE P 64 24.02 -45.29 -13.74
C ILE P 64 24.37 -46.37 -12.73
N ILE P 65 23.46 -47.32 -12.50
CA ILE P 65 23.80 -48.44 -11.62
C ILE P 65 25.07 -49.15 -12.11
N ALA P 66 25.15 -49.43 -13.41
CA ALA P 66 26.35 -50.09 -13.94
C ALA P 66 27.60 -49.23 -13.85
N ALA P 67 27.46 -47.91 -13.92
CA ALA P 67 28.64 -47.06 -13.72
C ALA P 67 29.10 -47.05 -12.27
N VAL P 68 28.16 -47.09 -11.34
CA VAL P 68 28.55 -47.21 -9.93
C VAL P 68 29.18 -48.57 -9.66
N LEU P 69 28.65 -49.64 -10.23
CA LEU P 69 29.28 -50.94 -10.01
C LEU P 69 30.72 -50.96 -10.51
N GLU P 70 30.98 -50.32 -11.64
CA GLU P 70 32.36 -50.27 -12.10
C GLU P 70 33.25 -49.43 -11.19
N LEU P 71 32.75 -48.28 -10.75
CA LEU P 71 33.53 -47.45 -9.82
C LEU P 71 33.80 -48.14 -8.49
N ILE P 72 32.85 -48.92 -7.99
CA ILE P 72 33.08 -49.68 -6.76
C ILE P 72 34.11 -50.77 -6.97
N VAL P 73 33.91 -51.61 -7.99
CA VAL P 73 34.80 -52.76 -8.14
C VAL P 73 36.22 -52.31 -8.45
N ARG P 74 36.39 -51.24 -9.22
CA ARG P 74 37.72 -50.70 -9.47
C ARG P 74 38.35 -50.10 -8.22
N ALA P 75 37.59 -49.90 -7.14
CA ALA P 75 38.16 -49.57 -5.84
C ALA P 75 38.50 -50.80 -5.01
N VAL P 76 37.59 -51.76 -4.88
CA VAL P 76 37.84 -52.87 -3.97
C VAL P 76 38.70 -53.96 -4.59
N GLY P 77 38.83 -53.97 -5.91
CA GLY P 77 39.72 -54.90 -6.59
C GLY P 77 38.99 -56.07 -7.22
N MET P 78 39.22 -56.23 -8.51
CA MET P 78 38.64 -57.31 -9.29
C MET P 78 39.21 -58.68 -8.91
N THR P 79 38.41 -59.71 -9.20
CA THR P 79 38.84 -61.09 -9.23
C THR P 79 38.27 -61.72 -10.50
N ASP P 80 38.78 -62.90 -10.84
CA ASP P 80 38.39 -63.56 -12.09
C ASP P 80 36.88 -63.52 -12.34
N GLU P 81 36.11 -63.98 -11.36
CA GLU P 81 34.67 -64.11 -11.57
C GLU P 81 33.97 -62.76 -11.62
N ILE P 82 34.43 -61.80 -10.82
CA ILE P 82 33.89 -60.44 -10.91
C ILE P 82 34.21 -59.82 -12.26
N ASP P 83 35.44 -60.01 -12.77
CA ASP P 83 35.78 -59.40 -14.04
C ASP P 83 35.01 -60.02 -15.20
N LEU P 84 34.81 -61.34 -15.18
CA LEU P 84 33.92 -61.98 -16.16
C LEU P 84 32.50 -61.45 -16.06
N ALA P 85 31.99 -61.26 -14.84
CA ALA P 85 30.62 -60.80 -14.68
C ALA P 85 30.46 -59.35 -15.12
N LEU P 86 31.47 -58.51 -14.86
CA LEU P 86 31.45 -57.15 -15.36
C LEU P 86 31.51 -57.09 -16.88
N LEU P 87 32.27 -57.98 -17.52
CA LEU P 87 32.26 -58.02 -18.98
C LEU P 87 30.92 -58.49 -19.56
N LYS P 88 30.30 -59.48 -18.92
CA LYS P 88 28.91 -59.80 -19.25
C LYS P 88 27.98 -58.62 -19.09
N LEU P 89 28.11 -57.86 -18.00
CA LEU P 89 27.27 -56.70 -17.78
C LEU P 89 27.47 -55.62 -18.84
N LYS P 90 28.71 -55.44 -19.30
CA LYS P 90 28.94 -54.50 -20.41
C LYS P 90 28.32 -54.99 -21.72
N ALA P 91 28.44 -56.28 -22.02
CA ALA P 91 27.81 -56.80 -23.23
C ALA P 91 26.29 -56.67 -23.18
N SER P 92 25.68 -56.89 -22.02
CA SER P 92 24.24 -56.73 -21.92
C SER P 92 23.82 -55.27 -21.97
N THR P 93 24.59 -54.37 -21.38
CA THR P 93 24.28 -52.94 -21.50
C THR P 93 24.42 -52.45 -22.93
N ALA P 94 25.33 -53.04 -23.70
CA ALA P 94 25.40 -52.72 -25.12
C ALA P 94 24.20 -53.27 -25.88
N ARG P 95 23.77 -54.49 -25.56
CA ARG P 95 22.56 -55.04 -26.19
C ARG P 95 21.35 -54.15 -25.94
N LEU P 96 21.25 -53.61 -24.73
CA LEU P 96 20.13 -52.73 -24.39
C LEU P 96 20.08 -51.48 -25.26
N LYS P 97 21.22 -50.97 -25.72
CA LYS P 97 21.21 -49.82 -26.61
C LYS P 97 20.62 -50.15 -27.98
N VAL P 98 20.95 -51.29 -28.54
CA VAL P 98 20.33 -51.68 -29.81
C VAL P 98 18.84 -51.96 -29.64
N ALA P 99 18.46 -52.57 -28.52
CA ALA P 99 17.04 -52.80 -28.29
C ALA P 99 16.26 -51.50 -28.12
N THR P 100 16.88 -50.49 -27.50
CA THR P 100 16.25 -49.19 -27.38
C THR P 100 16.14 -48.49 -28.73
N ALA P 101 17.23 -48.46 -29.50
CA ALA P 101 17.14 -47.84 -30.82
C ALA P 101 16.15 -48.55 -31.73
N LEU P 102 15.92 -49.85 -31.54
CA LEU P 102 14.88 -50.50 -32.31
C LEU P 102 13.49 -50.08 -31.85
N LEU P 103 13.25 -49.98 -30.54
CA LEU P 103 11.94 -49.53 -30.10
C LEU P 103 11.67 -48.08 -30.54
N ARG P 104 12.68 -47.23 -30.45
CA ARG P 104 12.62 -45.85 -30.92
C ARG P 104 12.55 -45.70 -32.44
N MET P 105 12.84 -46.75 -33.19
CA MET P 105 12.53 -46.72 -34.61
C MET P 105 11.10 -47.14 -34.91
N ILE P 106 10.65 -48.27 -34.37
CA ILE P 106 9.29 -48.73 -34.66
C ILE P 106 8.24 -47.75 -34.14
N THR P 107 8.52 -47.07 -33.03
CA THR P 107 7.64 -45.99 -32.57
C THR P 107 7.52 -44.85 -33.59
N GLU P 108 8.62 -44.49 -34.25
CA GLU P 108 8.51 -43.41 -35.22
C GLU P 108 7.94 -43.88 -36.55
N GLU P 109 8.17 -45.14 -36.91
CA GLU P 109 7.50 -45.72 -38.07
C GLU P 109 5.99 -45.79 -37.88
N LEU P 110 5.54 -45.79 -36.62
CA LEU P 110 4.12 -45.67 -36.32
C LEU P 110 3.52 -44.29 -36.62
N LYS P 111 4.34 -43.24 -36.78
CA LYS P 111 3.85 -41.96 -37.29
C LYS P 111 3.41 -42.00 -38.75
N LYS P 112 3.70 -43.06 -39.50
CA LYS P 112 3.58 -43.04 -40.95
C LYS P 112 2.73 -44.17 -41.51
N ASN P 113 2.57 -45.29 -40.80
CA ASN P 113 1.58 -46.30 -41.14
C ASN P 113 0.73 -46.67 -39.92
N PRO P 114 0.20 -45.68 -39.21
CA PRO P 114 -0.68 -45.99 -38.06
C PRO P 114 -1.91 -46.75 -38.50
N SER P 115 -2.08 -47.93 -37.92
CA SER P 115 -3.25 -48.77 -38.17
C SER P 115 -3.35 -49.80 -37.05
N GLU P 116 -4.54 -50.35 -36.89
CA GLU P 116 -4.80 -51.28 -35.79
C GLU P 116 -3.85 -52.46 -35.79
N ASP P 117 -3.24 -52.81 -36.93
CA ASP P 117 -2.27 -53.88 -36.95
C ASP P 117 -0.90 -53.43 -36.46
N ALA P 118 -0.46 -52.24 -36.90
CA ALA P 118 0.80 -51.68 -36.43
C ALA P 118 0.83 -51.41 -34.94
N LEU P 119 -0.31 -51.08 -34.33
CA LEU P 119 -0.36 -50.94 -32.89
C LEU P 119 0.00 -52.23 -32.14
N VAL P 120 -0.37 -53.39 -32.69
CA VAL P 120 0.00 -54.64 -32.03
C VAL P 120 1.48 -54.94 -32.22
N GLU P 121 2.05 -54.57 -33.36
CA GLU P 121 3.49 -54.68 -33.53
C GLU P 121 4.22 -53.81 -32.51
N HIS P 122 3.75 -52.58 -32.32
CA HIS P 122 4.40 -51.69 -31.37
C HIS P 122 4.30 -52.23 -29.95
N ASN P 123 3.14 -52.78 -29.58
CA ASN P 123 3.02 -53.38 -28.25
C ASN P 123 3.97 -54.57 -28.07
N ARG P 124 4.16 -55.37 -29.11
CA ARG P 124 5.12 -56.47 -28.99
C ARG P 124 6.57 -55.97 -28.92
N ALA P 125 6.88 -54.87 -29.59
CA ALA P 125 8.20 -54.27 -29.43
C ALA P 125 8.43 -53.76 -28.02
N ILE P 126 7.40 -53.22 -27.38
CA ILE P 126 7.55 -52.80 -25.99
C ILE P 126 7.75 -54.01 -25.08
N VAL P 127 7.08 -55.13 -25.37
CA VAL P 127 7.29 -56.32 -24.57
C VAL P 127 8.70 -56.88 -24.74
N ASN P 128 9.25 -56.84 -25.96
CA ASN P 128 10.63 -57.30 -26.13
C ASN P 128 11.66 -56.38 -25.49
N HIS P 129 11.41 -55.08 -25.47
CA HIS P 129 12.28 -54.19 -24.70
C HIS P 129 12.24 -54.51 -23.22
N ASN P 130 11.04 -54.71 -22.67
CA ASN P 130 10.94 -55.08 -21.27
C ASN P 130 11.67 -56.38 -20.98
N ALA P 131 11.52 -57.38 -21.86
CA ALA P 131 12.23 -58.64 -21.70
C ALA P 131 13.74 -58.51 -21.77
N ILE P 132 14.28 -57.44 -22.37
CA ILE P 132 15.74 -57.25 -22.34
C ILE P 132 16.19 -56.43 -21.12
N ILE P 133 15.34 -55.56 -20.61
CA ILE P 133 15.67 -54.88 -19.36
C ILE P 133 15.71 -55.86 -18.20
N VAL P 134 14.81 -56.84 -18.20
CA VAL P 134 14.86 -57.87 -17.16
C VAL P 134 16.19 -58.61 -17.17
N GLU P 135 16.75 -58.90 -18.34
CA GLU P 135 18.05 -59.54 -18.40
C GLU P 135 19.15 -58.65 -17.83
N ASN P 136 19.12 -57.36 -18.17
CA ASN P 136 20.12 -56.46 -17.62
C ASN P 136 20.06 -56.42 -16.09
N ASN P 137 18.85 -56.44 -15.52
CA ASN P 137 18.73 -56.49 -14.07
C ASN P 137 19.22 -57.81 -13.47
N ARG P 138 19.02 -58.92 -14.17
CA ARG P 138 19.49 -60.20 -13.63
C ARG P 138 21.01 -60.30 -13.63
N ILE P 139 21.66 -59.62 -14.56
CA ILE P 139 23.12 -59.59 -14.55
C ILE P 139 23.64 -58.65 -13.47
N ILE P 140 23.02 -57.48 -13.30
CA ILE P 140 23.45 -56.59 -12.22
C ILE P 140 23.27 -57.24 -10.85
N ALA P 141 22.15 -57.94 -10.64
CA ALA P 141 21.98 -58.64 -9.37
C ALA P 141 23.01 -59.77 -9.16
N ALA P 142 23.43 -60.44 -10.24
CA ALA P 142 24.50 -61.42 -10.07
C ALA P 142 25.83 -60.77 -9.70
N VAL P 143 26.19 -59.66 -10.36
CA VAL P 143 27.39 -58.92 -9.99
C VAL P 143 27.34 -58.47 -8.53
N LEU P 144 26.19 -57.98 -8.07
CA LEU P 144 26.11 -57.55 -6.67
C LEU P 144 26.30 -58.72 -5.69
N GLU P 145 25.65 -59.86 -5.93
CA GLU P 145 25.88 -60.98 -5.03
C GLU P 145 27.34 -61.44 -5.03
N LEU P 146 28.01 -61.33 -6.19
CA LEU P 146 29.44 -61.64 -6.22
C LEU P 146 30.25 -60.66 -5.39
N ILE P 147 30.00 -59.37 -5.54
CA ILE P 147 30.78 -58.39 -4.78
C ILE P 147 30.55 -58.55 -3.29
N VAL P 148 29.31 -58.86 -2.89
CA VAL P 148 29.02 -59.03 -1.47
C VAL P 148 29.77 -60.23 -0.91
N ARG P 149 29.80 -61.36 -1.63
CA ARG P 149 30.59 -62.48 -1.14
C ARG P 149 32.09 -62.19 -1.11
N ALA P 150 32.61 -61.49 -2.11
CA ALA P 150 34.03 -61.14 -2.12
C ALA P 150 34.46 -60.27 -0.94
N LEU P 151 33.63 -59.32 -0.52
CA LEU P 151 33.92 -58.52 0.67
C LEU P 151 33.62 -59.23 1.99
N ASN P 152 33.08 -60.45 1.98
CA ASN P 152 32.74 -61.15 3.22
C ASN P 152 31.87 -60.27 4.12
N LEU P 153 30.91 -59.61 3.49
CA LEU P 153 30.15 -58.52 4.11
C LEU P 153 28.92 -59.13 4.78
N THR P 154 29.02 -59.39 6.08
CA THR P 154 28.08 -60.23 6.80
C THR P 154 27.03 -59.46 7.58
N ASP P 155 26.98 -58.14 7.48
CA ASP P 155 25.97 -57.36 8.19
C ASP P 155 24.57 -57.89 7.92
N GLU P 156 23.72 -57.85 8.95
CA GLU P 156 22.34 -58.29 8.81
C GLU P 156 21.52 -57.41 7.87
N GLU P 157 21.80 -56.10 7.83
CA GLU P 157 21.15 -55.25 6.83
C GLU P 157 21.44 -55.70 5.42
N VAL P 158 22.69 -56.07 5.14
CA VAL P 158 23.04 -56.57 3.80
C VAL P 158 22.44 -57.94 3.57
N ARG P 159 22.56 -58.84 4.54
CA ARG P 159 21.98 -60.16 4.36
C ARG P 159 20.50 -60.07 4.01
N LYS P 160 19.74 -59.34 4.81
CA LYS P 160 18.31 -59.17 4.54
C LYS P 160 18.03 -58.44 3.23
N ALA P 161 18.87 -57.47 2.85
CA ALA P 161 18.69 -56.80 1.56
C ALA P 161 18.95 -57.72 0.38
N LEU P 162 19.88 -58.65 0.49
CA LEU P 162 20.01 -59.66 -0.56
C LEU P 162 18.85 -60.63 -0.54
N GLU P 163 18.42 -61.08 0.64
CA GLU P 163 17.26 -61.98 0.69
C GLU P 163 16.03 -61.33 0.05
N GLU P 164 15.93 -60.00 0.11
CA GLU P 164 14.88 -59.29 -0.65
C GLU P 164 15.18 -59.20 -2.14
N LEU P 165 16.45 -58.97 -2.51
CA LEU P 165 16.79 -58.81 -3.91
C LEU P 165 16.57 -60.09 -4.70
N LYS P 166 16.93 -61.24 -4.14
CA LYS P 166 16.71 -62.52 -4.81
C LYS P 166 15.24 -62.80 -5.03
N ALA P 167 14.41 -62.61 -4.01
CA ALA P 167 12.97 -62.81 -4.19
C ALA P 167 12.37 -61.85 -5.19
N SER P 168 12.81 -60.59 -5.20
CA SER P 168 12.31 -59.67 -6.22
C SER P 168 12.77 -60.06 -7.63
N THR P 169 13.96 -60.63 -7.76
CA THR P 169 14.41 -61.11 -9.07
C THR P 169 13.59 -62.30 -9.55
N ALA P 170 13.28 -63.24 -8.67
CA ALA P 170 12.42 -64.35 -9.08
C ALA P 170 11.00 -63.89 -9.40
N GLU P 171 10.48 -62.95 -8.62
CA GLU P 171 9.18 -62.35 -8.94
C GLU P 171 9.19 -61.69 -10.30
N LEU P 172 10.31 -61.07 -10.68
CA LEU P 172 10.39 -60.43 -11.99
C LEU P 172 10.55 -61.41 -13.12
N LYS P 173 11.25 -62.52 -12.91
CA LYS P 173 11.27 -63.60 -13.88
C LYS P 173 9.87 -64.15 -14.14
N ARG P 174 9.15 -64.53 -13.07
CA ARG P 174 7.79 -65.03 -13.24
C ARG P 174 6.88 -64.02 -13.94
N ALA P 175 7.00 -62.74 -13.60
CA ALA P 175 6.17 -61.75 -14.28
C ALA P 175 6.54 -61.57 -15.75
N THR P 176 7.81 -61.76 -16.10
CA THR P 176 8.18 -61.62 -17.50
C THR P 176 7.66 -62.79 -18.33
N ALA P 177 7.81 -64.02 -17.81
CA ALA P 177 7.25 -65.16 -18.49
C ALA P 177 5.73 -65.04 -18.65
N SER P 178 5.04 -64.54 -17.64
CA SER P 178 3.60 -64.31 -17.78
C SER P 178 3.26 -63.24 -18.81
N LEU P 179 4.02 -62.14 -18.86
CA LEU P 179 3.77 -61.13 -19.88
C LEU P 179 4.00 -61.64 -21.29
N ARG P 180 5.05 -62.43 -21.51
CA ARG P 180 5.24 -63.02 -22.83
C ARG P 180 4.16 -64.05 -23.16
N ALA P 181 3.70 -64.80 -22.17
CA ALA P 181 2.60 -65.73 -22.42
C ALA P 181 1.34 -65.00 -22.87
N ILE P 182 0.92 -63.96 -22.16
CA ILE P 182 -0.25 -63.23 -22.62
C ILE P 182 0.01 -62.51 -23.94
N THR P 183 1.25 -62.10 -24.20
CA THR P 183 1.53 -61.45 -25.48
C THR P 183 1.36 -62.41 -26.65
N GLU P 184 1.64 -63.69 -26.44
CA GLU P 184 1.33 -64.69 -27.47
C GLU P 184 -0.17 -64.78 -27.73
N GLU P 185 -0.98 -64.73 -26.67
CA GLU P 185 -2.43 -64.76 -26.83
C GLU P 185 -2.95 -63.52 -27.56
N LEU P 186 -2.35 -62.36 -27.30
CA LEU P 186 -2.65 -61.18 -28.11
C LEU P 186 -2.23 -61.36 -29.56
N LYS P 187 -1.10 -62.00 -29.80
CA LYS P 187 -0.65 -62.25 -31.15
C LYS P 187 -1.63 -63.15 -31.91
N LYS P 188 -2.22 -64.13 -31.21
CA LYS P 188 -3.31 -64.91 -31.80
C LYS P 188 -4.57 -64.08 -32.02
N ASN P 189 -5.00 -63.30 -31.03
CA ASN P 189 -6.32 -62.68 -31.04
C ASN P 189 -6.24 -61.16 -31.01
N PRO P 190 -5.69 -60.55 -32.08
CA PRO P 190 -5.45 -59.11 -32.09
C PRO P 190 -6.74 -58.31 -32.11
N SER P 191 -6.96 -57.52 -31.06
CA SER P 191 -8.13 -56.66 -30.98
C SER P 191 -7.85 -55.47 -30.08
N GLU P 192 -8.59 -54.38 -30.33
CA GLU P 192 -8.65 -53.26 -29.39
C GLU P 192 -9.01 -53.71 -27.98
N ASP P 193 -9.93 -54.68 -27.88
CA ASP P 193 -10.32 -55.19 -26.58
C ASP P 193 -9.14 -55.82 -25.86
N ALA P 194 -8.37 -56.64 -26.57
CA ALA P 194 -7.19 -57.22 -25.95
C ALA P 194 -6.05 -56.22 -25.85
N LEU P 195 -5.96 -55.24 -26.74
CA LEU P 195 -4.93 -54.22 -26.60
C LEU P 195 -5.08 -53.45 -25.29
N VAL P 196 -6.32 -53.13 -24.91
CA VAL P 196 -6.57 -52.36 -23.69
C VAL P 196 -6.11 -53.12 -22.45
N GLU P 197 -6.41 -54.41 -22.39
CA GLU P 197 -6.00 -55.25 -21.25
C GLU P 197 -4.56 -55.72 -21.30
N HIS P 198 -3.93 -55.69 -22.47
CA HIS P 198 -2.49 -55.94 -22.57
C HIS P 198 -1.67 -54.73 -22.12
N ASN P 199 -2.14 -53.52 -22.41
CA ASN P 199 -1.47 -52.33 -21.89
C ASN P 199 -1.35 -52.35 -20.37
N ARG P 200 -2.39 -52.81 -19.68
CA ARG P 200 -2.29 -52.95 -18.22
C ARG P 200 -1.21 -53.95 -17.83
N ALA P 201 -1.08 -55.05 -18.57
CA ALA P 201 -0.07 -56.05 -18.23
C ALA P 201 1.32 -55.48 -18.39
N ILE P 202 1.50 -54.60 -19.38
CA ILE P 202 2.77 -53.90 -19.50
C ILE P 202 3.01 -53.00 -18.30
N VAL P 203 2.03 -52.17 -17.95
CA VAL P 203 2.25 -51.25 -16.84
C VAL P 203 2.50 -52.00 -15.53
N GLU P 204 1.86 -53.15 -15.34
CA GLU P 204 2.08 -54.00 -14.19
C GLU P 204 3.39 -54.79 -14.24
N HIS P 205 4.05 -54.84 -15.38
CA HIS P 205 5.41 -55.39 -15.41
C HIS P 205 6.45 -54.31 -15.16
N ASN P 206 6.29 -53.15 -15.77
CA ASN P 206 7.09 -51.98 -15.42
C ASN P 206 7.10 -51.67 -13.92
N ALA P 207 5.96 -51.86 -13.25
CA ALA P 207 5.96 -51.66 -11.80
C ALA P 207 6.92 -52.60 -11.07
N ILE P 208 7.04 -53.84 -11.55
CA ILE P 208 7.96 -54.78 -10.92
C ILE P 208 9.40 -54.47 -11.26
N ILE P 209 9.66 -53.94 -12.45
CA ILE P 209 11.02 -53.50 -12.77
C ILE P 209 11.44 -52.38 -11.81
N VAL P 210 10.58 -51.39 -11.62
CA VAL P 210 10.95 -50.29 -10.73
C VAL P 210 11.08 -50.77 -9.28
N GLU P 211 10.22 -51.70 -8.86
CA GLU P 211 10.38 -52.31 -7.54
C GLU P 211 11.58 -53.22 -7.43
N ASN P 212 12.31 -53.46 -8.52
CA ASN P 212 13.58 -54.16 -8.44
C ASN P 212 14.76 -53.20 -8.42
N ASN P 213 14.74 -52.19 -9.29
CA ASN P 213 15.77 -51.16 -9.23
C ASN P 213 15.85 -50.51 -7.85
N ARG P 214 14.73 -50.39 -7.14
CA ARG P 214 14.77 -49.90 -5.77
C ARG P 214 15.65 -50.74 -4.85
N ILE P 215 15.62 -52.06 -5.01
CA ILE P 215 16.43 -52.90 -4.15
C ILE P 215 17.87 -52.95 -4.62
N ILE P 216 18.12 -52.86 -5.92
CA ILE P 216 19.50 -52.78 -6.38
C ILE P 216 20.18 -51.52 -5.85
N ALA P 217 19.49 -50.38 -5.90
CA ALA P 217 20.06 -49.17 -5.30
C ALA P 217 20.23 -49.27 -3.80
N LEU P 218 19.33 -49.98 -3.10
CA LEU P 218 19.54 -50.17 -1.67
C LEU P 218 20.81 -50.96 -1.40
N VAL P 219 20.93 -52.15 -2.00
CA VAL P 219 22.14 -52.95 -1.78
C VAL P 219 23.40 -52.19 -2.16
N LEU P 220 23.36 -51.37 -3.23
CA LEU P 220 24.52 -50.53 -3.54
C LEU P 220 24.87 -49.57 -2.42
N LEU P 221 23.86 -49.02 -1.75
CA LEU P 221 24.16 -48.10 -0.66
C LEU P 221 24.73 -48.86 0.53
N LEU P 222 24.11 -49.96 0.90
CA LEU P 222 24.59 -50.73 2.04
C LEU P 222 26.01 -51.23 1.82
N ILE P 223 26.38 -51.52 0.58
CA ILE P 223 27.77 -51.89 0.29
C ILE P 223 28.68 -50.70 0.44
N VAL P 224 28.36 -49.57 -0.19
CA VAL P 224 29.29 -48.45 -0.11
C VAL P 224 29.45 -47.95 1.31
N LEU P 225 28.41 -48.06 2.14
CA LEU P 225 28.56 -47.73 3.56
C LEU P 225 29.33 -48.79 4.34
N ALA P 226 29.32 -50.05 3.89
CA ALA P 226 30.04 -51.05 4.65
C ALA P 226 31.53 -51.06 4.36
N ILE P 227 31.95 -50.69 3.16
CA ILE P 227 33.37 -50.61 2.86
C ILE P 227 33.95 -49.33 3.44
N GLY Q 2 51.62 -16.90 -37.65
CA GLY Q 2 50.13 -16.97 -37.66
C GLY Q 2 49.50 -15.79 -38.36
N SER Q 3 48.19 -15.85 -38.57
CA SER Q 3 47.47 -14.76 -39.20
C SER Q 3 47.20 -13.65 -38.18
N GLU Q 4 46.69 -12.53 -38.69
CA GLU Q 4 46.48 -11.35 -37.87
C GLU Q 4 45.62 -11.66 -36.64
N GLU Q 5 44.62 -12.53 -36.79
CA GLU Q 5 43.74 -12.81 -35.66
C GLU Q 5 44.45 -13.60 -34.56
N GLU Q 6 45.44 -14.41 -34.92
CA GLU Q 6 46.16 -15.17 -33.89
C GLU Q 6 47.06 -14.24 -33.09
N ILE Q 7 47.76 -13.35 -33.78
CA ILE Q 7 48.59 -12.38 -33.07
C ILE Q 7 47.72 -11.46 -32.22
N ALA Q 8 46.59 -11.03 -32.74
CA ALA Q 8 45.71 -10.16 -31.96
C ALA Q 8 45.16 -10.85 -30.70
N LYS Q 9 44.78 -12.12 -30.81
CA LYS Q 9 44.43 -12.88 -29.61
C LYS Q 9 45.58 -13.02 -28.62
N ALA Q 10 46.79 -13.27 -29.12
CA ALA Q 10 47.94 -13.39 -28.23
C ALA Q 10 48.32 -12.08 -27.57
N LEU Q 11 48.14 -10.97 -28.26
CA LEU Q 11 48.35 -9.66 -27.64
C LEU Q 11 47.25 -9.27 -26.67
N GLU Q 12 46.02 -9.74 -26.87
CA GLU Q 12 45.01 -9.56 -25.84
C GLU Q 12 45.34 -10.37 -24.58
N GLU Q 13 45.81 -11.61 -24.76
CA GLU Q 13 46.32 -12.37 -23.61
C GLU Q 13 47.48 -11.67 -22.93
N LEU Q 14 48.34 -11.02 -23.70
CA LEU Q 14 49.51 -10.34 -23.15
C LEU Q 14 49.11 -9.14 -22.32
N VAL Q 15 48.25 -8.27 -22.86
CA VAL Q 15 47.88 -7.07 -22.14
C VAL Q 15 47.01 -7.40 -20.91
N ALA Q 16 46.13 -8.40 -21.00
CA ALA Q 16 45.44 -8.84 -19.80
C ALA Q 16 46.37 -9.43 -18.74
N SER Q 17 47.41 -10.15 -19.15
CA SER Q 17 48.43 -10.60 -18.22
C SER Q 17 49.19 -9.44 -17.57
N LEU Q 18 49.49 -8.39 -18.33
CA LEU Q 18 50.10 -7.22 -17.72
C LEU Q 18 49.17 -6.52 -16.73
N ALA Q 19 47.90 -6.41 -17.06
CA ALA Q 19 46.98 -5.75 -16.13
C ALA Q 19 46.81 -6.56 -14.85
N GLU Q 20 46.94 -7.88 -14.91
CA GLU Q 20 46.99 -8.69 -13.70
C GLU Q 20 48.31 -8.54 -12.93
N LEU Q 21 49.44 -8.55 -13.63
CA LEU Q 21 50.75 -8.39 -13.00
C LEU Q 21 51.00 -7.01 -12.37
N LYS Q 22 50.44 -5.94 -12.92
CA LYS Q 22 50.58 -4.63 -12.27
C LYS Q 22 49.80 -4.53 -10.97
N ARG Q 23 48.58 -5.06 -10.94
CA ARG Q 23 47.83 -5.12 -9.69
C ARG Q 23 48.54 -5.98 -8.65
N ALA Q 24 49.04 -7.15 -9.06
CA ALA Q 24 49.77 -7.96 -8.10
C ALA Q 24 51.05 -7.29 -7.61
N THR Q 25 51.70 -6.47 -8.45
CA THR Q 25 52.87 -5.73 -8.00
C THR Q 25 52.50 -4.70 -6.94
N LEU Q 26 51.44 -3.92 -7.20
CA LEU Q 26 51.03 -2.92 -6.24
C LEU Q 26 50.64 -3.55 -4.91
N LYS Q 27 49.88 -4.64 -4.95
CA LYS Q 27 49.49 -5.29 -3.71
C LYS Q 27 50.68 -5.92 -2.99
N LEU Q 28 51.69 -6.40 -3.71
CA LEU Q 28 52.87 -6.94 -3.05
C LEU Q 28 53.72 -5.88 -2.39
N LEU Q 29 53.80 -4.69 -2.98
CA LEU Q 29 54.40 -3.57 -2.26
C LEU Q 29 53.58 -3.18 -1.04
N ASP Q 30 52.25 -3.12 -1.16
CA ASP Q 30 51.43 -2.76 -0.02
C ASP Q 30 51.60 -3.73 1.15
N ILE Q 31 51.57 -5.04 0.88
CA ILE Q 31 51.82 -6.00 1.96
C ILE Q 31 53.30 -6.06 2.34
N THR Q 32 54.16 -5.35 1.62
CA THR Q 32 55.53 -5.17 2.07
C THR Q 32 55.70 -3.95 2.95
N ASP Q 33 54.74 -3.01 2.90
CA ASP Q 33 54.89 -1.72 3.57
C ASP Q 33 54.91 -1.80 5.09
N LYS Q 34 53.80 -2.20 5.72
CA LYS Q 34 53.72 -2.20 7.17
C LYS Q 34 53.06 -3.47 7.69
N LEU Q 35 53.63 -4.00 8.78
CA LEU Q 35 52.92 -4.91 9.67
C LEU Q 35 53.65 -4.89 11.01
N LYS Q 36 52.94 -4.50 12.07
CA LYS Q 36 53.54 -4.48 13.40
C LYS Q 36 53.76 -5.89 13.94
N LYS Q 37 52.75 -6.75 13.83
CA LYS Q 37 52.77 -8.01 14.54
C LYS Q 37 53.79 -8.98 13.93
N ASN Q 38 54.25 -9.96 14.79
CA ASN Q 38 55.33 -10.90 14.49
C ASN Q 38 54.79 -12.21 13.96
N PRO Q 39 55.56 -12.87 13.10
CA PRO Q 39 55.04 -14.01 12.33
C PRO Q 39 54.95 -15.30 13.13
N SER Q 40 54.15 -16.22 12.59
CA SER Q 40 53.83 -17.51 13.19
C SER Q 40 54.80 -18.59 12.68
N GLU Q 41 54.55 -19.83 13.10
CA GLU Q 41 55.21 -20.97 12.47
C GLU Q 41 54.67 -21.22 11.05
N SER Q 42 53.37 -21.06 10.85
CA SER Q 42 52.82 -21.12 9.50
C SER Q 42 53.35 -19.99 8.61
N ALA Q 43 53.80 -18.89 9.20
CA ALA Q 43 54.49 -17.82 8.48
C ALA Q 43 55.96 -18.12 8.23
N LEU Q 44 56.48 -19.25 8.69
CA LEU Q 44 57.71 -19.81 8.15
C LEU Q 44 57.45 -20.75 6.98
N VAL Q 45 56.49 -21.65 7.14
CA VAL Q 45 56.09 -22.58 6.08
C VAL Q 45 55.65 -21.85 4.81
N SER Q 46 55.24 -20.59 4.91
CA SER Q 46 54.88 -19.81 3.73
C SER Q 46 55.69 -18.52 3.64
N HIS Q 47 56.96 -18.61 4.01
CA HIS Q 47 57.79 -17.43 4.26
C HIS Q 47 57.63 -16.30 3.24
N ASN Q 48 57.79 -16.60 1.95
CA ASN Q 48 57.73 -15.58 0.92
C ASN Q 48 56.69 -15.88 -0.15
N LYS Q 49 55.63 -16.59 0.19
CA LYS Q 49 54.79 -17.18 -0.86
C LYS Q 49 54.29 -16.14 -1.87
N ALA Q 50 54.04 -14.91 -1.44
CA ALA Q 50 53.58 -13.89 -2.37
C ALA Q 50 54.65 -13.45 -3.38
N ILE Q 51 55.93 -13.63 -3.06
CA ILE Q 51 56.97 -13.34 -4.04
C ILE Q 51 57.09 -14.47 -5.06
N VAL Q 52 57.11 -15.71 -4.61
CA VAL Q 52 57.22 -16.83 -5.54
C VAL Q 52 56.00 -16.89 -6.45
N GLU Q 53 54.82 -16.61 -5.89
CA GLU Q 53 53.63 -16.44 -6.73
C GLU Q 53 53.70 -15.24 -7.67
N HIS Q 54 54.45 -14.20 -7.34
CA HIS Q 54 54.60 -13.09 -8.29
C HIS Q 54 55.56 -13.44 -9.42
N ASN Q 55 56.71 -13.98 -9.07
CA ASN Q 55 57.67 -14.47 -10.06
C ASN Q 55 57.06 -15.45 -11.03
N ALA Q 56 56.20 -16.35 -10.56
CA ALA Q 56 55.51 -17.25 -11.50
C ALA Q 56 54.67 -16.50 -12.53
N ILE Q 57 54.08 -15.37 -12.15
CA ILE Q 57 53.32 -14.59 -13.13
C ILE Q 57 54.25 -13.90 -14.11
N ILE Q 58 55.42 -13.45 -13.64
CA ILE Q 58 56.35 -12.83 -14.58
C ILE Q 58 56.84 -13.85 -15.60
N VAL Q 59 57.19 -15.04 -15.14
CA VAL Q 59 57.62 -16.13 -16.03
C VAL Q 59 56.54 -16.50 -17.05
N GLU Q 60 55.27 -16.51 -16.63
CA GLU Q 60 54.19 -16.74 -17.58
C GLU Q 60 53.99 -15.59 -18.55
N ASN Q 61 54.26 -14.36 -18.14
CA ASN Q 61 54.17 -13.25 -19.08
C ASN Q 61 55.29 -13.31 -20.12
N ASN Q 62 56.51 -13.60 -19.69
CA ASN Q 62 57.62 -13.79 -20.62
C ASN Q 62 57.38 -14.92 -21.61
N ARG Q 63 56.73 -16.00 -21.19
CA ARG Q 63 56.42 -17.07 -22.14
C ARG Q 63 55.48 -16.60 -23.26
N ILE Q 64 54.51 -15.75 -22.93
CA ILE Q 64 53.60 -15.26 -23.95
C ILE Q 64 54.29 -14.27 -24.87
N ILE Q 65 55.12 -13.38 -24.29
CA ILE Q 65 55.89 -12.48 -25.14
C ILE Q 65 56.73 -13.25 -26.15
N ALA Q 66 57.41 -14.32 -25.70
CA ALA Q 66 58.20 -15.11 -26.65
C ALA Q 66 57.35 -15.84 -27.68
N ALA Q 67 56.13 -16.21 -27.33
CA ALA Q 67 55.25 -16.82 -28.34
C ALA Q 67 54.76 -15.80 -29.36
N VAL Q 68 54.51 -14.57 -28.93
CA VAL Q 68 54.18 -13.53 -29.90
C VAL Q 68 55.37 -13.19 -30.78
N LEU Q 69 56.57 -13.13 -30.21
CA LEU Q 69 57.73 -12.86 -31.06
C LEU Q 69 57.89 -13.91 -32.13
N GLU Q 70 57.65 -15.18 -31.78
CA GLU Q 70 57.76 -16.22 -32.81
C GLU Q 70 56.66 -16.09 -33.87
N LEU Q 71 55.42 -15.80 -33.45
CA LEU Q 71 54.34 -15.61 -34.41
C LEU Q 71 54.57 -14.42 -35.33
N ILE Q 72 55.17 -13.34 -34.82
CA ILE Q 72 55.50 -12.18 -35.64
C ILE Q 72 56.61 -12.52 -36.64
N VAL Q 73 57.72 -13.06 -36.15
CA VAL Q 73 58.86 -13.25 -37.03
C VAL Q 73 58.54 -14.29 -38.10
N ARG Q 74 57.78 -15.33 -37.76
CA ARG Q 74 57.36 -16.29 -38.76
C ARG Q 74 56.39 -15.72 -39.78
N ALA Q 75 55.85 -14.51 -39.53
CA ALA Q 75 55.11 -13.78 -40.55
C ALA Q 75 55.99 -12.88 -41.41
N VAL Q 76 56.85 -12.07 -40.78
CA VAL Q 76 57.62 -11.08 -41.56
C VAL Q 76 58.86 -11.68 -42.20
N GLY Q 77 59.30 -12.85 -41.75
CA GLY Q 77 60.40 -13.56 -42.37
C GLY Q 77 61.70 -13.41 -41.62
N MET Q 78 62.28 -14.56 -41.29
CA MET Q 78 63.54 -14.65 -40.58
C MET Q 78 64.71 -14.19 -41.45
N THR Q 79 65.77 -13.77 -40.77
CA THR Q 79 67.09 -13.61 -41.36
C THR Q 79 68.11 -14.24 -40.41
N ASP Q 80 69.33 -14.42 -40.91
CA ASP Q 80 70.36 -15.13 -40.14
C ASP Q 80 70.42 -14.66 -38.69
N GLU Q 81 70.56 -13.34 -38.49
CA GLU Q 81 70.78 -12.82 -37.14
C GLU Q 81 69.51 -12.93 -36.29
N ILE Q 82 68.35 -12.73 -36.90
CA ILE Q 82 67.11 -12.93 -36.16
C ILE Q 82 66.94 -14.39 -35.78
N ASP Q 83 67.27 -15.32 -36.68
CA ASP Q 83 67.09 -16.73 -36.34
C ASP Q 83 68.05 -17.17 -35.25
N LEU Q 84 69.30 -16.69 -35.28
CA LEU Q 84 70.20 -16.92 -34.16
C LEU Q 84 69.68 -16.34 -32.85
N ALA Q 85 69.11 -15.14 -32.91
CA ALA Q 85 68.62 -14.52 -31.68
C ALA Q 85 67.39 -15.22 -31.14
N LEU Q 86 66.52 -15.69 -32.02
CA LEU Q 86 65.38 -16.49 -31.58
C LEU Q 86 65.81 -17.82 -30.98
N LEU Q 87 66.85 -18.46 -31.52
CA LEU Q 87 67.33 -19.69 -30.90
C LEU Q 87 67.98 -19.43 -29.53
N LYS Q 88 68.72 -18.34 -29.38
CA LYS Q 88 69.14 -17.91 -28.05
C LYS Q 88 67.95 -17.69 -27.12
N LEU Q 89 66.89 -17.04 -27.60
CA LEU Q 89 65.72 -16.81 -26.78
C LEU Q 89 65.05 -18.11 -26.35
N LYS Q 90 65.03 -19.11 -27.23
CA LYS Q 90 64.50 -20.42 -26.85
C LYS Q 90 65.37 -21.11 -25.81
N ALA Q 91 66.69 -21.06 -25.96
CA ALA Q 91 67.56 -21.64 -24.95
C ALA Q 91 67.42 -20.96 -23.60
N SER Q 92 67.25 -19.64 -23.59
CA SER Q 92 67.05 -18.95 -22.31
C SER Q 92 65.68 -19.24 -21.70
N THR Q 93 64.64 -19.33 -22.52
CA THR Q 93 63.34 -19.71 -22.00
C THR Q 93 63.33 -21.12 -21.46
N ALA Q 94 64.13 -22.02 -22.04
CA ALA Q 94 64.28 -23.35 -21.44
C ALA Q 94 65.04 -23.30 -20.12
N ARG Q 95 66.09 -22.50 -20.04
CA ARG Q 95 66.80 -22.34 -18.77
C ARG Q 95 65.87 -21.82 -17.67
N LEU Q 96 64.97 -20.91 -18.02
CA LEU Q 96 64.03 -20.36 -17.04
C LEU Q 96 63.12 -21.43 -16.44
N LYS Q 97 62.78 -22.48 -17.20
CA LYS Q 97 61.96 -23.55 -16.63
C LYS Q 97 62.68 -24.34 -15.55
N VAL Q 98 63.96 -24.66 -15.77
CA VAL Q 98 64.72 -25.34 -14.73
C VAL Q 98 64.93 -24.43 -13.52
N ALA Q 99 65.16 -23.14 -13.74
CA ALA Q 99 65.31 -22.24 -12.60
C ALA Q 99 64.02 -22.12 -11.81
N THR Q 100 62.87 -22.15 -12.48
CA THR Q 100 61.60 -22.12 -11.77
C THR Q 100 61.36 -23.40 -11.00
N ALA Q 101 61.58 -24.56 -11.62
CA ALA Q 101 61.41 -25.81 -10.89
C ALA Q 101 62.37 -25.93 -9.72
N LEU Q 102 63.54 -25.29 -9.79
CA LEU Q 102 64.40 -25.29 -8.62
C LEU Q 102 63.85 -24.40 -7.50
N LEU Q 103 63.36 -23.21 -7.84
CA LEU Q 103 62.78 -22.38 -6.78
C LEU Q 103 61.56 -23.05 -6.15
N ARG Q 104 60.72 -23.66 -6.98
CA ARG Q 104 59.56 -24.42 -6.53
C ARG Q 104 59.90 -25.71 -5.81
N MET Q 105 61.14 -26.19 -5.88
CA MET Q 105 61.57 -27.26 -5.00
C MET Q 105 62.06 -26.74 -3.65
N ILE Q 106 62.95 -25.76 -3.65
CA ILE Q 106 63.48 -25.25 -2.38
C ILE Q 106 62.38 -24.64 -1.52
N THR Q 107 61.38 -24.03 -2.12
CA THR Q 107 60.22 -23.56 -1.37
C THR Q 107 59.48 -24.69 -0.66
N GLU Q 108 59.34 -25.85 -1.29
CA GLU Q 108 58.64 -26.93 -0.61
C GLU Q 108 59.54 -27.66 0.38
N GLU Q 109 60.83 -27.71 0.12
CA GLU Q 109 61.77 -28.23 1.11
C GLU Q 109 61.81 -27.36 2.35
N LEU Q 110 61.39 -26.10 2.24
CA LEU Q 110 61.19 -25.24 3.40
C LEU Q 110 60.00 -25.62 4.28
N LYS Q 111 59.06 -26.42 3.78
CA LYS Q 111 58.03 -27.02 4.64
C LYS Q 111 58.55 -28.06 5.61
N LYS Q 112 59.80 -28.50 5.49
CA LYS Q 112 60.25 -29.69 6.20
C LYS Q 112 61.52 -29.47 7.03
N ASN Q 113 62.32 -28.46 6.72
CA ASN Q 113 63.41 -28.01 7.61
C ASN Q 113 63.34 -26.50 7.81
N PRO Q 114 62.17 -25.97 8.15
CA PRO Q 114 62.06 -24.52 8.41
C PRO Q 114 62.93 -24.11 9.58
N SER Q 115 63.85 -23.18 9.30
CA SER Q 115 64.72 -22.60 10.31
C SER Q 115 65.28 -21.30 9.76
N GLU Q 116 65.75 -20.44 10.67
CA GLU Q 116 66.24 -19.13 10.29
C GLU Q 116 67.36 -19.19 9.27
N ASP Q 117 68.07 -20.31 9.17
CA ASP Q 117 69.10 -20.46 8.14
C ASP Q 117 68.52 -20.81 6.77
N ALA Q 118 67.55 -21.72 6.75
CA ALA Q 118 66.88 -22.07 5.50
C ALA Q 118 66.15 -20.90 4.87
N LEU Q 119 65.65 -19.96 5.67
CA LEU Q 119 65.05 -18.76 5.11
C LEU Q 119 66.04 -17.95 4.28
N VAL Q 120 67.32 -17.93 4.67
CA VAL Q 120 68.31 -17.19 3.89
C VAL Q 120 68.64 -17.95 2.60
N GLU Q 121 68.63 -19.27 2.64
CA GLU Q 121 68.77 -20.04 1.41
C GLU Q 121 67.63 -19.75 0.46
N HIS Q 122 66.39 -19.71 0.98
CA HIS Q 122 65.25 -19.45 0.12
C HIS Q 122 65.31 -18.05 -0.49
N ASN Q 123 65.73 -17.05 0.30
CA ASN Q 123 65.90 -15.71 -0.29
C ASN Q 123 66.97 -15.68 -1.37
N ARG Q 124 68.06 -16.43 -1.19
CA ARG Q 124 69.06 -16.47 -2.24
C ARG Q 124 68.56 -17.20 -3.50
N ALA Q 125 67.71 -18.20 -3.33
CA ALA Q 125 67.08 -18.82 -4.48
C ALA Q 125 66.16 -17.86 -5.22
N ILE Q 126 65.45 -17.01 -4.48
CA ILE Q 126 64.63 -16.01 -5.15
C ILE Q 126 65.48 -14.97 -5.88
N VAL Q 127 66.63 -14.61 -5.33
CA VAL Q 127 67.50 -13.69 -6.04
C VAL Q 127 68.08 -14.31 -7.31
N ASN Q 128 68.42 -15.60 -7.28
CA ASN Q 128 68.91 -16.24 -8.49
C ASN Q 128 67.83 -16.42 -9.55
N HIS Q 129 66.59 -16.66 -9.14
CA HIS Q 129 65.51 -16.68 -10.12
C HIS Q 129 65.32 -15.30 -10.76
N ASN Q 130 65.32 -14.25 -9.96
CA ASN Q 130 65.22 -12.90 -10.50
C ASN Q 130 66.38 -12.60 -11.46
N ALA Q 131 67.59 -12.98 -11.09
CA ALA Q 131 68.75 -12.79 -11.97
C ALA Q 131 68.65 -13.57 -13.27
N ILE Q 132 67.83 -14.62 -13.34
CA ILE Q 132 67.65 -15.29 -14.63
C ILE Q 132 66.48 -14.70 -15.43
N ILE Q 133 65.48 -14.14 -14.75
CA ILE Q 133 64.43 -13.44 -15.47
C ILE Q 133 64.98 -12.18 -16.13
N VAL Q 134 65.89 -11.49 -15.47
CA VAL Q 134 66.52 -10.33 -16.09
C VAL Q 134 67.24 -10.70 -17.38
N GLU Q 135 67.91 -11.86 -17.41
CA GLU Q 135 68.57 -12.29 -18.64
C GLU Q 135 67.55 -12.58 -19.74
N ASN Q 136 66.46 -13.25 -19.39
CA ASN Q 136 65.43 -13.52 -20.40
C ASN Q 136 64.87 -12.24 -20.99
N ASN Q 137 64.69 -11.21 -20.16
CA ASN Q 137 64.24 -9.91 -20.69
C ASN Q 137 65.29 -9.23 -21.56
N ARG Q 138 66.57 -9.38 -21.23
CA ARG Q 138 67.58 -8.74 -22.06
C ARG Q 138 67.71 -9.40 -23.42
N ILE Q 139 67.39 -10.68 -23.50
CA ILE Q 139 67.39 -11.34 -24.81
C ILE Q 139 66.13 -10.98 -25.60
N ILE Q 140 64.97 -10.93 -24.95
CA ILE Q 140 63.76 -10.51 -25.67
C ILE Q 140 63.90 -9.09 -26.20
N ALA Q 141 64.46 -8.18 -25.39
CA ALA Q 141 64.71 -6.82 -25.88
C ALA Q 141 65.70 -6.76 -27.03
N ALA Q 142 66.70 -7.64 -27.05
CA ALA Q 142 67.59 -7.70 -28.20
C ALA Q 142 66.87 -8.17 -29.46
N VAL Q 143 66.06 -9.23 -29.35
CA VAL Q 143 65.27 -9.68 -30.49
C VAL Q 143 64.34 -8.59 -31.01
N LEU Q 144 63.71 -7.84 -30.11
CA LEU Q 144 62.83 -6.75 -30.57
C LEU Q 144 63.59 -5.66 -31.30
N GLU Q 145 64.73 -5.22 -30.77
CA GLU Q 145 65.50 -4.20 -31.51
C GLU Q 145 65.96 -4.72 -32.86
N LEU Q 146 66.26 -6.01 -32.96
CA LEU Q 146 66.60 -6.58 -34.27
C LEU Q 146 65.42 -6.54 -35.23
N ILE Q 147 64.24 -6.96 -34.78
CA ILE Q 147 63.09 -6.96 -35.67
C ILE Q 147 62.76 -5.55 -36.13
N VAL Q 148 62.88 -4.57 -35.23
CA VAL Q 148 62.58 -3.20 -35.62
C VAL Q 148 63.55 -2.69 -36.67
N ARG Q 149 64.85 -2.97 -36.52
CA ARG Q 149 65.79 -2.58 -37.57
C ARG Q 149 65.55 -3.32 -38.89
N ALA Q 150 65.21 -4.62 -38.83
CA ALA Q 150 64.94 -5.38 -40.04
C ALA Q 150 63.75 -4.84 -40.84
N LEU Q 151 62.69 -4.40 -40.18
CA LEU Q 151 61.56 -3.75 -40.85
C LEU Q 151 61.83 -2.30 -41.25
N ASN Q 152 62.97 -1.72 -40.92
CA ASN Q 152 63.25 -0.32 -41.26
C ASN Q 152 62.12 0.58 -40.77
N LEU Q 153 61.66 0.31 -39.56
CA LEU Q 153 60.41 0.86 -39.03
C LEU Q 153 60.75 2.16 -38.32
N THR Q 154 60.61 3.29 -39.01
CA THR Q 154 61.18 4.56 -38.57
C THR Q 154 60.19 5.50 -37.88
N ASP Q 155 58.95 5.08 -37.66
CA ASP Q 155 57.99 5.95 -36.97
C ASP Q 155 58.57 6.44 -35.65
N GLU Q 156 58.25 7.69 -35.30
CA GLU Q 156 58.72 8.27 -34.06
C GLU Q 156 58.15 7.59 -32.82
N GLU Q 157 56.92 7.08 -32.89
CA GLU Q 157 56.38 6.31 -31.78
C GLU Q 157 57.23 5.08 -31.47
N VAL Q 158 57.70 4.38 -32.49
CA VAL Q 158 58.56 3.23 -32.26
C VAL Q 158 59.93 3.67 -31.80
N ARG Q 159 60.51 4.68 -32.45
CA ARG Q 159 61.81 5.15 -32.02
C ARG Q 159 61.81 5.53 -30.54
N LYS Q 160 60.85 6.34 -30.12
CA LYS Q 160 60.75 6.72 -28.71
C LYS Q 160 60.46 5.54 -27.80
N ALA Q 161 59.67 4.55 -28.24
CA ALA Q 161 59.44 3.38 -27.41
C ALA Q 161 60.69 2.53 -27.24
N LEU Q 162 61.53 2.45 -28.26
CA LEU Q 162 62.83 1.80 -28.07
C LEU Q 162 63.75 2.63 -27.18
N GLU Q 163 63.79 3.95 -27.38
CA GLU Q 163 64.61 4.79 -26.51
C GLU Q 163 64.21 4.63 -25.04
N GLU Q 164 62.95 4.32 -24.77
CA GLU Q 164 62.53 3.97 -23.41
C GLU Q 164 62.94 2.55 -23.03
N LEU Q 165 62.85 1.60 -23.96
CA LEU Q 165 63.17 0.22 -23.64
C LEU Q 165 64.64 0.04 -23.29
N LYS Q 166 65.54 0.69 -24.02
CA LYS Q 166 66.96 0.61 -23.71
C LYS Q 166 67.30 1.16 -22.33
N ALA Q 167 66.77 2.33 -21.99
CA ALA Q 167 67.01 2.88 -20.67
C ALA Q 167 66.42 2.00 -19.57
N SER Q 168 65.25 1.43 -19.78
CA SER Q 168 64.71 0.50 -18.78
C SER Q 168 65.56 -0.77 -18.66
N THR Q 169 66.16 -1.24 -19.75
CA THR Q 169 67.04 -2.39 -19.67
C THR Q 169 68.33 -2.08 -18.89
N ALA Q 170 68.91 -0.91 -19.11
CA ALA Q 170 70.08 -0.55 -18.32
C ALA Q 170 69.74 -0.33 -16.85
N GLU Q 171 68.59 0.28 -16.58
CA GLU Q 171 68.11 0.40 -15.20
C GLU Q 171 67.93 -0.97 -14.54
N LEU Q 172 67.48 -1.96 -15.30
CA LEU Q 172 67.30 -3.29 -14.75
C LEU Q 172 68.61 -4.04 -14.55
N LYS Q 173 69.60 -3.83 -15.41
CA LYS Q 173 70.94 -4.34 -15.15
C LYS Q 173 71.51 -3.78 -13.86
N ARG Q 174 71.51 -2.45 -13.72
CA ARG Q 174 72.00 -1.85 -12.48
C ARG Q 174 71.26 -2.33 -11.24
N ALA Q 175 69.94 -2.49 -11.33
CA ALA Q 175 69.20 -3.00 -10.17
C ALA Q 175 69.53 -4.45 -9.86
N THR Q 176 69.85 -5.26 -10.87
CA THR Q 176 70.18 -6.65 -10.58
C THR Q 176 71.54 -6.76 -9.93
N ALA Q 177 72.52 -6.03 -10.44
CA ALA Q 177 73.83 -5.98 -9.81
C ALA Q 177 73.76 -5.48 -8.37
N SER Q 178 72.93 -4.46 -8.10
CA SER Q 178 72.75 -4.00 -6.73
C SER Q 178 72.07 -5.04 -5.83
N LEU Q 179 71.07 -5.75 -6.34
CA LEU Q 179 70.44 -6.80 -5.54
C LEU Q 179 71.40 -7.93 -5.22
N ARG Q 180 72.21 -8.35 -6.17
CA ARG Q 180 73.21 -9.38 -5.87
C ARG Q 180 74.28 -8.88 -4.91
N ALA Q 181 74.67 -7.62 -5.02
CA ALA Q 181 75.63 -7.05 -4.09
C ALA Q 181 75.10 -7.09 -2.65
N ILE Q 182 73.88 -6.59 -2.43
CA ILE Q 182 73.34 -6.67 -1.08
C ILE Q 182 73.09 -8.11 -0.64
N THR Q 183 72.80 -9.02 -1.58
CA THR Q 183 72.59 -10.41 -1.19
C THR Q 183 73.88 -11.04 -0.68
N GLU Q 184 75.03 -10.61 -1.19
CA GLU Q 184 76.30 -11.04 -0.61
C GLU Q 184 76.45 -10.55 0.83
N GLU Q 185 76.05 -9.31 1.10
CA GLU Q 185 76.11 -8.78 2.46
C GLU Q 185 75.17 -9.52 3.41
N LEU Q 186 74.00 -9.92 2.93
CA LEU Q 186 73.13 -10.80 3.71
C LEU Q 186 73.79 -12.17 3.96
N LYS Q 187 74.49 -12.69 2.96
CA LYS Q 187 75.18 -13.96 3.14
C LYS Q 187 76.26 -13.86 4.21
N LYS Q 188 76.95 -12.71 4.29
CA LYS Q 188 77.86 -12.46 5.41
C LYS Q 188 77.14 -12.31 6.75
N ASN Q 189 76.07 -11.52 6.80
CA ASN Q 189 75.47 -11.10 8.07
C ASN Q 189 74.02 -11.57 8.20
N PRO Q 190 73.81 -12.88 8.27
CA PRO Q 190 72.45 -13.44 8.28
C PRO Q 190 71.69 -13.09 9.55
N SER Q 191 70.61 -12.33 9.42
CA SER Q 191 69.77 -11.98 10.56
C SER Q 191 68.35 -11.70 10.09
N GLU Q 192 67.41 -11.88 11.01
CA GLU Q 192 66.04 -11.38 10.81
C GLU Q 192 66.03 -9.90 10.47
N ASP Q 193 66.90 -9.12 11.12
CA ASP Q 193 66.96 -7.69 10.85
C ASP Q 193 67.35 -7.43 9.39
N ALA Q 194 68.37 -8.13 8.89
CA ALA Q 194 68.73 -7.96 7.50
C ALA Q 194 67.77 -8.68 6.56
N LEU Q 195 67.14 -9.76 6.99
CA LEU Q 195 66.14 -10.42 6.15
C LEU Q 195 64.98 -9.48 5.83
N VAL Q 196 64.55 -8.70 6.83
CA VAL Q 196 63.42 -7.80 6.63
C VAL Q 196 63.73 -6.73 5.58
N GLU Q 197 64.94 -6.16 5.65
CA GLU Q 197 65.36 -5.14 4.69
C GLU Q 197 65.83 -5.69 3.35
N HIS Q 198 66.17 -6.98 3.29
CA HIS Q 198 66.43 -7.64 2.01
C HIS Q 198 65.16 -7.97 1.24
N ASN Q 199 64.11 -8.38 1.94
CA ASN Q 199 62.82 -8.60 1.28
C ASN Q 199 62.34 -7.36 0.52
N ARG Q 200 62.53 -6.17 1.10
CA ARG Q 200 62.17 -4.96 0.37
C ARG Q 200 63.02 -4.80 -0.90
N ALA Q 201 64.30 -5.15 -0.84
CA ALA Q 201 65.15 -5.02 -2.02
C ALA Q 201 64.68 -5.94 -3.13
N ILE Q 202 64.19 -7.12 -2.77
CA ILE Q 202 63.58 -8.01 -3.75
C ILE Q 202 62.34 -7.36 -4.35
N VAL Q 203 61.43 -6.88 -3.52
CA VAL Q 203 60.19 -6.32 -4.06
C VAL Q 203 60.46 -5.11 -4.93
N GLU Q 204 61.48 -4.32 -4.60
CA GLU Q 204 61.90 -3.20 -5.43
C GLU Q 204 62.67 -3.59 -6.67
N HIS Q 205 63.10 -4.84 -6.79
CA HIS Q 205 63.64 -5.31 -8.07
C HIS Q 205 62.54 -5.89 -8.96
N ASN Q 206 61.64 -6.68 -8.39
CA ASN Q 206 60.43 -7.08 -9.10
C ASN Q 206 59.65 -5.91 -9.69
N ALA Q 207 59.60 -4.78 -8.99
CA ALA Q 207 58.94 -3.61 -9.58
C ALA Q 207 59.61 -3.16 -10.88
N ILE Q 208 60.93 -3.25 -10.96
CA ILE Q 208 61.62 -2.85 -12.19
C ILE Q 208 61.45 -3.88 -13.30
N ILE Q 209 61.34 -5.16 -12.94
CA ILE Q 209 61.01 -6.16 -13.95
C ILE Q 209 59.65 -5.86 -14.58
N VAL Q 210 58.64 -5.60 -13.76
CA VAL Q 210 57.32 -5.33 -14.32
C VAL Q 210 57.31 -4.03 -15.12
N GLU Q 211 58.06 -3.01 -14.66
CA GLU Q 211 58.22 -1.79 -15.45
C GLU Q 211 59.05 -1.98 -16.71
N ASN Q 212 59.62 -3.15 -16.91
CA ASN Q 212 60.28 -3.46 -18.18
C ASN Q 212 59.37 -4.24 -19.11
N ASN Q 213 58.68 -5.26 -18.58
CA ASN Q 213 57.68 -5.96 -19.38
C ASN Q 213 56.62 -5.03 -19.96
N ARG Q 214 56.27 -3.97 -19.24
CA ARG Q 214 55.34 -2.98 -19.80
C ARG Q 214 55.85 -2.36 -21.10
N ILE Q 215 57.15 -2.08 -21.19
CA ILE Q 215 57.67 -1.48 -22.40
C ILE Q 215 57.88 -2.52 -23.50
N ILE Q 216 58.22 -3.76 -23.13
CA ILE Q 216 58.31 -4.80 -24.14
C ILE Q 216 56.96 -5.03 -24.81
N ALA Q 217 55.88 -5.07 -24.02
CA ALA Q 217 54.55 -5.19 -24.61
C ALA Q 217 54.16 -3.96 -25.44
N LEU Q 218 54.61 -2.78 -25.04
CA LEU Q 218 54.33 -1.62 -25.88
C LEU Q 218 55.01 -1.74 -27.24
N VAL Q 219 56.32 -1.97 -27.26
CA VAL Q 219 57.01 -2.11 -28.54
C VAL Q 219 56.41 -3.23 -29.39
N LEU Q 220 55.98 -4.34 -28.77
CA LEU Q 220 55.29 -5.37 -29.56
C LEU Q 220 54.01 -4.85 -30.20
N LEU Q 221 53.28 -3.99 -29.51
CA LEU Q 221 52.06 -3.47 -30.13
C LEU Q 221 52.40 -2.50 -31.26
N LEU Q 222 53.33 -1.59 -31.03
CA LEU Q 222 53.68 -0.63 -32.07
C LEU Q 222 54.23 -1.31 -33.31
N ILE Q 223 54.91 -2.45 -33.14
CA ILE Q 223 55.34 -3.21 -34.30
C ILE Q 223 54.16 -3.86 -35.01
N VAL Q 224 53.29 -4.55 -34.28
CA VAL Q 224 52.21 -5.24 -34.96
C VAL Q 224 51.27 -4.26 -35.65
N LEU Q 225 51.10 -3.06 -35.10
CA LEU Q 225 50.33 -2.03 -35.78
C LEU Q 225 51.06 -1.41 -36.97
N ALA Q 226 52.40 -1.42 -36.96
CA ALA Q 226 53.08 -0.81 -38.09
C ALA Q 226 53.17 -1.72 -39.31
N ILE Q 227 53.22 -3.04 -39.12
CA ILE Q 227 53.23 -3.95 -40.26
C ILE Q 227 51.83 -4.09 -40.84
N GLY R 2 34.47 -56.15 -34.23
CA GLY R 2 34.49 -55.46 -32.91
C GLY R 2 33.57 -56.11 -31.89
N SER R 3 33.68 -55.66 -30.64
CA SER R 3 32.81 -56.17 -29.58
C SER R 3 31.43 -55.51 -29.66
N GLU R 4 30.52 -56.04 -28.84
CA GLU R 4 29.13 -55.58 -28.86
C GLU R 4 29.02 -54.08 -28.67
N GLU R 5 29.89 -53.50 -27.83
CA GLU R 5 29.78 -52.06 -27.58
C GLU R 5 30.20 -51.23 -28.78
N GLU R 6 31.08 -51.75 -29.63
CA GLU R 6 31.49 -51.00 -30.81
C GLU R 6 30.37 -51.00 -31.85
N ILE R 7 29.74 -52.15 -32.05
CA ILE R 7 28.60 -52.21 -32.97
C ILE R 7 27.46 -51.36 -32.45
N ALA R 8 27.20 -51.42 -31.14
CA ALA R 8 26.13 -50.61 -30.57
C ALA R 8 26.39 -49.11 -30.70
N LYS R 9 27.62 -48.66 -30.50
CA LYS R 9 27.97 -47.27 -30.78
C LYS R 9 27.79 -46.91 -32.26
N ALA R 10 28.19 -47.80 -33.15
CA ALA R 10 28.04 -47.51 -34.57
C ALA R 10 26.58 -47.50 -35.02
N LEU R 11 25.74 -48.32 -34.40
CA LEU R 11 24.30 -48.26 -34.66
C LEU R 11 23.63 -47.05 -34.03
N GLU R 12 24.14 -46.54 -32.92
CA GLU R 12 23.64 -45.26 -32.45
C GLU R 12 24.01 -44.12 -33.40
N GLU R 13 25.23 -44.13 -33.92
CA GLU R 13 25.59 -43.18 -34.98
C GLU R 13 24.70 -43.34 -36.20
N LEU R 14 24.34 -44.57 -36.54
CA LEU R 14 23.52 -44.82 -37.72
C LEU R 14 22.11 -44.28 -37.55
N VAL R 15 21.47 -44.60 -36.42
CA VAL R 15 20.10 -44.16 -36.21
C VAL R 15 20.01 -42.64 -36.01
N ALA R 16 21.00 -42.03 -35.34
CA ALA R 16 21.05 -40.57 -35.31
C ALA R 16 21.26 -39.93 -36.69
N SER R 17 22.07 -40.56 -37.54
CA SER R 17 22.20 -40.10 -38.91
C SER R 17 20.89 -40.21 -39.69
N LEU R 18 20.14 -41.30 -39.49
CA LEU R 18 18.83 -41.38 -40.12
C LEU R 18 17.85 -40.33 -39.61
N ALA R 19 17.86 -40.06 -38.31
CA ALA R 19 16.95 -39.06 -37.79
C ALA R 19 17.29 -37.66 -38.29
N GLU R 20 18.57 -37.39 -38.58
CA GLU R 20 18.95 -36.15 -39.26
C GLU R 20 18.55 -36.13 -40.74
N LEU R 21 18.79 -37.23 -41.45
CA LEU R 21 18.45 -37.32 -42.86
C LEU R 21 16.95 -37.29 -43.16
N LYS R 22 16.09 -37.79 -42.27
CA LYS R 22 14.65 -37.66 -42.50
C LYS R 22 14.17 -36.22 -42.37
N ARG R 23 14.66 -35.48 -41.37
CA ARG R 23 14.33 -34.07 -41.27
C ARG R 23 14.81 -33.29 -42.48
N ALA R 24 16.06 -33.53 -42.90
CA ALA R 24 16.52 -32.82 -44.09
C ALA R 24 15.73 -33.20 -45.35
N THR R 25 15.25 -34.44 -45.44
CA THR R 25 14.40 -34.80 -46.58
C THR R 25 13.08 -34.06 -46.55
N LEU R 26 12.42 -34.02 -45.40
CA LEU R 26 11.14 -33.32 -45.31
C LEU R 26 11.31 -31.84 -45.65
N LYS R 27 12.34 -31.21 -45.09
CA LYS R 27 12.54 -29.79 -45.38
C LYS R 27 12.92 -29.55 -46.84
N LEU R 28 13.63 -30.48 -47.48
CA LEU R 28 13.94 -30.30 -48.90
C LEU R 28 12.71 -30.44 -49.80
N LEU R 29 11.80 -31.34 -49.46
CA LEU R 29 10.50 -31.33 -50.14
C LEU R 29 9.72 -30.05 -49.88
N ASP R 30 9.70 -29.58 -48.64
CA ASP R 30 8.96 -28.36 -48.35
C ASP R 30 9.49 -27.16 -49.13
N ILE R 31 10.81 -26.97 -49.16
CA ILE R 31 11.38 -25.89 -49.98
C ILE R 31 11.33 -26.22 -51.46
N THR R 32 10.89 -27.43 -51.81
CA THR R 32 10.59 -27.72 -53.22
C THR R 32 9.14 -27.40 -53.56
N ASP R 33 8.27 -27.27 -52.56
CA ASP R 33 6.84 -27.14 -52.78
C ASP R 33 6.43 -25.83 -53.46
N LYS R 34 6.62 -24.69 -52.78
CA LYS R 34 6.17 -23.41 -53.32
C LYS R 34 7.21 -22.32 -53.14
N LEU R 35 7.36 -21.51 -54.18
CA LEU R 35 7.93 -20.17 -54.07
C LEU R 35 7.47 -19.37 -55.28
N LYS R 36 6.76 -18.27 -55.04
CA LYS R 36 6.31 -17.42 -56.14
C LYS R 36 7.47 -16.66 -56.78
N LYS R 37 8.32 -16.04 -55.96
CA LYS R 37 9.29 -15.09 -56.49
C LYS R 37 10.39 -15.80 -57.27
N ASN R 38 11.03 -15.01 -58.20
CA ASN R 38 12.01 -15.48 -59.18
C ASN R 38 13.43 -15.30 -58.65
N PRO R 39 14.34 -16.19 -59.06
CA PRO R 39 15.65 -16.27 -58.44
C PRO R 39 16.62 -15.17 -58.89
N SER R 40 17.66 -14.99 -58.07
CA SER R 40 18.68 -13.97 -58.23
C SER R 40 19.87 -14.52 -59.02
N GLU R 41 20.91 -13.69 -59.15
CA GLU R 41 22.20 -14.18 -59.62
C GLU R 41 22.90 -15.04 -58.57
N SER R 42 22.80 -14.66 -57.29
CA SER R 42 23.28 -15.51 -56.21
C SER R 42 22.50 -16.83 -56.13
N ALA R 43 21.29 -16.86 -56.64
CA ALA R 43 20.51 -18.10 -56.80
C ALA R 43 20.89 -18.90 -58.03
N LEU R 44 21.85 -18.43 -58.83
CA LEU R 44 22.58 -19.28 -59.76
C LEU R 44 23.83 -19.88 -59.12
N VAL R 45 24.62 -19.04 -58.44
CA VAL R 45 25.82 -19.50 -57.74
C VAL R 45 25.51 -20.58 -56.70
N SER R 46 24.27 -20.67 -56.22
CA SER R 46 23.88 -21.74 -55.30
C SER R 46 22.71 -22.54 -55.81
N HIS R 47 22.68 -22.78 -57.13
CA HIS R 47 21.50 -23.27 -57.82
C HIS R 47 20.75 -24.39 -57.09
N ASN R 48 21.45 -25.47 -56.73
CA ASN R 48 20.83 -26.63 -56.10
C ASN R 48 21.44 -26.99 -54.76
N LYS R 49 22.00 -26.01 -54.04
CA LYS R 49 22.88 -26.34 -52.93
C LYS R 49 22.22 -27.28 -51.91
N ALA R 50 20.92 -27.17 -51.69
CA ALA R 50 20.25 -28.06 -50.75
C ALA R 50 20.20 -29.52 -51.21
N ILE R 51 20.27 -29.77 -52.51
CA ILE R 51 20.34 -31.15 -52.98
C ILE R 51 21.74 -31.72 -52.81
N VAL R 52 22.76 -30.97 -53.20
CA VAL R 52 24.12 -31.49 -53.05
C VAL R 52 24.47 -31.68 -51.57
N GLU R 53 24.02 -30.77 -50.71
CA GLU R 53 24.11 -30.99 -49.27
C GLU R 53 23.29 -32.16 -48.77
N HIS R 54 22.19 -32.53 -49.42
CA HIS R 54 21.44 -33.70 -48.99
C HIS R 54 22.14 -34.99 -49.40
N ASN R 55 22.55 -35.06 -50.67
CA ASN R 55 23.33 -36.18 -51.17
C ASN R 55 24.56 -36.45 -50.32
N ALA R 56 25.25 -35.40 -49.88
CA ALA R 56 26.39 -35.61 -48.98
C ALA R 56 26.00 -36.32 -47.69
N ILE R 57 24.80 -36.05 -47.16
CA ILE R 57 24.38 -36.75 -45.95
C ILE R 57 24.04 -38.21 -46.27
N ILE R 58 23.48 -38.47 -47.43
CA ILE R 58 23.19 -39.85 -47.79
C ILE R 58 24.48 -40.64 -47.94
N VAL R 59 25.47 -40.07 -48.62
CA VAL R 59 26.79 -40.70 -48.77
C VAL R 59 27.45 -40.97 -47.42
N GLU R 60 27.33 -40.05 -46.47
CA GLU R 60 27.85 -40.31 -45.13
C GLU R 60 27.06 -41.36 -44.37
N ASN R 61 25.77 -41.49 -44.63
CA ASN R 61 25.01 -42.57 -43.99
C ASN R 61 25.40 -43.93 -44.57
N ASN R 62 25.53 -44.03 -45.89
CA ASN R 62 26.01 -45.26 -46.50
C ASN R 62 27.40 -45.67 -46.04
N ARG R 63 28.30 -44.70 -45.80
CA ARG R 63 29.62 -45.08 -45.27
C ARG R 63 29.54 -45.73 -43.90
N ILE R 64 28.64 -45.25 -43.05
CA ILE R 64 28.51 -45.85 -41.72
C ILE R 64 27.85 -47.22 -41.81
N ILE R 65 26.84 -47.35 -42.66
CA ILE R 65 26.24 -48.66 -42.87
C ILE R 65 27.29 -49.68 -43.31
N ALA R 66 28.16 -49.30 -44.25
CA ALA R 66 29.21 -50.23 -44.66
C ALA R 66 30.22 -50.53 -43.58
N ALA R 67 30.47 -49.58 -42.67
CA ALA R 67 31.37 -49.87 -41.55
C ALA R 67 30.73 -50.80 -40.53
N VAL R 68 29.43 -50.67 -40.32
CA VAL R 68 28.75 -51.63 -39.45
C VAL R 68 28.70 -53.01 -40.09
N LEU R 69 28.45 -53.08 -41.40
CA LEU R 69 28.45 -54.40 -42.03
C LEU R 69 29.79 -55.09 -41.88
N GLU R 70 30.88 -54.32 -41.99
CA GLU R 70 32.19 -54.94 -41.81
C GLU R 70 32.41 -55.38 -40.36
N LEU R 71 32.01 -54.56 -39.39
CA LEU R 71 32.14 -54.95 -37.98
C LEU R 71 31.31 -56.17 -37.63
N ILE R 72 30.12 -56.31 -38.23
CA ILE R 72 29.28 -57.48 -38.01
C ILE R 72 29.92 -58.73 -38.62
N VAL R 73 30.28 -58.66 -39.90
CA VAL R 73 30.75 -59.87 -40.58
C VAL R 73 32.07 -60.32 -39.97
N ARG R 74 32.94 -59.39 -39.59
CA ARG R 74 34.17 -59.77 -38.92
C ARG R 74 33.94 -60.36 -37.53
N ALA R 75 32.72 -60.26 -37.00
CA ALA R 75 32.33 -60.99 -35.80
C ALA R 75 31.77 -62.37 -36.11
N VAL R 76 30.82 -62.48 -37.04
CA VAL R 76 30.15 -63.76 -37.26
C VAL R 76 30.96 -64.69 -38.16
N GLY R 77 31.93 -64.17 -38.89
CA GLY R 77 32.83 -64.98 -39.68
C GLY R 77 32.46 -64.97 -41.15
N MET R 78 33.46 -64.61 -41.97
CA MET R 78 33.33 -64.55 -43.41
C MET R 78 33.19 -65.94 -44.03
N THR R 79 32.58 -65.95 -45.21
CA THR R 79 32.63 -67.09 -46.12
C THR R 79 32.93 -66.55 -47.52
N ASP R 80 33.28 -67.47 -48.43
CA ASP R 80 33.69 -67.07 -49.77
C ASP R 80 32.76 -66.03 -50.38
N GLU R 81 31.46 -66.31 -50.40
CA GLU R 81 30.52 -65.43 -51.08
C GLU R 81 30.32 -64.13 -50.33
N ILE R 82 30.33 -64.18 -49.00
CA ILE R 82 30.26 -62.95 -48.23
C ILE R 82 31.51 -62.09 -48.45
N ASP R 83 32.68 -62.72 -48.49
CA ASP R 83 33.90 -61.94 -48.69
C ASP R 83 33.96 -61.31 -50.08
N LEU R 84 33.52 -62.05 -51.10
CA LEU R 84 33.38 -61.45 -52.42
C LEU R 84 32.40 -60.30 -52.44
N ALA R 85 31.27 -60.43 -51.75
CA ALA R 85 30.29 -59.36 -51.77
C ALA R 85 30.76 -58.14 -50.98
N LEU R 86 31.47 -58.35 -49.88
CA LEU R 86 32.08 -57.24 -49.16
C LEU R 86 33.16 -56.54 -49.97
N LEU R 87 33.95 -57.28 -50.74
CA LEU R 87 34.94 -56.62 -51.60
C LEU R 87 34.28 -55.82 -52.72
N LYS R 88 33.21 -56.35 -53.32
CA LYS R 88 32.39 -55.55 -54.20
C LYS R 88 31.86 -54.29 -53.53
N LEU R 89 31.38 -54.41 -52.29
CA LEU R 89 30.89 -53.25 -51.56
C LEU R 89 31.97 -52.20 -51.32
N LYS R 90 33.20 -52.64 -51.05
CA LYS R 90 34.31 -51.69 -50.92
C LYS R 90 34.64 -51.01 -52.25
N ALA R 91 34.64 -51.76 -53.35
CA ALA R 91 34.87 -51.12 -54.64
C ALA R 91 33.78 -50.12 -54.99
N SER R 92 32.53 -50.42 -54.65
CA SER R 92 31.46 -49.46 -54.92
C SER R 92 31.53 -48.24 -54.00
N THR R 93 31.89 -48.42 -52.73
CA THR R 93 32.07 -47.28 -51.86
C THR R 93 33.23 -46.41 -52.30
N ALA R 94 34.27 -47.00 -52.90
CA ALA R 94 35.33 -46.18 -53.48
C ALA R 94 34.85 -45.43 -54.72
N ARG R 95 34.06 -46.08 -55.56
CA ARG R 95 33.50 -45.38 -56.72
C ARG R 95 32.67 -44.18 -56.29
N LEU R 96 31.91 -44.32 -55.20
CA LEU R 96 31.10 -43.23 -54.70
C LEU R 96 31.93 -42.00 -54.30
N LYS R 97 33.16 -42.20 -53.83
CA LYS R 97 34.01 -41.06 -53.50
C LYS R 97 34.42 -40.26 -54.73
N VAL R 98 34.78 -40.94 -55.82
CA VAL R 98 35.10 -40.22 -57.04
C VAL R 98 33.86 -39.54 -57.62
N ALA R 99 32.70 -40.19 -57.53
CA ALA R 99 31.48 -39.55 -58.02
C ALA R 99 31.11 -38.32 -57.21
N THR R 100 31.36 -38.36 -55.90
CA THR R 100 31.12 -37.18 -55.06
C THR R 100 32.09 -36.07 -55.38
N ALA R 101 33.39 -36.38 -55.49
CA ALA R 101 34.34 -35.33 -55.84
C ALA R 101 34.07 -34.75 -57.21
N LEU R 102 33.48 -35.51 -58.12
CA LEU R 102 33.08 -34.90 -59.39
C LEU R 102 31.88 -33.97 -59.22
N LEU R 103 30.88 -34.36 -58.45
CA LEU R 103 29.77 -33.43 -58.26
C LEU R 103 30.22 -32.16 -57.55
N ARG R 104 31.07 -32.30 -56.54
CA ARG R 104 31.67 -31.16 -55.83
C ARG R 104 32.65 -30.36 -56.66
N MET R 105 33.11 -30.87 -57.79
CA MET R 105 33.82 -30.00 -58.72
C MET R 105 32.89 -29.25 -59.66
N ILE R 106 31.95 -29.94 -60.30
CA ILE R 106 31.05 -29.25 -61.23
C ILE R 106 30.19 -28.20 -60.53
N THR R 107 29.82 -28.44 -59.27
CA THR R 107 29.13 -27.42 -58.49
C THR R 107 29.97 -26.16 -58.28
N GLU R 108 31.28 -26.29 -58.06
CA GLU R 108 32.07 -25.08 -57.89
C GLU R 108 32.44 -24.43 -59.21
N GLU R 109 32.58 -25.22 -60.27
CA GLU R 109 32.74 -24.66 -61.61
C GLU R 109 31.50 -23.89 -62.05
N LEU R 110 30.35 -24.20 -61.46
CA LEU R 110 29.14 -23.40 -61.67
C LEU R 110 29.19 -22.02 -61.02
N LYS R 111 30.10 -21.77 -60.07
CA LYS R 111 30.34 -20.41 -59.60
C LYS R 111 30.99 -19.50 -60.64
N LYS R 112 31.47 -20.04 -61.75
CA LYS R 112 32.35 -19.30 -62.65
C LYS R 112 31.86 -19.26 -64.09
N ASN R 113 31.03 -20.21 -64.53
CA ASN R 113 30.32 -20.10 -65.81
C ASN R 113 28.83 -20.35 -65.61
N PRO R 114 28.19 -19.70 -64.64
CA PRO R 114 26.74 -19.86 -64.46
C PRO R 114 25.98 -19.39 -65.69
N SER R 115 25.19 -20.30 -66.26
CA SER R 115 24.35 -19.99 -67.40
C SER R 115 23.28 -21.07 -67.51
N GLU R 116 22.20 -20.73 -68.21
CA GLU R 116 21.07 -21.64 -68.32
C GLU R 116 21.46 -22.99 -68.90
N ASP R 117 22.56 -23.07 -69.64
CA ASP R 117 23.03 -24.36 -70.14
C ASP R 117 23.79 -25.12 -69.07
N ALA R 118 24.67 -24.43 -68.34
CA ALA R 118 25.40 -25.05 -67.23
C ALA R 118 24.50 -25.57 -66.12
N LEU R 119 23.36 -24.91 -65.89
CA LEU R 119 22.41 -25.45 -64.93
C LEU R 119 21.89 -26.84 -65.31
N VAL R 120 21.74 -27.11 -66.61
CA VAL R 120 21.30 -28.43 -67.04
C VAL R 120 22.43 -29.44 -66.92
N GLU R 121 23.66 -29.02 -67.14
CA GLU R 121 24.81 -29.90 -66.88
C GLU R 121 24.88 -30.26 -65.40
N HIS R 122 24.70 -29.28 -64.54
CA HIS R 122 24.76 -29.56 -63.10
C HIS R 122 23.63 -30.50 -62.67
N ASN R 123 22.43 -30.30 -63.21
CA ASN R 123 21.34 -31.21 -62.89
C ASN R 123 21.62 -32.63 -63.37
N ARG R 124 22.26 -32.77 -64.53
CA ARG R 124 22.62 -34.12 -64.99
C ARG R 124 23.72 -34.75 -64.14
N ALA R 125 24.63 -33.94 -63.62
CA ALA R 125 25.61 -34.46 -62.68
C ALA R 125 24.96 -34.96 -61.40
N ILE R 126 23.93 -34.24 -60.93
CA ILE R 126 23.20 -34.72 -59.75
C ILE R 126 22.46 -36.01 -60.04
N VAL R 127 21.91 -36.16 -61.24
CA VAL R 127 21.25 -37.42 -61.56
C VAL R 127 22.24 -38.57 -61.64
N ASN R 128 23.44 -38.34 -62.17
CA ASN R 128 24.43 -39.41 -62.19
C ASN R 128 24.96 -39.78 -60.80
N HIS R 129 25.07 -38.80 -59.91
CA HIS R 129 25.40 -39.13 -58.52
C HIS R 129 24.31 -39.98 -57.87
N ASN R 130 23.05 -39.60 -58.06
CA ASN R 130 21.95 -40.40 -57.52
C ASN R 130 21.97 -41.82 -58.09
N ALA R 131 22.19 -41.95 -59.39
CA ALA R 131 22.29 -43.27 -60.03
C ALA R 131 23.44 -44.11 -59.51
N ILE R 132 24.47 -43.50 -58.92
CA ILE R 132 25.54 -44.31 -58.31
C ILE R 132 25.26 -44.63 -56.84
N ILE R 133 24.49 -43.78 -56.16
CA ILE R 133 24.07 -44.11 -54.81
C ILE R 133 23.10 -45.30 -54.83
N VAL R 134 22.25 -45.36 -55.84
CA VAL R 134 21.36 -46.52 -55.97
C VAL R 134 22.16 -47.82 -56.11
N GLU R 135 23.27 -47.81 -56.84
CA GLU R 135 24.09 -49.01 -56.94
C GLU R 135 24.69 -49.38 -55.59
N ASN R 136 25.19 -48.40 -54.86
CA ASN R 136 25.74 -48.70 -53.54
C ASN R 136 24.70 -49.33 -52.62
N ASN R 137 23.46 -48.85 -52.69
CA ASN R 137 22.39 -49.46 -51.90
C ASN R 137 22.04 -50.88 -52.37
N ARG R 138 22.09 -51.14 -53.67
CA ARG R 138 21.76 -52.49 -54.13
C ARG R 138 22.82 -53.51 -53.74
N ILE R 139 24.06 -53.05 -53.58
CA ILE R 139 25.11 -53.95 -53.11
C ILE R 139 25.00 -54.16 -51.60
N ILE R 140 24.73 -53.11 -50.84
CA ILE R 140 24.54 -53.28 -49.40
C ILE R 140 23.37 -54.22 -49.11
N ALA R 141 22.25 -54.07 -49.83
CA ALA R 141 21.14 -54.99 -49.66
C ALA R 141 21.48 -56.43 -50.05
N ALA R 142 22.34 -56.63 -51.05
CA ALA R 142 22.78 -58.00 -51.33
C ALA R 142 23.63 -58.59 -50.22
N VAL R 143 24.56 -57.81 -49.69
CA VAL R 143 25.35 -58.27 -48.54
C VAL R 143 24.46 -58.61 -47.35
N LEU R 144 23.45 -57.79 -47.07
CA LEU R 144 22.57 -58.11 -45.95
C LEU R 144 21.79 -59.40 -46.16
N GLU R 145 21.22 -59.60 -47.35
CA GLU R 145 20.53 -60.86 -47.57
C GLU R 145 21.47 -62.07 -47.45
N LEU R 146 22.73 -61.90 -47.84
CA LEU R 146 23.70 -62.97 -47.64
C LEU R 146 23.95 -63.23 -46.16
N ILE R 147 24.17 -62.20 -45.37
CA ILE R 147 24.45 -62.40 -43.95
C ILE R 147 23.25 -63.05 -43.26
N VAL R 148 22.03 -62.65 -43.64
CA VAL R 148 20.85 -63.23 -43.01
C VAL R 148 20.73 -64.72 -43.34
N ARG R 149 20.99 -65.10 -44.59
CA ARG R 149 21.00 -66.53 -44.91
C ARG R 149 22.12 -67.29 -44.21
N ALA R 150 23.31 -66.71 -44.10
CA ALA R 150 24.41 -67.38 -43.43
C ALA R 150 24.13 -67.69 -41.95
N LEU R 151 23.47 -66.78 -41.24
CA LEU R 151 23.04 -67.05 -39.86
C LEU R 151 21.80 -67.93 -39.74
N ASN R 152 21.17 -68.33 -40.85
CA ASN R 152 19.94 -69.13 -40.78
C ASN R 152 18.91 -68.47 -39.87
N LEU R 153 18.79 -67.16 -40.01
CA LEU R 153 18.08 -66.30 -39.06
C LEU R 153 16.63 -66.20 -39.51
N THR R 154 15.77 -67.04 -38.92
CA THR R 154 14.44 -67.29 -39.44
C THR R 154 13.34 -66.52 -38.72
N ASP R 155 13.68 -65.65 -37.78
CA ASP R 155 12.68 -64.86 -37.07
C ASP R 155 11.75 -64.17 -38.06
N GLU R 156 10.47 -64.09 -37.69
CA GLU R 156 9.47 -63.43 -38.54
C GLU R 156 9.70 -61.92 -38.68
N GLU R 157 10.23 -61.26 -37.65
CA GLU R 157 10.59 -59.86 -37.80
C GLU R 157 11.62 -59.65 -38.89
N VAL R 158 12.62 -60.53 -38.97
CA VAL R 158 13.62 -60.42 -40.03
C VAL R 158 13.02 -60.80 -41.37
N ARG R 159 12.26 -61.89 -41.41
CA ARG R 159 11.65 -62.28 -42.68
C ARG R 159 10.83 -61.15 -43.28
N LYS R 160 9.93 -60.56 -42.48
CA LYS R 160 9.12 -59.45 -42.95
C LYS R 160 9.96 -58.21 -43.28
N ALA R 161 11.03 -57.95 -42.54
CA ALA R 161 11.89 -56.81 -42.87
C ALA R 161 12.64 -57.01 -44.18
N LEU R 162 13.04 -58.23 -44.51
CA LEU R 162 13.58 -58.47 -45.84
C LEU R 162 12.52 -58.38 -46.91
N GLU R 163 11.33 -58.95 -46.68
CA GLU R 163 10.27 -58.82 -47.67
C GLU R 163 9.95 -57.37 -47.96
N GLU R 164 10.15 -56.47 -46.99
CA GLU R 164 10.06 -55.04 -47.25
C GLU R 164 11.28 -54.49 -47.97
N LEU R 165 12.48 -54.95 -47.61
CA LEU R 165 13.70 -54.43 -48.21
C LEU R 165 13.77 -54.74 -49.70
N LYS R 166 13.40 -55.95 -50.11
CA LYS R 166 13.39 -56.30 -51.53
C LYS R 166 12.44 -55.43 -52.34
N ALA R 167 11.23 -55.23 -51.84
CA ALA R 167 10.29 -54.35 -52.54
C ALA R 167 10.79 -52.91 -52.60
N SER R 168 11.42 -52.43 -51.53
CA SER R 168 11.98 -51.08 -51.59
C SER R 168 13.15 -50.98 -52.57
N THR R 169 13.92 -52.04 -52.73
CA THR R 169 14.98 -52.04 -53.73
C THR R 169 14.44 -52.03 -55.15
N ALA R 170 13.39 -52.79 -55.42
CA ALA R 170 12.79 -52.75 -56.74
C ALA R 170 12.12 -51.40 -57.02
N GLU R 171 11.46 -50.82 -56.02
CA GLU R 171 10.92 -49.48 -56.15
C GLU R 171 12.01 -48.45 -56.46
N LEU R 172 13.19 -48.62 -55.89
CA LEU R 172 14.27 -47.69 -56.17
C LEU R 172 14.90 -47.90 -57.54
N LYS R 173 14.98 -49.14 -58.01
CA LYS R 173 15.37 -49.37 -59.39
C LYS R 173 14.42 -48.71 -60.38
N ARG R 174 13.12 -48.97 -60.24
CA ARG R 174 12.14 -48.34 -61.12
C ARG R 174 12.19 -46.82 -61.07
N ALA R 175 12.35 -46.24 -59.88
CA ALA R 175 12.44 -44.79 -59.79
C ALA R 175 13.72 -44.25 -60.42
N THR R 176 14.81 -45.00 -60.37
CA THR R 176 16.04 -44.51 -60.99
C THR R 176 15.96 -44.55 -62.50
N ALA R 177 15.44 -45.65 -63.05
CA ALA R 177 15.23 -45.71 -64.48
C ALA R 177 14.29 -44.61 -64.97
N SER R 178 13.23 -44.32 -64.21
CA SER R 178 12.35 -43.22 -64.58
C SER R 178 13.03 -41.85 -64.50
N LEU R 179 13.86 -41.62 -63.48
CA LEU R 179 14.58 -40.35 -63.41
C LEU R 179 15.56 -40.17 -64.55
N ARG R 180 16.28 -41.23 -64.93
CA ARG R 180 17.17 -41.13 -66.09
C ARG R 180 16.39 -40.94 -67.38
N ALA R 181 15.23 -41.59 -67.50
CA ALA R 181 14.41 -41.39 -68.69
C ALA R 181 13.96 -39.94 -68.83
N ILE R 182 13.41 -39.35 -67.77
CA ILE R 182 13.03 -37.93 -67.88
C ILE R 182 14.24 -37.03 -68.04
N THR R 183 15.40 -37.41 -67.50
CA THR R 183 16.58 -36.57 -67.68
C THR R 183 17.03 -36.53 -69.12
N GLU R 184 16.81 -37.63 -69.86
CA GLU R 184 17.04 -37.59 -71.31
C GLU R 184 16.10 -36.61 -72.00
N GLU R 185 14.84 -36.57 -71.58
CA GLU R 185 13.88 -35.61 -72.15
C GLU R 185 14.26 -34.16 -71.83
N LEU R 186 14.80 -33.92 -70.64
CA LEU R 186 15.37 -32.59 -70.35
C LEU R 186 16.58 -32.30 -71.23
N LYS R 187 17.41 -33.32 -71.48
CA LYS R 187 18.56 -33.13 -72.36
C LYS R 187 18.13 -32.75 -73.78
N LYS R 188 17.04 -33.31 -74.26
CA LYS R 188 16.46 -32.85 -75.52
C LYS R 188 15.91 -31.42 -75.44
N ASN R 189 15.12 -31.11 -74.41
CA ASN R 189 14.34 -29.87 -74.36
C ASN R 189 14.75 -28.97 -73.20
N PRO R 190 15.99 -28.46 -73.22
CA PRO R 190 16.50 -27.69 -72.08
C PRO R 190 15.78 -26.36 -71.92
N SER R 191 15.09 -26.19 -70.79
CA SER R 191 14.40 -24.95 -70.50
C SER R 191 14.28 -24.79 -68.99
N GLU R 192 14.17 -23.52 -68.56
CA GLU R 192 13.76 -23.20 -67.20
C GLU R 192 12.45 -23.88 -66.81
N ASP R 193 11.51 -23.97 -67.75
CA ASP R 193 10.23 -24.62 -67.46
C ASP R 193 10.43 -26.09 -67.12
N ALA R 194 11.25 -26.80 -67.90
CA ALA R 194 11.51 -28.19 -67.56
C ALA R 194 12.50 -28.33 -66.41
N LEU R 195 13.40 -27.37 -66.21
CA LEU R 195 14.29 -27.43 -65.04
C LEU R 195 13.51 -27.41 -63.73
N VAL R 196 12.47 -26.58 -63.66
CA VAL R 196 11.71 -26.47 -62.42
C VAL R 196 11.03 -27.79 -62.07
N GLU R 197 10.45 -28.46 -63.05
CA GLU R 197 9.80 -29.76 -62.84
C GLU R 197 10.76 -30.93 -62.78
N HIS R 198 11.99 -30.77 -63.26
CA HIS R 198 13.04 -31.77 -63.07
C HIS R 198 13.61 -31.75 -61.66
N ASN R 199 13.75 -30.56 -61.06
CA ASN R 199 14.18 -30.50 -59.67
C ASN R 199 13.25 -31.29 -58.75
N ARG R 200 11.94 -31.24 -59.00
CA ARG R 200 11.03 -32.06 -58.21
C ARG R 200 11.27 -33.54 -58.43
N ALA R 201 11.58 -33.95 -59.66
CA ALA R 201 11.81 -35.37 -59.92
C ALA R 201 13.05 -35.86 -59.17
N ILE R 202 14.05 -35.00 -59.07
CA ILE R 202 15.22 -35.33 -58.25
C ILE R 202 14.82 -35.48 -56.79
N VAL R 203 14.09 -34.50 -56.24
CA VAL R 203 13.76 -34.57 -54.82
C VAL R 203 12.88 -35.79 -54.53
N GLU R 204 12.02 -36.18 -55.47
CA GLU R 204 11.21 -37.39 -55.32
C GLU R 204 11.98 -38.67 -55.56
N HIS R 205 13.20 -38.61 -56.09
CA HIS R 205 14.04 -39.81 -56.11
C HIS R 205 14.88 -39.91 -54.84
N ASN R 206 15.46 -38.80 -54.39
CA ASN R 206 16.08 -38.75 -53.07
C ASN R 206 15.16 -39.24 -51.95
N ALA R 207 13.86 -38.94 -52.03
CA ALA R 207 12.94 -39.47 -51.02
C ALA R 207 12.92 -41.00 -51.00
N ILE R 208 13.01 -41.64 -52.16
CA ILE R 208 13.02 -43.10 -52.20
C ILE R 208 14.34 -43.65 -51.72
N ILE R 209 15.44 -42.95 -51.98
CA ILE R 209 16.71 -43.39 -51.41
C ILE R 209 16.64 -43.38 -49.89
N VAL R 210 16.14 -42.30 -49.30
CA VAL R 210 16.08 -42.24 -47.84
C VAL R 210 15.10 -43.28 -47.28
N GLU R 211 13.98 -43.52 -47.98
CA GLU R 211 13.07 -44.59 -47.60
C GLU R 211 13.64 -45.97 -47.83
N ASN R 212 14.81 -46.10 -48.44
CA ASN R 212 15.48 -47.39 -48.52
C ASN R 212 16.54 -47.54 -47.43
N ASN R 213 17.34 -46.49 -47.21
CA ASN R 213 18.27 -46.50 -46.09
C ASN R 213 17.59 -46.76 -44.74
N ARG R 214 16.35 -46.29 -44.58
CA ARG R 214 15.59 -46.60 -43.36
C ARG R 214 15.41 -48.10 -43.15
N ILE R 215 15.16 -48.85 -44.22
CA ILE R 215 14.96 -50.29 -44.08
C ILE R 215 16.29 -51.00 -43.93
N ILE R 216 17.34 -50.51 -44.57
CA ILE R 216 18.65 -51.10 -44.36
C ILE R 216 19.08 -50.98 -42.91
N ALA R 217 18.86 -49.81 -42.29
CA ALA R 217 19.15 -49.67 -40.86
C ALA R 217 18.25 -50.55 -39.99
N LEU R 218 17.00 -50.76 -40.40
CA LEU R 218 16.17 -51.68 -39.62
C LEU R 218 16.72 -53.10 -39.66
N VAL R 219 16.95 -53.65 -40.84
CA VAL R 219 17.49 -55.00 -40.93
C VAL R 219 18.82 -55.13 -40.18
N LEU R 220 19.67 -54.09 -40.23
CA LEU R 220 20.89 -54.15 -39.42
C LEU R 220 20.60 -54.25 -37.93
N LEU R 221 19.56 -53.59 -37.45
CA LEU R 221 19.25 -53.70 -36.02
C LEU R 221 18.70 -55.08 -35.71
N LEU R 222 17.76 -55.58 -36.51
CA LEU R 222 17.17 -56.88 -36.24
C LEU R 222 18.22 -57.99 -36.29
N ILE R 223 19.25 -57.84 -37.13
CA ILE R 223 20.34 -58.81 -37.12
C ILE R 223 21.17 -58.69 -35.85
N VAL R 224 21.60 -57.48 -35.49
CA VAL R 224 22.45 -57.39 -34.32
C VAL R 224 21.73 -57.83 -33.04
N LEU R 225 20.41 -57.63 -32.97
CA LEU R 225 19.64 -58.17 -31.85
C LEU R 225 19.45 -59.67 -31.92
N ALA R 226 19.45 -60.25 -33.12
CA ALA R 226 19.23 -61.69 -33.17
C ALA R 226 20.50 -62.48 -32.88
N ILE R 227 21.67 -61.94 -33.20
CA ILE R 227 22.92 -62.60 -32.87
C ILE R 227 23.24 -62.39 -31.40
N GLY S 2 70.45 -34.25 -25.99
CA GLY S 2 69.37 -33.34 -26.49
C GLY S 2 69.66 -31.88 -26.22
N SER S 3 68.84 -31.00 -26.80
CA SER S 3 69.00 -29.57 -26.57
C SER S 3 68.41 -29.17 -25.23
N GLU S 4 68.64 -27.92 -24.87
CA GLU S 4 68.22 -27.41 -23.57
C GLU S 4 66.73 -27.61 -23.33
N GLU S 5 65.92 -27.48 -24.38
CA GLU S 5 64.47 -27.61 -24.19
C GLU S 5 64.06 -29.05 -23.90
N GLU S 6 64.81 -30.03 -24.40
CA GLU S 6 64.46 -31.41 -24.13
C GLU S 6 64.80 -31.78 -22.69
N ILE S 7 65.96 -31.36 -22.20
CA ILE S 7 66.30 -31.58 -20.81
C ILE S 7 65.34 -30.85 -19.90
N ALA S 8 64.99 -29.62 -20.23
CA ALA S 8 64.05 -28.87 -19.40
C ALA S 8 62.67 -29.52 -19.35
N LYS S 9 62.18 -30.03 -20.47
CA LYS S 9 60.94 -30.81 -20.44
C LYS S 9 61.07 -32.08 -19.61
N ALA S 10 62.20 -32.77 -19.71
CA ALA S 10 62.38 -33.99 -18.93
C ALA S 10 62.52 -33.72 -17.44
N LEU S 11 63.11 -32.59 -17.07
CA LEU S 11 63.14 -32.19 -15.67
C LEU S 11 61.80 -31.70 -15.15
N GLU S 12 60.96 -31.12 -16.00
CA GLU S 12 59.59 -30.85 -15.55
C GLU S 12 58.80 -32.13 -15.33
N GLU S 13 58.97 -33.12 -16.21
CA GLU S 13 58.38 -34.44 -15.95
C GLU S 13 58.92 -35.06 -14.68
N LEU S 14 60.20 -34.83 -14.38
CA LEU S 14 60.82 -35.42 -13.20
C LEU S 14 60.26 -34.80 -11.92
N VAL S 15 60.22 -33.48 -11.86
CA VAL S 15 59.74 -32.82 -10.65
C VAL S 15 58.25 -33.04 -10.43
N ALA S 16 57.45 -33.07 -11.50
CA ALA S 16 56.04 -33.46 -11.34
C ALA S 16 55.88 -34.91 -10.87
N SER S 17 56.74 -35.82 -11.34
CA SER S 17 56.72 -37.18 -10.81
C SER S 17 57.09 -37.24 -9.33
N LEU S 18 58.05 -36.43 -8.90
CA LEU S 18 58.34 -36.38 -7.46
C LEU S 18 57.18 -35.81 -6.66
N ALA S 19 56.52 -34.78 -7.16
CA ALA S 19 55.40 -34.21 -6.42
C ALA S 19 54.22 -35.18 -6.33
N GLU S 20 54.06 -36.06 -7.32
CA GLU S 20 53.08 -37.15 -7.21
C GLU S 20 53.52 -38.25 -6.24
N LEU S 21 54.78 -38.66 -6.30
CA LEU S 21 55.32 -39.68 -5.40
C LEU S 21 55.37 -39.27 -3.93
N LYS S 22 55.57 -37.99 -3.62
CA LYS S 22 55.51 -37.57 -2.22
C LYS S 22 54.09 -37.63 -1.66
N ARG S 23 53.09 -37.21 -2.43
CA ARG S 23 51.72 -37.36 -1.98
C ARG S 23 51.34 -38.82 -1.78
N ALA S 24 51.71 -39.68 -2.74
CA ALA S 24 51.40 -41.10 -2.55
C ALA S 24 52.14 -41.69 -1.34
N THR S 25 53.34 -41.21 -1.05
CA THR S 25 54.04 -41.67 0.16
C THR S 25 53.31 -41.26 1.42
N LEU S 26 52.91 -40.00 1.50
CA LEU S 26 52.21 -39.54 2.70
C LEU S 26 50.91 -40.31 2.89
N LYS S 27 50.14 -40.50 1.82
CA LYS S 27 48.89 -41.24 1.97
C LYS S 27 49.12 -42.71 2.31
N LEU S 28 50.22 -43.31 1.82
CA LEU S 28 50.52 -44.69 2.18
C LEU S 28 50.93 -44.86 3.64
N LEU S 29 51.65 -43.89 4.20
CA LEU S 29 51.85 -43.89 5.64
C LEU S 29 50.55 -43.68 6.40
N ASP S 30 49.71 -42.76 5.94
CA ASP S 30 48.45 -42.53 6.64
C ASP S 30 47.57 -43.78 6.68
N ILE S 31 47.42 -44.46 5.54
CA ILE S 31 46.68 -45.73 5.56
C ILE S 31 47.47 -46.85 6.21
N THR S 32 48.72 -46.59 6.57
CA THR S 32 49.45 -47.53 7.42
C THR S 32 49.26 -47.26 8.91
N ASP S 33 48.80 -46.05 9.25
CA ASP S 33 48.74 -45.63 10.65
C ASP S 33 47.73 -46.39 11.49
N LYS S 34 46.43 -46.26 11.21
CA LYS S 34 45.41 -46.87 12.02
C LYS S 34 44.31 -47.51 11.18
N LEU S 35 43.88 -48.70 11.61
CA LEU S 35 42.58 -49.26 11.25
C LEU S 35 42.23 -50.30 12.29
N LYS S 36 41.10 -50.10 12.98
CA LYS S 36 40.65 -51.05 13.98
C LYS S 36 40.15 -52.35 13.35
N LYS S 37 39.30 -52.23 12.32
CA LYS S 37 38.57 -53.39 11.84
C LYS S 37 39.50 -54.36 11.11
N ASN S 38 39.07 -55.66 11.06
CA ASN S 38 39.84 -56.79 10.55
C ASN S 38 39.51 -57.06 9.09
N PRO S 39 40.48 -57.55 8.33
CA PRO S 39 40.34 -57.61 6.87
C PRO S 39 39.47 -58.76 6.37
N SER S 40 39.03 -58.60 5.13
CA SER S 40 38.13 -59.51 4.43
C SER S 40 38.94 -60.54 3.63
N GLU S 41 38.23 -61.36 2.87
CA GLU S 41 38.88 -62.18 1.84
C GLU S 41 39.35 -61.33 0.67
N SER S 42 38.56 -60.34 0.26
CA SER S 42 39.03 -59.38 -0.74
C SER S 42 40.21 -58.56 -0.26
N ALA S 43 40.39 -58.42 1.05
CA ALA S 43 41.59 -57.83 1.63
C ALA S 43 42.76 -58.78 1.71
N LEU S 44 42.59 -60.03 1.28
CA LEU S 44 43.69 -60.90 0.89
C LEU S 44 44.02 -60.77 -0.59
N VAL S 45 42.99 -60.80 -1.44
CA VAL S 45 43.16 -60.64 -2.87
C VAL S 45 43.84 -59.32 -3.23
N SER S 46 43.79 -58.31 -2.36
CA SER S 46 44.50 -57.06 -2.59
C SER S 46 45.43 -56.74 -1.45
N HIS S 47 46.07 -57.78 -0.91
CA HIS S 47 46.77 -57.68 0.37
C HIS S 47 47.63 -56.42 0.55
N ASN S 48 48.52 -56.15 -0.39
CA ASN S 48 49.43 -55.01 -0.29
C ASN S 48 49.35 -54.05 -1.46
N LYS S 49 48.19 -53.96 -2.11
CA LYS S 49 48.14 -53.31 -3.42
C LYS S 49 48.71 -51.90 -3.40
N ALA S 50 48.55 -51.16 -2.30
CA ALA S 50 49.09 -49.81 -2.21
C ALA S 50 50.61 -49.75 -2.19
N ILE S 51 51.29 -50.81 -1.76
CA ILE S 51 52.75 -50.84 -1.83
C ILE S 51 53.22 -51.12 -3.24
N VAL S 52 52.64 -52.12 -3.89
CA VAL S 52 53.06 -52.44 -5.25
C VAL S 52 52.76 -51.27 -6.19
N GLU S 53 51.61 -50.61 -6.00
CA GLU S 53 51.35 -49.36 -6.71
C GLU S 53 52.31 -48.23 -6.36
N HIS S 54 52.88 -48.21 -5.16
CA HIS S 54 53.86 -47.16 -4.85
C HIS S 54 55.21 -47.46 -5.52
N ASN S 55 55.67 -48.70 -5.38
CA ASN S 55 56.89 -49.15 -6.04
C ASN S 55 56.85 -48.90 -7.55
N ALA S 56 55.71 -49.13 -8.19
CA ALA S 56 55.62 -48.81 -9.61
C ALA S 56 55.87 -47.34 -9.91
N ILE S 57 55.47 -46.44 -9.01
CA ILE S 57 55.75 -45.03 -9.23
C ILE S 57 57.22 -44.73 -9.01
N ILE S 58 57.85 -45.40 -8.05
CA ILE S 58 59.27 -45.18 -7.85
C ILE S 58 60.07 -45.65 -9.07
N VAL S 59 59.73 -46.82 -9.59
CA VAL S 59 60.38 -47.35 -10.80
C VAL S 59 60.18 -46.42 -12.00
N GLU S 60 59.00 -45.83 -12.14
CA GLU S 60 58.80 -44.85 -13.22
C GLU S 60 59.57 -43.55 -12.99
N ASN S 61 59.78 -43.16 -11.75
CA ASN S 61 60.60 -41.97 -11.50
C ASN S 61 62.07 -42.24 -11.81
N ASN S 62 62.60 -43.39 -11.37
CA ASN S 62 63.96 -43.78 -11.71
C ASN S 62 64.19 -43.91 -13.21
N ARG S 63 63.21 -44.38 -13.97
CA ARG S 63 63.41 -44.43 -15.43
C ARG S 63 63.60 -43.04 -16.03
N ILE S 64 62.88 -42.05 -15.53
CA ILE S 64 63.02 -40.70 -16.07
C ILE S 64 64.35 -40.09 -15.63
N ILE S 65 64.74 -40.31 -14.37
CA ILE S 65 66.04 -39.84 -13.93
C ILE S 65 67.16 -40.39 -14.82
N ALA S 66 67.10 -41.69 -15.12
CA ALA S 66 68.13 -42.26 -16.00
C ALA S 66 68.06 -41.72 -17.42
N ALA S 67 66.88 -41.34 -17.90
CA ALA S 67 66.80 -40.72 -19.23
C ALA S 67 67.37 -39.31 -19.23
N VAL S 68 67.18 -38.57 -18.13
CA VAL S 68 67.81 -37.26 -18.04
C VAL S 68 69.32 -37.39 -17.92
N LEU S 69 69.82 -38.37 -17.16
CA LEU S 69 71.27 -38.53 -17.09
C LEU S 69 71.86 -38.82 -18.46
N GLU S 70 71.17 -39.63 -19.26
CA GLU S 70 71.69 -39.89 -20.60
C GLU S 70 71.65 -38.64 -21.48
N LEU S 71 70.57 -37.87 -21.42
CA LEU S 71 70.48 -36.63 -22.19
C LEU S 71 71.54 -35.61 -21.76
N ILE S 72 71.86 -35.55 -20.47
CA ILE S 72 72.92 -34.65 -20.00
C ILE S 72 74.28 -35.12 -20.50
N VAL S 73 74.62 -36.38 -20.26
CA VAL S 73 75.97 -36.82 -20.58
C VAL S 73 76.20 -36.77 -22.09
N ARG S 74 75.19 -37.10 -22.89
CA ARG S 74 75.33 -36.98 -24.33
C ARG S 74 75.43 -35.53 -24.80
N ALA S 75 75.17 -34.56 -23.92
CA ALA S 75 75.47 -33.16 -24.20
C ALA S 75 76.88 -32.77 -23.77
N VAL S 76 77.26 -33.09 -22.53
CA VAL S 76 78.53 -32.61 -22.01
C VAL S 76 79.71 -33.47 -22.45
N GLY S 77 79.45 -34.68 -22.92
CA GLY S 77 80.48 -35.53 -23.47
C GLY S 77 80.93 -36.61 -22.51
N MET S 78 80.86 -37.85 -22.99
CA MET S 78 81.28 -39.03 -22.23
C MET S 78 82.78 -39.07 -22.03
N THR S 79 83.17 -39.78 -20.98
CA THR S 79 84.54 -40.22 -20.77
C THR S 79 84.51 -41.70 -20.37
N ASP S 80 85.68 -42.32 -20.40
CA ASP S 80 85.76 -43.77 -20.15
C ASP S 80 84.94 -44.17 -18.92
N GLU S 81 85.20 -43.50 -17.79
CA GLU S 81 84.56 -43.91 -16.54
C GLU S 81 83.07 -43.57 -16.53
N ILE S 82 82.70 -42.44 -17.14
CA ILE S 82 81.29 -42.11 -17.27
C ILE S 82 80.58 -43.10 -18.18
N ASP S 83 81.22 -43.49 -19.29
CA ASP S 83 80.56 -44.43 -20.20
C ASP S 83 80.42 -45.81 -19.58
N LEU S 84 81.43 -46.27 -18.84
CA LEU S 84 81.30 -47.51 -18.07
C LEU S 84 80.17 -47.41 -17.04
N ALA S 85 80.06 -46.28 -16.36
CA ALA S 85 79.04 -46.15 -15.34
C ALA S 85 77.64 -46.07 -15.96
N LEU S 86 77.50 -45.42 -17.11
CA LEU S 86 76.23 -45.42 -17.82
C LEU S 86 75.85 -46.81 -18.32
N LEU S 87 76.81 -47.60 -18.78
CA LEU S 87 76.48 -48.97 -19.17
C LEU S 87 76.07 -49.85 -17.98
N LYS S 88 76.75 -49.69 -16.85
CA LYS S 88 76.25 -50.29 -15.61
C LYS S 88 74.85 -49.85 -15.26
N LEU S 89 74.56 -48.55 -15.40
CA LEU S 89 73.22 -48.04 -15.11
C LEU S 89 72.17 -48.63 -16.04
N LYS S 90 72.50 -48.84 -17.31
CA LYS S 90 71.57 -49.51 -18.21
C LYS S 90 71.35 -50.98 -17.83
N ALA S 91 72.42 -51.68 -17.45
CA ALA S 91 72.22 -53.06 -17.00
C ALA S 91 71.38 -53.15 -15.74
N SER S 92 71.54 -52.21 -14.81
CA SER S 92 70.72 -52.22 -13.61
C SER S 92 69.27 -51.83 -13.90
N THR S 93 69.04 -50.87 -14.79
CA THR S 93 67.68 -50.54 -15.16
C THR S 93 67.00 -51.70 -15.90
N ALA S 94 67.76 -52.49 -16.65
CA ALA S 94 67.17 -53.71 -17.23
C ALA S 94 66.85 -54.75 -16.16
N ARG S 95 67.74 -54.92 -15.18
CA ARG S 95 67.44 -55.84 -14.08
C ARG S 95 66.16 -55.44 -13.35
N LEU S 96 65.94 -54.13 -13.17
CA LEU S 96 64.75 -53.65 -12.50
C LEU S 96 63.46 -54.04 -13.23
N LYS S 97 63.50 -54.16 -14.56
CA LYS S 97 62.30 -54.60 -15.27
C LYS S 97 61.95 -56.05 -14.99
N VAL S 98 62.95 -56.93 -14.93
CA VAL S 98 62.67 -58.31 -14.57
C VAL S 98 62.22 -58.43 -13.11
N ALA S 99 62.80 -57.64 -12.21
CA ALA S 99 62.35 -57.69 -10.83
C ALA S 99 60.91 -57.18 -10.67
N THR S 100 60.53 -56.19 -11.46
CA THR S 100 59.16 -55.71 -11.44
C THR S 100 58.20 -56.75 -12.02
N ALA S 101 58.54 -57.32 -13.17
CA ALA S 101 57.68 -58.35 -13.74
C ALA S 101 57.57 -59.57 -12.85
N LEU S 102 58.57 -59.86 -12.03
CA LEU S 102 58.41 -60.94 -11.06
C LEU S 102 57.46 -60.56 -9.93
N LEU S 103 57.57 -59.34 -9.40
CA LEU S 103 56.63 -58.95 -8.37
C LEU S 103 55.20 -58.90 -8.90
N ARG S 104 55.01 -58.38 -10.11
CA ARG S 104 53.74 -58.35 -10.81
C ARG S 104 53.22 -59.70 -11.24
N MET S 105 54.05 -60.74 -11.23
CA MET S 105 53.53 -62.10 -11.38
C MET S 105 53.08 -62.69 -10.05
N ILE S 106 53.94 -62.63 -9.02
CA ILE S 106 53.57 -63.21 -7.73
C ILE S 106 52.36 -62.53 -7.11
N THR S 107 52.19 -61.23 -7.34
CA THR S 107 50.95 -60.56 -6.91
C THR S 107 49.70 -61.14 -7.56
N GLU S 108 49.76 -61.51 -8.83
CA GLU S 108 48.56 -62.07 -9.44
C GLU S 108 48.38 -63.55 -9.11
N GLU S 109 49.49 -64.27 -8.90
CA GLU S 109 49.38 -65.63 -8.39
C GLU S 109 48.79 -65.68 -7.00
N LEU S 110 48.87 -64.57 -6.26
CA LEU S 110 48.18 -64.42 -4.99
C LEU S 110 46.65 -64.29 -5.13
N LYS S 111 46.13 -63.99 -6.32
CA LYS S 111 44.69 -64.08 -6.56
C LYS S 111 44.16 -65.52 -6.57
N LYS S 112 45.03 -66.53 -6.57
CA LYS S 112 44.61 -67.90 -6.88
C LYS S 112 45.02 -68.91 -5.82
N ASN S 113 46.04 -68.64 -5.02
CA ASN S 113 46.34 -69.44 -3.82
C ASN S 113 46.52 -68.53 -2.60
N PRO S 114 45.58 -67.61 -2.37
CA PRO S 114 45.66 -66.75 -1.18
C PRO S 114 45.62 -67.58 0.10
N SER S 115 46.66 -67.44 0.91
CA SER S 115 46.73 -68.11 2.20
C SER S 115 47.79 -67.40 3.04
N GLU S 116 47.69 -67.59 4.36
CA GLU S 116 48.59 -66.92 5.29
C GLU S 116 50.06 -67.19 5.00
N ASP S 117 50.37 -68.29 4.32
CA ASP S 117 51.75 -68.56 3.94
C ASP S 117 52.16 -67.78 2.70
N ALA S 118 51.29 -67.75 1.70
CA ALA S 118 51.54 -66.97 0.49
C ALA S 118 51.68 -65.48 0.76
N LEU S 119 50.98 -64.95 1.76
CA LEU S 119 51.18 -63.55 2.13
C LEU S 119 52.61 -63.25 2.57
N VAL S 120 53.28 -64.20 3.23
CA VAL S 120 54.66 -63.96 3.63
C VAL S 120 55.59 -64.06 2.43
N GLU S 121 55.30 -64.93 1.48
CA GLU S 121 56.05 -64.96 0.24
C GLU S 121 55.92 -63.64 -0.50
N HIS S 122 54.69 -63.12 -0.59
CA HIS S 122 54.49 -61.86 -1.29
C HIS S 122 55.22 -60.71 -0.60
N ASN S 123 55.20 -60.69 0.74
CA ASN S 123 55.96 -59.66 1.44
C ASN S 123 57.45 -59.77 1.19
N ARG S 124 57.97 -61.00 1.09
CA ARG S 124 59.39 -61.14 0.77
C ARG S 124 59.71 -60.73 -0.67
N ALA S 125 58.78 -60.94 -1.60
CA ALA S 125 58.97 -60.43 -2.95
C ALA S 125 59.00 -58.90 -2.99
N ILE S 126 58.17 -58.26 -2.17
CA ILE S 126 58.21 -56.80 -2.09
C ILE S 126 59.53 -56.31 -1.49
N VAL S 127 60.05 -57.04 -0.50
CA VAL S 127 61.34 -56.65 0.06
C VAL S 127 62.47 -56.83 -0.94
N ASN S 128 62.42 -57.88 -1.76
CA ASN S 128 63.45 -58.04 -2.78
C ASN S 128 63.37 -56.99 -3.90
N HIS S 129 62.16 -56.56 -4.24
CA HIS S 129 62.04 -55.44 -5.17
C HIS S 129 62.62 -54.16 -4.59
N ASN S 130 62.31 -53.86 -3.34
CA ASN S 130 62.90 -52.69 -2.70
C ASN S 130 64.42 -52.77 -2.67
N ALA S 131 64.96 -53.93 -2.34
CA ALA S 131 66.41 -54.14 -2.34
C ALA S 131 67.04 -53.98 -3.73
N ILE S 132 66.28 -54.12 -4.80
CA ILE S 132 66.85 -53.85 -6.12
C ILE S 132 66.69 -52.39 -6.55
N ILE S 133 65.67 -51.70 -6.05
CA ILE S 133 65.56 -50.28 -6.31
C ILE S 133 66.67 -49.52 -5.61
N VAL S 134 67.05 -49.96 -4.42
CA VAL S 134 68.18 -49.33 -3.74
C VAL S 134 69.46 -49.43 -4.57
N GLU S 135 69.68 -50.57 -5.24
CA GLU S 135 70.85 -50.68 -6.11
C GLU S 135 70.77 -49.72 -7.27
N ASN S 136 69.61 -49.60 -7.90
CA ASN S 136 69.46 -48.66 -9.00
C ASN S 136 69.78 -47.23 -8.55
N ASN S 137 69.35 -46.86 -7.34
CA ASN S 137 69.68 -45.53 -6.81
C ASN S 137 71.18 -45.38 -6.52
N ARG S 138 71.84 -46.44 -6.06
CA ARG S 138 73.27 -46.31 -5.78
C ARG S 138 74.11 -46.17 -7.04
N ILE S 139 73.62 -46.73 -8.14
CA ILE S 139 74.31 -46.53 -9.41
C ILE S 139 74.04 -45.14 -9.98
N ILE S 140 72.79 -44.67 -9.92
CA ILE S 140 72.52 -43.32 -10.39
C ILE S 140 73.30 -42.28 -9.58
N ALA S 141 73.37 -42.44 -8.26
CA ALA S 141 74.18 -41.53 -7.45
C ALA S 141 75.68 -41.60 -7.78
N ALA S 142 76.19 -42.77 -8.14
CA ALA S 142 77.58 -42.82 -8.58
C ALA S 142 77.80 -42.09 -9.90
N VAL S 143 76.92 -42.29 -10.86
CA VAL S 143 77.01 -41.54 -12.12
C VAL S 143 76.94 -40.03 -11.87
N LEU S 144 76.06 -39.59 -10.98
CA LEU S 144 76.00 -38.16 -10.71
C LEU S 144 77.28 -37.62 -10.08
N GLU S 145 77.85 -38.31 -9.10
CA GLU S 145 79.11 -37.83 -8.55
C GLU S 145 80.22 -37.80 -9.60
N LEU S 146 80.20 -38.74 -10.54
CA LEU S 146 81.15 -38.70 -11.64
C LEU S 146 80.95 -37.48 -12.53
N ILE S 147 79.71 -37.21 -12.93
CA ILE S 147 79.46 -36.08 -13.82
C ILE S 147 79.83 -34.77 -13.13
N VAL S 148 79.57 -34.65 -11.84
CA VAL S 148 79.91 -33.42 -11.13
C VAL S 148 81.41 -33.22 -11.07
N ARG S 149 82.18 -34.28 -10.79
CA ARG S 149 83.64 -34.14 -10.83
C ARG S 149 84.16 -33.84 -12.23
N ALA S 150 83.59 -34.47 -13.26
CA ALA S 150 84.04 -34.21 -14.63
C ALA S 150 83.85 -32.76 -15.07
N LEU S 151 82.75 -32.12 -14.68
CA LEU S 151 82.56 -30.69 -14.93
C LEU S 151 83.34 -29.76 -14.00
N ASN S 152 84.08 -30.28 -13.02
CA ASN S 152 84.80 -29.43 -12.09
C ASN S 152 83.88 -28.39 -11.48
N LEU S 153 82.68 -28.83 -11.12
CA LEU S 153 81.56 -27.97 -10.78
C LEU S 153 81.59 -27.69 -9.28
N THR S 154 82.18 -26.57 -8.90
CA THR S 154 82.57 -26.32 -7.51
C THR S 154 81.59 -25.44 -6.74
N ASP S 155 80.47 -25.04 -7.32
CA ASP S 155 79.51 -24.21 -6.59
C ASP S 155 79.16 -24.86 -5.25
N GLU S 156 78.96 -24.01 -4.24
CA GLU S 156 78.60 -24.49 -2.91
C GLU S 156 77.21 -25.13 -2.87
N GLU S 157 76.26 -24.68 -3.68
CA GLU S 157 74.98 -25.36 -3.75
C GLU S 157 75.14 -26.81 -4.21
N VAL S 158 75.99 -27.05 -5.19
CA VAL S 158 76.24 -28.41 -5.65
C VAL S 158 77.04 -29.20 -4.61
N ARG S 159 78.08 -28.59 -4.06
CA ARG S 159 78.87 -29.28 -3.05
C ARG S 159 77.99 -29.75 -1.90
N LYS S 160 77.17 -28.85 -1.35
CA LYS S 160 76.27 -29.22 -0.27
C LYS S 160 75.22 -30.24 -0.70
N ALA S 161 74.74 -30.16 -1.95
CA ALA S 161 73.77 -31.16 -2.41
C ALA S 161 74.39 -32.55 -2.55
N LEU S 162 75.65 -32.64 -2.94
CA LEU S 162 76.32 -33.93 -2.89
C LEU S 162 76.58 -34.39 -1.46
N GLU S 163 77.03 -33.49 -0.59
CA GLU S 163 77.23 -33.87 0.80
C GLU S 163 75.95 -34.41 1.43
N GLU S 164 74.79 -33.94 0.96
CA GLU S 164 73.52 -34.54 1.37
C GLU S 164 73.24 -35.86 0.67
N LEU S 165 73.58 -35.97 -0.63
CA LEU S 165 73.28 -37.20 -1.36
C LEU S 165 74.06 -38.39 -0.83
N LYS S 166 75.33 -38.20 -0.50
CA LYS S 166 76.13 -39.29 0.06
C LYS S 166 75.58 -39.79 1.39
N ALA S 167 75.25 -38.88 2.29
CA ALA S 167 74.66 -39.29 3.57
C ALA S 167 73.30 -39.96 3.39
N SER S 168 72.48 -39.48 2.46
CA SER S 168 71.22 -40.17 2.21
C SER S 168 71.42 -41.55 1.60
N THR S 169 72.45 -41.74 0.79
CA THR S 169 72.74 -43.06 0.27
C THR S 169 73.21 -44.02 1.35
N ALA S 170 74.04 -43.56 2.29
CA ALA S 170 74.43 -44.43 3.39
C ALA S 170 73.26 -44.74 4.32
N GLU S 171 72.40 -43.76 4.57
CA GLU S 171 71.18 -44.01 5.33
C GLU S 171 70.29 -45.05 4.64
N LEU S 172 70.25 -45.03 3.32
CA LEU S 172 69.43 -46.00 2.60
C LEU S 172 70.05 -47.39 2.58
N LYS S 173 71.38 -47.48 2.52
CA LYS S 173 72.04 -48.77 2.72
C LYS S 173 71.72 -49.37 4.08
N ARG S 174 71.93 -48.60 5.14
CA ARG S 174 71.61 -49.09 6.48
C ARG S 174 70.15 -49.50 6.62
N ALA S 175 69.22 -48.72 6.04
CA ALA S 175 67.82 -49.11 6.12
C ALA S 175 67.50 -50.37 5.33
N THR S 176 68.22 -50.61 4.23
CA THR S 176 67.95 -51.83 3.46
C THR S 176 68.46 -53.05 4.19
N ALA S 177 69.67 -52.97 4.73
CA ALA S 177 70.19 -54.06 5.55
C ALA S 177 69.30 -54.36 6.75
N SER S 178 68.78 -53.32 7.40
CA SER S 178 67.83 -53.54 8.49
C SER S 178 66.52 -54.18 8.05
N LEU S 179 65.99 -53.77 6.90
CA LEU S 179 64.77 -54.40 6.39
C LEU S 179 64.99 -55.87 6.03
N ARG S 180 66.11 -56.21 5.42
CA ARG S 180 66.40 -57.61 5.15
C ARG S 180 66.64 -58.40 6.44
N ALA S 181 67.27 -57.79 7.42
CA ALA S 181 67.45 -58.47 8.71
C ALA S 181 66.11 -58.82 9.35
N ILE S 182 65.20 -57.85 9.45
CA ILE S 182 63.89 -58.18 10.01
C ILE S 182 63.11 -59.14 9.12
N THR S 183 63.33 -59.09 7.81
CA THR S 183 62.62 -60.02 6.94
C THR S 183 63.05 -61.46 7.18
N GLU S 184 64.31 -61.67 7.55
CA GLU S 184 64.73 -62.99 7.98
C GLU S 184 63.99 -63.44 9.25
N GLU S 185 63.81 -62.53 10.21
CA GLU S 185 63.07 -62.85 11.42
C GLU S 185 61.60 -63.16 11.14
N LEU S 186 60.98 -62.46 10.19
CA LEU S 186 59.65 -62.84 9.73
C LEU S 186 59.65 -64.22 9.07
N LYS S 187 60.69 -64.52 8.30
CA LYS S 187 60.80 -65.83 7.67
C LYS S 187 60.88 -66.94 8.71
N LYS S 188 61.57 -66.70 9.82
CA LYS S 188 61.52 -67.63 10.94
C LYS S 188 60.15 -67.71 11.60
N ASN S 189 59.53 -66.56 11.89
CA ASN S 189 58.35 -66.52 12.75
C ASN S 189 57.14 -65.95 12.01
N PRO S 190 56.65 -66.66 11.00
CA PRO S 190 55.56 -66.15 10.15
C PRO S 190 54.25 -66.07 10.93
N SER S 191 53.72 -64.86 11.08
CA SER S 191 52.45 -64.66 11.75
C SER S 191 51.80 -63.37 11.24
N GLU S 192 50.47 -63.33 11.35
CA GLU S 192 49.72 -62.08 11.18
C GLU S 192 50.25 -60.98 12.10
N ASP S 193 50.61 -61.34 13.33
CA ASP S 193 51.13 -60.35 14.27
C ASP S 193 52.43 -59.75 13.75
N ALA S 194 53.34 -60.59 13.26
CA ALA S 194 54.56 -60.05 12.69
C ALA S 194 54.35 -59.47 11.29
N LEU S 195 53.36 -59.97 10.55
CA LEU S 195 53.06 -59.37 9.25
C LEU S 195 52.64 -57.90 9.38
N VAL S 196 51.86 -57.58 10.41
CA VAL S 196 51.39 -56.21 10.58
C VAL S 196 52.55 -55.26 10.84
N GLU S 197 53.51 -55.67 11.66
CA GLU S 197 54.69 -54.87 11.96
C GLU S 197 55.78 -54.92 10.88
N HIS S 198 55.74 -55.92 10.01
CA HIS S 198 56.62 -55.96 8.84
C HIS S 198 56.14 -55.02 7.73
N ASN S 199 54.83 -54.91 7.54
CA ASN S 199 54.29 -53.93 6.60
C ASN S 199 54.75 -52.52 6.93
N ARG S 200 54.80 -52.17 8.21
CA ARG S 200 55.32 -50.86 8.59
C ARG S 200 56.79 -50.71 8.21
N ALA S 201 57.58 -51.76 8.36
CA ALA S 201 59.00 -51.66 8.02
C ALA S 201 59.17 -51.42 6.53
N ILE S 202 58.29 -52.01 5.72
CA ILE S 202 58.30 -51.72 4.29
C ILE S 202 57.95 -50.25 4.04
N VAL S 203 56.86 -49.77 4.62
CA VAL S 203 56.46 -48.39 4.34
C VAL S 203 57.53 -47.39 4.80
N GLU S 204 58.22 -47.69 5.90
CA GLU S 204 59.31 -46.86 6.37
C GLU S 204 60.61 -47.03 5.58
N HIS S 205 60.71 -48.04 4.72
CA HIS S 205 61.82 -48.08 3.80
C HIS S 205 61.51 -47.35 2.49
N ASN S 206 60.31 -47.56 1.96
CA ASN S 206 59.83 -46.73 0.85
C ASN S 206 59.95 -45.23 1.13
N ALA S 207 59.69 -44.81 2.36
CA ALA S 207 59.87 -43.39 2.69
C ALA S 207 61.32 -42.93 2.49
N ILE S 208 62.30 -43.78 2.79
CA ILE S 208 63.69 -43.40 2.61
C ILE S 208 64.08 -43.42 1.14
N ILE S 209 63.50 -44.33 0.36
CA ILE S 209 63.74 -44.29 -1.08
C ILE S 209 63.24 -42.97 -1.67
N VAL S 210 62.03 -42.56 -1.32
CA VAL S 210 61.51 -41.32 -1.88
C VAL S 210 62.31 -40.11 -1.40
N GLU S 211 62.75 -40.14 -0.12
CA GLU S 211 63.63 -39.10 0.39
C GLU S 211 65.04 -39.16 -0.20
N ASN S 212 65.36 -40.16 -1.00
CA ASN S 212 66.62 -40.17 -1.72
C ASN S 212 66.45 -39.67 -3.16
N ASN S 213 65.40 -40.14 -3.84
CA ASN S 213 65.08 -39.60 -5.16
C ASN S 213 64.89 -38.08 -5.14
N ARG S 214 64.36 -37.52 -4.05
CA ARG S 214 64.27 -36.07 -3.94
C ARG S 214 65.63 -35.39 -4.07
N ILE S 215 66.66 -35.97 -3.48
CA ILE S 215 67.99 -35.35 -3.56
C ILE S 215 68.65 -35.62 -4.90
N ILE S 216 68.39 -36.78 -5.50
CA ILE S 216 68.89 -37.03 -6.84
C ILE S 216 68.33 -36.02 -7.84
N ALA S 217 67.02 -35.74 -7.75
CA ALA S 217 66.43 -34.71 -8.60
C ALA S 217 66.97 -33.32 -8.31
N LEU S 218 67.30 -33.03 -7.05
CA LEU S 218 67.91 -31.74 -6.76
C LEU S 218 69.26 -31.61 -7.44
N VAL S 219 70.16 -32.57 -7.22
CA VAL S 219 71.47 -32.50 -7.85
C VAL S 219 71.34 -32.43 -9.37
N LEU S 220 70.38 -33.13 -9.97
CA LEU S 220 70.16 -32.98 -11.41
C LEU S 220 69.79 -31.56 -11.81
N LEU S 221 69.01 -30.87 -10.99
CA LEU S 221 68.67 -29.50 -11.35
C LEU S 221 69.88 -28.59 -11.20
N LEU S 222 70.60 -28.71 -10.09
CA LEU S 222 71.75 -27.85 -9.87
C LEU S 222 72.82 -28.06 -10.94
N ILE S 223 72.93 -29.28 -11.47
CA ILE S 223 73.84 -29.51 -12.59
C ILE S 223 73.34 -28.82 -13.85
N VAL S 224 72.08 -29.05 -14.22
CA VAL S 224 71.63 -28.47 -15.48
C VAL S 224 71.64 -26.95 -15.43
N LEU S 225 71.41 -26.35 -14.26
CA LEU S 225 71.56 -24.90 -14.13
C LEU S 225 73.00 -24.43 -14.13
N ALA S 226 73.95 -25.27 -13.71
CA ALA S 226 75.32 -24.77 -13.68
C ALA S 226 75.99 -24.84 -15.05
N ILE S 227 75.61 -25.80 -15.88
CA ILE S 227 76.16 -25.87 -17.23
C ILE S 227 75.47 -24.82 -18.10
N GLY T 2 47.18 -49.67 -58.60
CA GLY T 2 46.49 -49.85 -57.29
C GLY T 2 45.02 -50.20 -57.44
N SER T 3 44.38 -50.54 -56.33
CA SER T 3 42.96 -50.86 -56.34
C SER T 3 42.14 -49.57 -56.35
N GLU T 4 40.83 -49.75 -56.51
CA GLU T 4 39.93 -48.61 -56.64
C GLU T 4 40.07 -47.67 -55.46
N GLU T 5 40.28 -48.21 -54.25
CA GLU T 5 40.37 -47.35 -53.08
C GLU T 5 41.64 -46.52 -53.07
N GLU T 6 42.73 -47.00 -53.69
CA GLU T 6 43.94 -46.20 -53.69
C GLU T 6 43.81 -45.03 -54.65
N ILE T 7 43.23 -45.28 -55.83
CA ILE T 7 42.98 -44.18 -56.76
C ILE T 7 41.99 -43.20 -56.18
N ALA T 8 40.93 -43.69 -55.52
CA ALA T 8 39.96 -42.79 -54.92
C ALA T 8 40.55 -41.93 -53.80
N LYS T 9 41.41 -42.51 -52.96
CA LYS T 9 42.14 -41.70 -51.99
C LYS T 9 43.06 -40.68 -52.65
N ALA T 10 43.75 -41.07 -53.72
CA ALA T 10 44.64 -40.14 -54.39
C ALA T 10 43.90 -39.03 -55.11
N LEU T 11 42.70 -39.32 -55.62
CA LEU T 11 41.87 -38.26 -56.20
C LEU T 11 41.23 -37.36 -55.16
N GLU T 12 40.96 -37.86 -53.96
CA GLU T 12 40.55 -36.94 -52.89
C GLU T 12 41.71 -36.03 -52.47
N GLU T 13 42.92 -36.56 -52.37
CA GLU T 13 44.09 -35.72 -52.15
C GLU T 13 44.27 -34.71 -53.28
N LEU T 14 43.97 -35.10 -54.50
CA LEU T 14 44.16 -34.22 -55.65
C LEU T 14 43.16 -33.07 -55.62
N VAL T 15 41.89 -33.37 -55.41
CA VAL T 15 40.87 -32.32 -55.42
C VAL T 15 41.00 -31.41 -54.20
N ALA T 16 41.38 -31.94 -53.04
CA ALA T 16 41.71 -31.06 -51.91
C ALA T 16 42.93 -30.18 -52.17
N SER T 17 43.94 -30.71 -52.87
CA SER T 17 45.06 -29.87 -53.28
C SER T 17 44.64 -28.77 -54.25
N LEU T 18 43.73 -29.06 -55.16
CA LEU T 18 43.22 -28.00 -56.03
C LEU T 18 42.42 -26.95 -55.26
N ALA T 19 41.61 -27.38 -54.30
CA ALA T 19 40.84 -26.41 -53.52
C ALA T 19 41.74 -25.53 -52.65
N GLU T 20 42.88 -26.04 -52.21
CA GLU T 20 43.89 -25.20 -51.54
C GLU T 20 44.62 -24.26 -52.49
N LEU T 21 45.02 -24.77 -53.66
CA LEU T 21 45.71 -23.96 -54.67
C LEU T 21 44.84 -22.86 -55.27
N LYS T 22 43.54 -23.06 -55.40
CA LYS T 22 42.68 -21.97 -55.89
C LYS T 22 42.56 -20.83 -54.88
N ARG T 23 42.42 -21.16 -53.60
CA ARG T 23 42.42 -20.11 -52.59
C ARG T 23 43.75 -19.36 -52.56
N ALA T 24 44.87 -20.08 -52.62
CA ALA T 24 46.15 -19.38 -52.66
C ALA T 24 46.31 -18.54 -53.92
N THR T 25 45.75 -18.96 -55.04
CA THR T 25 45.79 -18.13 -56.25
C THR T 25 44.99 -16.85 -56.07
N LEU T 26 43.78 -16.97 -55.55
CA LEU T 26 42.95 -15.77 -55.35
C LEU T 26 43.62 -14.80 -54.39
N LYS T 27 44.16 -15.31 -53.29
CA LYS T 27 44.81 -14.41 -52.34
C LYS T 27 46.09 -13.81 -52.91
N LEU T 28 46.81 -14.52 -53.79
CA LEU T 28 47.99 -13.92 -54.41
C LEU T 28 47.65 -12.83 -55.40
N LEU T 29 46.55 -12.96 -56.14
CA LEU T 29 46.04 -11.83 -56.91
C LEU T 29 45.60 -10.68 -56.01
N ASP T 30 44.89 -10.97 -54.92
CA ASP T 30 44.44 -9.90 -54.05
C ASP T 30 45.61 -9.11 -53.46
N ILE T 31 46.64 -9.79 -52.97
CA ILE T 31 47.82 -9.08 -52.50
C ILE T 31 48.66 -8.53 -53.65
N THR T 32 48.29 -8.85 -54.89
CA THR T 32 48.88 -8.19 -56.04
C THR T 32 48.13 -6.92 -56.45
N ASP T 33 46.88 -6.78 -55.99
CA ASP T 33 46.02 -5.69 -56.46
C ASP T 33 46.47 -4.30 -56.03
N LYS T 34 46.44 -4.00 -54.73
CA LYS T 34 46.77 -2.66 -54.26
C LYS T 34 47.65 -2.69 -53.02
N LEU T 35 48.64 -1.80 -53.01
CA LEU T 35 49.29 -1.35 -51.77
C LEU T 35 49.95 -0.02 -52.06
N LYS T 36 49.54 1.02 -51.33
CA LYS T 36 50.13 2.35 -51.50
C LYS T 36 51.56 2.40 -50.96
N LYS T 37 51.78 1.88 -49.76
CA LYS T 37 53.04 2.13 -49.07
C LYS T 37 54.18 1.37 -49.75
N ASN T 38 55.43 1.89 -49.53
CA ASN T 38 56.64 1.43 -50.17
C ASN T 38 57.38 0.41 -49.30
N PRO T 39 58.08 -0.53 -49.93
CA PRO T 39 58.61 -1.69 -49.20
C PRO T 39 59.86 -1.38 -48.39
N SER T 40 60.11 -2.29 -47.45
CA SER T 40 61.21 -2.20 -46.49
C SER T 40 62.44 -2.93 -47.02
N GLU T 41 63.48 -3.00 -46.18
CA GLU T 41 64.59 -3.91 -46.45
C GLU T 41 64.17 -5.37 -46.24
N SER T 42 63.37 -5.64 -45.21
CA SER T 42 62.80 -6.98 -45.05
C SER T 42 61.88 -7.35 -46.20
N ALA T 43 61.34 -6.37 -46.91
CA ALA T 43 60.61 -6.59 -48.15
C ALA T 43 61.52 -6.79 -49.35
N LEU T 44 62.83 -6.71 -49.16
CA LEU T 44 63.80 -7.28 -50.08
C LEU T 44 64.14 -8.72 -49.71
N VAL T 45 64.42 -8.96 -48.43
CA VAL T 45 64.71 -10.29 -47.92
C VAL T 45 63.59 -11.29 -48.19
N SER T 46 62.37 -10.82 -48.40
CA SER T 46 61.26 -11.71 -48.76
C SER T 46 60.59 -11.26 -50.05
N HIS T 47 61.41 -10.81 -51.01
CA HIS T 47 60.90 -10.09 -52.17
C HIS T 47 59.66 -10.69 -52.80
N ASN T 48 59.70 -11.98 -53.16
CA ASN T 48 58.58 -12.63 -53.84
C ASN T 48 58.06 -13.86 -53.11
N LYS T 49 58.20 -13.91 -51.78
CA LYS T 49 58.01 -15.18 -51.08
C LYS T 49 56.65 -15.82 -51.37
N ALA T 50 55.61 -15.03 -51.58
CA ALA T 50 54.29 -15.59 -51.88
C ALA T 50 54.22 -16.26 -53.25
N ILE T 51 55.09 -15.88 -54.19
CA ILE T 51 55.13 -16.57 -55.47
C ILE T 51 55.87 -17.89 -55.35
N VAL T 52 57.02 -17.91 -54.69
CA VAL T 52 57.75 -19.16 -54.55
C VAL T 52 56.95 -20.17 -53.73
N GLU T 53 56.26 -19.69 -52.68
CA GLU T 53 55.30 -20.54 -51.97
C GLU T 53 54.12 -20.98 -52.83
N HIS T 54 53.71 -20.21 -53.84
CA HIS T 54 52.63 -20.68 -54.69
C HIS T 54 53.12 -21.75 -55.66
N ASN T 55 54.24 -21.48 -56.34
CA ASN T 55 54.87 -22.46 -57.21
C ASN T 55 55.13 -23.80 -56.51
N ALA T 56 55.57 -23.76 -55.25
CA ALA T 56 55.74 -25.02 -54.53
C ALA T 56 54.45 -25.81 -54.40
N ILE T 57 53.31 -25.12 -54.28
CA ILE T 57 52.04 -25.85 -54.21
C ILE T 57 51.68 -26.41 -55.58
N ILE T 58 51.99 -25.68 -56.64
CA ILE T 58 51.70 -26.22 -57.98
C ILE T 58 52.54 -27.47 -58.24
N VAL T 59 53.83 -27.42 -57.91
CA VAL T 59 54.71 -28.58 -58.05
C VAL T 59 54.23 -29.77 -57.23
N GLU T 60 53.73 -29.53 -56.02
CA GLU T 60 53.15 -30.62 -55.24
C GLU T 60 51.85 -31.15 -55.81
N ASN T 61 51.07 -30.31 -56.47
CA ASN T 61 49.85 -30.81 -57.13
C ASN T 61 50.19 -31.67 -58.36
N ASN T 62 51.13 -31.20 -59.19
CA ASN T 62 51.59 -31.99 -60.33
C ASN T 62 52.20 -33.34 -59.93
N ARG T 63 52.90 -33.40 -58.80
CA ARG T 63 53.41 -34.70 -58.37
C ARG T 63 52.30 -35.70 -58.07
N ILE T 64 51.20 -35.23 -57.49
CA ILE T 64 50.08 -36.13 -57.19
C ILE T 64 49.37 -36.52 -58.46
N ILE T 65 49.17 -35.58 -59.38
CA ILE T 65 48.57 -35.93 -60.67
C ILE T 65 49.38 -37.03 -61.36
N ALA T 66 50.70 -36.90 -61.38
CA ALA T 66 51.52 -37.95 -61.99
C ALA T 66 51.46 -39.28 -61.25
N ALA T 67 51.28 -39.26 -59.94
CA ALA T 67 51.11 -40.52 -59.22
C ALA T 67 49.76 -41.17 -59.51
N VAL T 68 48.72 -40.37 -59.69
CA VAL T 68 47.44 -40.95 -60.11
C VAL T 68 47.52 -41.49 -61.52
N LEU T 69 48.19 -40.78 -62.43
CA LEU T 69 48.32 -41.32 -63.79
C LEU T 69 49.02 -42.66 -63.78
N GLU T 70 50.05 -42.80 -62.93
CA GLU T 70 50.72 -44.09 -62.87
C GLU T 70 49.82 -45.18 -62.28
N LEU T 71 49.07 -44.85 -61.23
CA LEU T 71 48.14 -45.83 -60.65
C LEU T 71 47.04 -46.23 -61.62
N ILE T 72 46.56 -45.30 -62.45
CA ILE T 72 45.57 -45.63 -63.46
C ILE T 72 46.17 -46.52 -64.54
N VAL T 73 47.29 -46.12 -65.12
CA VAL T 73 47.82 -46.87 -66.25
C VAL T 73 48.26 -48.27 -65.82
N ARG T 74 48.82 -48.38 -64.61
CA ARG T 74 49.16 -49.71 -64.10
C ARG T 74 47.95 -50.56 -63.79
N ALA T 75 46.74 -50.00 -63.79
CA ALA T 75 45.52 -50.78 -63.74
C ALA T 75 45.01 -51.14 -65.13
N VAL T 76 44.92 -50.17 -66.04
CA VAL T 76 44.31 -50.41 -67.34
C VAL T 76 45.29 -51.05 -68.33
N GLY T 77 46.58 -50.98 -68.05
CA GLY T 77 47.58 -51.66 -68.85
C GLY T 77 48.32 -50.73 -69.80
N MET T 78 49.64 -50.78 -69.69
CA MET T 78 50.52 -49.99 -70.53
C MET T 78 50.51 -50.48 -71.97
N THR T 79 50.85 -49.57 -72.88
CA THR T 79 51.23 -49.90 -74.24
C THR T 79 52.49 -49.14 -74.59
N ASP T 80 53.12 -49.52 -75.71
CA ASP T 80 54.40 -48.93 -76.09
C ASP T 80 54.39 -47.42 -75.95
N GLU T 81 53.40 -46.76 -76.57
CA GLU T 81 53.38 -45.30 -76.60
C GLU T 81 53.06 -44.72 -75.24
N ILE T 82 52.17 -45.38 -74.49
CA ILE T 82 51.90 -44.94 -73.12
C ILE T 82 53.13 -45.11 -72.24
N ASP T 83 53.86 -46.22 -72.38
CA ASP T 83 55.03 -46.42 -71.53
C ASP T 83 56.15 -45.43 -71.86
N LEU T 84 56.34 -45.14 -73.15
CA LEU T 84 57.26 -44.08 -73.55
C LEU T 84 56.83 -42.72 -72.99
N ALA T 85 55.54 -42.42 -73.02
CA ALA T 85 55.08 -41.14 -72.54
C ALA T 85 55.19 -41.03 -71.03
N LEU T 86 54.94 -42.12 -70.31
CA LEU T 86 55.15 -42.14 -68.87
C LEU T 86 56.63 -41.97 -68.50
N LEU T 87 57.53 -42.56 -69.28
CA LEU T 87 58.95 -42.35 -69.01
C LEU T 87 59.38 -40.92 -69.30
N LYS T 88 58.88 -40.31 -70.37
CA LYS T 88 59.03 -38.87 -70.55
C LYS T 88 58.49 -38.06 -69.37
N LEU T 89 57.30 -38.43 -68.88
CA LEU T 89 56.73 -37.74 -67.73
C LEU T 89 57.58 -37.87 -66.48
N LYS T 90 58.21 -39.02 -66.27
CA LYS T 90 59.13 -39.18 -65.16
C LYS T 90 60.39 -38.33 -65.34
N ALA T 91 60.93 -38.27 -66.55
CA ALA T 91 62.08 -37.41 -66.79
C ALA T 91 61.75 -35.94 -66.58
N SER T 92 60.55 -35.51 -66.96
CA SER T 92 60.16 -34.12 -66.72
C SER T 92 59.90 -33.85 -65.25
N THR T 93 59.30 -34.79 -64.53
CA THR T 93 59.12 -34.60 -63.10
C THR T 93 60.44 -34.59 -62.35
N ALA T 94 61.45 -35.31 -62.84
CA ALA T 94 62.78 -35.19 -62.26
C ALA T 94 63.42 -33.85 -62.57
N ARG T 95 63.26 -33.36 -63.79
CA ARG T 95 63.78 -32.03 -64.12
C ARG T 95 63.15 -30.96 -63.22
N LEU T 96 61.86 -31.09 -62.93
CA LEU T 96 61.19 -30.12 -62.07
C LEU T 96 61.78 -30.07 -60.66
N LYS T 97 62.32 -31.18 -60.16
CA LYS T 97 62.96 -31.14 -58.85
C LYS T 97 64.24 -30.32 -58.85
N VAL T 98 65.06 -30.46 -59.89
CA VAL T 98 66.26 -29.63 -59.98
C VAL T 98 65.89 -28.16 -60.21
N ALA T 99 64.86 -27.89 -61.00
CA ALA T 99 64.45 -26.50 -61.20
C ALA T 99 63.92 -25.88 -59.91
N THR T 100 63.23 -26.67 -59.08
CA THR T 100 62.77 -26.17 -57.80
C THR T 100 63.92 -25.92 -56.85
N ALA T 101 64.86 -26.88 -56.74
CA ALA T 101 66.01 -26.67 -55.88
C ALA T 101 66.87 -25.49 -56.34
N LEU T 102 66.87 -25.18 -57.63
CA LEU T 102 67.58 -23.98 -58.06
C LEU T 102 66.83 -22.71 -57.65
N LEU T 103 65.51 -22.67 -57.78
CA LEU T 103 64.81 -21.47 -57.34
C LEU T 103 64.95 -21.29 -55.83
N ARG T 104 64.87 -22.37 -55.07
CA ARG T 104 65.07 -22.40 -53.63
C ARG T 104 66.51 -22.13 -53.19
N MET T 105 67.48 -22.19 -54.11
CA MET T 105 68.81 -21.68 -53.80
C MET T 105 68.94 -20.19 -54.07
N ILE T 106 68.53 -19.73 -55.25
CA ILE T 106 68.65 -18.32 -55.57
C ILE T 106 67.82 -17.44 -54.65
N THR T 107 66.68 -17.95 -54.17
CA THR T 107 65.92 -17.22 -53.15
C THR T 107 66.69 -17.04 -51.85
N GLU T 108 67.47 -18.03 -51.43
CA GLU T 108 68.22 -17.84 -50.19
C GLU T 108 69.49 -17.04 -50.42
N GLU T 109 70.10 -17.13 -51.61
CA GLU T 109 71.21 -16.25 -51.94
C GLU T 109 70.76 -14.80 -52.01
N LEU T 110 69.46 -14.56 -52.22
CA LEU T 110 68.89 -13.22 -52.10
C LEU T 110 68.81 -12.70 -50.67
N LYS T 111 68.91 -13.58 -49.66
CA LYS T 111 69.08 -13.12 -48.28
C LYS T 111 70.42 -12.47 -48.00
N LYS T 112 71.39 -12.56 -48.91
CA LYS T 112 72.78 -12.22 -48.60
C LYS T 112 73.40 -11.21 -49.56
N ASN T 113 72.88 -11.08 -50.77
CA ASN T 113 73.25 -9.96 -51.66
C ASN T 113 71.99 -9.28 -52.21
N PRO T 114 71.04 -8.93 -51.34
CA PRO T 114 69.84 -8.21 -51.81
C PRO T 114 70.21 -6.87 -52.42
N SER T 115 69.83 -6.70 -53.68
CA SER T 115 70.04 -5.44 -54.40
C SER T 115 69.10 -5.43 -55.60
N GLU T 116 68.85 -4.23 -56.10
CA GLU T 116 67.91 -4.05 -57.21
C GLU T 116 68.28 -4.88 -58.43
N ASP T 117 69.56 -5.26 -58.58
CA ASP T 117 69.94 -6.12 -59.69
C ASP T 117 69.63 -7.59 -59.40
N ALA T 118 69.92 -8.04 -58.18
CA ALA T 118 69.60 -9.40 -57.76
C ALA T 118 68.10 -9.69 -57.79
N LEU T 119 67.26 -8.69 -57.52
CA LEU T 119 65.83 -8.89 -57.66
C LEU T 119 65.41 -9.26 -59.09
N VAL T 120 66.10 -8.72 -60.10
CA VAL T 120 65.76 -9.08 -61.46
C VAL T 120 66.27 -10.49 -61.79
N GLU T 121 67.39 -10.89 -61.23
CA GLU T 121 67.84 -12.27 -61.36
C GLU T 121 66.83 -13.22 -60.74
N HIS T 122 66.34 -12.89 -59.54
CA HIS T 122 65.38 -13.75 -58.89
C HIS T 122 64.08 -13.84 -59.68
N ASN T 123 63.63 -12.71 -60.24
CA ASN T 123 62.44 -12.75 -61.08
C ASN T 123 62.65 -13.62 -62.32
N ARG T 124 63.86 -13.59 -62.90
CA ARG T 124 64.13 -14.46 -64.04
C ARG T 124 64.18 -15.93 -63.64
N ALA T 125 64.64 -16.23 -62.43
CA ALA T 125 64.58 -17.60 -61.92
C ALA T 125 63.14 -18.07 -61.75
N ILE T 126 62.26 -17.18 -61.29
CA ILE T 126 60.85 -17.53 -61.17
C ILE T 126 60.21 -17.75 -62.54
N VAL T 127 60.62 -16.96 -63.54
CA VAL T 127 60.08 -17.18 -64.88
C VAL T 127 60.57 -18.50 -65.46
N ASN T 128 61.82 -18.88 -65.20
CA ASN T 128 62.29 -20.17 -65.69
C ASN T 128 61.63 -21.35 -64.97
N HIS T 129 61.32 -21.21 -63.70
CA HIS T 129 60.53 -22.24 -63.02
C HIS T 129 59.14 -22.36 -63.62
N ASN T 130 58.47 -21.24 -63.86
CA ASN T 130 57.16 -21.29 -64.49
C ASN T 130 57.22 -21.94 -65.87
N ALA T 131 58.23 -21.59 -66.66
CA ALA T 131 58.43 -22.19 -67.97
C ALA T 131 58.71 -23.68 -67.92
N ILE T 132 59.18 -24.21 -66.79
CA ILE T 132 59.34 -25.67 -66.69
C ILE T 132 58.08 -26.37 -66.16
N ILE T 133 57.28 -25.67 -65.36
CA ILE T 133 56.00 -26.24 -64.95
C ILE T 133 55.06 -26.35 -66.14
N VAL T 134 55.10 -25.38 -67.05
CA VAL T 134 54.28 -25.51 -68.26
C VAL T 134 54.65 -26.75 -69.05
N GLU T 135 55.94 -27.10 -69.12
CA GLU T 135 56.33 -28.33 -69.81
C GLU T 135 55.77 -29.55 -69.10
N ASN T 136 55.85 -29.59 -67.78
CA ASN T 136 55.30 -30.72 -67.05
C ASN T 136 53.81 -30.89 -67.31
N ASN T 137 53.07 -29.78 -67.40
CA ASN T 137 51.65 -29.86 -67.73
C ASN T 137 51.41 -30.33 -69.16
N ARG T 138 52.27 -29.93 -70.11
CA ARG T 138 52.06 -30.37 -71.48
C ARG T 138 52.34 -31.86 -71.67
N ILE T 139 53.22 -32.41 -70.85
CA ILE T 139 53.45 -33.86 -70.91
C ILE T 139 52.33 -34.62 -70.22
N ILE T 140 51.85 -34.14 -69.07
CA ILE T 140 50.73 -34.81 -68.43
C ILE T 140 49.49 -34.79 -69.32
N ALA T 141 49.21 -33.65 -69.97
CA ALA T 141 48.09 -33.60 -70.90
C ALA T 141 48.27 -34.52 -72.11
N ALA T 142 49.50 -34.71 -72.58
CA ALA T 142 49.70 -35.69 -73.65
C ALA T 142 49.44 -37.12 -73.18
N VAL T 143 49.93 -37.49 -72.00
CA VAL T 143 49.63 -38.81 -71.45
C VAL T 143 48.12 -39.01 -71.28
N LEU T 144 47.40 -37.99 -70.82
CA LEU T 144 45.95 -38.16 -70.68
C LEU T 144 45.26 -38.35 -72.02
N GLU T 145 45.60 -37.56 -73.04
CA GLU T 145 44.97 -37.80 -74.33
C GLU T 145 45.29 -39.19 -74.87
N LEU T 146 46.49 -39.70 -74.59
CA LEU T 146 46.82 -41.06 -74.99
C LEU T 146 45.96 -42.09 -74.26
N ILE T 147 45.83 -41.94 -72.94
CA ILE T 147 45.04 -42.92 -72.18
C ILE T 147 43.58 -42.89 -72.62
N VAL T 148 43.04 -41.70 -72.90
CA VAL T 148 41.65 -41.60 -73.32
C VAL T 148 41.44 -42.29 -74.67
N ARG T 149 42.36 -42.10 -75.61
CA ARG T 149 42.25 -42.82 -76.88
C ARG T 149 42.41 -44.33 -76.72
N ALA T 150 43.32 -44.76 -75.84
CA ALA T 150 43.51 -46.19 -75.60
C ALA T 150 42.27 -46.89 -75.05
N LEU T 151 41.52 -46.24 -74.17
CA LEU T 151 40.25 -46.78 -73.68
C LEU T 151 39.08 -46.64 -74.65
N ASN T 152 39.26 -45.99 -75.79
CA ASN T 152 38.15 -45.79 -76.73
C ASN T 152 36.95 -45.18 -76.03
N LEU T 153 37.23 -44.20 -75.16
CA LEU T 153 36.29 -43.68 -74.19
C LEU T 153 35.54 -42.51 -74.84
N THR T 154 34.36 -42.78 -75.39
CA THR T 154 33.71 -41.86 -76.30
C THR T 154 32.61 -41.02 -75.65
N ASP T 155 32.40 -41.11 -74.35
CA ASP T 155 31.38 -40.30 -73.69
C ASP T 155 31.56 -38.83 -74.03
N GLU T 156 30.46 -38.12 -74.17
CA GLU T 156 30.49 -36.69 -74.48
C GLU T 156 31.08 -35.85 -73.35
N GLU T 157 30.89 -36.25 -72.10
CA GLU T 157 31.57 -35.54 -71.00
C GLU T 157 33.08 -35.58 -71.14
N VAL T 158 33.63 -36.73 -71.53
CA VAL T 158 35.08 -36.83 -71.72
C VAL T 158 35.49 -36.09 -72.99
N ARG T 159 34.75 -36.27 -74.08
CA ARG T 159 35.09 -35.56 -75.30
C ARG T 159 35.16 -34.06 -75.07
N LYS T 160 34.13 -33.49 -74.46
CA LYS T 160 34.12 -32.06 -74.17
C LYS T 160 35.22 -31.66 -73.17
N ALA T 161 35.54 -32.52 -72.21
CA ALA T 161 36.63 -32.19 -71.29
C ALA T 161 37.99 -32.19 -71.97
N LEU T 162 38.21 -33.05 -72.96
CA LEU T 162 39.42 -32.93 -73.75
C LEU T 162 39.39 -31.70 -74.65
N GLU T 163 38.26 -31.42 -75.29
CA GLU T 163 38.17 -30.22 -76.11
C GLU T 163 38.47 -28.96 -75.30
N GLU T 164 38.18 -28.99 -74.00
CA GLU T 164 38.61 -27.91 -73.10
C GLU T 164 40.09 -28.00 -72.74
N LEU T 165 40.61 -29.20 -72.52
CA LEU T 165 42.00 -29.36 -72.11
C LEU T 165 42.96 -28.90 -73.20
N LYS T 166 42.67 -29.23 -74.45
CA LYS T 166 43.52 -28.78 -75.56
C LYS T 166 43.57 -27.26 -75.68
N ALA T 167 42.41 -26.61 -75.62
CA ALA T 167 42.38 -25.16 -75.67
C ALA T 167 43.09 -24.53 -74.49
N SER T 168 42.95 -25.10 -73.28
CA SER T 168 43.69 -24.59 -72.14
C SER T 168 45.20 -24.77 -72.29
N THR T 169 45.63 -25.85 -72.93
CA THR T 169 47.05 -26.04 -73.20
C THR T 169 47.59 -25.04 -74.20
N ALA T 170 46.83 -24.73 -75.25
CA ALA T 170 47.29 -23.71 -76.18
C ALA T 170 47.28 -22.32 -75.54
N GLU T 171 46.28 -22.01 -74.72
CA GLU T 171 46.29 -20.77 -73.97
C GLU T 171 47.49 -20.66 -73.03
N LEU T 172 47.92 -21.77 -72.45
CA LEU T 172 49.09 -21.73 -71.58
C LEU T 172 50.39 -21.63 -72.34
N LYS T 173 50.50 -22.24 -73.51
CA LYS T 173 51.64 -22.00 -74.38
C LYS T 173 51.77 -20.52 -74.76
N ARG T 174 50.68 -19.94 -75.28
CA ARG T 174 50.72 -18.52 -75.63
C ARG T 174 51.07 -17.64 -74.45
N ALA T 175 50.53 -17.94 -73.26
CA ALA T 175 50.87 -17.12 -72.09
C ALA T 175 52.33 -17.29 -71.67
N THR T 176 52.91 -18.48 -71.87
CA THR T 176 54.30 -18.67 -71.49
C THR T 176 55.22 -17.93 -72.45
N ALA T 177 54.96 -18.04 -73.75
CA ALA T 177 55.72 -17.27 -74.73
C ALA T 177 55.62 -15.76 -74.49
N SER T 178 54.43 -15.28 -74.14
CA SER T 178 54.30 -13.86 -73.80
C SER T 178 55.06 -13.46 -72.53
N LEU T 179 55.04 -14.31 -71.51
CA LEU T 179 55.81 -14.02 -70.30
C LEU T 179 57.31 -14.00 -70.56
N ARG T 180 57.81 -14.93 -71.36
CA ARG T 180 59.23 -14.88 -71.71
C ARG T 180 59.57 -13.67 -72.59
N ALA T 181 58.66 -13.29 -73.48
CA ALA T 181 58.89 -12.08 -74.28
C ALA T 181 59.01 -10.84 -73.41
N ILE T 182 58.07 -10.63 -72.49
CA ILE T 182 58.19 -9.48 -71.60
C ILE T 182 59.40 -9.61 -70.67
N THR T 183 59.78 -10.85 -70.31
CA THR T 183 60.95 -11.00 -69.46
C THR T 183 62.22 -10.56 -70.17
N GLU T 184 62.28 -10.72 -71.49
CA GLU T 184 63.39 -10.15 -72.25
C GLU T 184 63.40 -8.63 -72.18
N GLU T 185 62.23 -7.99 -72.27
CA GLU T 185 62.14 -6.54 -72.15
C GLU T 185 62.56 -6.05 -70.76
N LEU T 186 62.21 -6.79 -69.72
CA LEU T 186 62.75 -6.50 -68.39
C LEU T 186 64.27 -6.67 -68.34
N LYS T 187 64.78 -7.69 -69.02
CA LYS T 187 66.23 -7.89 -69.05
C LYS T 187 66.94 -6.72 -69.71
N LYS T 188 66.33 -6.14 -70.75
CA LYS T 188 66.87 -4.90 -71.30
C LYS T 188 66.74 -3.72 -70.34
N ASN T 189 65.57 -3.52 -69.73
CA ASN T 189 65.26 -2.29 -69.00
C ASN T 189 64.97 -2.55 -67.52
N PRO T 190 65.97 -3.01 -66.77
CA PRO T 190 65.74 -3.39 -65.36
C PRO T 190 65.43 -2.18 -64.49
N SER T 191 64.22 -2.15 -63.93
CA SER T 191 63.83 -1.08 -63.03
C SER T 191 62.74 -1.59 -62.08
N GLU T 192 62.66 -0.92 -60.92
CA GLU T 192 61.52 -1.09 -60.03
C GLU T 192 60.20 -0.84 -60.73
N ASP T 193 60.16 0.14 -61.63
CA ASP T 193 58.92 0.43 -62.36
C ASP T 193 58.52 -0.75 -63.21
N ALA T 194 59.46 -1.35 -63.94
CA ALA T 194 59.15 -2.54 -64.72
C ALA T 194 59.04 -3.78 -63.86
N LEU T 195 59.75 -3.83 -62.73
CA LEU T 195 59.61 -4.97 -61.82
C LEU T 195 58.17 -5.09 -61.30
N VAL T 196 57.54 -3.96 -60.98
CA VAL T 196 56.19 -3.99 -60.43
C VAL T 196 55.21 -4.58 -61.43
N GLU T 197 55.33 -4.18 -62.70
CA GLU T 197 54.45 -4.69 -63.76
C GLU T 197 54.85 -6.07 -64.27
N HIS T 198 56.09 -6.51 -64.03
CA HIS T 198 56.49 -7.87 -64.33
C HIS T 198 55.95 -8.86 -63.29
N ASN T 199 55.94 -8.45 -62.01
CA ASN T 199 55.31 -9.29 -60.99
C ASN T 199 53.86 -9.61 -61.31
N ARG T 200 53.11 -8.63 -61.83
CA ARG T 200 51.74 -8.92 -62.25
C ARG T 200 51.69 -9.93 -63.37
N ALA T 201 52.63 -9.86 -64.32
CA ALA T 201 52.65 -10.81 -65.43
C ALA T 201 52.90 -12.22 -64.92
N ILE T 202 53.73 -12.34 -63.89
CA ILE T 202 53.92 -13.64 -63.25
C ILE T 202 52.64 -14.12 -62.60
N VAL T 203 52.00 -13.28 -61.80
CA VAL T 203 50.79 -13.74 -61.11
C VAL T 203 49.69 -14.10 -62.10
N GLU T 204 49.61 -13.40 -63.22
CA GLU T 204 48.66 -13.72 -64.28
C GLU T 204 49.07 -14.92 -65.13
N HIS T 205 50.30 -15.41 -65.02
CA HIS T 205 50.63 -16.68 -65.63
C HIS T 205 50.39 -17.86 -64.71
N ASN T 206 50.77 -17.71 -63.44
CA ASN T 206 50.36 -18.68 -62.42
C ASN T 206 48.85 -18.93 -62.40
N ALA T 207 48.05 -17.89 -62.63
CA ALA T 207 46.60 -18.11 -62.72
C ALA T 207 46.22 -19.06 -63.85
N ILE T 208 46.92 -19.00 -64.98
CA ILE T 208 46.61 -19.89 -66.09
C ILE T 208 47.10 -21.30 -65.83
N ILE T 209 48.22 -21.44 -65.11
CA ILE T 209 48.65 -22.77 -64.70
C ILE T 209 47.60 -23.42 -63.82
N VAL T 210 47.10 -22.70 -62.82
CA VAL T 210 46.11 -23.31 -61.94
C VAL T 210 44.80 -23.60 -62.67
N GLU T 211 44.41 -22.72 -63.61
CA GLU T 211 43.27 -23.00 -64.47
C GLU T 211 43.50 -24.12 -65.47
N ASN T 212 44.72 -24.64 -65.56
CA ASN T 212 44.97 -25.82 -66.36
C ASN T 212 44.97 -27.09 -65.52
N ASN T 213 45.63 -27.05 -64.37
CA ASN T 213 45.56 -28.17 -63.43
C ASN T 213 44.12 -28.51 -63.05
N ARG T 214 43.24 -27.51 -62.98
CA ARG T 214 41.83 -27.80 -62.73
C ARG T 214 41.22 -28.72 -63.79
N ILE T 215 41.59 -28.53 -65.06
CA ILE T 215 41.03 -29.36 -66.11
C ILE T 215 41.72 -30.71 -66.16
N ILE T 216 43.01 -30.77 -65.84
CA ILE T 216 43.66 -32.07 -65.76
C ILE T 216 43.03 -32.94 -64.67
N ALA T 217 42.74 -32.36 -63.51
CA ALA T 217 42.04 -33.11 -62.48
C ALA T 217 40.62 -33.49 -62.88
N LEU T 218 39.94 -32.65 -63.66
CA LEU T 218 38.63 -33.04 -64.15
C LEU T 218 38.71 -34.26 -65.06
N VAL T 219 39.55 -34.20 -66.08
CA VAL T 219 39.70 -35.35 -66.98
C VAL T 219 40.10 -36.60 -66.21
N LEU T 220 40.96 -36.47 -65.20
CA LEU T 220 41.28 -37.64 -64.38
C LEU T 220 40.06 -38.22 -63.68
N LEU T 221 39.14 -37.36 -63.22
CA LEU T 221 37.96 -37.91 -62.57
C LEU T 221 37.04 -38.57 -63.58
N LEU T 222 36.81 -37.91 -64.71
CA LEU T 222 35.92 -38.47 -65.73
C LEU T 222 36.45 -39.80 -66.26
N ILE T 223 37.77 -39.95 -66.31
CA ILE T 223 38.35 -41.25 -66.68
C ILE T 223 38.11 -42.28 -65.60
N VAL T 224 38.45 -41.96 -64.35
CA VAL T 224 38.31 -42.99 -63.31
C VAL T 224 36.86 -43.40 -63.13
N LEU T 225 35.91 -42.48 -63.35
CA LEU T 225 34.50 -42.87 -63.33
C LEU T 225 34.08 -43.64 -64.57
N ALA T 226 34.76 -43.44 -65.69
CA ALA T 226 34.34 -44.17 -66.88
C ALA T 226 34.89 -45.59 -66.91
N ILE T 227 36.06 -45.80 -66.32
CA ILE T 227 36.62 -47.14 -66.22
C ILE T 227 35.92 -47.91 -65.11
#